data_8VMD
#
_entry.id   8VMD
#
_cell.length_a   1.00
_cell.length_b   1.00
_cell.length_c   1.00
_cell.angle_alpha   90.00
_cell.angle_beta   90.00
_cell.angle_gamma   90.00
#
_symmetry.space_group_name_H-M   'P 1'
#
loop_
_entity.id
_entity.type
_entity.pdbx_description
1 polymer 'Fatty acid synthase'
2 non-polymer 'NADP NICOTINAMIDE-ADENINE-DINUCLEOTIDE PHOSPHATE'
#
_entity_poly.entity_id   1
_entity_poly.type   'polypeptide(L)'
_entity_poly.pdbx_seq_one_letter_code
;MSYYDYKDDDDKDYDIPTTENLYFQGAMGSGIPEEVVIAGMSGKLPESENLQEFWDNLIGGVDMVTDDDRRWKAGLYGLP
RRSGKLKDLSRFDASFFGVHPKQAHTMDPQLRLLLEVTYEAIVDGGINPDSLRGTHTGVWVGVSGSETSEALSRDPETLV
GYSMVGCQRAMMANRLSFFFDFRGPSIALDTACSSSLMALQNAYQAIHSGQCPAAIVGGINVLLKPNTSVQFLRLGMLSP
EGTCKAFDTAGNGYCRSEGVVAVLLTKKSLARRVYATILNAGTNTDGFKEQGVTFPSGDIQEQLIRSLYQSAGVAPESFE
YIEAHGTGTKVGDPQELNGITRALCATRQEPLLIGSTKSNMGHPEPASGLAALAKVLLSLEHGLWAPNLHFHSPNPEIPA
LLDGRLQVVDQPLPVRGGNVGINSFGFGGSNVHIILRPNTQPPPAPAPHATLPRLLRASGRTPEAVQKLLEQGLRHSQDL
AFLSMLNDIAAVPATAMPFRGYAVLGGERGGPEVQQVPAGERPLWFICSGMGTQWRGMGLSLMRLDRFRDSILRSDEAVK
PFGLKVSQLLLSTDESTFDDIVHSFVSLTAIQIGLIDLLSCMGLRPDGIVGHSLGEVACGYADGCLSQEEAVLAAYWRGQ
CIKEAHLPPGAMAAVGLSWEECKQRCPPGVVPACHNSKDTVTISGPQAPVFEFVEQLRKEGVFAKEVRTGGMAFHSYFME
AIAPPLLQELKKVIREPKPRSARWLSTSIPEAQWHSSLARTSSAEYNVNNLVSPVLFQEALWHVPEHAVVLEIAPHALLQ
AVLKRGLKPSCTIIPLMKKDHRDNLEFFLAGIGRLHLSGIDANPNALFPPVEFPAPRGTPLISPLIKWDHSLAWDVPAAE
DFPNGSGSPSAAIYNIDTSSESPDHYLVDHTLDGRVLFPATGYLSIVWKTLARALGLGVEQLPVVFEDVVLHQATILPKT
GTVSLEVRLLEASRAFEVSENGNLVVSGKVYQWDDPDPRLFDHPESPTPNPTEPLFLAQAEVYKELRLRGYDYGPHFQGI
LEASLEGDSGRLLWKDNWVSFMDTMLQMSILGSAKHGLYLPTRVTAIHIDPATHRQKLYTLQDKAQVADVVVSRWLRVTV
AGGVHISGLHTESAPRRQQEQQVPILEKFCFTPHTEEGCLSERAALQEELQLCKGLVQALQTTVTQQGLKMVVPGLDGAQ
IPRDPSQQELPRLLSAACRLQLNGNLQLELAQVLAQERPKLPEDPLLSGLLDSPALKACLDTAVENMPSLKMKVVEVLAG
HGHLYSRIPGLLSPHPLLQLSYTATDRHPQALEAAQAELQQHDVAQGQWDPADPAPSALGSADLLVCNCAVAALGDPASA
LSNMVAALREGGFLLLHTLLRGHPLGDIVAFLTSTEPQYGQGILSQDAWESLFSRVSLRLVGLKKSFYGSTLFLCRRPTP
QDSPIFLPVDDTSFRWVESLKGILADEDSSRPVWLKAINCATSGVVGLVNCLRREPGGNRLRCVLLSNLSSTSHVPEVDP
GSAELQKVLQGDLVMNVYRDGAWGAFRHFLLEEDKPEEPTAHAFVSTLTRGDLSSIRWVCSSLRHAQPTCPGAQLCTVYY
ASLNFRDIMLATGKLSPDAIPGKWTSQDSLLGMEFSGRDASGKRVMGLVPAKGLATSVLLSPDFLWDVPSNWTLEEAASV
PVVYSTAYYALVVRGRVRPGETLLIHSGSGGVGQAAIAIALSLGCRVFTTVGSAEKRAYLQARFPQLDSTSFANSRDTSF
EQHVLWHTGGKGVDLVLNSLAEEKLQASVRCLATHGRFLEIGKFDLSQNHPLGMAIFLKNVTFHGVLLDAFFNESSADWR
EVWALVQAGIRDGVVRPLKCTVFHGAQVEDAFRYMAQGKHIGKVVVQVLAEEPEAVLKGAKPKLMSAISKTFCPAHKSYI
IAGGLGGFGLELAQWLIQRGVQKLVLTSRSGIRTGYQAKQVRRWRRQGVQVQVSTSNISSLEGARGLIAEAAQLGPVGGV
FNLAVVLRDGLLENQTPEFFQDVCKPKYSGTLNLDRVTREACPELDYFVVFSSVSCGRGNAGQSNYGFANSAMERICEKR
RHEGLPGLAVQWGAIGDVGILVETMSTNDTIVSGTLPQRMASCLEVLDLFLNQPHMVLSSFVLAEKAAAYRDRDSQRDLV
EAVAHILGIRDLAAVNLDSSLADLGLD(4HH)LMSVEVRQTLERELNLVLSVREVRQLTLRKLQELSSKADEASELACPT
PKEDGLAQQQTQLNLRSLLVNPEGPTLMRLNSVQSSERPLFLVHPIEGSTTVFHSLASRLSIPTYGLQCTRAAPLDSIHS
LAAYYIDCIRQVQPEGPYRVAGYSYGACVAFEMCSQLQAQQSPAPTHNSLFLFDGSPTYVLAYTQSYRAKLTPGCEAEAE
TEAICFFVQQFTDMEHNRVLEALLPLKGLEERVAAAVDLIIKSHQGLDRQELSFAARSFYYKLRAAEQYTPKAKYHGNVM
LLRAKTGGAYGEDLGADYNLSQVCDGKVSVHVIEGDHRTLLEGSGLESIISIIHSSLAEPRVSVREGLEHHHHHHHH
;
_entity_poly.pdbx_strand_id   A,B
#
loop_
_chem_comp.id
_chem_comp.type
_chem_comp.name
_chem_comp.formula
NAP non-polymer 'NADP NICOTINAMIDE-ADENINE-DINUCLEOTIDE PHOSPHATE' 'C21 H28 N7 O17 P3'
#
# COMPACT_ATOMS: atom_id res chain seq x y z
N ALA A 891 12.89 -24.58 -2.78
CA ALA A 891 14.17 -23.89 -2.85
C ALA A 891 14.94 -24.29 -4.10
N ALA A 892 14.32 -24.08 -5.26
CA ALA A 892 14.96 -24.41 -6.52
C ALA A 892 16.23 -23.59 -6.69
N ILE A 893 17.28 -24.23 -7.21
CA ILE A 893 18.56 -23.60 -7.46
C ILE A 893 18.91 -23.78 -8.93
N TYR A 894 19.28 -22.69 -9.59
CA TYR A 894 19.67 -22.71 -10.98
C TYR A 894 21.07 -22.15 -11.13
N ASN A 895 21.94 -22.89 -11.82
CA ASN A 895 23.31 -22.48 -12.05
C ASN A 895 23.44 -21.93 -13.46
N ILE A 896 23.92 -20.70 -13.57
CA ILE A 896 24.05 -20.01 -14.85
C ILE A 896 25.51 -20.09 -15.26
N ASP A 897 25.82 -20.97 -16.20
CA ASP A 897 27.16 -21.14 -16.74
C ASP A 897 27.17 -20.67 -18.18
N THR A 898 28.09 -19.76 -18.50
CA THR A 898 28.21 -19.19 -19.83
C THR A 898 29.28 -19.90 -20.67
N SER A 899 29.82 -21.01 -20.18
CA SER A 899 30.81 -21.74 -20.95
C SER A 899 30.17 -22.31 -22.22
N SER A 900 30.98 -22.41 -23.28
CA SER A 900 30.46 -22.78 -24.59
C SER A 900 29.70 -24.10 -24.52
N GLU A 901 30.09 -24.99 -23.61
CA GLU A 901 29.38 -26.26 -23.49
C GLU A 901 28.04 -26.10 -22.80
N SER A 902 27.90 -25.08 -21.95
CA SER A 902 26.66 -24.92 -21.19
C SER A 902 25.52 -24.55 -22.13
N PRO A 903 24.31 -25.05 -21.89
CA PRO A 903 23.16 -24.62 -22.71
C PRO A 903 22.83 -23.15 -22.57
N ASP A 904 23.28 -22.51 -21.49
CA ASP A 904 23.06 -21.10 -21.27
C ASP A 904 24.15 -20.24 -21.90
N HIS A 905 24.88 -20.78 -22.88
CA HIS A 905 25.93 -20.00 -23.53
C HIS A 905 25.39 -18.77 -24.22
N TYR A 906 24.11 -18.75 -24.58
CA TYR A 906 23.57 -17.63 -25.33
C TYR A 906 23.52 -16.35 -24.52
N LEU A 907 23.68 -16.44 -23.20
CA LEU A 907 23.63 -15.23 -22.38
C LEU A 907 24.84 -14.33 -22.60
N VAL A 908 25.88 -14.82 -23.26
CA VAL A 908 27.03 -13.98 -23.56
C VAL A 908 26.64 -12.84 -24.48
N ASP A 909 25.52 -12.98 -25.19
CA ASP A 909 25.10 -11.97 -26.16
C ASP A 909 24.28 -10.86 -25.53
N HIS A 910 23.91 -10.96 -24.26
CA HIS A 910 23.13 -9.92 -23.60
C HIS A 910 24.06 -8.97 -22.84
N THR A 911 24.84 -8.23 -23.60
CA THR A 911 25.83 -7.31 -23.06
C THR A 911 25.29 -5.89 -23.13
N LEU A 912 25.17 -5.24 -21.98
CA LEU A 912 24.72 -3.86 -21.90
C LEU A 912 25.76 -3.04 -21.14
N ASP A 913 26.14 -1.90 -21.71
CA ASP A 913 27.14 -1.02 -21.14
C ASP A 913 28.50 -1.69 -21.02
N GLY A 914 28.78 -2.68 -21.86
CA GLY A 914 30.06 -3.34 -21.88
C GLY A 914 30.24 -4.44 -20.85
N ARG A 915 29.19 -4.82 -20.13
CA ARG A 915 29.26 -5.91 -19.17
C ARG A 915 28.06 -6.83 -19.35
N VAL A 916 28.26 -8.11 -19.08
CA VAL A 916 27.19 -9.09 -19.25
C VAL A 916 26.26 -9.05 -18.05
N LEU A 917 24.97 -8.85 -18.32
CA LEU A 917 23.96 -8.78 -17.27
C LEU A 917 22.89 -9.82 -17.54
N PHE A 918 22.37 -10.42 -16.49
CA PHE A 918 21.34 -11.43 -16.64
C PHE A 918 20.07 -10.78 -17.18
N PRO A 919 19.39 -11.38 -18.15
CA PRO A 919 18.17 -10.77 -18.67
C PRO A 919 17.11 -10.59 -17.59
N ALA A 920 16.37 -9.49 -17.68
CA ALA A 920 15.25 -9.29 -16.79
C ALA A 920 14.16 -10.33 -17.01
N THR A 921 14.10 -10.90 -18.21
CA THR A 921 13.15 -11.96 -18.51
C THR A 921 13.65 -13.33 -18.06
N GLY A 922 14.94 -13.48 -17.80
CA GLY A 922 15.44 -14.74 -17.27
C GLY A 922 14.89 -15.04 -15.90
N TYR A 923 14.73 -14.02 -15.07
CA TYR A 923 14.13 -14.23 -13.75
C TYR A 923 12.71 -14.78 -13.91
N LEU A 924 11.94 -14.21 -14.84
CA LEU A 924 10.59 -14.70 -15.08
C LEU A 924 10.63 -16.14 -15.57
N SER A 925 11.56 -16.46 -16.46
CA SER A 925 11.64 -17.82 -17.00
C SER A 925 11.94 -18.82 -15.88
N ILE A 926 12.91 -18.51 -15.02
CA ILE A 926 13.27 -19.47 -13.98
C ILE A 926 12.15 -19.59 -12.95
N VAL A 927 11.48 -18.48 -12.62
CA VAL A 927 10.34 -18.55 -11.71
C VAL A 927 9.23 -19.41 -12.30
N TRP A 928 8.99 -19.26 -13.60
CA TRP A 928 7.97 -20.06 -14.26
C TRP A 928 8.33 -21.54 -14.22
N LYS A 929 9.60 -21.86 -14.48
CA LYS A 929 10.02 -23.27 -14.42
C LYS A 929 9.86 -23.82 -13.01
N THR A 930 10.22 -23.02 -11.99
CA THR A 930 10.05 -23.47 -10.62
C THR A 930 8.59 -23.76 -10.30
N LEU A 931 7.69 -22.85 -10.70
CA LEU A 931 6.28 -23.07 -10.43
C LEU A 931 5.77 -24.30 -11.16
N ALA A 932 6.16 -24.49 -12.42
CA ALA A 932 5.73 -25.66 -13.16
C ALA A 932 6.22 -26.94 -12.49
N ARG A 933 7.47 -26.96 -12.04
CA ARG A 933 7.96 -28.12 -11.31
C ARG A 933 7.16 -28.36 -10.05
N ALA A 934 6.82 -27.29 -9.33
CA ALA A 934 6.05 -27.45 -8.10
C ALA A 934 4.69 -28.04 -8.37
N LEU A 935 4.01 -27.58 -9.42
CA LEU A 935 2.66 -28.06 -9.73
C LEU A 935 2.65 -29.38 -10.47
N GLY A 936 3.80 -29.87 -10.92
CA GLY A 936 3.87 -31.13 -11.61
C GLY A 936 3.54 -31.07 -13.09
N LEU A 937 3.48 -29.88 -13.67
CA LEU A 937 3.18 -29.71 -15.08
C LEU A 937 4.40 -29.16 -15.82
N GLY A 938 4.31 -29.11 -17.13
CA GLY A 938 5.37 -28.57 -17.97
C GLY A 938 5.15 -27.11 -18.27
N VAL A 939 6.23 -26.44 -18.68
CA VAL A 939 6.15 -25.01 -18.98
C VAL A 939 5.20 -24.76 -20.15
N GLU A 940 5.27 -25.62 -21.17
CA GLU A 940 4.43 -25.45 -22.34
C GLU A 940 2.97 -25.74 -22.07
N GLN A 941 2.64 -26.24 -20.88
CA GLN A 941 1.26 -26.52 -20.50
C GLN A 941 0.80 -25.68 -19.32
N LEU A 942 1.50 -24.60 -19.00
CA LEU A 942 1.21 -23.78 -17.81
C LEU A 942 1.13 -22.31 -18.17
N PRO A 943 -0.04 -21.79 -18.56
CA PRO A 943 -0.19 -20.34 -18.69
C PRO A 943 -0.04 -19.67 -17.33
N VAL A 944 0.80 -18.64 -17.27
CA VAL A 944 1.21 -18.04 -16.01
C VAL A 944 0.90 -16.55 -16.04
N VAL A 945 0.71 -15.99 -14.86
CA VAL A 945 0.45 -14.56 -14.68
C VAL A 945 1.42 -14.01 -13.64
N PHE A 946 2.05 -12.88 -13.95
CA PHE A 946 2.93 -12.18 -13.04
C PHE A 946 2.30 -10.86 -12.64
N GLU A 947 2.66 -10.38 -11.45
CA GLU A 947 2.12 -9.12 -10.95
C GLU A 947 3.11 -8.48 -9.99
N ASP A 948 3.20 -7.16 -10.05
CA ASP A 948 4.03 -6.38 -9.13
C ASP A 948 5.47 -6.90 -9.12
N VAL A 949 5.99 -7.21 -10.30
CA VAL A 949 7.38 -7.64 -10.43
C VAL A 949 8.30 -6.45 -10.20
N VAL A 950 9.29 -6.62 -9.35
CA VAL A 950 10.29 -5.59 -9.07
C VAL A 950 11.66 -6.23 -9.01
N LEU A 951 12.63 -5.65 -9.71
CA LEU A 951 14.01 -6.11 -9.67
C LEU A 951 14.81 -5.18 -8.76
N HIS A 952 15.40 -5.75 -7.72
CA HIS A 952 16.10 -4.96 -6.71
C HIS A 952 17.57 -4.72 -7.03
N GLN A 953 18.18 -5.57 -7.85
CA GLN A 953 19.57 -5.36 -8.25
C GLN A 953 19.82 -6.16 -9.51
N ALA A 954 20.88 -5.80 -10.22
CA ALA A 954 21.27 -6.45 -11.46
C ALA A 954 22.46 -7.36 -11.19
N THR A 955 22.35 -8.62 -11.58
CA THR A 955 23.38 -9.60 -11.33
C THR A 955 24.29 -9.70 -12.55
N ILE A 956 25.60 -9.60 -12.33
CA ILE A 956 26.59 -9.58 -13.40
C ILE A 956 27.18 -10.98 -13.52
N LEU A 957 26.98 -11.60 -14.67
CA LEU A 957 27.58 -12.90 -14.95
C LEU A 957 29.07 -12.71 -15.20
N PRO A 958 29.95 -13.38 -14.48
CA PRO A 958 31.39 -13.23 -14.74
C PRO A 958 31.81 -13.90 -16.04
N LYS A 959 32.98 -13.48 -16.53
CA LYS A 959 33.52 -14.09 -17.74
C LYS A 959 33.78 -15.57 -17.53
N THR A 960 34.26 -15.95 -16.36
CA THR A 960 34.48 -17.34 -15.99
C THR A 960 33.78 -17.62 -14.67
N GLY A 961 33.48 -18.90 -14.44
CA GLY A 961 32.75 -19.29 -13.25
C GLY A 961 31.25 -19.29 -13.46
N THR A 962 30.54 -19.53 -12.37
CA THR A 962 29.09 -19.60 -12.39
C THR A 962 28.51 -18.90 -11.18
N VAL A 963 27.26 -18.48 -11.31
CA VAL A 963 26.51 -17.81 -10.25
C VAL A 963 25.26 -18.61 -9.98
N SER A 964 24.89 -18.73 -8.71
CA SER A 964 23.74 -19.52 -8.28
C SER A 964 22.59 -18.61 -7.91
N LEU A 965 21.43 -18.84 -8.53
CA LEU A 965 20.20 -18.13 -8.23
C LEU A 965 19.23 -19.08 -7.55
N GLU A 966 18.69 -18.67 -6.42
CA GLU A 966 17.75 -19.48 -5.65
C GLU A 966 16.35 -18.90 -5.74
N VAL A 967 15.37 -19.77 -5.95
CA VAL A 967 13.98 -19.38 -6.14
C VAL A 967 13.14 -20.00 -5.03
N ARG A 968 12.31 -19.17 -4.39
CA ARG A 968 11.42 -19.61 -3.33
C ARG A 968 10.02 -19.13 -3.64
N LEU A 969 9.05 -20.01 -3.43
CA LEU A 969 7.65 -19.71 -3.71
C LEU A 969 6.82 -19.88 -2.44
N LEU A 970 5.81 -19.04 -2.29
CA LEU A 970 4.88 -19.09 -1.16
C LEU A 970 3.49 -19.22 -1.76
N GLU A 971 3.04 -20.47 -1.93
CA GLU A 971 1.83 -20.71 -2.71
C GLU A 971 0.61 -20.06 -2.08
N ALA A 972 0.61 -19.89 -0.76
CA ALA A 972 -0.56 -19.31 -0.10
C ALA A 972 -0.76 -17.86 -0.51
N SER A 973 0.28 -17.05 -0.46
CA SER A 973 0.19 -15.63 -0.78
C SER A 973 0.52 -15.33 -2.22
N ARG A 974 0.85 -16.35 -3.03
CA ARG A 974 1.15 -16.15 -4.44
C ARG A 974 2.27 -15.14 -4.63
N ALA A 975 3.36 -15.33 -3.89
CA ALA A 975 4.52 -14.47 -3.96
C ALA A 975 5.77 -15.33 -4.18
N PHE A 976 6.81 -14.71 -4.73
CA PHE A 976 8.07 -15.39 -5.00
C PHE A 976 9.22 -14.45 -4.70
N GLU A 977 10.39 -15.04 -4.48
CA GLU A 977 11.59 -14.26 -4.19
C GLU A 977 12.79 -14.97 -4.81
N VAL A 978 13.60 -14.22 -5.55
CA VAL A 978 14.83 -14.73 -6.14
C VAL A 978 16.00 -14.14 -5.37
N SER A 979 16.91 -15.01 -4.91
CA SER A 979 18.03 -14.58 -4.09
C SER A 979 19.34 -15.06 -4.72
N GLU A 980 20.39 -14.28 -4.49
CA GLU A 980 21.74 -14.59 -4.96
C GLU A 980 22.70 -14.35 -3.81
N ASN A 981 23.30 -15.41 -3.30
CA ASN A 981 24.19 -15.33 -2.15
C ASN A 981 23.47 -14.74 -0.94
N GLY A 982 22.17 -15.01 -0.83
CA GLY A 982 21.40 -14.50 0.27
C GLY A 982 20.94 -13.07 0.14
N ASN A 983 21.05 -12.48 -1.05
CA ASN A 983 20.65 -11.10 -1.28
C ASN A 983 19.41 -11.08 -2.16
N LEU A 984 18.44 -10.25 -1.80
CA LEU A 984 17.23 -10.11 -2.59
C LEU A 984 17.56 -9.59 -3.99
N VAL A 985 16.95 -10.20 -5.00
CA VAL A 985 17.22 -9.83 -6.38
C VAL A 985 15.93 -9.41 -7.07
N VAL A 986 14.97 -10.32 -7.16
CA VAL A 986 13.69 -10.06 -7.82
C VAL A 986 12.57 -10.61 -6.95
N SER A 987 11.47 -9.86 -6.88
CA SER A 987 10.33 -10.24 -6.06
C SER A 987 9.05 -9.85 -6.79
N GLY A 988 7.95 -10.49 -6.40
CA GLY A 988 6.67 -10.21 -7.03
C GLY A 988 5.64 -11.27 -6.71
N LYS A 989 4.72 -11.45 -7.65
CA LYS A 989 3.64 -12.42 -7.51
C LYS A 989 3.48 -13.21 -8.80
N VAL A 990 3.32 -14.52 -8.66
CA VAL A 990 3.12 -15.42 -9.79
C VAL A 990 2.04 -16.44 -9.42
N TYR A 991 1.12 -16.68 -10.34
CA TYR A 991 0.09 -17.69 -10.12
C TYR A 991 -0.44 -18.16 -11.46
N GLN A 992 -1.05 -19.34 -11.44
CA GLN A 992 -1.56 -19.96 -12.65
C GLN A 992 -2.78 -19.20 -13.18
N TRP A 993 -2.89 -19.14 -14.50
CA TRP A 993 -4.01 -18.48 -15.16
C TRP A 993 -5.11 -19.52 -15.37
N ASP A 994 -6.17 -19.44 -14.56
CA ASP A 994 -7.16 -20.50 -14.55
C ASP A 994 -7.87 -20.62 -15.89
N ASP A 995 -8.27 -19.49 -16.47
CA ASP A 995 -9.08 -19.47 -17.70
C ASP A 995 -8.44 -18.53 -18.71
N PRO A 996 -7.57 -19.04 -19.57
CA PRO A 996 -6.96 -18.18 -20.59
C PRO A 996 -8.01 -17.53 -21.47
N ASP A 997 -7.76 -16.27 -21.82
CA ASP A 997 -8.68 -15.48 -22.64
C ASP A 997 -7.97 -15.08 -23.92
N PRO A 998 -8.18 -15.79 -25.04
CA PRO A 998 -7.48 -15.43 -26.28
C PRO A 998 -7.75 -14.00 -26.74
N ARG A 999 -8.88 -13.40 -26.34
CA ARG A 999 -9.14 -12.02 -26.71
C ARG A 999 -8.06 -11.07 -26.19
N LEU A 1000 -7.42 -11.40 -25.07
CA LEU A 1000 -6.42 -10.52 -24.50
C LEU A 1000 -5.24 -10.31 -25.45
N PHE A 1001 -5.04 -11.24 -26.37
CA PHE A 1001 -3.88 -11.22 -27.26
C PHE A 1001 -4.22 -10.70 -28.64
N ASP A 1002 -5.38 -10.07 -28.82
CA ASP A 1002 -5.70 -9.39 -30.07
C ASP A 1002 -5.08 -7.99 -30.05
N HIS A 1003 -4.42 -7.63 -31.14
CA HIS A 1003 -3.65 -6.40 -31.16
C HIS A 1003 -4.58 -5.20 -30.97
N PRO A 1004 -4.24 -4.26 -30.08
CA PRO A 1004 -5.17 -3.17 -29.78
C PRO A 1004 -5.30 -2.19 -30.93
N GLU A 1005 -6.32 -1.35 -30.83
CA GLU A 1005 -6.58 -0.36 -31.85
C GLU A 1005 -5.35 0.52 -32.06
N SER A 1006 -4.91 0.72 -33.31
CA SER A 1006 -3.66 1.50 -33.57
C SER A 1006 -3.85 2.95 -33.11
N PRO A 1007 -3.32 3.39 -31.94
CA PRO A 1007 -3.42 4.79 -31.54
C PRO A 1007 -2.63 5.56 -32.59
N THR A 1008 -1.49 5.01 -33.02
CA THR A 1008 -0.58 5.64 -34.02
C THR A 1008 -1.25 5.71 -35.39
N PRO A 1009 -0.95 6.73 -36.21
CA PRO A 1009 -1.45 6.78 -37.58
C PRO A 1009 -0.78 5.64 -38.36
N ASN A 1010 -1.45 5.07 -39.35
CA ASN A 1010 -0.92 3.92 -40.13
C ASN A 1010 -1.02 4.29 -41.61
N PRO A 1011 -0.13 5.17 -42.09
CA PRO A 1011 -0.20 5.65 -43.48
C PRO A 1011 0.40 4.67 -44.49
N THR A 1012 0.57 3.39 -44.14
CA THR A 1012 1.06 2.39 -45.08
C THR A 1012 2.32 2.89 -45.80
N GLU A 1013 3.23 3.49 -45.04
CA GLU A 1013 4.45 4.00 -45.62
C GLU A 1013 5.31 2.85 -46.13
N PRO A 1014 6.12 3.08 -47.17
CA PRO A 1014 6.97 2.00 -47.69
C PRO A 1014 8.26 1.81 -46.91
N LEU A 1015 8.66 2.82 -46.13
CA LEU A 1015 9.95 2.78 -45.45
C LEU A 1015 9.82 2.19 -44.05
N PHE A 1016 10.68 1.22 -43.74
CA PHE A 1016 10.66 0.56 -42.45
C PHE A 1016 12.09 0.17 -42.10
N LEU A 1017 12.34 0.05 -40.79
CA LEU A 1017 13.66 -0.30 -40.29
C LEU A 1017 13.90 -1.79 -40.46
N ALA A 1018 15.12 -2.16 -40.83
CA ALA A 1018 15.52 -3.55 -40.88
C ALA A 1018 16.27 -3.94 -39.61
N GLN A 1019 16.66 -5.21 -39.53
CA GLN A 1019 17.36 -5.71 -38.35
C GLN A 1019 18.63 -4.91 -38.10
N ALA A 1020 19.46 -4.75 -39.13
CA ALA A 1020 20.74 -4.08 -38.96
C ALA A 1020 20.54 -2.64 -38.50
N GLU A 1021 19.60 -1.93 -39.10
CA GLU A 1021 19.35 -0.55 -38.70
C GLU A 1021 18.83 -0.47 -37.28
N VAL A 1022 17.93 -1.39 -36.90
CA VAL A 1022 17.37 -1.37 -35.55
C VAL A 1022 18.48 -1.52 -34.52
N TYR A 1023 19.37 -2.50 -34.72
CA TYR A 1023 20.41 -2.69 -33.73
C TYR A 1023 21.52 -1.66 -33.85
N LYS A 1024 21.67 -1.02 -35.01
CA LYS A 1024 22.55 0.14 -35.09
C LYS A 1024 22.05 1.26 -34.19
N GLU A 1025 20.75 1.53 -34.25
CA GLU A 1025 20.17 2.54 -33.36
C GLU A 1025 20.35 2.13 -31.91
N LEU A 1026 20.11 0.86 -31.60
CA LEU A 1026 20.25 0.41 -30.22
C LEU A 1026 21.68 0.55 -29.73
N ARG A 1027 22.66 0.23 -30.57
CA ARG A 1027 24.06 0.44 -30.19
C ARG A 1027 24.33 1.92 -29.93
N LEU A 1028 23.86 2.79 -30.82
CA LEU A 1028 24.08 4.21 -30.61
C LEU A 1028 23.47 4.68 -29.29
N ARG A 1029 22.37 4.06 -28.88
CA ARG A 1029 21.78 4.40 -27.59
C ARG A 1029 22.53 3.75 -26.43
N GLY A 1030 23.17 2.60 -26.67
CA GLY A 1030 23.99 1.98 -25.65
C GLY A 1030 23.72 0.52 -25.37
N TYR A 1031 23.08 -0.19 -26.30
CA TYR A 1031 22.77 -1.61 -26.15
C TYR A 1031 23.60 -2.41 -27.12
N ASP A 1032 24.26 -3.45 -26.63
CA ASP A 1032 25.17 -4.25 -27.45
C ASP A 1032 24.72 -5.71 -27.53
N TYR A 1033 23.47 -5.91 -27.93
CA TYR A 1033 22.95 -7.27 -28.07
C TYR A 1033 23.69 -8.03 -29.16
N GLY A 1034 24.00 -9.29 -28.88
CA GLY A 1034 24.64 -10.15 -29.85
C GLY A 1034 23.64 -10.88 -30.70
N PRO A 1035 24.12 -11.81 -31.54
CA PRO A 1035 23.22 -12.48 -32.47
C PRO A 1035 22.05 -13.19 -31.82
N HIS A 1036 22.25 -13.83 -30.67
CA HIS A 1036 21.17 -14.61 -30.06
C HIS A 1036 20.03 -13.72 -29.60
N PHE A 1037 20.33 -12.49 -29.18
CA PHE A 1037 19.32 -11.55 -28.74
C PHE A 1037 18.93 -10.56 -29.83
N GLN A 1038 19.41 -10.78 -31.06
CA GLN A 1038 19.01 -9.93 -32.19
C GLN A 1038 17.81 -10.57 -32.87
N GLY A 1039 16.63 -10.25 -32.35
CA GLY A 1039 15.40 -10.89 -32.75
C GLY A 1039 14.35 -10.03 -33.43
N ILE A 1040 14.67 -8.80 -33.79
CA ILE A 1040 13.72 -7.93 -34.49
C ILE A 1040 14.04 -8.01 -35.98
N LEU A 1041 13.13 -8.59 -36.76
CA LEU A 1041 13.32 -8.61 -38.20
C LEU A 1041 13.07 -7.24 -38.80
N GLU A 1042 12.01 -6.56 -38.39
CA GLU A 1042 11.70 -5.24 -38.91
C GLU A 1042 10.82 -4.50 -37.91
N ALA A 1043 10.87 -3.18 -37.99
CA ALA A 1043 10.11 -2.33 -37.08
C ALA A 1043 9.70 -1.07 -37.81
N SER A 1044 8.56 -0.52 -37.41
CA SER A 1044 8.09 0.71 -38.01
C SER A 1044 8.96 1.88 -37.59
N LEU A 1045 8.91 2.94 -38.38
CA LEU A 1045 9.75 4.11 -38.11
C LEU A 1045 9.52 4.63 -36.70
N GLU A 1046 8.26 4.80 -36.32
CA GLU A 1046 7.94 5.30 -34.98
C GLU A 1046 8.19 4.26 -33.90
N GLY A 1047 8.27 2.98 -34.25
CA GLY A 1047 8.50 1.94 -33.27
C GLY A 1047 7.26 1.38 -32.63
N ASP A 1048 6.13 1.37 -33.33
CA ASP A 1048 4.89 0.88 -32.75
C ASP A 1048 4.64 -0.58 -33.10
N SER A 1049 5.00 -1.00 -34.32
CA SER A 1049 4.78 -2.36 -34.76
C SER A 1049 6.05 -2.88 -35.41
N GLY A 1050 6.21 -4.20 -35.40
CA GLY A 1050 7.39 -4.85 -35.94
C GLY A 1050 7.13 -6.30 -36.24
N ARG A 1051 8.20 -7.10 -36.15
CA ARG A 1051 8.11 -8.53 -36.43
C ARG A 1051 9.28 -9.21 -35.75
N LEU A 1052 9.01 -10.18 -34.90
CA LEU A 1052 10.02 -10.83 -34.07
C LEU A 1052 10.19 -12.28 -34.45
N LEU A 1053 11.44 -12.75 -34.43
CA LEU A 1053 11.72 -14.15 -34.67
C LEU A 1053 11.38 -14.98 -33.43
N TRP A 1054 11.30 -16.28 -33.63
CA TRP A 1054 10.96 -17.24 -32.57
C TRP A 1054 11.84 -18.47 -32.75
N LYS A 1055 12.87 -18.60 -31.92
CA LYS A 1055 13.81 -19.71 -31.98
C LYS A 1055 13.60 -20.72 -30.86
N ASP A 1056 12.40 -20.75 -30.28
CA ASP A 1056 12.09 -21.68 -29.19
C ASP A 1056 12.87 -21.31 -27.93
N ASN A 1057 13.01 -20.01 -27.68
CA ASN A 1057 13.66 -19.49 -26.49
C ASN A 1057 12.81 -18.35 -25.95
N TRP A 1058 12.24 -18.55 -24.75
CA TRP A 1058 11.34 -17.54 -24.21
C TRP A 1058 12.09 -16.29 -23.77
N VAL A 1059 13.28 -16.46 -23.21
CA VAL A 1059 14.04 -15.30 -22.74
C VAL A 1059 14.30 -14.35 -23.89
N SER A 1060 14.75 -14.88 -25.03
CA SER A 1060 15.05 -14.03 -26.17
C SER A 1060 13.80 -13.33 -26.69
N PHE A 1061 12.67 -14.04 -26.74
CA PHE A 1061 11.44 -13.44 -27.24
C PHE A 1061 10.99 -12.29 -26.37
N MET A 1062 10.97 -12.49 -25.05
CA MET A 1062 10.51 -11.43 -24.17
C MET A 1062 11.50 -10.27 -24.15
N ASP A 1063 12.80 -10.56 -24.24
CA ASP A 1063 13.77 -9.48 -24.31
C ASP A 1063 13.62 -8.69 -25.59
N THR A 1064 13.26 -9.36 -26.69
CA THR A 1064 12.99 -8.64 -27.93
C THR A 1064 11.76 -7.76 -27.78
N MET A 1065 10.74 -8.23 -27.06
CA MET A 1065 9.60 -7.38 -26.77
C MET A 1065 10.02 -6.13 -26.03
N LEU A 1066 10.85 -6.28 -25.00
CA LEU A 1066 11.31 -5.12 -24.24
C LEU A 1066 12.14 -4.19 -25.11
N GLN A 1067 12.95 -4.76 -26.00
CA GLN A 1067 13.72 -3.94 -26.94
C GLN A 1067 12.80 -3.12 -27.82
N MET A 1068 11.72 -3.72 -28.31
CA MET A 1068 10.76 -2.96 -29.10
C MET A 1068 10.14 -1.84 -28.27
N SER A 1069 9.82 -2.12 -27.01
CA SER A 1069 9.25 -1.08 -26.16
C SER A 1069 10.22 0.09 -26.02
N ILE A 1070 11.50 -0.21 -25.82
CA ILE A 1070 12.49 0.85 -25.63
C ILE A 1070 12.82 1.57 -26.92
N LEU A 1071 12.66 0.92 -28.07
CA LEU A 1071 13.08 1.54 -29.32
C LEU A 1071 12.33 2.83 -29.60
N GLY A 1072 11.02 2.83 -29.38
CA GLY A 1072 10.22 4.00 -29.71
C GLY A 1072 10.43 5.18 -28.79
N SER A 1073 10.96 4.95 -27.59
CA SER A 1073 11.16 6.03 -26.64
C SER A 1073 12.19 7.02 -27.17
N ALA A 1074 11.91 8.31 -26.99
CA ALA A 1074 12.80 9.37 -27.44
C ALA A 1074 13.81 9.79 -26.39
N LYS A 1075 13.84 9.13 -25.23
CA LYS A 1075 14.75 9.49 -24.15
C LYS A 1075 16.09 8.81 -24.38
N HIS A 1076 17.08 9.59 -24.80
CA HIS A 1076 18.42 9.04 -25.00
C HIS A 1076 19.01 8.60 -23.67
N GLY A 1077 19.76 7.50 -23.70
CA GLY A 1077 20.40 6.94 -22.53
C GLY A 1077 20.11 5.47 -22.39
N LEU A 1078 20.82 4.85 -21.46
CA LEU A 1078 20.69 3.43 -21.18
C LEU A 1078 19.65 3.24 -20.08
N TYR A 1079 18.47 2.75 -20.46
CA TYR A 1079 17.39 2.49 -19.53
C TYR A 1079 17.20 0.99 -19.37
N LEU A 1080 17.06 0.55 -18.13
CA LEU A 1080 16.94 -0.86 -17.81
C LEU A 1080 15.64 -1.12 -17.07
N PRO A 1081 14.99 -2.26 -17.31
CA PRO A 1081 13.74 -2.55 -16.61
C PRO A 1081 13.93 -2.61 -15.10
N THR A 1082 12.93 -2.14 -14.38
CA THR A 1082 12.94 -2.12 -12.92
C THR A 1082 11.65 -2.67 -12.32
N ARG A 1083 10.50 -2.39 -12.93
CA ARG A 1083 9.22 -2.87 -12.43
C ARG A 1083 8.32 -3.20 -13.60
N VAL A 1084 7.42 -4.16 -13.39
CA VAL A 1084 6.42 -4.57 -14.38
C VAL A 1084 5.12 -4.80 -13.64
N THR A 1085 4.01 -4.33 -14.23
CA THR A 1085 2.74 -4.38 -13.52
C THR A 1085 2.05 -5.74 -13.70
N ALA A 1086 2.10 -6.30 -14.90
CA ALA A 1086 1.46 -7.59 -15.12
C ALA A 1086 1.91 -8.17 -16.45
N ILE A 1087 2.22 -9.46 -16.43
CA ILE A 1087 2.65 -10.21 -17.61
C ILE A 1087 1.80 -11.47 -17.70
N HIS A 1088 1.20 -11.70 -18.85
CA HIS A 1088 0.40 -12.90 -19.12
C HIS A 1088 1.06 -13.68 -20.24
N ILE A 1089 1.23 -14.98 -20.03
CA ILE A 1089 1.85 -15.87 -21.01
C ILE A 1089 0.94 -17.07 -21.21
N ASP A 1090 0.74 -17.46 -22.47
CA ASP A 1090 -0.17 -18.56 -22.82
C ASP A 1090 0.44 -19.31 -24.00
N PRO A 1091 1.16 -20.41 -23.74
CA PRO A 1091 1.84 -21.10 -24.86
C PRO A 1091 0.91 -21.55 -25.97
N ALA A 1092 -0.34 -21.91 -25.65
CA ALA A 1092 -1.24 -22.38 -26.70
C ALA A 1092 -1.51 -21.29 -27.72
N THR A 1093 -1.92 -20.11 -27.26
CA THR A 1093 -2.13 -19.00 -28.17
C THR A 1093 -0.83 -18.60 -28.85
N HIS A 1094 0.29 -18.78 -28.17
CA HIS A 1094 1.58 -18.45 -28.79
C HIS A 1094 1.83 -19.34 -29.99
N ARG A 1095 1.53 -20.63 -29.87
CA ARG A 1095 1.70 -21.53 -31.01
C ARG A 1095 0.69 -21.22 -32.11
N GLN A 1096 -0.52 -20.85 -31.72
CA GLN A 1096 -1.52 -20.51 -32.74
C GLN A 1096 -1.13 -19.26 -33.54
N LYS A 1097 -0.54 -18.27 -32.85
CA LYS A 1097 -0.20 -17.02 -33.52
C LYS A 1097 1.01 -17.17 -34.44
N LEU A 1098 1.98 -17.99 -34.06
CA LEU A 1098 3.21 -18.11 -34.83
C LEU A 1098 2.91 -18.48 -36.28
N TYR A 1099 3.58 -17.80 -37.20
CA TYR A 1099 3.46 -18.08 -38.62
C TYR A 1099 4.84 -18.00 -39.26
N THR A 1100 4.98 -18.69 -40.39
CA THR A 1100 6.26 -18.88 -41.04
C THR A 1100 6.30 -18.12 -42.36
N LEU A 1101 7.41 -17.44 -42.62
CA LEU A 1101 7.58 -16.71 -43.87
C LEU A 1101 7.90 -17.69 -45.00
N GLN A 1102 8.21 -17.14 -46.17
CA GLN A 1102 8.68 -17.99 -47.27
C GLN A 1102 9.89 -18.80 -46.86
N ASP A 1103 10.77 -18.19 -46.07
CA ASP A 1103 11.84 -18.93 -45.42
C ASP A 1103 11.29 -19.71 -44.23
N LYS A 1104 12.02 -20.74 -43.82
CA LYS A 1104 11.55 -21.59 -42.74
C LYS A 1104 11.59 -20.91 -41.38
N ALA A 1105 12.20 -19.73 -41.27
CA ALA A 1105 12.24 -19.03 -40.00
C ALA A 1105 10.83 -18.69 -39.52
N GLN A 1106 10.60 -18.91 -38.23
CA GLN A 1106 9.32 -18.61 -37.60
C GLN A 1106 9.33 -17.19 -37.07
N VAL A 1107 8.20 -16.50 -37.17
CA VAL A 1107 8.07 -15.11 -36.79
C VAL A 1107 6.77 -14.93 -36.02
N ALA A 1108 6.60 -13.73 -35.47
CA ALA A 1108 5.39 -13.38 -34.72
C ALA A 1108 5.27 -11.86 -34.69
N ASP A 1109 4.11 -11.33 -35.04
CA ASP A 1109 3.92 -9.90 -35.10
C ASP A 1109 3.92 -9.31 -33.69
N VAL A 1110 4.43 -8.09 -33.58
CA VAL A 1110 4.53 -7.38 -32.31
C VAL A 1110 3.90 -6.01 -32.46
N VAL A 1111 3.09 -5.63 -31.49
CA VAL A 1111 2.44 -4.31 -31.45
C VAL A 1111 2.70 -3.70 -30.08
N VAL A 1112 3.10 -2.43 -30.08
CA VAL A 1112 3.34 -1.67 -28.86
C VAL A 1112 2.42 -0.46 -28.87
N SER A 1113 1.69 -0.26 -27.78
CA SER A 1113 0.74 0.84 -27.66
C SER A 1113 1.15 1.70 -26.46
N ARG A 1114 1.61 2.91 -26.73
CA ARG A 1114 2.05 3.79 -25.66
C ARG A 1114 0.88 4.42 -24.90
N TRP A 1115 -0.24 4.68 -25.59
CA TRP A 1115 -1.40 5.22 -24.89
C TRP A 1115 -1.90 4.26 -23.82
N LEU A 1116 -2.00 2.98 -24.17
CA LEU A 1116 -2.45 1.97 -23.22
C LEU A 1116 -1.30 1.35 -22.42
N ARG A 1117 -0.06 1.65 -22.76
CA ARG A 1117 1.11 1.11 -22.08
C ARG A 1117 1.04 -0.42 -22.02
N VAL A 1118 1.09 -1.03 -23.21
CA VAL A 1118 1.00 -2.48 -23.33
C VAL A 1118 1.79 -2.92 -24.56
N THR A 1119 2.44 -4.07 -24.44
CA THR A 1119 3.16 -4.70 -25.56
C THR A 1119 2.64 -6.12 -25.72
N VAL A 1120 2.16 -6.44 -26.91
CA VAL A 1120 1.58 -7.76 -27.19
C VAL A 1120 2.31 -8.37 -28.38
N ALA A 1121 2.79 -9.59 -28.22
CA ALA A 1121 3.51 -10.27 -29.29
C ALA A 1121 3.26 -11.77 -29.14
N GLY A 1122 2.52 -12.34 -30.07
CA GLY A 1122 2.19 -13.75 -29.94
C GLY A 1122 1.32 -14.00 -28.74
N GLY A 1123 1.81 -14.84 -27.83
CA GLY A 1123 1.08 -15.17 -26.62
C GLY A 1123 1.73 -14.60 -25.38
N VAL A 1124 2.28 -13.40 -25.49
CA VAL A 1124 2.88 -12.69 -24.37
C VAL A 1124 2.25 -11.30 -24.30
N HIS A 1125 1.98 -10.85 -23.08
CA HIS A 1125 1.26 -9.59 -22.87
C HIS A 1125 1.88 -8.88 -21.68
N ILE A 1126 2.63 -7.81 -21.95
CA ILE A 1126 3.31 -7.05 -20.92
C ILE A 1126 2.60 -5.71 -20.75
N SER A 1127 2.27 -5.37 -19.52
CA SER A 1127 1.60 -4.12 -19.22
C SER A 1127 2.31 -3.42 -18.08
N GLY A 1128 2.38 -2.10 -18.16
CA GLY A 1128 2.99 -1.30 -17.11
C GLY A 1128 4.48 -1.50 -16.94
N LEU A 1129 5.22 -1.59 -18.03
CA LEU A 1129 6.67 -1.67 -17.93
C LEU A 1129 7.25 -0.34 -17.46
N HIS A 1130 8.26 -0.40 -16.61
CA HIS A 1130 8.92 0.79 -16.07
C HIS A 1130 10.42 0.59 -16.16
N THR A 1131 11.11 1.54 -16.78
CA THR A 1131 12.55 1.49 -16.93
C THR A 1131 13.19 2.72 -16.31
N GLU A 1132 14.24 2.49 -15.52
CA GLU A 1132 14.97 3.54 -14.82
C GLU A 1132 16.36 3.70 -15.45
N SER A 1133 16.87 4.93 -15.41
CA SER A 1133 18.12 5.24 -16.08
C SER A 1133 19.29 4.55 -15.40
N ALA A 1134 20.12 3.89 -16.21
CA ALA A 1134 21.36 3.30 -15.72
C ALA A 1134 22.45 4.36 -15.60
N PRO A 1135 23.48 4.11 -14.80
CA PRO A 1135 24.57 5.09 -14.69
C PRO A 1135 25.25 5.39 -16.02
N ARG A 1136 25.33 4.42 -16.93
CA ARG A 1136 25.90 4.57 -18.27
C ARG A 1136 27.41 4.74 -18.25
N ARG A 1137 28.04 4.82 -17.07
CA ARG A 1137 29.48 5.06 -17.00
C ARG A 1137 30.24 3.78 -17.34
N GLN A 1138 30.98 3.81 -18.45
CA GLN A 1138 31.83 2.71 -18.88
C GLN A 1138 33.28 3.09 -18.62
N GLN A 1139 34.03 2.16 -18.03
CA GLN A 1139 35.43 2.39 -17.69
C GLN A 1139 36.34 1.91 -18.81
N GLU A 1140 37.63 2.25 -18.68
CA GLU A 1140 38.64 1.86 -19.66
C GLU A 1140 38.21 2.29 -21.07
N GLN A 1141 37.69 3.50 -21.17
CA GLN A 1141 37.20 4.00 -22.45
C GLN A 1141 38.38 4.26 -23.40
N GLN A 1142 38.05 4.34 -24.68
CA GLN A 1142 39.07 4.56 -25.70
C GLN A 1142 39.78 5.89 -25.46
N VAL A 1143 41.07 5.93 -25.76
CA VAL A 1143 41.89 7.12 -25.54
C VAL A 1143 42.53 7.50 -26.87
N PRO A 1144 41.86 8.31 -27.70
CA PRO A 1144 42.41 8.59 -29.03
C PRO A 1144 43.76 9.28 -28.97
N ILE A 1145 44.60 8.95 -29.94
CA ILE A 1145 45.94 9.53 -30.07
C ILE A 1145 45.80 10.76 -30.96
N LEU A 1146 45.45 11.88 -30.34
CA LEU A 1146 45.28 13.11 -31.09
C LEU A 1146 46.64 13.60 -31.59
N GLU A 1147 46.62 14.21 -32.78
CA GLU A 1147 47.86 14.66 -33.41
C GLU A 1147 47.58 15.82 -34.33
N LYS A 1148 48.63 16.56 -34.67
CA LYS A 1148 48.59 17.59 -35.68
C LYS A 1148 49.54 17.21 -36.80
N PHE A 1149 49.31 17.81 -37.98
CA PHE A 1149 49.99 17.42 -39.21
C PHE A 1149 50.49 18.69 -39.87
N CYS A 1150 51.75 19.05 -39.64
CA CYS A 1150 52.28 20.31 -40.11
C CYS A 1150 53.62 20.09 -40.81
N PHE A 1151 53.91 20.98 -41.76
CA PHE A 1151 55.17 20.95 -42.48
C PHE A 1151 56.34 21.18 -41.52
N THR A 1152 57.46 20.53 -41.82
CA THR A 1152 58.65 20.64 -40.98
C THR A 1152 59.90 20.71 -41.85
N PRO A 1153 60.47 21.90 -42.07
CA PRO A 1153 61.66 22.00 -42.92
C PRO A 1153 62.78 21.10 -42.40
N HIS A 1154 63.52 20.52 -43.36
CA HIS A 1154 64.54 19.55 -43.00
C HIS A 1154 65.57 20.13 -42.05
N THR A 1155 66.04 21.34 -42.34
CA THR A 1155 67.01 22.03 -41.50
C THR A 1155 66.37 23.25 -40.88
N GLU A 1156 66.53 23.41 -39.57
CA GLU A 1156 65.99 24.56 -38.85
C GLU A 1156 66.94 24.89 -37.72
N GLU A 1157 67.05 26.17 -37.39
CA GLU A 1157 67.97 26.64 -36.37
C GLU A 1157 67.21 27.52 -35.37
N GLY A 1158 67.72 27.54 -34.14
CA GLY A 1158 67.07 28.29 -33.08
C GLY A 1158 65.73 27.73 -32.67
N CYS A 1159 65.61 26.41 -32.62
CA CYS A 1159 64.31 25.79 -32.35
C CYS A 1159 63.78 26.20 -30.98
N LEU A 1160 64.63 26.20 -29.96
CA LEU A 1160 64.18 26.44 -28.60
C LEU A 1160 64.03 27.92 -28.27
N SER A 1161 64.12 28.80 -29.26
CA SER A 1161 64.03 30.23 -28.98
C SER A 1161 62.71 30.62 -28.32
N GLU A 1162 61.68 29.79 -28.46
CA GLU A 1162 60.38 30.13 -27.87
C GLU A 1162 60.43 30.12 -26.35
N ARG A 1163 61.07 29.11 -25.76
CA ARG A 1163 61.03 28.94 -24.32
C ARG A 1163 61.76 30.07 -23.60
N ALA A 1164 61.35 30.32 -22.36
CA ALA A 1164 61.93 31.35 -21.52
C ALA A 1164 62.83 30.82 -20.43
N ALA A 1165 62.51 29.66 -19.86
CA ALA A 1165 63.38 29.09 -18.84
C ALA A 1165 64.78 28.81 -19.40
N LEU A 1166 64.85 28.33 -20.64
CA LEU A 1166 66.16 28.07 -21.24
C LEU A 1166 66.96 29.35 -21.38
N GLN A 1167 66.32 30.46 -21.76
CA GLN A 1167 67.03 31.73 -21.84
C GLN A 1167 67.57 32.13 -20.48
N GLU A 1168 66.77 31.96 -19.43
CA GLU A 1168 67.23 32.30 -18.10
C GLU A 1168 68.40 31.42 -17.68
N GLU A 1169 68.34 30.13 -18.00
CA GLU A 1169 69.45 29.24 -17.67
C GLU A 1169 70.71 29.66 -18.39
N LEU A 1170 70.60 30.01 -19.67
CA LEU A 1170 71.77 30.48 -20.40
C LEU A 1170 72.31 31.76 -19.79
N GLN A 1171 71.42 32.68 -19.40
CA GLN A 1171 71.86 33.92 -18.79
C GLN A 1171 72.62 33.65 -17.50
N LEU A 1172 72.10 32.74 -16.68
CA LEU A 1172 72.78 32.39 -15.43
C LEU A 1172 74.14 31.76 -15.72
N CYS A 1173 74.20 30.85 -16.68
CA CYS A 1173 75.45 30.16 -16.99
C CYS A 1173 76.51 31.15 -17.47
N LYS A 1174 76.12 32.08 -18.34
CA LYS A 1174 77.10 33.04 -18.84
C LYS A 1174 77.60 33.93 -17.71
N GLY A 1175 76.71 34.32 -16.79
CA GLY A 1175 77.13 35.20 -15.72
C GLY A 1175 78.22 34.57 -14.86
N LEU A 1176 78.02 33.33 -14.45
CA LEU A 1176 78.99 32.66 -13.59
C LEU A 1176 80.34 32.48 -14.26
N VAL A 1177 80.39 32.47 -15.60
CA VAL A 1177 81.67 32.36 -16.29
C VAL A 1177 82.34 33.71 -16.48
N GLN A 1178 81.64 34.81 -16.23
CA GLN A 1178 82.25 36.12 -16.36
C GLN A 1178 83.45 36.24 -15.42
N ALA A 1179 84.53 36.82 -15.93
CA ALA A 1179 85.78 37.05 -15.22
C ALA A 1179 86.51 35.75 -14.89
N LEU A 1180 85.98 34.60 -15.29
CA LEU A 1180 86.63 33.32 -15.02
C LEU A 1180 86.90 33.15 -13.53
N PRO A 1205 73.84 28.70 -8.45
CA PRO A 1205 72.87 29.21 -7.47
C PRO A 1205 71.45 28.71 -7.72
N SER A 1206 71.32 27.64 -8.51
CA SER A 1206 70.03 27.07 -8.84
C SER A 1206 70.10 25.56 -8.71
N GLN A 1207 68.93 24.91 -8.83
CA GLN A 1207 68.87 23.46 -8.74
C GLN A 1207 69.36 22.77 -10.01
N GLN A 1208 69.47 23.49 -11.12
CA GLN A 1208 69.92 22.87 -12.36
C GLN A 1208 71.37 22.43 -12.22
N GLU A 1209 71.71 21.35 -12.92
CA GLU A 1209 73.03 20.73 -12.74
C GLU A 1209 74.15 21.64 -13.20
N LEU A 1210 74.01 22.25 -14.39
CA LEU A 1210 75.11 23.05 -14.92
C LEU A 1210 75.37 24.29 -14.07
N PRO A 1211 74.37 25.07 -13.67
CA PRO A 1211 74.64 26.17 -12.74
C PRO A 1211 75.23 25.70 -11.42
N ARG A 1212 74.81 24.53 -10.93
CA ARG A 1212 75.39 24.00 -9.71
C ARG A 1212 76.87 23.69 -9.90
N LEU A 1213 77.24 23.14 -11.05
CA LEU A 1213 78.64 22.87 -11.34
C LEU A 1213 79.43 24.16 -11.44
N LEU A 1214 78.86 25.18 -12.06
CA LEU A 1214 79.55 26.47 -12.13
C LEU A 1214 79.74 27.06 -10.74
N SER A 1215 78.72 26.94 -9.89
CA SER A 1215 78.85 27.44 -8.51
C SER A 1215 79.92 26.65 -7.76
N ALA A 1216 80.00 25.34 -7.98
CA ALA A 1216 81.06 24.56 -7.36
C ALA A 1216 82.43 25.04 -7.83
N ALA A 1217 82.56 25.30 -9.13
CA ALA A 1217 83.85 25.76 -9.65
C ALA A 1217 84.21 27.13 -9.12
N CYS A 1218 83.22 27.98 -8.85
CA CYS A 1218 83.48 29.33 -8.36
C CYS A 1218 83.77 29.36 -6.87
N ARG A 1219 82.89 28.76 -6.06
CA ARG A 1219 83.02 28.86 -4.60
C ARG A 1219 84.31 28.23 -4.10
N LEU A 1220 84.60 27.01 -4.57
CA LEU A 1220 85.82 26.33 -4.12
C LEU A 1220 87.04 27.21 -4.35
N GLN A 1221 87.14 27.80 -5.55
CA GLN A 1221 88.15 28.81 -5.83
C GLN A 1221 87.58 29.73 -6.90
N LEU A 1222 87.78 31.03 -6.72
CA LEU A 1222 87.27 32.00 -7.70
C LEU A 1222 87.94 31.80 -9.05
N ASN A 1223 89.24 31.53 -9.06
CA ASN A 1223 89.97 31.29 -10.30
C ASN A 1223 91.08 30.28 -10.02
N GLY A 1224 91.56 29.66 -11.09
CA GLY A 1224 92.61 28.65 -10.96
C GLY A 1224 92.16 27.43 -10.21
N ASN A 1225 90.92 26.98 -10.41
CA ASN A 1225 90.41 25.82 -9.69
C ASN A 1225 91.16 24.56 -10.09
N LEU A 1226 91.42 23.71 -9.10
CA LEU A 1226 92.04 22.41 -9.39
C LEU A 1226 91.11 21.59 -10.26
N GLN A 1227 91.70 20.85 -11.20
CA GLN A 1227 90.89 20.02 -12.10
C GLN A 1227 90.19 18.91 -11.32
N LEU A 1228 90.88 18.32 -10.34
CA LEU A 1228 90.32 17.19 -9.61
C LEU A 1228 89.02 17.56 -8.91
N GLU A 1229 89.03 18.70 -8.20
CA GLU A 1229 87.85 19.08 -7.43
C GLU A 1229 86.67 19.40 -8.33
N LEU A 1230 86.91 20.20 -9.38
CA LEU A 1230 85.82 20.56 -10.28
C LEU A 1230 85.26 19.34 -10.99
N ALA A 1231 86.15 18.43 -11.42
CA ALA A 1231 85.68 17.19 -12.03
C ALA A 1231 85.15 16.25 -10.96
N GLN A 1232 85.71 16.34 -9.75
CA GLN A 1232 85.25 15.54 -8.59
C GLN A 1232 84.77 16.43 -7.43
N VAL A 1233 83.54 16.95 -7.50
CA VAL A 1233 82.88 17.67 -6.37
C VAL A 1233 81.49 17.06 -6.23
N LEU A 1234 80.95 16.92 -5.02
CA LEU A 1234 79.68 16.16 -4.84
C LEU A 1234 78.47 16.77 -5.56
N ALA A 1235 77.64 15.94 -6.18
CA ALA A 1235 76.41 16.35 -6.90
C ALA A 1235 76.82 16.82 -8.29
N GLN A 1236 78.13 16.85 -8.60
CA GLN A 1236 78.65 17.24 -9.93
C GLN A 1236 79.33 16.03 -10.57
N GLU A 1237 79.31 14.87 -9.91
CA GLU A 1237 79.94 13.63 -10.42
C GLU A 1237 78.82 12.69 -10.89
N ARG A 1238 77.71 12.64 -10.17
CA ARG A 1238 76.53 11.90 -10.59
C ARG A 1238 76.20 12.25 -12.03
N PRO A 1239 75.84 11.28 -12.87
CA PRO A 1239 75.54 11.59 -14.27
C PRO A 1239 74.24 12.35 -14.44
N LYS A 1240 74.15 13.53 -13.84
CA LYS A 1240 72.99 14.40 -13.94
C LYS A 1240 73.10 15.43 -15.05
N LEU A 1241 74.22 15.44 -15.78
CA LEU A 1241 74.40 16.40 -16.87
C LEU A 1241 73.25 16.38 -17.87
N PRO A 1242 72.78 15.24 -18.36
CA PRO A 1242 71.63 15.29 -19.28
C PRO A 1242 70.40 15.91 -18.66
N GLU A 1243 70.21 15.77 -17.35
CA GLU A 1243 69.01 16.32 -16.71
C GLU A 1243 68.99 17.85 -16.76
N ASP A 1244 70.14 18.48 -17.00
CA ASP A 1244 70.18 19.93 -17.06
C ASP A 1244 69.31 20.41 -18.22
N PRO A 1245 68.42 21.38 -18.00
CA PRO A 1245 67.48 21.74 -19.07
C PRO A 1245 68.17 22.17 -20.35
N LEU A 1246 69.33 22.81 -20.25
CA LEU A 1246 70.07 23.17 -21.45
C LEU A 1246 70.56 21.94 -22.20
N LEU A 1247 70.95 20.90 -21.47
CA LEU A 1247 71.53 19.73 -22.12
C LEU A 1247 70.47 18.82 -22.72
N SER A 1248 69.19 19.06 -22.40
CA SER A 1248 68.10 18.22 -22.89
C SER A 1248 67.02 19.03 -23.60
N GLY A 1249 67.37 20.17 -24.18
CA GLY A 1249 66.37 21.01 -24.82
C GLY A 1249 65.76 20.34 -26.03
N LEU A 1250 66.57 20.07 -27.05
CA LEU A 1250 66.04 19.49 -28.28
C LEU A 1250 65.36 18.16 -28.01
N LEU A 1251 65.95 17.33 -27.16
CA LEU A 1251 65.36 16.02 -26.87
C LEU A 1251 63.95 16.15 -26.33
N ASP A 1252 63.68 17.20 -25.55
CA ASP A 1252 62.31 17.46 -25.13
C ASP A 1252 61.50 18.09 -26.25
N SER A 1253 62.14 18.86 -27.12
CA SER A 1253 61.45 19.52 -28.22
C SER A 1253 61.01 18.50 -29.26
N PRO A 1254 60.08 18.86 -30.14
CA PRO A 1254 59.61 17.92 -31.16
C PRO A 1254 60.64 17.61 -32.23
N ALA A 1255 61.85 18.20 -32.17
CA ALA A 1255 62.84 17.92 -33.20
C ALA A 1255 63.22 16.45 -33.22
N LEU A 1256 63.39 15.85 -32.03
CA LEU A 1256 63.71 14.43 -31.98
C LEU A 1256 62.66 13.60 -32.69
N LYS A 1257 61.38 13.88 -32.41
CA LYS A 1257 60.31 13.16 -33.10
C LYS A 1257 60.38 13.41 -34.60
N ALA A 1258 60.70 14.63 -35.01
CA ALA A 1258 60.76 14.93 -36.43
C ALA A 1258 61.83 14.09 -37.13
N CYS A 1259 63.04 14.06 -36.58
CA CYS A 1259 64.11 13.29 -37.19
C CYS A 1259 63.80 11.79 -37.15
N LEU A 1260 63.27 11.30 -36.03
CA LEU A 1260 62.93 9.89 -35.95
C LEU A 1260 61.88 9.52 -36.99
N ASP A 1261 60.87 10.38 -37.18
CA ASP A 1261 59.86 10.11 -38.18
C ASP A 1261 60.44 10.14 -39.58
N THR A 1262 61.31 11.10 -39.87
CA THR A 1262 61.94 11.14 -41.18
C THR A 1262 62.72 9.85 -41.44
N ALA A 1263 63.42 9.35 -40.42
CA ALA A 1263 64.13 8.09 -40.57
C ALA A 1263 63.17 6.93 -40.81
N VAL A 1264 62.06 6.90 -40.06
CA VAL A 1264 61.13 5.78 -40.16
C VAL A 1264 60.51 5.75 -41.55
N GLU A 1265 60.27 6.93 -42.13
CA GLU A 1265 59.63 6.98 -43.44
C GLU A 1265 60.49 6.30 -44.50
N ASN A 1266 61.80 6.50 -44.45
CA ASN A 1266 62.70 6.06 -45.51
C ASN A 1266 63.34 4.73 -45.13
N MET A 1267 62.59 3.66 -45.33
CA MET A 1267 63.13 2.31 -45.23
C MET A 1267 62.15 1.29 -45.75
N PRO A 1268 62.60 0.27 -46.48
CA PRO A 1268 61.65 -0.70 -47.04
C PRO A 1268 60.91 -1.49 -45.98
N SER A 1269 61.67 -2.16 -45.11
CA SER A 1269 61.06 -3.03 -44.12
C SER A 1269 60.21 -2.23 -43.14
N LEU A 1270 59.10 -2.84 -42.72
CA LEU A 1270 58.26 -2.26 -41.69
C LEU A 1270 58.86 -2.43 -40.29
N LYS A 1271 59.89 -3.25 -40.15
CA LYS A 1271 60.59 -3.45 -38.88
C LYS A 1271 61.82 -2.56 -38.83
N MET A 1272 62.19 -2.17 -37.60
CA MET A 1272 63.35 -1.32 -37.38
C MET A 1272 64.31 -1.98 -36.39
N LYS A 1273 65.60 -1.80 -36.65
CA LYS A 1273 66.67 -2.32 -35.80
C LYS A 1273 67.60 -1.16 -35.44
N VAL A 1274 67.38 -0.59 -34.26
CA VAL A 1274 68.08 0.61 -33.83
C VAL A 1274 68.87 0.29 -32.57
N VAL A 1275 70.14 0.68 -32.56
CA VAL A 1275 71.06 0.40 -31.46
C VAL A 1275 71.60 1.72 -30.95
N GLU A 1276 71.65 1.87 -29.62
CA GLU A 1276 72.16 3.08 -28.99
C GLU A 1276 73.55 2.84 -28.43
N VAL A 1277 74.48 3.70 -28.82
CA VAL A 1277 75.87 3.62 -28.40
C VAL A 1277 76.07 4.60 -27.25
N LEU A 1278 76.85 4.18 -26.25
CA LEU A 1278 77.06 4.95 -25.04
C LEU A 1278 75.74 5.28 -24.36
N ALA A 1279 74.88 4.27 -24.21
CA ALA A 1279 73.60 4.47 -23.54
C ALA A 1279 73.76 4.70 -22.05
N GLY A 1280 74.96 4.49 -21.51
CA GLY A 1280 75.17 4.69 -20.09
C GLY A 1280 74.91 6.12 -19.64
N HIS A 1281 75.26 7.09 -20.48
CA HIS A 1281 75.09 8.50 -20.16
C HIS A 1281 73.98 9.17 -20.96
N GLY A 1282 73.88 8.88 -22.26
CA GLY A 1282 72.84 9.51 -23.07
C GLY A 1282 71.45 9.21 -22.54
N HIS A 1283 71.19 7.95 -22.20
CA HIS A 1283 69.92 7.51 -21.64
C HIS A 1283 68.77 7.68 -22.63
N LEU A 1284 69.06 7.78 -23.93
CA LEU A 1284 67.99 7.89 -24.91
C LEU A 1284 67.06 6.70 -24.86
N TYR A 1285 67.54 5.56 -24.36
CA TYR A 1285 66.72 4.35 -24.34
C TYR A 1285 65.42 4.58 -23.59
N SER A 1286 65.41 5.51 -22.63
CA SER A 1286 64.21 5.81 -21.88
C SER A 1286 63.32 6.85 -22.56
N ARG A 1287 63.68 7.29 -23.76
CA ARG A 1287 62.95 8.34 -24.45
C ARG A 1287 62.59 8.03 -25.89
N ILE A 1288 63.37 7.20 -26.59
CA ILE A 1288 63.15 6.94 -28.01
C ILE A 1288 61.99 5.97 -28.21
N PRO A 1289 61.91 4.86 -27.47
CA PRO A 1289 60.84 3.90 -27.73
C PRO A 1289 59.45 4.49 -27.65
N GLY A 1290 59.20 5.39 -26.70
CA GLY A 1290 57.88 5.95 -26.55
C GLY A 1290 57.46 6.80 -27.73
N LEU A 1291 58.40 7.55 -28.30
CA LEU A 1291 58.06 8.47 -29.39
C LEU A 1291 57.49 7.73 -30.59
N LEU A 1292 57.80 6.45 -30.74
CA LEU A 1292 57.33 5.67 -31.88
C LEU A 1292 56.08 4.87 -31.56
N SER A 1293 55.52 5.00 -30.37
CA SER A 1293 54.28 4.32 -30.05
C SER A 1293 53.14 4.70 -31.00
N PRO A 1294 52.97 5.95 -31.42
CA PRO A 1294 51.80 6.28 -32.25
C PRO A 1294 51.70 5.45 -33.51
N HIS A 1295 52.81 5.12 -34.15
CA HIS A 1295 52.76 4.36 -35.39
C HIS A 1295 52.13 3.00 -35.13
N PRO A 1296 51.02 2.65 -35.79
CA PRO A 1296 50.30 1.43 -35.40
C PRO A 1296 51.05 0.15 -35.66
N LEU A 1297 51.51 -0.05 -36.90
CA LEU A 1297 52.06 -1.32 -37.32
C LEU A 1297 53.58 -1.41 -37.20
N LEU A 1298 54.25 -0.31 -36.89
CA LEU A 1298 55.70 -0.34 -36.81
C LEU A 1298 56.14 -1.26 -35.67
N GLN A 1299 57.02 -2.20 -36.00
CA GLN A 1299 57.62 -3.10 -35.03
C GLN A 1299 59.09 -2.74 -34.90
N LEU A 1300 59.56 -2.60 -33.67
CA LEU A 1300 60.88 -2.06 -33.40
C LEU A 1300 61.72 -3.08 -32.62
N SER A 1301 62.99 -3.19 -33.01
CA SER A 1301 63.97 -3.96 -32.27
C SER A 1301 65.04 -2.97 -31.80
N TYR A 1302 65.03 -2.68 -30.51
CA TYR A 1302 65.93 -1.72 -29.90
C TYR A 1302 66.95 -2.41 -29.02
N THR A 1303 68.13 -1.81 -28.91
CA THR A 1303 69.18 -2.37 -28.07
C THR A 1303 70.10 -1.24 -27.63
N ALA A 1304 70.71 -1.41 -26.47
CA ALA A 1304 71.65 -0.45 -25.93
C ALA A 1304 73.04 -1.07 -25.92
N THR A 1305 74.05 -0.24 -26.23
CA THR A 1305 75.44 -0.65 -26.17
C THR A 1305 76.23 0.42 -25.43
N ASP A 1306 77.08 -0.02 -24.50
CA ASP A 1306 77.79 0.88 -23.61
C ASP A 1306 79.29 0.62 -23.69
N ARG A 1307 80.06 1.55 -23.13
CA ARG A 1307 81.52 1.44 -23.16
C ARG A 1307 81.99 0.20 -22.42
N HIS A 1308 81.41 -0.06 -21.25
CA HIS A 1308 81.77 -1.21 -20.43
C HIS A 1308 80.53 -1.73 -19.74
N PRO A 1309 80.42 -3.04 -19.51
CA PRO A 1309 79.19 -3.56 -18.89
C PRO A 1309 78.88 -2.94 -17.55
N GLN A 1310 79.90 -2.52 -16.80
CA GLN A 1310 79.65 -1.85 -15.54
C GLN A 1310 78.77 -0.61 -15.73
N ALA A 1311 78.90 0.04 -16.88
CA ALA A 1311 78.14 1.26 -17.21
C ALA A 1311 76.66 0.93 -17.46
N LEU A 1312 75.73 1.68 -16.86
CA LEU A 1312 74.28 1.51 -17.09
C LEU A 1312 73.74 0.12 -16.73
N GLU A 1313 74.40 -0.60 -15.82
CA GLU A 1313 73.85 -1.89 -15.35
C GLU A 1313 72.59 -1.56 -14.53
N ALA A 1314 72.60 -0.39 -13.88
CA ALA A 1314 71.43 0.14 -13.15
C ALA A 1314 70.49 0.61 -14.26
N ALA A 1315 69.18 0.64 -14.01
CA ALA A 1315 68.17 1.08 -15.00
C ALA A 1315 67.87 -0.08 -15.94
N GLN A 1316 68.37 -1.26 -15.61
CA GLN A 1316 68.10 -2.49 -16.41
C GLN A 1316 66.59 -2.69 -16.36
N ALA A 1317 65.96 -2.40 -15.23
CA ALA A 1317 64.51 -2.58 -15.04
C ALA A 1317 63.80 -1.67 -16.04
N GLU A 1318 64.32 -0.47 -16.27
CA GLU A 1318 63.75 0.44 -17.29
C GLU A 1318 63.90 -0.23 -18.65
N LEU A 1319 65.04 -0.87 -18.90
CA LEU A 1319 65.26 -1.63 -20.15
C LEU A 1319 64.27 -2.78 -20.20
N GLN A 1320 64.02 -3.44 -19.08
CA GLN A 1320 63.14 -4.64 -19.01
C GLN A 1320 61.72 -4.30 -19.48
N GLN A 1321 61.11 -3.25 -18.94
CA GLN A 1321 59.76 -2.85 -19.34
C GLN A 1321 59.66 -2.72 -20.85
N HIS A 1322 60.74 -2.33 -21.50
CA HIS A 1322 60.78 -2.22 -22.95
C HIS A 1322 61.46 -3.43 -23.57
N ASP A 1323 61.36 -3.54 -24.88
CA ASP A 1323 62.02 -4.61 -25.64
C ASP A 1323 63.42 -4.19 -26.09
N VAL A 1324 64.22 -3.72 -25.14
CA VAL A 1324 65.57 -3.23 -25.42
C VAL A 1324 66.57 -4.25 -24.91
N ALA A 1325 67.49 -4.66 -25.78
CA ALA A 1325 68.49 -5.65 -25.43
C ALA A 1325 69.71 -4.98 -24.82
N GLN A 1326 70.63 -5.81 -24.33
CA GLN A 1326 71.89 -5.35 -23.78
C GLN A 1326 73.00 -5.54 -24.81
N GLY A 1327 74.08 -4.77 -24.66
CA GLY A 1327 75.17 -4.82 -25.59
C GLY A 1327 76.45 -4.35 -24.95
N GLN A 1328 77.56 -4.71 -25.59
CA GLN A 1328 78.90 -4.31 -25.15
C GLN A 1328 79.75 -3.91 -26.35
N TRP A 1329 79.22 -3.03 -27.20
CA TRP A 1329 79.99 -2.46 -28.30
C TRP A 1329 80.64 -1.16 -27.84
N ASP A 1330 81.90 -0.99 -28.18
CA ASP A 1330 82.61 0.27 -28.05
C ASP A 1330 82.80 0.88 -29.43
N PRO A 1331 82.42 2.14 -29.65
CA PRO A 1331 82.59 2.71 -31.00
C PRO A 1331 84.03 2.73 -31.48
N ALA A 1332 85.00 2.65 -30.57
CA ALA A 1332 86.39 2.72 -30.99
C ALA A 1332 86.72 1.63 -32.01
N ASP A 1333 86.25 0.42 -31.77
CA ASP A 1333 86.44 -0.71 -32.67
C ASP A 1333 85.15 -1.04 -33.40
N PRO A 1334 85.21 -1.85 -34.46
CA PRO A 1334 83.99 -2.16 -35.22
C PRO A 1334 82.95 -2.85 -34.37
N ALA A 1335 81.70 -2.72 -34.79
CA ALA A 1335 80.61 -3.37 -34.11
C ALA A 1335 80.72 -4.89 -34.23
N PRO A 1336 80.34 -5.63 -33.19
CA PRO A 1336 80.36 -7.09 -33.29
C PRO A 1336 79.31 -7.61 -34.26
N SER A 1337 79.49 -8.87 -34.67
CA SER A 1337 78.59 -9.46 -35.63
C SER A 1337 77.15 -9.51 -35.10
N ALA A 1338 76.98 -9.49 -33.78
CA ALA A 1338 75.63 -9.56 -33.22
C ALA A 1338 74.78 -8.38 -33.68
N LEU A 1339 75.34 -7.18 -33.64
CA LEU A 1339 74.61 -6.02 -34.13
C LEU A 1339 74.50 -6.04 -35.65
N GLY A 1340 75.60 -6.33 -36.33
CA GLY A 1340 75.59 -6.40 -37.77
C GLY A 1340 75.16 -5.09 -38.41
N SER A 1341 74.34 -5.21 -39.45
CA SER A 1341 73.84 -4.06 -40.20
C SER A 1341 72.65 -3.50 -39.44
N ALA A 1342 72.91 -2.50 -38.60
CA ALA A 1342 71.85 -1.86 -37.84
C ALA A 1342 71.03 -0.94 -38.74
N ASP A 1343 69.78 -0.71 -38.35
CA ASP A 1343 68.91 0.18 -39.11
C ASP A 1343 69.12 1.63 -38.72
N LEU A 1344 69.36 1.89 -37.44
CA LEU A 1344 69.57 3.25 -36.95
C LEU A 1344 70.54 3.22 -35.78
N LEU A 1345 71.40 4.23 -35.72
CA LEU A 1345 72.35 4.39 -34.63
C LEU A 1345 72.08 5.72 -33.95
N VAL A 1346 71.87 5.69 -32.64
CA VAL A 1346 71.70 6.89 -31.83
C VAL A 1346 72.83 6.93 -30.82
N CYS A 1347 73.49 8.08 -30.72
CA CYS A 1347 74.70 8.23 -29.91
C CYS A 1347 74.49 9.06 -28.65
N ASN A 1348 73.91 10.25 -28.79
CA ASN A 1348 73.81 11.20 -27.69
C ASN A 1348 75.20 11.56 -27.15
N CYS A 1349 76.00 12.15 -28.05
CA CYS A 1349 77.31 12.64 -27.67
C CYS A 1349 77.26 13.86 -26.76
N ALA A 1350 76.08 14.47 -26.60
CA ALA A 1350 75.97 15.69 -25.81
C ALA A 1350 76.46 15.46 -24.38
N VAL A 1351 76.15 14.30 -23.81
CA VAL A 1351 76.56 13.96 -22.46
C VAL A 1351 77.60 12.86 -22.44
N ALA A 1352 77.43 11.84 -23.28
CA ALA A 1352 78.45 10.80 -23.40
C ALA A 1352 79.69 11.36 -24.09
N ALA A 1353 80.83 10.71 -23.86
CA ALA A 1353 82.10 11.14 -24.42
C ALA A 1353 82.49 10.23 -25.57
N LEU A 1354 82.76 10.81 -26.73
CA LEU A 1354 83.18 10.04 -27.89
C LEU A 1354 84.66 9.67 -27.78
N GLY A 1355 84.95 8.39 -28.03
CA GLY A 1355 86.34 7.96 -27.96
C GLY A 1355 87.22 8.65 -28.97
N ASP A 1356 86.76 8.72 -30.22
CA ASP A 1356 87.50 9.42 -31.26
C ASP A 1356 86.59 9.64 -32.46
N PRO A 1357 86.55 10.85 -33.03
CA PRO A 1357 85.67 11.09 -34.19
C PRO A 1357 85.90 10.10 -35.31
N ALA A 1358 87.16 9.97 -35.76
CA ALA A 1358 87.44 9.16 -36.94
C ALA A 1358 87.06 7.71 -36.72
N SER A 1359 87.57 7.10 -35.65
CA SER A 1359 87.29 5.70 -35.40
C SER A 1359 85.80 5.48 -35.16
N ALA A 1360 85.18 6.34 -34.35
CA ALA A 1360 83.76 6.18 -34.06
C ALA A 1360 82.94 6.22 -35.33
N LEU A 1361 83.13 7.25 -36.15
CA LEU A 1361 82.33 7.40 -37.36
C LEU A 1361 82.59 6.26 -38.33
N SER A 1362 83.85 5.87 -38.51
CA SER A 1362 84.13 4.77 -39.45
C SER A 1362 83.47 3.49 -38.98
N ASN A 1363 83.60 3.15 -37.70
CA ASN A 1363 83.00 1.91 -37.20
C ASN A 1363 81.49 1.96 -37.33
N MET A 1364 80.88 3.11 -37.02
CA MET A 1364 79.43 3.22 -37.12
C MET A 1364 78.97 3.06 -38.57
N VAL A 1365 79.56 3.82 -39.49
CA VAL A 1365 79.11 3.77 -40.88
C VAL A 1365 79.34 2.39 -41.44
N ALA A 1366 80.36 1.69 -40.94
CA ALA A 1366 80.55 0.28 -41.31
C ALA A 1366 79.41 -0.57 -40.76
N ALA A 1367 78.94 -0.25 -39.56
CA ALA A 1367 77.92 -1.06 -38.91
C ALA A 1367 76.51 -0.77 -39.42
N LEU A 1368 76.34 0.26 -40.24
CA LEU A 1368 75.03 0.71 -40.68
C LEU A 1368 74.75 0.19 -42.09
N ARG A 1369 73.61 -0.48 -42.26
CA ARG A 1369 73.25 -1.02 -43.56
C ARG A 1369 73.31 0.08 -44.62
N GLU A 1370 73.44 -0.34 -45.87
CA GLU A 1370 73.45 0.60 -46.97
C GLU A 1370 72.12 1.36 -47.01
N GLY A 1371 72.20 2.67 -47.12
CA GLY A 1371 71.02 3.51 -47.08
C GLY A 1371 70.46 3.76 -45.70
N GLY A 1372 71.16 3.35 -44.65
CA GLY A 1372 70.69 3.55 -43.30
C GLY A 1372 70.89 4.98 -42.82
N PHE A 1373 70.35 5.24 -41.63
CA PHE A 1373 70.38 6.56 -41.03
C PHE A 1373 71.11 6.51 -39.70
N LEU A 1374 71.93 7.54 -39.44
CA LEU A 1374 72.65 7.69 -38.19
C LEU A 1374 72.25 9.03 -37.56
N LEU A 1375 71.81 8.99 -36.31
CA LEU A 1375 71.40 10.16 -35.57
C LEU A 1375 72.41 10.43 -34.46
N LEU A 1376 72.91 11.66 -34.40
CA LEU A 1376 73.91 12.06 -33.43
C LEU A 1376 73.47 13.35 -32.74
N HIS A 1377 73.61 13.37 -31.42
CA HIS A 1377 73.36 14.56 -30.63
C HIS A 1377 74.67 14.99 -29.98
N THR A 1378 75.09 16.21 -30.25
CA THR A 1378 76.33 16.75 -29.71
C THR A 1378 76.18 18.26 -29.66
N LEU A 1379 77.11 18.91 -28.96
CA LEU A 1379 77.13 20.36 -28.81
C LEU A 1379 78.03 20.93 -29.89
N LEU A 1380 77.66 22.09 -30.41
CA LEU A 1380 78.48 22.75 -31.42
C LEU A 1380 79.56 23.60 -30.77
N ARG A 1381 80.78 23.52 -31.30
CA ARG A 1381 81.90 24.29 -30.78
C ARG A 1381 81.85 25.72 -31.30
N GLY A 1382 82.44 26.63 -30.52
CA GLY A 1382 82.39 28.04 -30.80
C GLY A 1382 81.21 28.76 -30.17
N HIS A 1383 80.09 28.07 -29.98
CA HIS A 1383 78.94 28.64 -29.33
C HIS A 1383 79.22 28.84 -27.84
N PRO A 1384 78.43 29.69 -27.17
CA PRO A 1384 78.71 29.94 -25.75
C PRO A 1384 78.69 28.67 -24.90
N LEU A 1385 77.68 27.82 -25.06
CA LEU A 1385 77.59 26.64 -24.21
C LEU A 1385 78.77 25.71 -24.43
N GLY A 1386 79.19 25.54 -25.69
CA GLY A 1386 80.35 24.71 -25.96
C GLY A 1386 81.60 25.24 -25.27
N ASP A 1387 81.81 26.55 -25.34
CA ASP A 1387 82.95 27.13 -24.65
C ASP A 1387 82.85 26.92 -23.15
N ILE A 1388 81.65 27.07 -22.59
CA ILE A 1388 81.46 26.90 -21.15
C ILE A 1388 81.85 25.49 -20.73
N VAL A 1389 81.34 24.49 -21.45
CA VAL A 1389 81.66 23.11 -21.09
C VAL A 1389 83.14 22.85 -21.32
N ALA A 1390 83.73 23.47 -22.35
CA ALA A 1390 85.15 23.28 -22.62
C ALA A 1390 85.99 23.76 -21.45
N PHE A 1391 85.65 24.92 -20.88
CA PHE A 1391 86.37 25.40 -19.71
C PHE A 1391 86.30 24.38 -18.58
N LEU A 1392 85.25 23.58 -18.53
CA LEU A 1392 85.09 22.55 -17.51
C LEU A 1392 85.38 21.18 -18.13
N THR A 1393 85.14 20.12 -17.34
CA THR A 1393 85.37 18.73 -17.75
C THR A 1393 86.66 18.57 -18.54
N SER A 1394 87.72 19.26 -18.11
CA SER A 1394 89.01 19.11 -18.77
C SER A 1394 89.66 17.77 -18.46
N THR A 1395 89.34 17.17 -17.31
CA THR A 1395 89.92 15.89 -16.94
C THR A 1395 89.44 14.74 -17.81
N GLU A 1396 88.40 14.96 -18.62
CA GLU A 1396 87.86 13.90 -19.46
C GLU A 1396 88.19 14.21 -20.92
N PRO A 1397 89.41 13.90 -21.36
CA PRO A 1397 89.79 14.26 -22.74
C PRO A 1397 88.88 13.64 -23.79
N GLN A 1398 88.31 12.47 -23.50
CA GLN A 1398 87.36 11.88 -24.45
C GLN A 1398 86.18 12.81 -24.67
N TYR A 1399 85.67 13.41 -23.60
CA TYR A 1399 84.56 14.36 -23.76
C TYR A 1399 85.00 15.59 -24.52
N GLY A 1400 86.25 16.02 -24.32
CA GLY A 1400 86.78 17.10 -25.14
C GLY A 1400 86.81 16.75 -26.61
N GLN A 1401 87.15 15.50 -26.93
CA GLN A 1401 87.12 15.05 -28.31
C GLN A 1401 85.69 15.03 -28.85
N GLY A 1402 84.70 15.06 -27.98
CA GLY A 1402 83.31 14.99 -28.38
C GLY A 1402 82.71 16.32 -28.82
N ILE A 1403 83.49 17.39 -28.84
CA ILE A 1403 83.00 18.71 -29.22
C ILE A 1403 83.82 19.19 -30.41
N LEU A 1404 83.14 19.61 -31.46
CA LEU A 1404 83.79 20.11 -32.67
C LEU A 1404 82.91 21.16 -33.31
N SER A 1405 83.52 21.99 -34.15
CA SER A 1405 82.77 23.01 -34.87
C SER A 1405 81.90 22.38 -35.94
N GLN A 1406 80.74 23.00 -36.18
CA GLN A 1406 79.79 22.45 -37.15
C GLN A 1406 80.45 22.24 -38.50
N ASP A 1407 81.30 23.19 -38.91
CA ASP A 1407 82.06 22.99 -40.15
C ASP A 1407 82.98 21.79 -40.03
N ALA A 1408 83.57 21.59 -38.86
CA ALA A 1408 84.39 20.40 -38.63
C ALA A 1408 83.56 19.14 -38.75
N TRP A 1409 82.33 19.15 -38.23
CA TRP A 1409 81.45 18.00 -38.38
C TRP A 1409 81.13 17.75 -39.85
N GLU A 1410 80.84 18.81 -40.59
CA GLU A 1410 80.58 18.66 -42.02
C GLU A 1410 81.77 18.03 -42.72
N SER A 1411 82.98 18.51 -42.39
CA SER A 1411 84.19 17.93 -42.98
C SER A 1411 84.32 16.46 -42.62
N LEU A 1412 84.06 16.12 -41.35
CA LEU A 1412 84.20 14.74 -40.91
C LEU A 1412 83.22 13.83 -41.64
N PHE A 1413 82.00 14.32 -41.88
CA PHE A 1413 81.02 13.50 -42.58
C PHE A 1413 81.52 13.10 -43.96
N SER A 1414 82.10 14.07 -44.70
CA SER A 1414 82.63 13.75 -46.00
C SER A 1414 83.74 12.71 -45.92
N ARG A 1415 84.59 12.82 -44.90
CA ARG A 1415 85.69 11.87 -44.75
C ARG A 1415 85.20 10.45 -44.56
N VAL A 1416 83.96 10.28 -44.09
CA VAL A 1416 83.38 8.95 -43.93
C VAL A 1416 82.27 8.71 -44.96
N SER A 1417 82.24 9.47 -46.05
CA SER A 1417 81.30 9.24 -47.15
C SER A 1417 79.86 9.18 -46.63
N LEU A 1418 79.54 10.06 -45.69
CA LEU A 1418 78.22 10.12 -45.08
C LEU A 1418 77.55 11.44 -45.47
N ARG A 1419 76.25 11.36 -45.72
CA ARG A 1419 75.48 12.50 -46.22
C ARG A 1419 74.49 12.95 -45.16
N LEU A 1420 74.57 14.24 -44.81
CA LEU A 1420 73.68 14.85 -43.85
C LEU A 1420 72.37 15.25 -44.55
N VAL A 1421 71.26 14.69 -44.08
CA VAL A 1421 69.98 14.93 -44.71
C VAL A 1421 69.22 15.99 -43.93
N GLY A 1422 69.44 16.06 -42.63
CA GLY A 1422 68.75 17.01 -41.79
C GLY A 1422 69.65 17.54 -40.70
N LEU A 1423 69.25 18.68 -40.14
CA LEU A 1423 70.01 19.31 -39.06
C LEU A 1423 69.08 20.25 -38.32
N LYS A 1424 68.75 19.91 -37.08
CA LYS A 1424 67.98 20.76 -36.19
C LYS A 1424 68.94 21.38 -35.19
N LYS A 1425 68.94 22.70 -35.09
CA LYS A 1425 69.86 23.42 -34.23
C LYS A 1425 69.09 24.34 -33.30
N SER A 1426 69.54 24.41 -32.04
CA SER A 1426 68.90 25.24 -31.04
C SER A 1426 69.54 26.63 -31.02
N PHE A 1427 68.99 27.52 -30.20
CA PHE A 1427 69.50 28.89 -30.13
C PHE A 1427 70.83 28.96 -29.39
N TYR A 1428 71.11 27.99 -28.52
CA TYR A 1428 72.30 28.03 -27.68
C TYR A 1428 73.36 27.03 -28.14
N GLY A 1429 73.38 26.69 -29.42
CA GLY A 1429 74.43 25.89 -30.01
C GLY A 1429 74.15 24.40 -30.07
N SER A 1430 73.16 23.91 -29.34
CA SER A 1430 72.85 22.48 -29.38
C SER A 1430 72.36 22.09 -30.77
N THR A 1431 72.86 20.97 -31.27
CA THR A 1431 72.51 20.50 -32.60
C THR A 1431 72.15 19.02 -32.54
N LEU A 1432 71.30 18.61 -33.49
CA LEU A 1432 70.82 17.24 -33.61
C LEU A 1432 71.03 16.82 -35.06
N PHE A 1433 72.16 16.19 -35.35
CA PHE A 1433 72.50 15.82 -36.72
C PHE A 1433 71.78 14.56 -37.14
N LEU A 1434 71.43 14.50 -38.42
CA LEU A 1434 70.77 13.35 -39.01
C LEU A 1434 71.36 13.11 -40.39
N CYS A 1435 72.29 12.16 -40.49
CA CYS A 1435 72.93 11.81 -41.74
C CYS A 1435 72.64 10.35 -42.08
N ARG A 1436 72.56 10.07 -43.38
CA ARG A 1436 72.26 8.72 -43.85
C ARG A 1436 73.40 8.21 -44.72
N ARG A 1437 73.63 6.91 -44.67
CA ARG A 1437 74.65 6.30 -45.51
C ARG A 1437 74.19 6.29 -46.95
N PRO A 1438 75.03 6.70 -47.91
CA PRO A 1438 74.58 6.70 -49.31
C PRO A 1438 74.16 5.32 -49.78
N THR A 1439 73.57 5.25 -50.98
CA THR A 1439 73.19 4.02 -51.61
C THR A 1439 73.72 4.01 -53.04
N PRO A 1440 73.98 2.83 -53.62
CA PRO A 1440 74.47 2.79 -55.00
C PRO A 1440 73.59 3.60 -55.94
N GLN A 1441 74.14 4.67 -56.50
CA GLN A 1441 73.37 5.53 -57.39
C GLN A 1441 72.97 4.78 -58.65
N ASP A 1442 71.70 4.91 -59.03
CA ASP A 1442 71.16 4.28 -60.21
C ASP A 1442 70.30 5.27 -60.97
N SER A 1443 70.17 5.05 -62.27
CA SER A 1443 69.37 5.92 -63.11
C SER A 1443 67.94 5.95 -62.61
N PRO A 1444 67.34 7.12 -62.37
CA PRO A 1444 65.95 7.16 -61.90
C PRO A 1444 64.96 7.23 -63.05
N ILE A 1445 63.67 7.31 -62.72
CA ILE A 1445 62.62 7.48 -63.71
C ILE A 1445 61.81 8.70 -63.33
N PHE A 1446 61.66 9.63 -64.26
CA PHE A 1446 60.93 10.88 -64.03
C PHE A 1446 59.56 10.75 -64.69
N LEU A 1447 58.55 10.45 -63.89
CA LEU A 1447 57.19 10.33 -64.37
C LEU A 1447 56.37 11.51 -63.87
N PRO A 1448 55.99 12.46 -64.72
CA PRO A 1448 55.12 13.54 -64.23
C PRO A 1448 53.74 13.03 -63.87
N VAL A 1449 53.12 13.71 -62.90
CA VAL A 1449 51.78 13.36 -62.44
C VAL A 1449 50.83 14.54 -62.41
N ASP A 1450 51.31 15.76 -62.70
CA ASP A 1450 50.45 16.93 -62.62
C ASP A 1450 49.29 16.86 -63.61
N ASP A 1451 49.40 16.07 -64.67
CA ASP A 1451 48.37 16.04 -65.69
C ASP A 1451 47.05 15.59 -65.11
N THR A 1452 45.97 16.25 -65.53
CA THR A 1452 44.63 15.82 -65.17
C THR A 1452 44.25 14.60 -66.01
N SER A 1453 43.04 14.10 -65.79
CA SER A 1453 42.51 12.89 -66.42
C SER A 1453 43.14 11.61 -65.85
N PHE A 1454 44.16 11.74 -65.00
CA PHE A 1454 44.79 10.59 -64.36
C PHE A 1454 45.33 9.58 -65.36
N ARG A 1455 45.57 9.98 -66.61
CA ARG A 1455 46.10 9.04 -67.59
C ARG A 1455 47.50 8.59 -67.24
N TRP A 1456 48.25 9.39 -66.47
CA TRP A 1456 49.60 9.01 -66.09
C TRP A 1456 49.63 7.74 -65.26
N VAL A 1457 48.50 7.36 -64.66
CA VAL A 1457 48.47 6.14 -63.85
C VAL A 1457 48.85 4.95 -64.69
N GLU A 1458 48.45 4.94 -65.96
CA GLU A 1458 48.81 3.82 -66.83
C GLU A 1458 50.31 3.68 -66.96
N SER A 1459 51.01 4.80 -67.15
CA SER A 1459 52.47 4.73 -67.27
C SER A 1459 53.10 4.19 -66.01
N LEU A 1460 52.68 4.71 -64.85
CA LEU A 1460 53.24 4.24 -63.59
C LEU A 1460 52.98 2.74 -63.40
N LYS A 1461 51.78 2.29 -63.74
CA LYS A 1461 51.49 0.87 -63.65
C LYS A 1461 52.41 0.07 -64.57
N GLY A 1462 52.63 0.58 -65.78
CA GLY A 1462 53.57 -0.07 -66.68
C GLY A 1462 54.97 -0.08 -66.13
N ILE A 1463 55.41 1.03 -65.55
CA ILE A 1463 56.77 1.11 -65.01
C ILE A 1463 56.93 0.11 -63.87
N LEU A 1464 55.98 0.09 -62.94
CA LEU A 1464 56.08 -0.80 -61.80
C LEU A 1464 55.89 -2.27 -62.17
N ALA A 1465 55.49 -2.56 -63.41
CA ALA A 1465 55.32 -3.96 -63.82
C ALA A 1465 56.65 -4.70 -63.79
N ASP A 1466 57.74 -4.01 -64.07
CA ASP A 1466 59.05 -4.65 -64.12
C ASP A 1466 59.55 -4.96 -62.72
N GLU A 1467 59.10 -6.10 -62.15
CA GLU A 1467 59.53 -6.46 -60.81
C GLU A 1467 61.04 -6.67 -60.75
N ASP A 1468 61.61 -7.21 -61.82
CA ASP A 1468 63.06 -7.41 -61.84
C ASP A 1468 63.81 -6.10 -61.77
N SER A 1469 63.32 -5.08 -62.47
CA SER A 1469 64.01 -3.80 -62.50
C SER A 1469 64.10 -3.21 -61.10
N SER A 1470 65.22 -2.54 -60.82
CA SER A 1470 65.46 -1.95 -59.50
C SER A 1470 65.78 -0.47 -59.58
N ARG A 1471 65.59 0.16 -60.74
CA ARG A 1471 65.79 1.60 -60.84
C ARG A 1471 64.73 2.33 -59.99
N PRO A 1472 65.10 3.40 -59.29
CA PRO A 1472 64.10 4.15 -58.53
C PRO A 1472 63.16 4.92 -59.45
N VAL A 1473 61.96 5.18 -58.93
CA VAL A 1473 60.92 5.93 -59.66
C VAL A 1473 60.65 7.21 -58.88
N TRP A 1474 60.71 8.35 -59.58
CA TRP A 1474 60.57 9.66 -58.96
C TRP A 1474 59.35 10.37 -59.53
N LEU A 1475 58.21 10.27 -58.84
CA LEU A 1475 57.00 10.94 -59.25
C LEU A 1475 57.19 12.44 -59.08
N LYS A 1476 56.85 13.20 -60.13
CA LYS A 1476 57.13 14.63 -60.19
C LYS A 1476 55.82 15.38 -60.38
N ALA A 1477 55.59 16.40 -59.55
CA ALA A 1477 54.39 17.21 -59.60
C ALA A 1477 54.80 18.66 -59.40
N ILE A 1478 54.93 19.42 -60.48
CA ILE A 1478 55.47 20.77 -60.39
C ILE A 1478 54.56 21.78 -61.10
N ASN A 1479 53.25 21.50 -61.11
CA ASN A 1479 52.29 22.41 -61.74
C ASN A 1479 51.03 22.63 -60.93
N CYS A 1480 50.89 22.03 -59.75
CA CYS A 1480 49.71 22.23 -58.93
C CYS A 1480 50.12 22.07 -57.46
N ALA A 1481 49.91 23.13 -56.67
CA ALA A 1481 50.15 23.03 -55.24
C ALA A 1481 49.14 22.12 -54.56
N THR A 1482 48.01 21.85 -55.22
CA THR A 1482 46.96 21.00 -54.68
C THR A 1482 47.14 19.53 -55.02
N SER A 1483 48.18 19.17 -55.77
CA SER A 1483 48.42 17.78 -56.09
C SER A 1483 48.67 16.98 -54.82
N GLY A 1484 48.00 15.84 -54.71
CA GLY A 1484 48.08 15.03 -53.51
C GLY A 1484 49.03 13.85 -53.66
N VAL A 1485 50.18 14.08 -54.29
CA VAL A 1485 51.13 12.99 -54.49
C VAL A 1485 51.64 12.47 -53.15
N VAL A 1486 51.63 13.32 -52.12
CA VAL A 1486 52.11 12.90 -50.81
C VAL A 1486 51.27 11.75 -50.29
N GLY A 1487 49.95 11.85 -50.41
CA GLY A 1487 49.09 10.74 -50.03
C GLY A 1487 49.23 9.55 -50.92
N LEU A 1488 49.61 9.76 -52.19
CA LEU A 1488 49.73 8.63 -53.10
C LEU A 1488 50.93 7.76 -52.76
N VAL A 1489 52.08 8.39 -52.51
CA VAL A 1489 53.30 7.61 -52.32
C VAL A 1489 53.20 6.76 -51.06
N ASN A 1490 52.55 7.28 -50.02
CA ASN A 1490 52.43 6.52 -48.78
C ASN A 1490 51.66 5.22 -49.00
N CYS A 1491 50.56 5.29 -49.74
CA CYS A 1491 49.74 4.10 -49.92
C CYS A 1491 50.47 3.04 -50.73
N LEU A 1492 51.22 3.45 -51.76
CA LEU A 1492 51.93 2.48 -52.60
C LEU A 1492 53.06 1.80 -51.84
N ARG A 1493 53.71 2.52 -50.93
CA ARG A 1493 54.91 1.98 -50.29
C ARG A 1493 54.59 0.77 -49.42
N ARG A 1494 53.32 0.51 -49.12
CA ARG A 1494 52.93 -0.70 -48.43
C ARG A 1494 52.56 -1.83 -49.38
N GLU A 1495 52.63 -1.58 -50.69
CA GLU A 1495 52.32 -2.56 -51.72
C GLU A 1495 53.59 -3.04 -52.38
N PRO A 1496 53.55 -4.17 -53.09
CA PRO A 1496 54.75 -4.66 -53.76
C PRO A 1496 55.30 -3.62 -54.72
N GLY A 1497 56.63 -3.53 -54.79
CA GLY A 1497 57.28 -2.58 -55.67
C GLY A 1497 57.26 -1.16 -55.18
N GLY A 1498 56.78 -0.91 -53.96
CA GLY A 1498 56.73 0.44 -53.43
C GLY A 1498 58.06 0.98 -52.95
N ASN A 1499 59.08 0.13 -52.85
CA ASN A 1499 60.38 0.60 -52.39
C ASN A 1499 60.96 1.64 -53.35
N ARG A 1500 60.80 1.43 -54.66
CA ARG A 1500 61.38 2.33 -55.66
C ARG A 1500 60.75 3.71 -55.65
N LEU A 1501 59.54 3.86 -55.15
CA LEU A 1501 58.82 5.11 -55.28
C LEU A 1501 59.51 6.23 -54.49
N ARG A 1502 59.58 7.40 -55.10
CA ARG A 1502 60.06 8.61 -54.44
C ARG A 1502 59.35 9.79 -55.09
N CYS A 1503 59.11 10.84 -54.31
CA CYS A 1503 58.20 11.92 -54.70
C CYS A 1503 58.92 13.25 -54.82
N VAL A 1504 58.30 14.18 -55.54
CA VAL A 1504 58.74 15.57 -55.61
C VAL A 1504 57.51 16.44 -55.78
N LEU A 1505 57.30 17.38 -54.87
CA LEU A 1505 56.12 18.23 -54.87
C LEU A 1505 56.51 19.68 -54.63
N LEU A 1506 55.84 20.59 -55.33
CA LEU A 1506 56.02 22.02 -55.16
C LEU A 1506 54.68 22.63 -54.78
N SER A 1507 54.55 23.05 -53.52
CA SER A 1507 53.27 23.45 -52.95
C SER A 1507 53.38 24.81 -52.25
N ASN A 1508 53.89 25.80 -52.98
CA ASN A 1508 53.96 27.15 -52.43
C ASN A 1508 52.56 27.71 -52.20
N LEU A 1509 52.31 28.12 -50.96
CA LEU A 1509 51.00 28.64 -50.56
C LEU A 1509 50.77 30.08 -50.98
N SER A 1510 51.82 30.84 -51.29
CA SER A 1510 51.70 32.24 -51.64
C SER A 1510 52.27 32.45 -53.04
N SER A 1511 51.57 33.25 -53.84
CA SER A 1511 52.02 33.49 -55.21
C SER A 1511 53.38 34.18 -55.23
N THR A 1512 53.59 35.13 -54.31
CA THR A 1512 54.85 35.87 -54.30
C THR A 1512 56.04 34.95 -54.06
N SER A 1513 55.81 33.79 -53.46
CA SER A 1513 56.92 32.88 -53.17
C SER A 1513 57.59 32.44 -54.45
N HIS A 1514 58.92 32.30 -54.39
CA HIS A 1514 59.67 31.84 -55.55
C HIS A 1514 59.29 30.41 -55.90
N VAL A 1515 59.33 30.10 -57.19
CA VAL A 1515 59.03 28.76 -57.68
C VAL A 1515 60.30 28.20 -58.33
N PRO A 1516 61.02 27.28 -57.69
CA PRO A 1516 62.26 26.78 -58.26
C PRO A 1516 62.01 25.85 -59.43
N GLU A 1517 63.09 25.53 -60.14
CA GLU A 1517 63.06 24.60 -61.26
C GLU A 1517 63.73 23.30 -60.86
N VAL A 1518 63.07 22.18 -61.15
CA VAL A 1518 63.54 20.86 -60.73
C VAL A 1518 64.01 20.07 -61.93
N ASP A 1519 64.48 20.77 -62.96
CA ASP A 1519 64.97 20.09 -64.15
C ASP A 1519 66.16 19.20 -63.80
N PRO A 1520 66.34 18.08 -64.51
CA PRO A 1520 67.51 17.23 -64.22
C PRO A 1520 68.82 17.97 -64.27
N GLY A 1521 68.97 18.93 -65.17
CA GLY A 1521 70.16 19.76 -65.18
C GLY A 1521 70.27 20.65 -63.95
N SER A 1522 69.14 21.14 -63.45
CA SER A 1522 69.16 22.06 -62.32
C SER A 1522 69.82 21.40 -61.11
N ALA A 1523 70.65 22.17 -60.41
CA ALA A 1523 71.38 21.62 -59.27
C ALA A 1523 70.45 21.24 -58.13
N GLU A 1524 69.29 21.89 -58.02
CA GLU A 1524 68.37 21.56 -56.93
C GLU A 1524 67.90 20.12 -57.02
N LEU A 1525 67.52 19.68 -58.23
CA LEU A 1525 67.07 18.31 -58.38
C LEU A 1525 68.19 17.34 -58.06
N GLN A 1526 69.43 17.70 -58.40
CA GLN A 1526 70.57 16.88 -58.03
C GLN A 1526 70.69 16.80 -56.51
N LYS A 1527 70.50 17.91 -55.81
CA LYS A 1527 70.59 17.90 -54.36
C LYS A 1527 69.53 16.97 -53.76
N VAL A 1528 68.28 17.16 -54.17
CA VAL A 1528 67.20 16.34 -53.59
C VAL A 1528 67.42 14.87 -53.94
N LEU A 1529 67.88 14.59 -55.16
CA LEU A 1529 68.18 13.21 -55.53
C LEU A 1529 69.27 12.63 -54.64
N GLN A 1530 70.33 13.39 -54.41
CA GLN A 1530 71.39 12.92 -53.52
C GLN A 1530 70.82 12.62 -52.13
N GLY A 1531 69.88 13.43 -51.67
CA GLY A 1531 69.27 13.16 -50.39
C GLY A 1531 68.66 11.77 -50.34
N ASP A 1532 67.94 11.40 -51.40
CA ASP A 1532 67.28 10.10 -51.51
C ASP A 1532 66.17 9.92 -50.50
N LEU A 1533 65.66 11.00 -49.92
CA LEU A 1533 64.49 10.90 -49.06
C LEU A 1533 63.24 10.67 -49.88
N VAL A 1534 62.33 9.86 -49.33
CA VAL A 1534 61.10 9.52 -50.05
C VAL A 1534 60.29 10.79 -50.31
N MET A 1535 60.12 11.62 -49.30
CA MET A 1535 59.30 12.81 -49.38
C MET A 1535 60.17 14.04 -49.64
N ASN A 1536 59.82 14.80 -50.67
CA ASN A 1536 60.56 16.01 -51.04
C ASN A 1536 59.54 17.08 -51.39
N VAL A 1537 59.03 17.77 -50.38
CA VAL A 1537 58.00 18.79 -50.53
C VAL A 1537 58.65 20.15 -50.35
N TYR A 1538 58.42 21.04 -51.31
CA TYR A 1538 58.99 22.37 -51.30
C TYR A 1538 57.89 23.37 -50.94
N ARG A 1539 58.10 24.13 -49.87
CA ARG A 1539 57.10 25.10 -49.41
C ARG A 1539 57.84 26.35 -48.93
N ASP A 1540 57.74 27.42 -49.71
CA ASP A 1540 58.29 28.72 -49.34
C ASP A 1540 59.80 28.63 -49.07
N GLY A 1541 60.53 28.31 -50.12
CA GLY A 1541 61.99 28.32 -50.04
C GLY A 1541 62.56 27.38 -49.01
N ALA A 1542 62.07 26.13 -48.98
CA ALA A 1542 62.60 25.15 -48.06
C ALA A 1542 62.24 23.76 -48.57
N TRP A 1543 63.01 22.76 -48.15
CA TRP A 1543 62.81 21.38 -48.55
C TRP A 1543 62.58 20.55 -47.31
N GLY A 1544 61.39 19.99 -47.19
CA GLY A 1544 61.04 19.18 -46.05
C GLY A 1544 59.87 18.29 -46.35
N ALA A 1545 59.31 17.69 -45.30
CA ALA A 1545 58.18 16.79 -45.45
C ALA A 1545 57.25 16.98 -44.27
N PHE A 1546 56.00 16.58 -44.45
CA PHE A 1546 54.98 16.71 -43.42
C PHE A 1546 55.23 15.67 -42.34
N ARG A 1547 55.03 16.08 -41.08
CA ARG A 1547 55.27 15.20 -39.95
C ARG A 1547 54.11 15.27 -38.97
N HIS A 1548 53.94 14.20 -38.20
CA HIS A 1548 52.94 14.15 -37.16
C HIS A 1548 53.54 14.60 -35.83
N PHE A 1549 52.74 15.35 -35.06
CA PHE A 1549 53.15 15.80 -33.74
C PHE A 1549 51.98 15.63 -32.79
N LEU A 1550 52.28 15.17 -31.57
CA LEU A 1550 51.22 15.05 -30.57
C LEU A 1550 50.65 16.42 -30.25
N LEU A 1551 49.34 16.47 -30.08
CA LEU A 1551 48.64 17.72 -29.82
C LEU A 1551 48.76 18.10 -28.35
N GLU A 1552 48.85 19.39 -28.09
CA GLU A 1552 48.88 19.88 -26.72
C GLU A 1552 47.65 19.39 -25.97
N GLU A 1553 47.86 18.86 -24.76
CA GLU A 1553 46.77 18.26 -24.01
C GLU A 1553 45.77 19.28 -23.49
N ASP A 1554 46.23 20.49 -23.19
CA ASP A 1554 45.35 21.48 -22.56
C ASP A 1554 44.18 21.81 -23.47
N LYS A 1555 43.00 21.97 -22.87
CA LYS A 1555 41.81 22.33 -23.62
C LYS A 1555 41.79 23.83 -23.86
N PRO A 1556 41.65 24.29 -25.10
CA PRO A 1556 41.80 25.73 -25.36
C PRO A 1556 40.76 26.55 -24.61
N GLU A 1557 41.18 27.74 -24.18
CA GLU A 1557 40.33 28.66 -23.45
C GLU A 1557 40.40 30.04 -24.09
N GLU A 1558 39.28 30.74 -24.08
CA GLU A 1558 39.15 32.05 -24.69
C GLU A 1558 38.32 32.95 -23.80
N PRO A 1559 38.54 34.27 -23.85
CA PRO A 1559 37.73 35.18 -23.03
C PRO A 1559 36.30 35.22 -23.51
N THR A 1560 35.38 35.47 -22.58
CA THR A 1560 33.96 35.51 -22.91
C THR A 1560 33.21 36.23 -21.81
N ALA A 1561 31.98 36.62 -22.13
CA ALA A 1561 31.05 37.20 -21.17
C ALA A 1561 29.86 36.31 -20.90
N HIS A 1562 29.93 35.03 -21.30
CA HIS A 1562 28.84 34.07 -21.08
C HIS A 1562 29.50 32.70 -20.87
N ALA A 1563 29.39 32.18 -19.65
CA ALA A 1563 29.97 30.89 -19.32
C ALA A 1563 29.05 30.16 -18.36
N PHE A 1564 29.13 28.83 -18.38
CA PHE A 1564 28.39 28.00 -17.45
C PHE A 1564 29.33 26.96 -16.84
N VAL A 1565 29.07 26.63 -15.58
CA VAL A 1565 29.85 25.65 -14.85
C VAL A 1565 29.39 24.26 -15.25
N SER A 1566 30.33 23.40 -15.65
CA SER A 1566 29.97 22.07 -16.09
C SER A 1566 31.05 21.09 -15.65
N THR A 1567 30.64 19.83 -15.50
CA THR A 1567 31.54 18.74 -15.14
C THR A 1567 31.98 18.04 -16.42
N LEU A 1568 33.27 18.15 -16.76
CA LEU A 1568 33.76 17.51 -17.97
C LEU A 1568 33.65 16.00 -17.88
N THR A 1569 33.93 15.43 -16.71
CA THR A 1569 33.76 14.01 -16.45
C THR A 1569 32.65 13.83 -15.43
N ARG A 1570 31.66 13.00 -15.76
CA ARG A 1570 30.57 12.75 -14.84
C ARG A 1570 31.12 12.17 -13.54
N GLY A 1571 30.55 12.63 -12.42
CA GLY A 1571 30.85 12.05 -11.14
C GLY A 1571 32.21 12.38 -10.57
N ASP A 1572 32.90 13.36 -11.12
CA ASP A 1572 34.22 13.77 -10.63
C ASP A 1572 34.17 15.28 -10.37
N LEU A 1573 33.94 15.65 -9.11
CA LEU A 1573 33.85 17.07 -8.76
C LEU A 1573 35.12 17.83 -9.13
N SER A 1574 36.26 17.13 -9.22
CA SER A 1574 37.51 17.78 -9.59
C SER A 1574 37.54 18.25 -11.03
N SER A 1575 36.56 17.84 -11.85
CA SER A 1575 36.51 18.22 -13.26
C SER A 1575 35.66 19.46 -13.51
N ILE A 1576 35.15 20.10 -12.45
CA ILE A 1576 34.28 21.26 -12.64
C ILE A 1576 35.10 22.43 -13.16
N ARG A 1577 34.65 23.01 -14.26
CA ARG A 1577 35.32 24.16 -14.85
C ARG A 1577 34.31 24.97 -15.66
N TRP A 1578 34.67 26.21 -15.94
CA TRP A 1578 33.83 27.12 -16.72
C TRP A 1578 33.93 26.79 -18.19
N VAL A 1579 32.79 26.79 -18.88
CA VAL A 1579 32.71 26.50 -20.30
C VAL A 1579 31.81 27.52 -20.97
N CYS A 1580 32.20 27.94 -22.17
CA CYS A 1580 31.45 28.96 -22.87
C CYS A 1580 30.01 28.50 -23.13
N SER A 1581 29.08 29.44 -23.04
CA SER A 1581 27.65 29.16 -23.11
C SER A 1581 27.09 29.58 -24.46
N SER A 1582 26.02 28.89 -24.88
CA SER A 1582 25.37 29.21 -26.13
C SER A 1582 24.74 30.59 -26.14
N LEU A 1583 24.50 31.18 -24.96
CA LEU A 1583 23.92 32.52 -24.87
C LEU A 1583 24.80 33.57 -25.52
N ARG A 1584 26.01 33.23 -25.94
CA ARG A 1584 26.87 34.18 -26.63
C ARG A 1584 26.15 34.79 -27.83
N HIS A 1585 25.38 33.98 -28.55
CA HIS A 1585 24.73 34.40 -29.82
C HIS A 1585 23.38 35.05 -29.53
N ALA A 1586 22.72 34.70 -28.43
CA ALA A 1586 21.42 35.29 -28.03
C ALA A 1586 20.33 34.75 -28.95
N GLN A 1587 20.64 33.66 -29.67
CA GLN A 1587 19.64 33.00 -30.53
C GLN A 1587 18.52 32.50 -29.62
N PRO A 1588 18.82 31.96 -28.42
CA PRO A 1588 17.78 31.57 -27.47
C PRO A 1588 17.00 32.84 -27.10
N THR A 1589 17.70 33.96 -26.90
CA THR A 1589 17.05 35.25 -26.51
C THR A 1589 15.91 35.55 -27.47
N CYS A 1590 14.79 36.05 -26.97
CA CYS A 1590 13.54 36.30 -27.73
C CYS A 1590 12.43 36.95 -26.92
N PRO A 1591 11.37 37.53 -27.52
CA PRO A 1591 10.27 38.10 -26.76
C PRO A 1591 9.58 37.09 -25.86
N GLY A 1592 9.13 37.48 -24.66
CA GLY A 1592 8.59 36.54 -23.68
C GLY A 1592 9.74 35.95 -22.89
N ALA A 1593 10.97 36.42 -23.14
CA ALA A 1593 12.19 36.00 -22.43
C ALA A 1593 13.13 37.19 -22.41
N GLN A 1594 14.17 37.16 -21.58
CA GLN A 1594 15.10 38.27 -21.48
C GLN A 1594 16.35 37.81 -20.74
N LEU A 1595 17.50 38.27 -21.21
CA LEU A 1595 18.78 37.86 -20.67
C LEU A 1595 19.14 38.75 -19.48
N CYS A 1596 19.41 38.12 -18.33
CA CYS A 1596 19.71 38.82 -17.10
C CYS A 1596 21.09 38.42 -16.61
N THR A 1597 21.90 39.41 -16.25
CA THR A 1597 23.21 39.14 -15.66
C THR A 1597 23.04 38.45 -14.31
N VAL A 1598 23.99 37.58 -13.98
CA VAL A 1598 23.94 36.79 -12.76
C VAL A 1598 25.08 37.24 -11.85
N TYR A 1599 24.73 37.66 -10.64
CA TYR A 1599 25.69 38.07 -9.63
C TYR A 1599 25.94 37.00 -8.58
N TYR A 1600 24.91 36.27 -8.18
CA TYR A 1600 25.05 35.17 -7.24
C TYR A 1600 24.19 34.01 -7.70
N ALA A 1601 24.70 32.79 -7.53
CA ALA A 1601 23.97 31.57 -7.84
C ALA A 1601 24.04 30.65 -6.64
N SER A 1602 22.92 30.03 -6.31
CA SER A 1602 22.84 29.15 -5.15
C SER A 1602 23.01 27.70 -5.58
N LEU A 1603 23.55 26.91 -4.65
CA LEU A 1603 23.78 25.49 -4.86
C LEU A 1603 22.76 24.72 -4.04
N ASN A 1604 21.96 23.89 -4.70
CA ASN A 1604 20.97 23.05 -4.05
C ASN A 1604 21.46 21.61 -4.01
N PHE A 1605 20.65 20.76 -3.36
CA PHE A 1605 21.00 19.35 -3.24
C PHE A 1605 21.04 18.67 -4.60
N ARG A 1606 20.11 19.01 -5.48
CA ARG A 1606 20.04 18.38 -6.79
C ARG A 1606 21.29 18.65 -7.61
N ASP A 1607 21.85 19.86 -7.48
CA ASP A 1607 23.09 20.17 -8.19
C ASP A 1607 24.21 19.26 -7.71
N ILE A 1608 24.31 19.04 -6.40
CA ILE A 1608 25.33 18.15 -5.86
C ILE A 1608 25.10 16.74 -6.37
N MET A 1609 23.84 16.30 -6.45
CA MET A 1609 23.55 14.96 -6.93
C MET A 1609 24.00 14.81 -8.39
N LEU A 1610 23.73 15.81 -9.21
CA LEU A 1610 24.14 15.74 -10.62
C LEU A 1610 25.66 15.74 -10.74
N ALA A 1611 26.33 16.55 -9.92
CA ALA A 1611 27.78 16.63 -10.01
C ALA A 1611 28.44 15.33 -9.56
N THR A 1612 27.96 14.76 -8.45
CA THR A 1612 28.50 13.51 -7.94
C THR A 1612 28.17 12.32 -8.82
N GLY A 1613 27.23 12.45 -9.74
CA GLY A 1613 26.87 11.38 -10.64
C GLY A 1613 25.76 10.47 -10.15
N LYS A 1614 25.20 10.72 -8.97
CA LYS A 1614 24.14 9.87 -8.44
C LYS A 1614 22.81 10.05 -9.17
N LEU A 1615 22.59 11.19 -9.83
CA LEU A 1615 21.32 11.47 -10.48
C LEU A 1615 21.57 11.74 -11.96
N SER A 1616 20.89 11.02 -12.81
CA SER A 1616 21.09 11.14 -14.25
C SER A 1616 20.49 12.44 -14.78
N PRO A 1617 21.02 12.96 -15.88
CA PRO A 1617 20.44 14.18 -16.45
C PRO A 1617 18.98 14.03 -16.85
N ASP A 1618 18.59 12.85 -17.33
CA ASP A 1618 17.22 12.65 -17.81
C ASP A 1618 16.21 12.84 -16.69
N ALA A 1619 16.62 12.59 -15.45
CA ALA A 1619 15.68 12.70 -14.33
C ALA A 1619 15.08 14.09 -14.21
N ILE A 1620 15.74 15.10 -14.75
CA ILE A 1620 15.24 16.47 -14.67
C ILE A 1620 14.08 16.61 -15.65
N PRO A 1621 12.88 16.97 -15.21
CA PRO A 1621 11.77 17.13 -16.14
C PRO A 1621 12.09 18.18 -17.21
N GLY A 1622 11.60 17.93 -18.42
CA GLY A 1622 11.84 18.80 -19.54
C GLY A 1622 12.75 18.16 -20.57
N LYS A 1623 12.73 18.72 -21.78
CA LYS A 1623 13.54 18.23 -22.88
C LYS A 1623 14.94 18.84 -22.77
N TRP A 1624 15.93 18.01 -22.48
CA TRP A 1624 17.30 18.46 -22.28
C TRP A 1624 18.23 17.70 -23.23
N THR A 1625 19.18 18.43 -23.80
CA THR A 1625 20.14 17.82 -24.71
C THR A 1625 21.02 16.82 -23.97
N SER A 1626 21.51 15.82 -24.70
CA SER A 1626 22.33 14.79 -24.09
C SER A 1626 23.57 15.40 -23.44
N GLN A 1627 24.17 16.41 -24.08
CA GLN A 1627 25.32 17.13 -23.55
C GLN A 1627 24.89 18.54 -23.20
N ASP A 1628 24.83 18.83 -21.90
CA ASP A 1628 24.48 20.15 -21.39
C ASP A 1628 24.64 20.13 -19.88
N SER A 1629 24.86 21.31 -19.31
CA SER A 1629 25.01 21.47 -17.87
C SER A 1629 23.69 21.94 -17.28
N LEU A 1630 23.17 21.16 -16.32
CA LEU A 1630 21.89 21.48 -15.70
C LEU A 1630 22.08 21.85 -14.24
N LEU A 1631 23.14 22.61 -13.94
CA LEU A 1631 23.47 22.98 -12.58
C LEU A 1631 22.96 24.39 -12.29
N GLY A 1632 22.14 24.51 -11.25
CA GLY A 1632 21.64 25.81 -10.82
C GLY A 1632 20.16 25.97 -11.01
N MET A 1633 19.46 26.44 -9.98
CA MET A 1633 18.03 26.71 -10.05
C MET A 1633 17.68 28.11 -9.57
N GLU A 1634 18.47 28.69 -8.68
CA GLU A 1634 18.27 30.05 -8.20
C GLU A 1634 19.33 30.97 -8.77
N PHE A 1635 19.14 32.27 -8.57
CA PHE A 1635 20.15 33.27 -8.88
C PHE A 1635 19.63 34.62 -8.41
N SER A 1636 20.53 35.60 -8.40
CA SER A 1636 20.19 36.97 -8.05
C SER A 1636 21.11 37.91 -8.79
N GLY A 1637 20.54 38.73 -9.66
CA GLY A 1637 21.34 39.62 -10.49
C GLY A 1637 20.49 40.73 -11.06
N ARG A 1638 21.09 41.47 -11.99
CA ARG A 1638 20.42 42.62 -12.58
C ARG A 1638 19.78 42.26 -13.90
N ASP A 1639 18.55 42.74 -14.09
CA ASP A 1639 17.89 42.59 -15.37
C ASP A 1639 18.64 43.38 -16.44
N ALA A 1640 18.23 43.21 -17.69
CA ALA A 1640 18.89 43.93 -18.78
C ALA A 1640 18.77 45.44 -18.63
N SER A 1641 17.84 45.92 -17.83
CA SER A 1641 17.64 47.35 -17.60
C SER A 1641 18.31 47.83 -16.32
N GLY A 1642 19.10 46.99 -15.66
CA GLY A 1642 19.79 47.37 -14.44
C GLY A 1642 19.01 47.14 -13.16
N LYS A 1643 17.75 46.73 -13.26
CA LYS A 1643 16.95 46.49 -12.06
C LYS A 1643 17.46 45.26 -11.32
N ARG A 1644 17.46 45.32 -10.00
CA ARG A 1644 17.92 44.22 -9.17
C ARG A 1644 16.79 43.21 -9.01
N VAL A 1645 17.01 41.98 -9.49
CA VAL A 1645 15.99 40.96 -9.52
C VAL A 1645 16.56 39.63 -9.02
N MET A 1646 15.65 38.75 -8.61
CA MET A 1646 15.98 37.39 -8.23
C MET A 1646 15.02 36.46 -8.95
N GLY A 1647 15.55 35.35 -9.47
CA GLY A 1647 14.76 34.49 -10.32
C GLY A 1647 14.71 33.03 -9.91
N LEU A 1648 14.21 32.20 -10.80
CA LEU A 1648 14.04 30.77 -10.55
C LEU A 1648 13.94 30.07 -11.89
N VAL A 1649 14.88 29.18 -12.17
CA VAL A 1649 14.97 28.54 -13.48
C VAL A 1649 15.00 27.02 -13.34
N PRO A 1650 14.55 26.27 -14.34
CA PRO A 1650 14.64 24.81 -14.26
C PRO A 1650 16.06 24.30 -14.20
N ALA A 1651 16.99 24.99 -14.86
CA ALA A 1651 18.38 24.56 -14.90
C ALA A 1651 19.18 25.67 -15.59
N LYS A 1652 20.50 25.52 -15.56
CA LYS A 1652 21.44 26.46 -16.16
C LYS A 1652 21.53 27.77 -15.39
N GLY A 1653 21.05 27.80 -14.15
CA GLY A 1653 21.16 29.03 -13.36
C GLY A 1653 22.58 29.37 -13.00
N LEU A 1654 23.40 28.36 -12.72
CA LEU A 1654 24.78 28.56 -12.29
C LEU A 1654 25.61 28.93 -13.51
N ALA A 1655 25.58 30.22 -13.84
CA ALA A 1655 26.26 30.74 -15.02
C ALA A 1655 26.35 32.25 -14.90
N THR A 1656 26.96 32.87 -15.89
CA THR A 1656 27.10 34.32 -15.91
C THR A 1656 25.97 35.02 -16.63
N SER A 1657 24.97 34.28 -17.11
CA SER A 1657 23.81 34.88 -17.74
C SER A 1657 22.75 33.81 -17.90
N VAL A 1658 21.50 34.19 -17.63
CA VAL A 1658 20.37 33.28 -17.71
C VAL A 1658 19.26 33.91 -18.52
N LEU A 1659 18.62 33.10 -19.35
CA LEU A 1659 17.50 33.51 -20.18
C LEU A 1659 16.24 32.84 -19.66
N LEU A 1660 15.27 33.64 -19.23
CA LEU A 1660 14.06 33.10 -18.61
C LEU A 1660 12.89 34.03 -18.87
N SER A 1661 11.69 33.48 -18.71
CA SER A 1661 10.49 34.27 -18.87
C SER A 1661 10.37 35.31 -17.76
N PRO A 1662 9.83 36.50 -18.05
CA PRO A 1662 9.72 37.52 -17.00
C PRO A 1662 8.80 37.12 -15.86
N ASP A 1663 8.08 36.00 -15.97
CA ASP A 1663 7.16 35.61 -14.91
C ASP A 1663 7.87 34.94 -13.74
N PHE A 1664 9.14 34.57 -13.90
CA PHE A 1664 9.91 33.92 -12.86
C PHE A 1664 10.93 34.86 -12.23
N LEU A 1665 10.65 36.16 -12.18
CA LEU A 1665 11.56 37.14 -11.62
C LEU A 1665 10.83 37.98 -10.58
N TRP A 1666 11.49 38.23 -9.46
CA TRP A 1666 11.02 39.16 -8.44
C TRP A 1666 11.93 40.38 -8.39
N ASP A 1667 11.51 41.37 -7.62
CA ASP A 1667 12.30 42.57 -7.38
C ASP A 1667 12.86 42.52 -5.96
N VAL A 1668 14.18 42.65 -5.85
CA VAL A 1668 14.83 42.61 -4.55
C VAL A 1668 14.58 43.94 -3.84
N PRO A 1669 13.99 43.94 -2.64
CA PRO A 1669 13.76 45.20 -1.95
C PRO A 1669 15.05 45.99 -1.78
N SER A 1670 14.90 47.28 -1.46
CA SER A 1670 16.06 48.13 -1.25
C SER A 1670 16.91 47.64 -0.08
N ASN A 1671 16.25 47.20 1.01
CA ASN A 1671 16.99 46.84 2.21
C ASN A 1671 17.86 45.61 1.99
N TRP A 1672 17.36 44.61 1.28
CA TRP A 1672 18.10 43.37 1.08
C TRP A 1672 19.37 43.63 0.26
N THR A 1673 20.17 42.58 0.13
CA THR A 1673 21.37 42.58 -0.69
C THR A 1673 21.39 41.35 -1.57
N LEU A 1674 21.98 41.49 -2.76
CA LEU A 1674 21.92 40.42 -3.75
C LEU A 1674 22.45 39.11 -3.19
N GLU A 1675 23.42 39.17 -2.28
CA GLU A 1675 23.91 37.96 -1.65
C GLU A 1675 22.78 37.25 -0.89
N GLU A 1676 21.99 38.03 -0.15
CA GLU A 1676 20.87 37.46 0.59
C GLU A 1676 19.79 36.95 -0.36
N ALA A 1677 19.51 37.70 -1.42
CA ALA A 1677 18.41 37.37 -2.31
C ALA A 1677 18.63 36.06 -3.05
N ALA A 1678 19.87 35.55 -3.09
CA ALA A 1678 20.15 34.33 -3.80
C ALA A 1678 19.58 33.09 -3.12
N SER A 1679 19.05 33.22 -1.91
CA SER A 1679 18.60 32.08 -1.12
C SER A 1679 17.09 32.01 -0.94
N VAL A 1680 16.35 33.05 -1.30
CA VAL A 1680 14.92 33.12 -1.05
C VAL A 1680 14.11 32.30 -2.06
N PRO A 1681 14.40 32.39 -3.37
CA PRO A 1681 13.43 31.88 -4.36
C PRO A 1681 12.96 30.44 -4.19
N VAL A 1682 13.85 29.46 -4.28
CA VAL A 1682 13.40 28.08 -4.37
C VAL A 1682 12.76 27.64 -3.06
N VAL A 1683 13.42 27.91 -1.94
CA VAL A 1683 12.94 27.40 -0.65
C VAL A 1683 11.58 28.00 -0.32
N TYR A 1684 11.43 29.31 -0.47
CA TYR A 1684 10.17 29.94 -0.13
C TYR A 1684 9.08 29.60 -1.13
N SER A 1685 9.43 29.45 -2.41
CA SER A 1685 8.44 29.05 -3.39
C SER A 1685 7.89 27.66 -3.07
N THR A 1686 8.78 26.70 -2.80
CA THR A 1686 8.31 25.35 -2.48
C THR A 1686 7.52 25.34 -1.17
N ALA A 1687 7.98 26.11 -0.17
CA ALA A 1687 7.27 26.13 1.11
C ALA A 1687 5.87 26.71 0.93
N TYR A 1688 5.75 27.85 0.26
CA TYR A 1688 4.45 28.47 0.06
C TYR A 1688 3.54 27.55 -0.74
N TYR A 1689 4.05 26.95 -1.82
CA TYR A 1689 3.24 26.02 -2.57
C TYR A 1689 2.73 24.93 -1.65
N ALA A 1690 3.66 24.13 -1.12
CA ALA A 1690 3.30 22.96 -0.33
C ALA A 1690 2.31 23.29 0.78
N LEU A 1691 2.51 24.41 1.48
CA LEU A 1691 1.63 24.73 2.59
C LEU A 1691 0.30 25.30 2.08
N VAL A 1692 0.35 26.50 1.48
CA VAL A 1692 -0.89 27.22 1.20
C VAL A 1692 -1.64 26.59 0.04
N VAL A 1693 -0.96 26.40 -1.10
CA VAL A 1693 -1.69 26.04 -2.31
C VAL A 1693 -2.21 24.61 -2.21
N ARG A 1694 -1.42 23.72 -1.64
CA ARG A 1694 -1.84 22.32 -1.54
C ARG A 1694 -2.46 22.03 -0.19
N GLY A 1695 -1.71 22.22 0.90
CA GLY A 1695 -2.22 21.89 2.21
C GLY A 1695 -3.38 22.78 2.63
N ARG A 1696 -3.33 24.05 2.27
CA ARG A 1696 -4.36 25.02 2.67
C ARG A 1696 -4.35 25.22 4.17
N VAL A 1697 -3.17 25.50 4.71
CA VAL A 1697 -3.03 25.66 6.16
C VAL A 1697 -3.85 26.85 6.62
N ARG A 1698 -4.54 26.68 7.75
CA ARG A 1698 -5.35 27.72 8.35
C ARG A 1698 -4.80 28.08 9.71
N PRO A 1699 -5.09 29.28 10.22
CA PRO A 1699 -4.54 29.70 11.50
C PRO A 1699 -4.92 28.75 12.63
N GLY A 1700 -3.97 28.54 13.54
CA GLY A 1700 -4.21 27.76 14.73
C GLY A 1700 -3.97 26.27 14.60
N GLU A 1701 -3.58 25.79 13.42
CA GLU A 1701 -3.36 24.37 13.23
C GLU A 1701 -2.00 23.95 13.80
N THR A 1702 -1.80 22.64 13.90
CA THR A 1702 -0.54 22.07 14.38
C THR A 1702 0.18 21.40 13.22
N LEU A 1703 1.48 21.69 13.10
CA LEU A 1703 2.28 21.22 11.98
C LEU A 1703 3.46 20.38 12.48
N LEU A 1704 3.98 19.54 11.60
CA LEU A 1704 5.20 18.79 11.83
C LEU A 1704 6.11 19.01 10.63
N ILE A 1705 7.13 19.84 10.82
CA ILE A 1705 8.06 20.20 9.75
C ILE A 1705 9.35 19.44 10.01
N HIS A 1706 9.69 18.53 9.11
CA HIS A 1706 10.91 17.74 9.27
C HIS A 1706 12.12 18.52 8.76
N SER A 1707 13.25 18.31 9.43
CA SER A 1707 14.51 18.96 9.07
C SER A 1707 14.36 20.49 9.07
N GLY A 1708 14.09 21.01 10.27
CA GLY A 1708 13.93 22.45 10.41
C GLY A 1708 15.16 23.22 9.99
N SER A 1709 16.35 22.67 10.24
CA SER A 1709 17.58 23.36 9.89
C SER A 1709 17.74 23.56 8.39
N GLY A 1710 17.10 22.71 7.58
CA GLY A 1710 17.18 22.87 6.14
C GLY A 1710 16.44 24.10 5.66
N GLY A 1711 16.79 24.53 4.45
CA GLY A 1711 16.20 25.75 3.92
C GLY A 1711 14.69 25.67 3.78
N VAL A 1712 14.20 24.56 3.21
CA VAL A 1712 12.76 24.39 3.03
C VAL A 1712 12.07 24.36 4.39
N GLY A 1713 12.67 23.68 5.36
CA GLY A 1713 12.10 23.67 6.70
C GLY A 1713 12.04 25.05 7.33
N GLN A 1714 13.12 25.82 7.17
CA GLN A 1714 13.13 27.18 7.72
C GLN A 1714 12.06 28.04 7.06
N ALA A 1715 11.91 27.94 5.75
CA ALA A 1715 10.88 28.70 5.06
C ALA A 1715 9.49 28.29 5.55
N ALA A 1716 9.26 26.99 5.72
CA ALA A 1716 7.96 26.54 6.20
C ALA A 1716 7.69 27.04 7.60
N ILE A 1717 8.71 27.03 8.46
CA ILE A 1717 8.51 27.53 9.82
C ILE A 1717 8.17 29.01 9.80
N ALA A 1718 8.87 29.78 8.97
CA ALA A 1718 8.57 31.21 8.88
C ALA A 1718 7.14 31.43 8.40
N ILE A 1719 6.69 30.65 7.42
CA ILE A 1719 5.32 30.79 6.93
C ILE A 1719 4.32 30.43 8.02
N ALA A 1720 4.57 29.33 8.73
CA ALA A 1720 3.62 28.84 9.72
C ALA A 1720 3.50 29.80 10.90
N LEU A 1721 4.65 30.21 11.45
CA LEU A 1721 4.62 31.08 12.62
C LEU A 1721 3.83 32.35 12.36
N SER A 1722 3.86 32.85 11.13
CA SER A 1722 3.13 34.06 10.81
C SER A 1722 1.63 33.87 11.01
N LEU A 1723 1.10 32.73 10.57
CA LEU A 1723 -0.32 32.45 10.74
C LEU A 1723 -0.67 32.14 12.19
N GLY A 1724 0.31 31.94 13.05
CA GLY A 1724 0.05 31.63 14.44
C GLY A 1724 -0.29 30.18 14.65
N CYS A 1725 0.58 29.30 14.17
CA CYS A 1725 0.39 27.86 14.25
C CYS A 1725 1.43 27.24 15.18
N ARG A 1726 1.02 26.20 15.89
CA ARG A 1726 1.94 25.46 16.75
C ARG A 1726 2.76 24.53 15.87
N VAL A 1727 4.09 24.62 15.99
CA VAL A 1727 5.00 23.95 15.07
C VAL A 1727 5.89 23.00 15.86
N PHE A 1728 5.90 21.74 15.46
CA PHE A 1728 6.86 20.75 15.93
C PHE A 1728 7.89 20.53 14.83
N THR A 1729 9.17 20.65 15.18
CA THR A 1729 10.24 20.51 14.22
C THR A 1729 11.25 19.48 14.72
N THR A 1730 11.89 18.79 13.77
CA THR A 1730 12.87 17.76 14.05
C THR A 1730 14.22 18.24 13.58
N VAL A 1731 15.24 18.12 14.45
CA VAL A 1731 16.59 18.52 14.13
C VAL A 1731 17.53 17.40 14.53
N GLY A 1732 18.72 17.41 13.93
CA GLY A 1732 19.67 16.32 14.07
C GLY A 1732 20.81 16.54 15.03
N SER A 1733 20.93 17.74 15.63
CA SER A 1733 22.05 18.03 16.49
C SER A 1733 21.69 19.20 17.40
N ALA A 1734 22.53 19.41 18.42
CA ALA A 1734 22.26 20.45 19.39
C ALA A 1734 22.49 21.85 18.81
N GLU A 1735 23.53 22.01 17.98
CA GLU A 1735 23.83 23.32 17.43
C GLU A 1735 22.70 23.80 16.52
N LYS A 1736 22.12 22.89 15.74
CA LYS A 1736 20.98 23.26 14.91
C LYS A 1736 19.79 23.69 15.76
N ARG A 1737 19.55 22.98 16.87
CA ARG A 1737 18.47 23.35 17.76
C ARG A 1737 18.70 24.75 18.33
N ALA A 1738 19.94 25.04 18.74
CA ALA A 1738 20.25 26.37 19.25
C ALA A 1738 20.05 27.43 18.18
N TYR A 1739 20.48 27.14 16.94
CA TYR A 1739 20.32 28.10 15.86
C TYR A 1739 18.84 28.40 15.60
N LEU A 1740 18.02 27.36 15.55
CA LEU A 1740 16.60 27.56 15.32
C LEU A 1740 15.96 28.33 16.48
N GLN A 1741 16.37 28.02 17.70
CA GLN A 1741 15.83 28.76 18.85
C GLN A 1741 16.20 30.24 18.76
N ALA A 1742 17.44 30.53 18.38
CA ALA A 1742 17.85 31.93 18.24
C ALA A 1742 17.09 32.63 17.13
N ARG A 1743 16.92 31.96 15.99
CA ARG A 1743 16.30 32.59 14.83
C ARG A 1743 14.80 32.80 15.03
N PHE A 1744 14.11 31.85 15.67
CA PHE A 1744 12.67 31.93 15.92
C PHE A 1744 12.44 31.96 17.43
N PRO A 1745 12.30 33.14 18.02
CA PRO A 1745 12.00 33.19 19.47
C PRO A 1745 10.70 32.53 19.86
N GLN A 1746 9.75 32.38 18.93
CA GLN A 1746 8.45 31.81 19.28
C GLN A 1746 8.57 30.36 19.73
N LEU A 1747 9.47 29.59 19.13
CA LEU A 1747 9.60 28.18 19.46
C LEU A 1747 10.00 28.01 20.91
N ASP A 1748 9.52 26.94 21.53
CA ASP A 1748 9.80 26.61 22.92
C ASP A 1748 10.48 25.26 23.00
N SER A 1749 10.95 24.92 24.21
CA SER A 1749 11.72 23.69 24.39
C SER A 1749 10.89 22.44 24.11
N THR A 1750 9.56 22.54 24.11
CA THR A 1750 8.69 21.42 23.81
C THR A 1750 8.33 21.33 22.33
N SER A 1751 9.18 21.89 21.46
CA SER A 1751 8.90 21.94 20.02
C SER A 1751 10.01 21.36 19.17
N PHE A 1752 10.99 20.68 19.77
CA PHE A 1752 12.09 20.06 19.03
C PHE A 1752 12.14 18.58 19.35
N ALA A 1753 12.42 17.77 18.33
CA ALA A 1753 12.57 16.33 18.47
C ALA A 1753 13.82 15.90 17.70
N ASN A 1754 14.07 14.59 17.71
CA ASN A 1754 15.25 14.06 17.02
C ASN A 1754 14.85 13.46 15.68
N SER A 1755 15.37 14.05 14.61
CA SER A 1755 15.10 13.58 13.25
C SER A 1755 15.86 12.31 12.89
N ARG A 1756 17.08 12.14 13.41
CA ARG A 1756 17.89 10.98 13.08
C ARG A 1756 17.36 9.70 13.71
N ASP A 1757 16.37 9.78 14.59
CA ASP A 1757 15.74 8.62 15.18
C ASP A 1757 14.23 8.78 15.09
N THR A 1758 13.53 7.65 15.24
CA THR A 1758 12.07 7.65 15.19
C THR A 1758 11.43 8.09 16.50
N SER A 1759 12.17 8.74 17.39
CA SER A 1759 11.62 9.16 18.67
C SER A 1759 10.58 10.25 18.53
N PHE A 1760 10.58 10.99 17.41
CA PHE A 1760 9.67 12.13 17.29
C PHE A 1760 8.22 11.70 17.29
N GLU A 1761 7.92 10.44 16.98
CA GLU A 1761 6.54 9.99 16.98
C GLU A 1761 5.94 10.07 18.37
N GLN A 1762 6.68 9.60 19.39
CA GLN A 1762 6.17 9.66 20.75
C GLN A 1762 6.07 11.10 21.23
N HIS A 1763 7.03 11.95 20.87
CA HIS A 1763 7.03 13.33 21.32
C HIS A 1763 5.79 14.06 20.84
N VAL A 1764 5.50 13.98 19.54
CA VAL A 1764 4.36 14.72 18.98
C VAL A 1764 3.06 14.20 19.57
N LEU A 1765 2.90 12.88 19.64
CA LEU A 1765 1.67 12.32 20.18
C LEU A 1765 1.47 12.71 21.64
N TRP A 1766 2.55 12.71 22.43
CA TRP A 1766 2.42 13.07 23.83
C TRP A 1766 2.03 14.54 24.00
N HIS A 1767 2.75 15.43 23.33
CA HIS A 1767 2.49 16.85 23.52
C HIS A 1767 1.22 17.33 22.82
N THR A 1768 0.65 16.54 21.92
CA THR A 1768 -0.60 16.87 21.28
C THR A 1768 -1.79 16.16 21.93
N GLY A 1769 -1.57 15.50 23.05
CA GLY A 1769 -2.64 14.83 23.74
C GLY A 1769 -3.24 13.66 22.99
N GLY A 1770 -2.43 12.94 22.21
CA GLY A 1770 -2.91 11.79 21.49
C GLY A 1770 -3.68 12.09 20.23
N LYS A 1771 -3.84 13.36 19.87
CA LYS A 1771 -4.59 13.71 18.67
C LYS A 1771 -3.70 13.70 17.43
N GLY A 1772 -2.46 14.17 17.56
CA GLY A 1772 -1.57 14.25 16.43
C GLY A 1772 -1.54 15.64 15.84
N VAL A 1773 -0.99 15.72 14.62
CA VAL A 1773 -0.85 16.96 13.90
C VAL A 1773 -1.82 16.97 12.73
N ASP A 1774 -1.99 18.15 12.14
CA ASP A 1774 -2.92 18.32 11.02
C ASP A 1774 -2.19 18.35 9.69
N LEU A 1775 -0.96 18.85 9.67
CA LEU A 1775 -0.19 19.01 8.43
C LEU A 1775 1.23 18.52 8.70
N VAL A 1776 1.73 17.67 7.81
CA VAL A 1776 3.09 17.11 7.93
C VAL A 1776 3.84 17.41 6.65
N LEU A 1777 5.02 18.00 6.78
CA LEU A 1777 5.89 18.34 5.66
C LEU A 1777 7.07 17.38 5.71
N ASN A 1778 6.92 16.23 5.07
CA ASN A 1778 7.86 15.13 5.22
C ASN A 1778 8.90 15.13 4.10
N SER A 1779 10.15 14.85 4.47
CA SER A 1779 11.22 14.69 3.51
C SER A 1779 12.16 13.55 3.87
N LEU A 1780 11.77 12.66 4.79
CA LEU A 1780 12.67 11.66 5.33
C LEU A 1780 12.48 10.33 4.60
N ALA A 1781 13.09 9.27 5.13
CA ALA A 1781 13.24 8.00 4.44
C ALA A 1781 12.06 7.08 4.76
N GLU A 1782 12.19 5.80 4.39
CA GLU A 1782 11.05 4.89 4.42
C GLU A 1782 10.57 4.64 5.85
N GLU A 1783 11.48 4.27 6.76
CA GLU A 1783 11.07 4.07 8.15
C GLU A 1783 10.58 5.37 8.77
N LYS A 1784 11.29 6.47 8.51
CA LYS A 1784 10.85 7.77 8.98
C LYS A 1784 9.49 8.11 8.40
N LEU A 1785 9.30 7.83 7.10
CA LEU A 1785 8.03 8.16 6.45
C LEU A 1785 6.88 7.40 7.08
N GLN A 1786 7.07 6.10 7.33
CA GLN A 1786 6.02 5.33 7.97
C GLN A 1786 5.74 5.85 9.38
N ALA A 1787 6.79 6.25 10.10
CA ALA A 1787 6.59 6.83 11.43
C ALA A 1787 5.77 8.11 11.36
N SER A 1788 6.07 8.97 10.38
CA SER A 1788 5.38 10.24 10.27
C SER A 1788 3.91 10.06 9.93
N VAL A 1789 3.59 9.09 9.06
CA VAL A 1789 2.20 8.87 8.67
C VAL A 1789 1.36 8.51 9.88
N ARG A 1790 1.98 7.92 10.91
CA ARG A 1790 1.25 7.59 12.12
C ARG A 1790 0.97 8.80 13.00
N CYS A 1791 1.59 9.94 12.73
CA CYS A 1791 1.37 11.15 13.52
C CYS A 1791 0.21 11.99 13.02
N LEU A 1792 -0.36 11.66 11.86
CA LEU A 1792 -1.44 12.46 11.31
C LEU A 1792 -2.70 12.32 12.16
N ALA A 1793 -3.43 13.42 12.29
CA ALA A 1793 -4.69 13.45 13.01
C ALA A 1793 -5.86 13.32 12.03
N THR A 1794 -7.07 13.29 12.57
CA THR A 1794 -8.25 13.27 11.73
C THR A 1794 -8.28 14.54 10.88
N HIS A 1795 -8.70 14.38 9.63
CA HIS A 1795 -8.66 15.46 8.65
C HIS A 1795 -7.24 15.95 8.39
N GLY A 1796 -6.25 15.07 8.52
CA GLY A 1796 -4.87 15.46 8.37
C GLY A 1796 -4.46 15.64 6.92
N ARG A 1797 -3.24 16.11 6.70
CA ARG A 1797 -2.73 16.36 5.36
C ARG A 1797 -1.25 16.06 5.33
N PHE A 1798 -0.85 15.12 4.48
CA PHE A 1798 0.55 14.67 4.42
C PHE A 1798 1.19 15.27 3.17
N LEU A 1799 2.05 16.26 3.38
CA LEU A 1799 2.79 16.90 2.30
C LEU A 1799 4.14 16.20 2.16
N GLU A 1800 4.36 15.56 1.03
CA GLU A 1800 5.60 14.82 0.78
C GLU A 1800 6.40 15.52 -0.30
N ILE A 1801 7.65 15.85 0.01
CA ILE A 1801 8.55 16.52 -0.91
C ILE A 1801 9.77 15.68 -1.24
N GLY A 1802 9.88 14.48 -0.68
CA GLY A 1802 10.99 13.61 -0.98
C GLY A 1802 10.81 12.87 -2.29
N LYS A 1803 11.75 11.98 -2.58
CA LYS A 1803 11.73 11.20 -3.80
C LYS A 1803 12.04 9.73 -3.62
N PHE A 1804 12.72 9.32 -2.54
CA PHE A 1804 13.21 7.95 -2.46
C PHE A 1804 12.06 6.96 -2.37
N ASP A 1805 11.13 7.18 -1.44
CA ASP A 1805 10.01 6.26 -1.29
C ASP A 1805 9.13 6.28 -2.53
N LEU A 1806 8.92 7.46 -3.11
CA LEU A 1806 8.16 7.55 -4.34
C LEU A 1806 8.87 6.80 -5.48
N SER A 1807 10.17 7.04 -5.63
CA SER A 1807 10.90 6.45 -6.74
C SER A 1807 10.95 4.93 -6.63
N GLN A 1808 11.19 4.41 -5.43
CA GLN A 1808 11.27 2.97 -5.23
C GLN A 1808 9.91 2.28 -5.22
N ASN A 1809 8.82 3.05 -5.20
CA ASN A 1809 7.47 2.48 -5.20
C ASN A 1809 7.26 1.60 -3.97
N HIS A 1810 7.39 2.20 -2.79
CA HIS A 1810 7.18 1.47 -1.56
C HIS A 1810 5.70 1.43 -1.19
N PRO A 1811 5.27 0.40 -0.46
CA PRO A 1811 3.85 0.29 -0.13
C PRO A 1811 3.41 1.34 0.88
N LEU A 1812 2.12 1.67 0.84
CA LEU A 1812 1.50 2.56 1.80
C LEU A 1812 0.14 1.99 2.18
N GLY A 1813 -0.14 1.80 3.47
CA GLY A 1813 -1.44 1.31 3.94
C GLY A 1813 -2.57 2.30 3.65
N MET A 1814 -3.77 1.83 3.29
CA MET A 1814 -4.93 2.69 2.96
C MET A 1814 -5.81 2.93 4.19
N ALA A 1815 -5.43 2.40 5.35
CA ALA A 1815 -6.17 2.54 6.63
C ALA A 1815 -6.22 4.02 7.02
N ILE A 1816 -5.16 4.78 6.72
CA ILE A 1816 -5.04 6.21 7.09
C ILE A 1816 -6.25 6.89 6.45
N PHE A 1817 -6.64 6.47 5.26
CA PHE A 1817 -7.77 7.05 4.51
C PHE A 1817 -9.05 6.94 5.33
N LEU A 1818 -9.24 5.88 6.12
CA LEU A 1818 -10.52 5.71 6.85
C LEU A 1818 -10.62 6.95 7.73
N LYS A 1819 -9.54 7.38 8.36
CA LYS A 1819 -9.52 8.69 9.03
C LYS A 1819 -9.57 9.62 7.83
N ASN A 1820 -10.33 10.71 7.82
CA ASN A 1820 -10.29 11.55 6.61
C ASN A 1820 -8.84 12.02 6.58
N VAL A 1821 -8.21 12.07 5.42
CA VAL A 1821 -6.77 12.43 5.32
C VAL A 1821 -6.48 12.55 3.82
N THR A 1822 -5.59 13.46 3.41
CA THR A 1822 -5.29 13.71 1.99
C THR A 1822 -3.77 13.62 1.84
N PHE A 1823 -3.28 12.70 1.03
CA PHE A 1823 -1.82 12.47 0.87
C PHE A 1823 -1.41 13.24 -0.38
N HIS A 1824 -0.44 14.13 -0.29
CA HIS A 1824 -0.08 15.03 -1.41
C HIS A 1824 1.31 14.71 -1.94
N GLY A 1825 1.45 14.52 -3.25
CA GLY A 1825 2.78 14.35 -3.88
C GLY A 1825 3.22 15.69 -4.41
N VAL A 1826 4.07 16.43 -3.68
CA VAL A 1826 4.42 17.79 -4.05
C VAL A 1826 5.68 17.76 -4.91
N LEU A 1827 5.64 18.48 -6.02
CA LEU A 1827 6.80 18.61 -6.92
C LEU A 1827 6.68 19.97 -7.61
N LEU A 1828 7.67 20.83 -7.37
CA LEU A 1828 7.66 22.14 -8.01
C LEU A 1828 8.14 22.09 -9.45
N ASP A 1829 8.76 20.99 -9.87
CA ASP A 1829 9.31 20.90 -11.22
C ASP A 1829 8.25 20.99 -12.30
N ALA A 1830 7.03 20.56 -12.01
CA ALA A 1830 5.98 20.55 -13.03
C ALA A 1830 5.69 21.95 -13.55
N PHE A 1831 5.88 22.94 -12.69
CA PHE A 1831 5.60 24.36 -13.00
C PHE A 1831 6.46 24.83 -14.17
N PHE A 1832 7.78 24.59 -14.09
CA PHE A 1832 8.74 25.04 -15.13
C PHE A 1832 8.22 24.69 -16.52
N ASN A 1833 8.11 23.39 -16.81
CA ASN A 1833 7.59 22.90 -18.13
C ASN A 1833 6.11 23.14 -18.48
N GLU A 1834 5.21 23.23 -17.49
CA GLU A 1834 3.75 23.37 -17.69
C GLU A 1834 2.99 24.06 -16.57
N SER A 1835 1.74 24.52 -16.78
CA SER A 1835 0.88 25.15 -15.74
C SER A 1835 1.45 26.48 -15.25
N SER A 1836 2.11 27.26 -16.12
CA SER A 1836 2.64 28.60 -15.76
C SER A 1836 1.51 29.47 -15.19
N ALA A 1837 0.26 29.26 -15.60
CA ALA A 1837 -0.90 30.03 -15.10
C ALA A 1837 -1.16 29.78 -13.61
N ASP A 1838 -1.07 28.52 -13.15
CA ASP A 1838 -1.26 28.17 -11.72
C ASP A 1838 0.00 28.58 -10.93
N TRP A 1839 1.11 28.86 -11.62
CA TRP A 1839 2.35 29.25 -10.98
C TRP A 1839 2.21 30.70 -10.52
N ARG A 1840 1.38 31.48 -11.20
CA ARG A 1840 1.22 32.88 -10.80
C ARG A 1840 0.63 33.00 -9.40
N GLU A 1841 -0.14 32.01 -8.94
CA GLU A 1841 -0.61 32.03 -7.56
C GLU A 1841 0.56 32.00 -6.59
N VAL A 1842 1.51 31.08 -6.80
CA VAL A 1842 2.68 30.99 -5.93
C VAL A 1842 3.51 32.25 -6.05
N TRP A 1843 3.63 32.79 -7.26
CA TRP A 1843 4.39 34.02 -7.45
C TRP A 1843 3.80 35.17 -6.63
N ALA A 1844 2.47 35.31 -6.68
CA ALA A 1844 1.81 36.36 -5.91
C ALA A 1844 1.98 36.13 -4.42
N LEU A 1845 1.88 34.88 -3.98
CA LEU A 1845 2.06 34.59 -2.56
C LEU A 1845 3.45 34.99 -2.09
N VAL A 1846 4.47 34.65 -2.88
CA VAL A 1846 5.85 35.00 -2.50
C VAL A 1846 6.03 36.50 -2.48
N GLN A 1847 5.47 37.21 -3.47
CA GLN A 1847 5.59 38.67 -3.48
C GLN A 1847 4.93 39.27 -2.25
N ALA A 1848 3.74 38.78 -1.90
CA ALA A 1848 3.05 39.28 -0.72
C ALA A 1848 3.87 39.03 0.53
N GLY A 1849 4.46 37.84 0.65
CA GLY A 1849 5.32 37.56 1.77
C GLY A 1849 6.51 38.50 1.84
N ILE A 1850 7.10 38.80 0.68
CA ILE A 1850 8.23 39.72 0.65
C ILE A 1850 7.83 41.08 1.17
N ARG A 1851 6.68 41.59 0.73
CA ARG A 1851 6.27 42.92 1.13
C ARG A 1851 5.66 42.97 2.52
N ASP A 1852 5.32 41.82 3.11
CA ASP A 1852 4.77 41.77 4.45
C ASP A 1852 5.80 41.40 5.51
N GLY A 1853 7.04 41.13 5.13
CA GLY A 1853 8.09 40.81 6.07
C GLY A 1853 8.19 39.36 6.46
N VAL A 1854 7.25 38.51 6.03
CA VAL A 1854 7.31 37.10 6.39
C VAL A 1854 8.56 36.45 5.81
N VAL A 1855 8.87 36.75 4.56
CA VAL A 1855 10.00 36.13 3.88
C VAL A 1855 11.28 36.84 4.31
N ARG A 1856 12.20 36.08 4.89
CA ARG A 1856 13.50 36.61 5.28
C ARG A 1856 14.61 35.78 4.67
N PRO A 1857 15.74 36.39 4.32
CA PRO A 1857 16.82 35.63 3.69
C PRO A 1857 17.51 34.71 4.69
N LEU A 1858 18.05 33.62 4.15
CA LEU A 1858 18.70 32.61 4.97
C LEU A 1858 20.20 32.91 5.11
N LYS A 1859 20.85 32.22 6.02
CA LYS A 1859 22.28 32.40 6.21
C LYS A 1859 23.04 31.86 5.00
N CYS A 1860 24.06 32.60 4.57
CA CYS A 1860 24.75 32.33 3.32
C CYS A 1860 26.24 32.17 3.56
N THR A 1861 26.85 31.21 2.88
CA THR A 1861 28.30 31.04 2.84
C THR A 1861 28.76 31.25 1.42
N VAL A 1862 29.54 32.29 1.18
CA VAL A 1862 29.86 32.77 -0.16
C VAL A 1862 31.21 32.20 -0.58
N PHE A 1863 31.26 31.65 -1.79
CA PHE A 1863 32.48 31.20 -2.43
C PHE A 1863 32.64 31.95 -3.75
N HIS A 1864 33.85 32.39 -4.04
CA HIS A 1864 34.10 33.11 -5.28
C HIS A 1864 33.97 32.17 -6.47
N GLY A 1865 33.95 32.76 -7.67
CA GLY A 1865 33.75 31.97 -8.87
C GLY A 1865 34.83 30.93 -9.08
N ALA A 1866 36.09 31.31 -8.87
CA ALA A 1866 37.20 30.40 -9.13
C ALA A 1866 37.15 29.18 -8.22
N GLN A 1867 36.61 29.33 -7.01
CA GLN A 1867 36.55 28.25 -6.03
C GLN A 1867 35.26 27.46 -6.09
N VAL A 1868 34.67 27.28 -7.28
CA VAL A 1868 33.40 26.57 -7.38
C VAL A 1868 33.57 25.13 -6.89
N GLU A 1869 34.71 24.51 -7.18
CA GLU A 1869 34.93 23.15 -6.72
C GLU A 1869 34.89 23.07 -5.20
N ASP A 1870 35.51 24.04 -4.52
CA ASP A 1870 35.43 24.09 -3.07
C ASP A 1870 34.00 24.26 -2.61
N ALA A 1871 33.20 25.03 -3.35
CA ALA A 1871 31.79 25.18 -3.00
C ALA A 1871 31.08 23.84 -3.05
N PHE A 1872 31.32 23.08 -4.11
CA PHE A 1872 30.69 21.76 -4.20
C PHE A 1872 31.15 20.85 -3.08
N ARG A 1873 32.44 20.89 -2.74
CA ARG A 1873 32.94 20.06 -1.64
C ARG A 1873 32.26 20.42 -0.33
N TYR A 1874 32.22 21.72 0.00
CA TYR A 1874 31.60 22.14 1.25
C TYR A 1874 30.14 21.76 1.30
N MET A 1875 29.42 21.92 0.18
CA MET A 1875 28.03 21.52 0.15
C MET A 1875 27.89 20.03 0.37
N ALA A 1876 28.80 19.24 -0.21
CA ALA A 1876 28.73 17.79 -0.06
C ALA A 1876 28.93 17.37 1.38
N GLN A 1877 29.83 18.04 2.10
CA GLN A 1877 30.11 17.65 3.48
C GLN A 1877 28.82 17.58 4.31
N GLY A 1878 28.00 18.63 4.25
CA GLY A 1878 26.70 18.61 4.89
C GLY A 1878 26.63 19.24 6.25
N LYS A 1879 27.68 19.93 6.70
CA LYS A 1879 27.67 20.61 7.98
C LYS A 1879 27.00 21.97 7.94
N HIS A 1880 26.73 22.49 6.74
CA HIS A 1880 26.25 23.86 6.61
C HIS A 1880 24.86 24.02 7.22
N ILE A 1881 24.64 25.15 7.86
CA ILE A 1881 23.32 25.62 8.26
C ILE A 1881 22.98 26.82 7.40
N GLY A 1882 21.98 26.67 6.54
CA GLY A 1882 21.61 27.73 5.62
C GLY A 1882 21.82 27.31 4.17
N LYS A 1883 22.37 28.23 3.37
CA LYS A 1883 22.52 28.02 1.94
C LYS A 1883 23.94 28.39 1.52
N VAL A 1884 24.43 27.73 0.48
CA VAL A 1884 25.76 27.97 -0.06
C VAL A 1884 25.61 28.69 -1.39
N VAL A 1885 26.17 29.89 -1.49
CA VAL A 1885 26.03 30.73 -2.66
C VAL A 1885 27.41 30.92 -3.28
N VAL A 1886 27.40 31.18 -4.59
CA VAL A 1886 28.61 31.35 -5.38
C VAL A 1886 28.60 32.77 -5.92
N GLN A 1887 29.63 33.54 -5.62
CA GLN A 1887 29.70 34.94 -6.04
C GLN A 1887 30.29 35.00 -7.44
N VAL A 1888 29.41 34.98 -8.44
CA VAL A 1888 29.88 35.06 -9.82
C VAL A 1888 30.40 36.46 -10.13
N LEU A 1889 29.74 37.49 -9.59
CA LEU A 1889 30.18 38.86 -9.80
C LEU A 1889 29.77 39.69 -8.60
N ALA A 1890 30.66 40.58 -8.18
CA ALA A 1890 30.39 41.42 -7.01
C ALA A 1890 29.32 42.46 -7.32
N GLU A 1891 28.73 42.99 -6.26
CA GLU A 1891 27.62 43.93 -6.36
C GLU A 1891 28.14 45.35 -6.33
N GLU A 1892 27.68 46.16 -7.29
CA GLU A 1892 28.03 47.57 -7.33
C GLU A 1892 27.18 48.36 -6.33
N PRO A 1893 27.70 49.46 -5.80
CA PRO A 1893 26.90 50.26 -4.86
C PRO A 1893 25.66 50.89 -5.47
N GLU A 1894 25.63 51.06 -6.80
CA GLU A 1894 24.50 51.72 -7.44
C GLU A 1894 23.26 50.84 -7.41
N ALA A 1895 22.10 51.50 -7.54
CA ALA A 1895 20.83 50.77 -7.56
C ALA A 1895 20.50 50.26 -8.96
N VAL A 1896 20.49 51.15 -9.95
CA VAL A 1896 20.23 50.80 -11.33
C VAL A 1896 21.46 51.16 -12.15
N LEU A 1897 21.99 50.17 -12.87
CA LEU A 1897 23.20 50.33 -13.67
C LEU A 1897 22.90 49.89 -15.10
N LYS A 1898 23.13 50.78 -16.06
CA LYS A 1898 22.90 50.43 -17.46
C LYS A 1898 23.94 49.43 -17.95
N GLY A 1899 25.17 49.55 -17.48
CA GLY A 1899 26.23 48.65 -17.89
C GLY A 1899 26.15 47.30 -17.21
N ALA A 1900 25.16 46.50 -17.59
CA ALA A 1900 24.97 45.17 -17.02
C ALA A 1900 25.79 44.10 -17.72
N LYS A 1901 26.68 44.48 -18.63
CA LYS A 1901 27.51 43.50 -19.32
C LYS A 1901 28.36 42.74 -18.30
N PRO A 1902 28.29 41.41 -18.28
CA PRO A 1902 29.19 40.66 -17.39
C PRO A 1902 30.65 40.91 -17.73
N LYS A 1903 31.47 40.96 -16.69
CA LYS A 1903 32.90 41.11 -16.88
C LYS A 1903 33.46 39.90 -17.62
N LEU A 1904 34.43 40.13 -18.50
CA LEU A 1904 34.99 39.05 -19.29
C LEU A 1904 35.61 38.00 -18.38
N MET A 1905 35.36 36.73 -18.72
CA MET A 1905 35.91 35.60 -18.01
C MET A 1905 36.44 34.58 -19.01
N SER A 1906 37.52 33.90 -18.64
CA SER A 1906 38.14 32.89 -19.50
C SER A 1906 37.52 31.54 -19.19
N ALA A 1907 37.07 30.84 -20.24
CA ALA A 1907 36.46 29.53 -20.09
C ALA A 1907 36.82 28.67 -21.28
N ILE A 1908 36.71 27.35 -21.09
CA ILE A 1908 36.92 26.38 -22.16
C ILE A 1908 36.01 26.75 -23.32
N SER A 1909 36.47 26.49 -24.55
CA SER A 1909 35.76 26.90 -25.75
C SER A 1909 34.92 25.76 -26.30
N LYS A 1910 33.62 26.00 -26.42
CA LYS A 1910 32.70 25.07 -27.07
C LYS A 1910 32.18 25.69 -28.35
N THR A 1911 31.73 24.84 -29.26
CA THR A 1911 31.26 25.26 -30.57
C THR A 1911 29.74 25.30 -30.56
N PHE A 1912 29.19 26.52 -30.60
CA PHE A 1912 27.76 26.71 -30.74
C PHE A 1912 27.52 27.53 -32.00
N CYS A 1913 26.41 27.24 -32.67
CA CYS A 1913 26.12 27.83 -33.96
C CYS A 1913 24.92 28.75 -33.86
N PRO A 1914 24.92 29.91 -34.53
CA PRO A 1914 23.72 30.76 -34.51
C PRO A 1914 22.55 30.08 -35.18
N ALA A 1915 21.35 30.47 -34.75
CA ALA A 1915 20.12 29.87 -35.26
C ALA A 1915 19.63 30.51 -36.55
N HIS A 1916 20.25 31.59 -37.01
CA HIS A 1916 19.82 32.26 -38.23
C HIS A 1916 20.82 32.06 -39.37
N LYS A 1917 21.51 30.92 -39.41
CA LYS A 1917 22.46 30.61 -40.45
C LYS A 1917 22.17 29.22 -40.99
N SER A 1918 22.46 29.03 -42.28
CA SER A 1918 22.28 27.75 -42.94
C SER A 1918 23.59 26.98 -42.97
N TYR A 1919 23.48 25.66 -42.88
CA TYR A 1919 24.65 24.78 -42.87
C TYR A 1919 24.45 23.66 -43.87
N ILE A 1920 25.54 23.20 -44.47
CA ILE A 1920 25.51 22.21 -45.54
C ILE A 1920 26.41 21.05 -45.16
N ILE A 1921 25.91 19.82 -45.38
CA ILE A 1921 26.68 18.60 -45.16
C ILE A 1921 26.61 17.80 -46.45
N ALA A 1922 27.62 17.94 -47.30
CA ALA A 1922 27.66 17.14 -48.51
C ALA A 1922 27.76 15.66 -48.15
N GLY A 1923 26.87 14.82 -48.65
CA GLY A 1923 26.85 13.39 -48.25
C GLY A 1923 26.34 13.21 -46.84
N GLY A 1924 25.43 14.06 -46.38
CA GLY A 1924 24.87 14.04 -45.02
C GLY A 1924 24.11 12.77 -44.73
N LEU A 1925 23.39 12.22 -45.70
CA LEU A 1925 22.53 11.02 -45.54
C LEU A 1925 23.43 9.85 -45.15
N GLY A 1926 24.70 9.85 -45.54
CA GLY A 1926 25.67 8.82 -45.16
C GLY A 1926 25.84 8.83 -43.66
N GLY A 1927 26.16 7.71 -43.02
CA GLY A 1927 26.08 7.58 -41.55
C GLY A 1927 26.97 8.51 -40.75
N PHE A 1928 28.21 8.79 -41.12
CA PHE A 1928 28.99 9.78 -40.35
C PHE A 1928 28.27 11.11 -40.49
N GLY A 1929 27.74 11.41 -41.66
CA GLY A 1929 27.01 12.67 -41.92
C GLY A 1929 25.75 12.79 -41.09
N LEU A 1930 24.98 11.72 -40.93
CA LEU A 1930 23.74 11.73 -40.11
C LEU A 1930 23.93 12.07 -38.63
N GLU A 1931 24.96 11.54 -37.97
CA GLU A 1931 25.26 11.84 -36.54
C GLU A 1931 26.04 13.17 -36.36
N LEU A 1932 26.69 13.61 -37.43
CA LEU A 1932 27.33 14.92 -37.50
C LEU A 1932 26.18 15.90 -37.51
N ALA A 1933 25.14 15.62 -38.30
CA ALA A 1933 23.98 16.50 -38.33
C ALA A 1933 23.30 16.56 -36.97
N GLN A 1934 23.13 15.41 -36.32
CA GLN A 1934 22.52 15.40 -35.00
C GLN A 1934 23.37 16.17 -34.00
N TRP A 1935 24.69 15.99 -34.07
CA TRP A 1935 25.57 16.75 -33.18
C TRP A 1935 25.41 18.24 -33.40
N LEU A 1936 25.31 18.67 -34.66
CA LEU A 1936 25.13 20.08 -34.94
C LEU A 1936 23.81 20.59 -34.39
N ILE A 1937 22.74 19.82 -34.56
CA ILE A 1937 21.42 20.27 -34.10
C ILE A 1937 21.44 20.49 -32.59
N GLN A 1938 22.17 19.65 -31.86
CA GLN A 1938 22.33 19.88 -30.43
C GLN A 1938 22.97 21.23 -30.14
N ARG A 1939 23.70 21.79 -31.11
CA ARG A 1939 24.22 23.14 -30.99
C ARG A 1939 23.27 24.19 -31.54
N GLY A 1940 22.08 23.79 -31.99
CA GLY A 1940 21.09 24.73 -32.45
C GLY A 1940 21.37 25.30 -33.81
N VAL A 1941 21.38 24.44 -34.83
CA VAL A 1941 21.58 24.92 -36.20
C VAL A 1941 20.28 25.50 -36.75
N GLN A 1942 19.19 24.75 -36.65
CA GLN A 1942 17.84 25.16 -37.06
C GLN A 1942 17.71 25.37 -38.57
N LYS A 1943 18.77 25.20 -39.34
CA LYS A 1943 18.68 25.32 -40.80
C LYS A 1943 19.76 24.43 -41.40
N LEU A 1944 19.36 23.33 -42.02
CA LEU A 1944 20.30 22.31 -42.45
C LEU A 1944 20.01 21.92 -43.88
N VAL A 1945 21.06 21.67 -44.65
CA VAL A 1945 20.96 21.18 -46.02
C VAL A 1945 21.85 19.95 -46.14
N LEU A 1946 21.24 18.82 -46.47
CA LEU A 1946 21.95 17.57 -46.67
C LEU A 1946 21.89 17.18 -48.13
N THR A 1947 23.00 16.67 -48.65
CA THR A 1947 23.12 16.31 -50.06
C THR A 1947 23.40 14.82 -50.19
N SER A 1948 22.87 14.23 -51.26
CA SER A 1948 23.07 12.82 -51.56
C SER A 1948 22.55 12.55 -52.97
N ARG A 1949 23.19 11.62 -53.67
CA ARG A 1949 22.85 11.37 -55.06
C ARG A 1949 21.46 10.76 -55.19
N SER A 1950 21.14 9.76 -54.37
CA SER A 1950 19.91 9.01 -54.51
C SER A 1950 18.80 9.49 -53.58
N GLY A 1951 19.02 10.53 -52.79
CA GLY A 1951 18.00 10.96 -51.87
C GLY A 1951 17.85 10.01 -50.70
N ILE A 1952 16.68 10.08 -50.06
CA ILE A 1952 16.37 9.21 -48.92
C ILE A 1952 15.92 7.86 -49.46
N ARG A 1953 16.64 6.80 -49.07
CA ARG A 1953 16.29 5.46 -49.54
C ARG A 1953 16.42 4.40 -48.45
N THR A 1954 16.33 4.78 -47.18
CA THR A 1954 16.50 3.84 -46.07
C THR A 1954 15.64 4.26 -44.90
N GLY A 1955 15.32 3.30 -44.04
CA GLY A 1955 14.46 3.59 -42.91
C GLY A 1955 15.11 4.50 -41.89
N TYR A 1956 16.39 4.26 -41.60
CA TYR A 1956 17.07 5.07 -40.58
C TYR A 1956 17.13 6.53 -40.99
N GLN A 1957 17.48 6.78 -42.26
CA GLN A 1957 17.58 8.15 -42.73
C GLN A 1957 16.24 8.86 -42.62
N ALA A 1958 15.17 8.20 -43.05
CA ALA A 1958 13.85 8.81 -42.99
C ALA A 1958 13.43 9.06 -41.54
N LYS A 1959 13.72 8.10 -40.66
CA LYS A 1959 13.40 8.28 -39.25
C LYS A 1959 14.08 9.53 -38.71
N GLN A 1960 15.38 9.67 -38.95
CA GLN A 1960 16.10 10.82 -38.43
C GLN A 1960 15.59 12.12 -39.03
N VAL A 1961 15.33 12.14 -40.35
CA VAL A 1961 14.88 13.38 -40.99
C VAL A 1961 13.54 13.84 -40.42
N ARG A 1962 12.58 12.92 -40.27
CA ARG A 1962 11.28 13.31 -39.75
C ARG A 1962 11.37 13.68 -38.27
N ARG A 1963 12.25 13.01 -37.53
CA ARG A 1963 12.44 13.37 -36.12
C ARG A 1963 12.94 14.80 -36.02
N TRP A 1964 13.92 15.16 -36.86
CA TRP A 1964 14.43 16.52 -36.84
C TRP A 1964 13.39 17.52 -37.30
N ARG A 1965 12.61 17.18 -38.33
CA ARG A 1965 11.56 18.09 -38.77
C ARG A 1965 10.53 18.32 -37.68
N ARG A 1966 10.23 17.27 -36.90
CA ARG A 1966 9.26 17.41 -35.82
C ARG A 1966 9.75 18.42 -34.78
N GLN A 1967 11.06 18.47 -34.54
CA GLN A 1967 11.62 19.40 -33.57
C GLN A 1967 11.70 20.82 -34.10
N GLY A 1968 11.29 21.07 -35.34
CA GLY A 1968 11.29 22.40 -35.91
C GLY A 1968 12.49 22.72 -36.78
N VAL A 1969 13.34 21.76 -37.09
CA VAL A 1969 14.49 21.99 -37.94
C VAL A 1969 14.06 21.93 -39.39
N GLN A 1970 14.60 22.84 -40.21
CA GLN A 1970 14.29 22.89 -41.63
C GLN A 1970 15.35 22.07 -42.36
N VAL A 1971 15.11 20.77 -42.48
CA VAL A 1971 16.05 19.84 -43.09
C VAL A 1971 15.69 19.70 -44.57
N GLN A 1972 16.68 19.92 -45.43
CA GLN A 1972 16.48 19.94 -46.88
C GLN A 1972 17.42 18.95 -47.53
N VAL A 1973 16.90 18.18 -48.48
CA VAL A 1973 17.70 17.22 -49.25
C VAL A 1973 17.83 17.76 -50.66
N SER A 1974 19.07 17.91 -51.13
CA SER A 1974 19.34 18.68 -52.33
C SER A 1974 19.48 17.80 -53.57
N THR A 1975 20.29 16.76 -53.50
CA THR A 1975 20.55 15.89 -54.64
C THR A 1975 21.21 16.66 -55.79
N SER A 1976 22.07 17.61 -55.45
CA SER A 1976 22.86 18.36 -56.42
C SER A 1976 24.32 17.99 -56.24
N ASN A 1977 24.95 17.51 -57.30
CA ASN A 1977 26.34 17.09 -57.21
C ASN A 1977 27.25 18.30 -57.01
N ILE A 1978 28.14 18.20 -56.02
CA ILE A 1978 29.16 19.22 -55.81
C ILE A 1978 30.33 19.07 -56.77
N SER A 1979 30.41 17.96 -57.49
CA SER A 1979 31.54 17.74 -58.39
C SER A 1979 31.55 18.78 -59.50
N SER A 1980 30.39 19.09 -60.07
CA SER A 1980 30.29 20.09 -61.13
C SER A 1980 30.12 21.46 -60.52
N LEU A 1981 30.78 22.46 -61.10
CA LEU A 1981 30.70 23.81 -60.55
C LEU A 1981 29.27 24.32 -60.53
N GLU A 1982 28.51 24.02 -61.59
CA GLU A 1982 27.12 24.46 -61.62
C GLU A 1982 26.32 23.85 -60.48
N GLY A 1983 26.55 22.56 -60.21
CA GLY A 1983 25.89 21.93 -59.08
C GLY A 1983 26.26 22.57 -57.76
N ALA A 1984 27.54 22.89 -57.58
CA ALA A 1984 27.97 23.52 -56.33
C ALA A 1984 27.32 24.88 -56.16
N ARG A 1985 27.28 25.68 -57.23
CA ARG A 1985 26.64 26.98 -57.13
C ARG A 1985 25.16 26.85 -56.83
N GLY A 1986 24.49 25.88 -57.48
CA GLY A 1986 23.08 25.66 -57.17
C GLY A 1986 22.85 25.26 -55.74
N LEU A 1987 23.69 24.37 -55.22
CA LEU A 1987 23.57 23.94 -53.83
C LEU A 1987 23.75 25.13 -52.89
N ILE A 1988 24.76 25.96 -53.14
CA ILE A 1988 24.99 27.11 -52.27
C ILE A 1988 23.82 28.08 -52.36
N ALA A 1989 23.25 28.24 -53.55
CA ALA A 1989 22.10 29.11 -53.71
C ALA A 1989 20.91 28.59 -52.92
N GLU A 1990 20.68 27.27 -52.94
CA GLU A 1990 19.55 26.72 -52.21
C GLU A 1990 19.67 26.98 -50.71
N ALA A 1991 20.88 26.81 -50.17
CA ALA A 1991 21.08 27.03 -48.74
C ALA A 1991 20.82 28.49 -48.38
N ALA A 1992 21.22 29.42 -49.25
CA ALA A 1992 21.00 30.83 -48.95
C ALA A 1992 19.53 31.15 -48.75
N GLN A 1993 18.63 30.39 -49.38
CA GLN A 1993 17.21 30.64 -49.21
C GLN A 1993 16.80 30.50 -47.74
N LEU A 1994 17.26 29.44 -47.08
CA LEU A 1994 16.99 29.29 -45.65
C LEU A 1994 17.67 30.39 -44.85
N GLY A 1995 18.90 30.74 -45.21
CA GLY A 1995 19.64 31.77 -44.53
C GLY A 1995 21.07 31.83 -45.01
N PRO A 1996 21.83 32.82 -44.56
CA PRO A 1996 23.23 32.93 -44.98
C PRO A 1996 24.00 31.67 -44.62
N VAL A 1997 24.92 31.28 -45.50
CA VAL A 1997 25.66 30.04 -45.31
C VAL A 1997 26.54 30.18 -44.07
N GLY A 1998 26.45 29.22 -43.17
CA GLY A 1998 27.22 29.24 -41.95
C GLY A 1998 28.45 28.36 -42.02
N GLY A 1999 28.29 27.14 -42.51
CA GLY A 1999 29.40 26.24 -42.68
C GLY A 1999 29.07 25.11 -43.62
N VAL A 2000 30.07 24.65 -44.36
CA VAL A 2000 29.92 23.57 -45.32
C VAL A 2000 30.88 22.45 -44.94
N PHE A 2001 30.34 21.25 -44.75
CA PHE A 2001 31.12 20.08 -44.41
C PHE A 2001 31.07 19.10 -45.57
N ASN A 2002 32.22 18.54 -45.93
CA ASN A 2002 32.35 17.69 -47.10
C ASN A 2002 32.66 16.26 -46.66
N LEU A 2003 31.61 15.48 -46.42
CA LEU A 2003 31.75 14.08 -46.08
C LEU A 2003 31.55 13.14 -47.26
N ALA A 2004 31.40 13.67 -48.47
CA ALA A 2004 31.22 12.83 -49.64
C ALA A 2004 32.42 11.93 -49.84
N VAL A 2005 32.16 10.66 -50.15
CA VAL A 2005 33.21 9.68 -50.39
C VAL A 2005 32.67 8.59 -51.29
N VAL A 2006 33.42 8.26 -52.33
CA VAL A 2006 33.17 7.08 -53.14
C VAL A 2006 34.50 6.35 -53.30
N LEU A 2007 34.57 5.12 -52.81
CA LEU A 2007 35.82 4.39 -52.71
C LEU A 2007 35.81 3.19 -53.65
N ARG A 2008 36.97 2.91 -54.24
CA ARG A 2008 37.14 1.77 -55.15
C ARG A 2008 38.51 1.15 -54.87
N ASP A 2009 38.50 0.04 -54.13
CA ASP A 2009 39.75 -0.55 -53.67
C ASP A 2009 40.49 -1.29 -54.78
N GLY A 2010 41.69 -1.76 -54.46
CA GLY A 2010 42.50 -2.52 -55.38
C GLY A 2010 43.96 -2.09 -55.47
N LEU A 2011 44.84 -3.06 -55.71
CA LEU A 2011 46.24 -2.76 -55.91
C LEU A 2011 46.42 -1.93 -57.17
N LEU A 2012 47.57 -1.26 -57.26
CA LEU A 2012 47.79 -0.34 -58.36
C LEU A 2012 47.71 -1.02 -59.72
N GLU A 2013 48.01 -2.32 -59.78
CA GLU A 2013 47.92 -3.03 -61.04
C GLU A 2013 46.49 -3.04 -61.56
N ASN A 2014 45.52 -3.24 -60.66
CA ASN A 2014 44.12 -3.32 -61.07
C ASN A 2014 43.52 -1.96 -61.42
N GLN A 2015 44.05 -0.89 -60.84
CA GLN A 2015 43.42 0.42 -61.00
C GLN A 2015 43.50 0.87 -62.45
N THR A 2016 42.60 1.78 -62.81
CA THR A 2016 42.53 2.38 -64.13
C THR A 2016 42.15 3.83 -63.98
N PRO A 2017 42.38 4.66 -65.01
CA PRO A 2017 42.07 6.09 -64.89
C PRO A 2017 40.62 6.35 -64.51
N GLU A 2018 39.68 5.53 -64.97
CA GLU A 2018 38.29 5.74 -64.61
C GLU A 2018 38.09 5.64 -63.11
N PHE A 2019 38.72 4.64 -62.47
CA PHE A 2019 38.58 4.50 -61.03
C PHE A 2019 39.13 5.72 -60.30
N PHE A 2020 40.28 6.22 -60.73
CA PHE A 2020 40.84 7.40 -60.08
C PHE A 2020 39.94 8.60 -60.23
N GLN A 2021 39.39 8.81 -61.44
CA GLN A 2021 38.46 9.90 -61.64
C GLN A 2021 37.25 9.75 -60.74
N ASP A 2022 36.69 8.55 -60.66
CA ASP A 2022 35.49 8.34 -59.85
C ASP A 2022 35.78 8.61 -58.38
N VAL A 2023 36.92 8.14 -57.88
CA VAL A 2023 37.21 8.31 -56.47
C VAL A 2023 37.49 9.77 -56.14
N CYS A 2024 38.21 10.48 -57.01
CA CYS A 2024 38.54 11.87 -56.73
C CYS A 2024 37.44 12.85 -57.14
N LYS A 2025 36.38 12.37 -57.79
CA LYS A 2025 35.31 13.28 -58.21
C LYS A 2025 34.63 13.98 -57.06
N PRO A 2026 34.19 13.30 -56.00
CA PRO A 2026 33.46 14.00 -54.94
C PRO A 2026 34.36 14.76 -53.98
N LYS A 2027 35.60 14.31 -53.83
CA LYS A 2027 36.49 14.87 -52.82
C LYS A 2027 37.40 15.96 -53.39
N TYR A 2028 38.17 15.65 -54.43
CA TYR A 2028 39.10 16.63 -54.98
C TYR A 2028 38.34 17.72 -55.74
N SER A 2029 37.64 17.35 -56.81
CA SER A 2029 36.90 18.34 -57.57
C SER A 2029 35.81 18.99 -56.72
N GLY A 2030 35.09 18.18 -55.94
CA GLY A 2030 34.04 18.73 -55.11
C GLY A 2030 34.56 19.76 -54.13
N THR A 2031 35.70 19.48 -53.51
CA THR A 2031 36.27 20.43 -52.56
C THR A 2031 36.66 21.73 -53.24
N LEU A 2032 37.19 21.63 -54.45
CA LEU A 2032 37.61 22.83 -55.22
C LEU A 2032 36.39 23.67 -55.56
N ASN A 2033 35.36 23.06 -56.16
CA ASN A 2033 34.14 23.79 -56.58
C ASN A 2033 33.42 24.33 -55.35
N LEU A 2034 33.37 23.55 -54.27
CA LEU A 2034 32.72 23.98 -53.00
C LEU A 2034 33.61 25.15 -52.54
N ASP A 2035 34.93 25.04 -52.68
CA ASP A 2035 35.85 26.10 -52.22
C ASP A 2035 35.55 27.41 -52.96
N ARG A 2036 35.63 27.41 -54.28
CA ARG A 2036 35.45 28.65 -55.07
C ARG A 2036 34.03 29.22 -54.92
N VAL A 2037 33.00 28.37 -54.93
CA VAL A 2037 31.60 28.84 -54.79
C VAL A 2037 31.42 29.46 -53.41
N THR A 2038 32.09 28.95 -52.38
CA THR A 2038 31.99 29.49 -50.99
C THR A 2038 32.85 30.74 -50.80
N ARG A 2039 33.98 30.86 -51.51
CA ARG A 2039 34.82 32.08 -51.45
C ARG A 2039 34.07 33.26 -52.07
N GLU A 2040 33.24 33.01 -53.09
CA GLU A 2040 32.47 34.08 -53.79
C GLU A 2040 31.06 34.21 -53.19
N ALA A 2041 30.43 33.13 -52.75
CA ALA A 2041 29.02 33.13 -52.23
C ALA A 2041 28.84 32.92 -50.73
N CYS A 2042 29.86 32.86 -49.89
CA CYS A 2042 29.69 32.54 -48.45
C CYS A 2042 30.39 33.58 -47.59
N PRO A 2043 29.85 34.81 -47.52
CA PRO A 2043 30.42 35.88 -46.69
C PRO A 2043 30.53 35.67 -45.17
N GLU A 2044 29.51 35.11 -44.53
CA GLU A 2044 29.47 34.97 -43.05
C GLU A 2044 29.91 33.55 -42.64
N LEU A 2045 30.38 32.77 -43.61
CA LEU A 2045 30.75 31.38 -43.37
C LEU A 2045 31.91 31.43 -42.38
N ASP A 2046 31.85 30.56 -41.38
CA ASP A 2046 32.89 30.45 -40.38
C ASP A 2046 33.42 29.03 -40.20
N TYR A 2047 32.82 28.04 -40.85
CA TYR A 2047 33.29 26.66 -40.79
C TYR A 2047 33.33 26.06 -42.19
N PHE A 2048 34.51 25.57 -42.59
CA PHE A 2048 34.69 24.87 -43.84
C PHE A 2048 35.52 23.63 -43.53
N VAL A 2049 34.85 22.55 -43.19
CA VAL A 2049 35.53 21.34 -42.73
C VAL A 2049 35.42 20.35 -43.88
N VAL A 2050 36.39 19.44 -43.92
CA VAL A 2050 36.40 18.33 -44.86
C VAL A 2050 37.05 17.17 -44.14
N PHE A 2051 36.60 15.95 -44.41
CA PHE A 2051 37.03 14.77 -43.67
C PHE A 2051 37.96 13.91 -44.50
N SER A 2052 39.26 13.98 -44.18
CA SER A 2052 40.25 13.11 -44.78
C SER A 2052 40.24 11.78 -44.04
N SER A 2053 41.23 10.93 -44.28
CA SER A 2053 41.32 9.64 -43.63
C SER A 2053 42.77 9.29 -43.36
N VAL A 2054 42.98 8.41 -42.38
CA VAL A 2054 44.32 7.98 -42.02
C VAL A 2054 45.03 7.32 -43.19
N SER A 2055 44.28 6.92 -44.22
CA SER A 2055 44.92 6.35 -45.41
C SER A 2055 46.03 7.26 -45.90
N CYS A 2056 45.77 8.56 -45.96
CA CYS A 2056 46.84 9.51 -46.19
C CYS A 2056 47.63 9.73 -44.90
N GLY A 2057 48.88 10.14 -45.05
CA GLY A 2057 49.74 10.34 -43.89
C GLY A 2057 50.33 9.06 -43.35
N ARG A 2058 49.49 8.09 -43.01
CA ARG A 2058 49.96 6.79 -42.53
C ARG A 2058 50.09 5.76 -43.63
N GLY A 2059 49.30 5.88 -44.70
CA GLY A 2059 49.37 4.93 -45.80
C GLY A 2059 48.65 3.64 -45.48
N ASN A 2060 47.96 3.08 -46.48
CA ASN A 2060 47.27 1.81 -46.32
C ASN A 2060 47.30 1.08 -47.65
N ALA A 2061 47.63 -0.21 -47.61
CA ALA A 2061 47.80 -0.98 -48.83
C ALA A 2061 46.49 -1.04 -49.61
N GLY A 2062 46.57 -0.77 -50.91
CA GLY A 2062 45.43 -0.95 -51.79
C GLY A 2062 44.41 0.16 -51.77
N GLN A 2063 44.79 1.37 -51.35
CA GLN A 2063 43.89 2.51 -51.36
C GLN A 2063 44.59 3.76 -51.90
N SER A 2064 45.29 3.60 -53.02
CA SER A 2064 46.06 4.70 -53.57
C SER A 2064 45.18 5.88 -53.95
N ASN A 2065 44.08 5.62 -54.65
CA ASN A 2065 43.22 6.71 -55.09
C ASN A 2065 42.60 7.45 -53.90
N TYR A 2066 42.17 6.70 -52.88
CA TYR A 2066 41.60 7.33 -51.70
C TYR A 2066 42.60 8.24 -51.02
N GLY A 2067 43.83 7.74 -50.83
CA GLY A 2067 44.86 8.55 -50.22
C GLY A 2067 45.17 9.79 -51.03
N PHE A 2068 45.25 9.64 -52.34
CA PHE A 2068 45.53 10.80 -53.20
C PHE A 2068 44.44 11.85 -53.06
N ALA A 2069 43.18 11.42 -53.11
CA ALA A 2069 42.08 12.38 -53.00
C ALA A 2069 42.13 13.11 -51.66
N ASN A 2070 42.34 12.35 -50.58
CA ASN A 2070 42.36 12.98 -49.27
C ASN A 2070 43.52 13.98 -49.15
N SER A 2071 44.71 13.61 -49.65
CA SER A 2071 45.84 14.51 -49.56
C SER A 2071 45.60 15.77 -50.38
N ALA A 2072 45.06 15.63 -51.58
CA ALA A 2072 44.79 16.80 -52.39
C ALA A 2072 43.74 17.63 -51.65
N MET A 2073 42.83 16.98 -50.96
CA MET A 2073 41.86 17.71 -50.15
C MET A 2073 42.56 18.56 -49.09
N GLU A 2074 43.44 17.94 -48.32
CA GLU A 2074 44.17 18.68 -47.30
C GLU A 2074 44.99 19.85 -47.84
N ARG A 2075 45.51 19.72 -49.07
CA ARG A 2075 46.28 20.82 -49.63
C ARG A 2075 45.43 22.08 -49.78
N ILE A 2076 44.22 21.94 -50.31
CA ILE A 2076 43.35 23.10 -50.46
C ILE A 2076 42.96 23.66 -49.09
N CYS A 2077 42.69 22.77 -48.14
CA CYS A 2077 42.37 23.23 -46.79
C CYS A 2077 43.51 24.06 -46.21
N GLU A 2078 44.75 23.60 -46.39
CA GLU A 2078 45.89 24.39 -45.94
C GLU A 2078 45.99 25.72 -46.68
N LYS A 2079 45.73 25.70 -47.99
CA LYS A 2079 45.81 26.93 -48.77
C LYS A 2079 44.85 27.98 -48.26
N ARG A 2080 43.63 27.56 -47.88
CA ARG A 2080 42.64 28.52 -47.42
C ARG A 2080 43.08 29.21 -46.13
N ARG A 2081 43.54 28.43 -45.14
CA ARG A 2081 43.81 28.99 -43.83
C ARG A 2081 44.89 30.06 -43.89
N HIS A 2082 45.83 29.94 -44.83
CA HIS A 2082 46.89 30.93 -44.93
C HIS A 2082 46.35 32.32 -45.25
N GLU A 2083 45.22 32.39 -45.96
CA GLU A 2083 44.56 33.65 -46.26
C GLU A 2083 43.61 34.08 -45.16
N GLY A 2084 43.51 33.32 -44.07
CA GLY A 2084 42.64 33.66 -42.96
C GLY A 2084 41.24 33.09 -43.06
N LEU A 2085 40.86 32.52 -44.19
CA LEU A 2085 39.53 31.95 -44.32
C LEU A 2085 39.42 30.65 -43.53
N PRO A 2086 38.22 30.25 -43.15
CA PRO A 2086 38.07 29.01 -42.38
C PRO A 2086 38.49 27.80 -43.20
N GLY A 2087 38.98 26.78 -42.50
CA GLY A 2087 39.39 25.55 -43.14
C GLY A 2087 39.88 24.52 -42.14
N LEU A 2088 39.59 23.25 -42.38
CA LEU A 2088 40.03 22.20 -41.47
C LEU A 2088 39.88 20.86 -42.14
N ALA A 2089 40.94 20.06 -42.10
CA ALA A 2089 40.92 18.67 -42.56
C ALA A 2089 41.17 17.76 -41.37
N VAL A 2090 40.21 16.90 -41.07
CA VAL A 2090 40.30 15.97 -39.95
C VAL A 2090 40.52 14.57 -40.53
N GLN A 2091 41.58 13.91 -40.08
CA GLN A 2091 41.93 12.56 -40.54
C GLN A 2091 41.47 11.56 -39.49
N TRP A 2092 40.69 10.58 -39.93
CA TRP A 2092 40.09 9.60 -39.04
C TRP A 2092 40.59 8.21 -39.37
N GLY A 2093 40.73 7.39 -38.31
CA GLY A 2093 41.14 6.02 -38.49
C GLY A 2093 40.01 5.10 -38.89
N ALA A 2094 39.01 4.97 -38.02
CA ALA A 2094 37.87 4.10 -38.31
C ALA A 2094 36.70 4.43 -37.40
N ILE A 2095 35.51 4.50 -37.96
CA ILE A 2095 34.31 4.87 -37.21
C ILE A 2095 33.59 3.60 -36.79
N GLY A 2096 33.29 3.48 -35.50
CA GLY A 2096 32.76 2.25 -34.95
C GLY A 2096 31.29 2.01 -35.19
N ASP A 2097 30.44 2.86 -34.63
CA ASP A 2097 29.01 2.56 -34.57
C ASP A 2097 28.40 2.46 -35.97
N VAL A 2098 28.72 3.40 -36.85
CA VAL A 2098 28.13 3.41 -38.18
C VAL A 2098 28.69 2.26 -39.00
N SER A 2113 43.74 -1.26 -40.09
CA SER A 2113 45.13 -0.89 -40.27
C SER A 2113 45.85 -0.81 -38.94
N GLY A 2114 45.56 -1.75 -38.05
CA GLY A 2114 46.17 -1.76 -36.73
C GLY A 2114 45.57 -0.80 -35.73
N THR A 2115 44.45 -0.15 -36.07
CA THR A 2115 43.78 0.78 -35.19
C THR A 2115 42.35 0.31 -34.97
N LEU A 2116 41.93 0.26 -33.71
CA LEU A 2116 40.59 -0.18 -33.39
C LEU A 2116 39.58 0.86 -33.83
N PRO A 2117 38.34 0.45 -34.13
CA PRO A 2117 37.32 1.42 -34.47
C PRO A 2117 37.06 2.38 -33.33
N GLN A 2118 36.85 3.66 -33.67
CA GLN A 2118 36.66 4.71 -32.69
C GLN A 2118 35.17 4.97 -32.53
N ARG A 2119 34.70 4.97 -31.28
CA ARG A 2119 33.28 5.13 -31.02
C ARG A 2119 32.81 6.53 -31.40
N MET A 2120 31.52 6.63 -31.74
CA MET A 2120 31.00 7.90 -32.25
C MET A 2120 31.05 9.00 -31.19
N ALA A 2121 30.78 8.66 -29.94
CA ALA A 2121 30.84 9.67 -28.88
C ALA A 2121 32.25 10.25 -28.77
N SER A 2122 33.26 9.39 -28.77
CA SER A 2122 34.64 9.87 -28.73
C SER A 2122 34.96 10.66 -29.99
N CYS A 2123 34.49 10.20 -31.14
CA CYS A 2123 34.75 10.91 -32.38
C CYS A 2123 34.20 12.32 -32.30
N LEU A 2124 32.99 12.47 -31.77
CA LEU A 2124 32.37 13.78 -31.72
C LEU A 2124 33.04 14.67 -30.69
N GLU A 2125 33.46 14.11 -29.55
CA GLU A 2125 34.21 14.90 -28.58
C GLU A 2125 35.52 15.41 -29.20
N VAL A 2126 36.24 14.52 -29.89
CA VAL A 2126 37.48 14.92 -30.53
C VAL A 2126 37.21 15.99 -31.58
N LEU A 2127 36.16 15.81 -32.37
CA LEU A 2127 35.81 16.80 -33.39
C LEU A 2127 35.50 18.15 -32.75
N ASP A 2128 34.77 18.14 -31.64
CA ASP A 2128 34.52 19.39 -30.93
C ASP A 2128 35.82 20.05 -30.53
N LEU A 2129 36.80 19.26 -30.07
CA LEU A 2129 38.08 19.85 -29.74
C LEU A 2129 38.78 20.41 -30.97
N PHE A 2130 38.73 19.69 -32.10
CA PHE A 2130 39.52 20.08 -33.26
C PHE A 2130 39.07 21.39 -33.85
N LEU A 2131 37.76 21.64 -33.91
CA LEU A 2131 37.26 22.82 -34.57
C LEU A 2131 37.87 24.09 -33.99
N ASN A 2132 38.07 24.12 -32.68
CA ASN A 2132 38.61 25.32 -32.05
C ASN A 2132 40.12 25.43 -32.23
N GLN A 2133 40.81 24.31 -32.37
CA GLN A 2133 42.27 24.34 -32.46
C GLN A 2133 42.69 25.18 -33.67
N PRO A 2134 43.82 25.90 -33.58
CA PRO A 2134 44.17 26.81 -34.67
C PRO A 2134 44.81 26.14 -35.88
N HIS A 2135 45.20 24.88 -35.76
CA HIS A 2135 45.94 24.21 -36.83
C HIS A 2135 45.03 23.93 -38.03
N MET A 2136 45.66 23.48 -39.12
CA MET A 2136 44.94 23.31 -40.39
C MET A 2136 44.54 21.87 -40.63
N VAL A 2137 45.39 20.92 -40.23
CA VAL A 2137 45.12 19.49 -40.40
C VAL A 2137 45.34 18.81 -39.06
N LEU A 2138 44.47 17.87 -38.73
CA LEU A 2138 44.55 17.13 -37.48
C LEU A 2138 44.17 15.68 -37.74
N SER A 2139 44.35 14.84 -36.72
CA SER A 2139 44.07 13.41 -36.86
C SER A 2139 43.74 12.82 -35.49
N SER A 2140 43.16 11.63 -35.52
CA SER A 2140 42.86 10.88 -34.31
C SER A 2140 42.70 9.41 -34.66
N PHE A 2141 43.14 8.53 -33.76
CA PHE A 2141 42.96 7.10 -33.96
C PHE A 2141 43.29 6.39 -32.66
N VAL A 2142 42.79 5.16 -32.54
CA VAL A 2142 42.98 4.33 -31.36
C VAL A 2142 43.82 3.12 -31.75
N LEU A 2143 44.89 2.88 -30.98
CA LEU A 2143 45.78 1.77 -31.29
C LEU A 2143 45.14 0.43 -30.97
N ALA A 2144 45.67 -0.62 -31.58
CA ALA A 2144 45.18 -1.97 -31.36
C ALA A 2144 45.24 -2.34 -29.88
N ALA B 891 6.70 -25.85 5.11
CA ALA B 891 7.93 -26.28 5.76
C ALA B 891 7.63 -26.88 7.13
N ALA B 892 7.92 -26.14 8.20
CA ALA B 892 7.62 -26.62 9.54
C ALA B 892 6.12 -26.78 9.72
N ILE B 893 5.72 -27.89 10.35
CA ILE B 893 4.32 -28.19 10.59
C ILE B 893 4.13 -28.43 12.08
N TYR B 894 3.09 -27.84 12.64
CA TYR B 894 2.77 -27.97 14.05
C TYR B 894 1.36 -28.54 14.19
N ASN B 895 1.21 -29.51 15.10
CA ASN B 895 -0.08 -30.12 15.37
C ASN B 895 -0.59 -29.60 16.71
N ILE B 896 -1.73 -28.92 16.68
CA ILE B 896 -2.33 -28.33 17.87
C ILE B 896 -3.30 -29.36 18.43
N ASP B 897 -2.85 -30.11 19.45
CA ASP B 897 -3.68 -31.09 20.13
C ASP B 897 -4.22 -30.46 21.40
N THR B 898 -5.55 -30.38 21.50
CA THR B 898 -6.21 -29.82 22.68
C THR B 898 -6.73 -30.92 23.61
N SER B 899 -6.12 -32.09 23.60
CA SER B 899 -6.56 -33.18 24.46
C SER B 899 -6.33 -32.83 25.92
N SER B 900 -6.82 -33.72 26.80
CA SER B 900 -6.66 -33.49 28.23
C SER B 900 -5.23 -33.71 28.70
N GLU B 901 -4.45 -34.53 27.98
CA GLU B 901 -3.08 -34.80 28.35
C GLU B 901 -2.06 -34.31 27.33
N SER B 902 -2.49 -33.62 26.28
CA SER B 902 -1.57 -33.07 25.31
C SER B 902 -0.82 -31.88 25.91
N PRO B 903 0.39 -31.58 25.44
CA PRO B 903 1.13 -30.44 26.00
C PRO B 903 0.41 -29.12 25.81
N ASP B 904 -0.41 -28.98 24.77
CA ASP B 904 -1.12 -27.74 24.48
C ASP B 904 -2.53 -27.73 25.07
N HIS B 905 -2.75 -28.44 26.18
CA HIS B 905 -4.10 -28.48 26.74
C HIS B 905 -4.54 -27.11 27.23
N TYR B 906 -3.59 -26.20 27.49
CA TYR B 906 -3.96 -24.92 28.08
C TYR B 906 -4.76 -24.06 27.12
N LEU B 907 -4.75 -24.36 25.82
CA LEU B 907 -5.49 -23.55 24.87
C LEU B 907 -7.00 -23.65 25.10
N VAL B 908 -7.49 -24.73 25.70
CA VAL B 908 -8.91 -24.89 25.92
C VAL B 908 -9.49 -23.81 26.82
N ASP B 909 -8.65 -23.06 27.51
CA ASP B 909 -9.09 -21.94 28.35
C ASP B 909 -9.25 -20.64 27.56
N HIS B 910 -8.87 -20.63 26.29
CA HIS B 910 -8.98 -19.42 25.46
C HIS B 910 -10.29 -19.43 24.68
N THR B 911 -11.39 -19.54 25.41
CA THR B 911 -12.71 -19.58 24.80
C THR B 911 -13.23 -18.16 24.63
N LEU B 912 -13.56 -17.80 23.40
CA LEU B 912 -14.18 -16.52 23.10
C LEU B 912 -15.54 -16.76 22.47
N ASP B 913 -16.56 -16.07 22.99
CA ASP B 913 -17.95 -16.21 22.58
C ASP B 913 -18.39 -17.66 22.53
N GLY B 914 -17.85 -18.52 23.39
CA GLY B 914 -18.27 -19.89 23.48
C GLY B 914 -17.55 -20.85 22.55
N ARG B 915 -16.67 -20.36 21.68
CA ARG B 915 -15.92 -21.21 20.77
C ARG B 915 -14.43 -21.03 21.02
N VAL B 916 -13.67 -22.12 20.85
CA VAL B 916 -12.24 -22.09 21.15
C VAL B 916 -11.51 -21.59 19.92
N LEU B 917 -10.65 -20.59 20.11
CA LEU B 917 -9.88 -19.97 19.04
C LEU B 917 -8.41 -20.02 19.39
N PHE B 918 -7.57 -20.20 18.38
CA PHE B 918 -6.13 -20.19 18.61
C PHE B 918 -5.70 -18.77 18.97
N PRO B 919 -4.95 -18.58 20.06
CA PRO B 919 -4.59 -17.22 20.45
C PRO B 919 -3.83 -16.50 19.35
N ALA B 920 -4.12 -15.20 19.22
CA ALA B 920 -3.42 -14.39 18.22
C ALA B 920 -1.92 -14.42 18.46
N THR B 921 -1.50 -14.50 19.72
CA THR B 921 -0.09 -14.59 20.05
C THR B 921 0.47 -15.98 19.79
N GLY B 922 -0.38 -16.98 19.63
CA GLY B 922 0.10 -18.31 19.31
C GLY B 922 0.80 -18.36 17.97
N TYR B 923 0.28 -17.63 16.99
CA TYR B 923 0.96 -17.57 15.69
C TYR B 923 2.33 -16.93 15.83
N LEU B 924 2.42 -15.88 16.64
CA LEU B 924 3.72 -15.23 16.88
C LEU B 924 4.68 -16.21 17.54
N SER B 925 4.22 -16.97 18.52
CA SER B 925 5.08 -17.95 19.18
C SER B 925 5.56 -19.01 18.21
N ILE B 926 4.65 -19.51 17.36
CA ILE B 926 5.02 -20.53 16.39
C ILE B 926 6.08 -19.98 15.44
N VAL B 927 5.88 -18.76 14.94
CA VAL B 927 6.82 -18.18 14.00
C VAL B 927 8.16 -17.91 14.67
N TRP B 928 8.14 -17.48 15.94
CA TRP B 928 9.36 -17.25 16.67
C TRP B 928 10.15 -18.54 16.85
N LYS B 929 9.46 -19.62 17.22
CA LYS B 929 10.14 -20.91 17.35
C LYS B 929 10.70 -21.37 16.02
N THR B 930 9.94 -21.18 14.94
CA THR B 930 10.42 -21.62 13.63
C THR B 930 11.66 -20.84 13.20
N LEU B 931 11.65 -19.53 13.39
CA LEU B 931 12.83 -18.74 13.06
C LEU B 931 14.02 -19.14 13.91
N ALA B 932 13.79 -19.36 15.20
CA ALA B 932 14.89 -19.77 16.07
C ALA B 932 15.48 -21.09 15.61
N ARG B 933 14.63 -22.05 15.25
CA ARG B 933 15.12 -23.32 14.75
C ARG B 933 15.90 -23.13 13.45
N ALA B 934 15.40 -22.27 12.57
CA ALA B 934 16.07 -22.05 11.29
C ALA B 934 17.44 -21.43 11.48
N LEU B 935 17.58 -20.49 12.40
CA LEU B 935 18.86 -19.82 12.62
C LEU B 935 19.79 -20.60 13.52
N GLY B 936 19.36 -21.73 14.07
CA GLY B 936 20.22 -22.52 14.94
C GLY B 936 20.29 -22.02 16.37
N LEU B 937 19.25 -21.37 16.87
CA LEU B 937 19.21 -20.89 18.24
C LEU B 937 17.88 -21.27 18.88
N GLY B 938 17.86 -21.27 20.21
CA GLY B 938 16.61 -21.35 20.92
C GLY B 938 15.93 -20.00 21.02
N VAL B 939 14.63 -20.04 21.35
CA VAL B 939 13.89 -18.80 21.49
C VAL B 939 14.48 -17.94 22.60
N GLU B 940 14.95 -18.58 23.68
CA GLU B 940 15.37 -17.85 24.86
C GLU B 940 16.63 -17.01 24.62
N GLN B 941 17.32 -17.20 23.50
CA GLN B 941 18.50 -16.42 23.17
C GLN B 941 18.35 -15.61 21.90
N LEU B 942 17.12 -15.46 21.39
CA LEU B 942 16.86 -14.84 20.10
C LEU B 942 15.81 -13.75 20.25
N PRO B 943 16.21 -12.51 20.53
CA PRO B 943 15.25 -11.40 20.46
C PRO B 943 14.71 -11.26 19.05
N VAL B 944 13.42 -10.94 18.96
CA VAL B 944 12.71 -10.92 17.70
C VAL B 944 11.96 -9.60 17.57
N VAL B 945 11.83 -9.14 16.32
CA VAL B 945 11.10 -7.91 16.02
C VAL B 945 10.08 -8.19 14.93
N PHE B 946 8.85 -8.51 15.34
CA PHE B 946 7.77 -8.68 14.38
C PHE B 946 7.34 -7.32 13.84
N GLU B 947 6.63 -7.36 12.72
CA GLU B 947 6.21 -6.11 12.07
C GLU B 947 5.17 -6.42 11.02
N ASP B 948 4.12 -5.60 10.98
CA ASP B 948 3.07 -5.71 9.97
C ASP B 948 2.41 -7.08 9.99
N VAL B 949 2.05 -7.54 11.18
CA VAL B 949 1.32 -8.80 11.30
C VAL B 949 -0.14 -8.57 10.93
N VAL B 950 -0.67 -9.41 10.06
CA VAL B 950 -2.07 -9.37 9.66
C VAL B 950 -2.67 -10.75 9.83
N LEU B 951 -3.78 -10.82 10.57
CA LEU B 951 -4.52 -12.06 10.75
C LEU B 951 -5.67 -12.08 9.75
N HIS B 952 -5.76 -13.16 8.97
CA HIS B 952 -6.74 -13.24 7.89
C HIS B 952 -7.96 -14.07 8.25
N GLN B 953 -7.79 -15.14 9.04
CA GLN B 953 -8.92 -15.96 9.45
C GLN B 953 -8.59 -16.61 10.78
N ALA B 954 -9.65 -17.00 11.49
CA ALA B 954 -9.52 -17.63 12.80
C ALA B 954 -9.61 -19.13 12.65
N THR B 955 -8.78 -19.86 13.37
CA THR B 955 -8.75 -21.31 13.33
C THR B 955 -9.39 -21.86 14.60
N ILE B 956 -10.58 -22.43 14.46
CA ILE B 956 -11.30 -23.01 15.58
C ILE B 956 -10.70 -24.37 15.88
N LEU B 957 -10.28 -24.57 17.13
CA LEU B 957 -9.73 -25.84 17.54
C LEU B 957 -10.87 -26.80 17.88
N PRO B 958 -10.94 -27.96 17.23
CA PRO B 958 -12.07 -28.88 17.51
C PRO B 958 -11.94 -29.51 18.89
N LYS B 959 -13.08 -29.92 19.44
CA LYS B 959 -13.06 -30.64 20.71
C LYS B 959 -12.32 -31.96 20.56
N THR B 960 -12.53 -32.66 19.45
CA THR B 960 -11.85 -33.91 19.16
C THR B 960 -11.07 -33.77 17.87
N GLY B 961 -9.83 -34.27 17.88
CA GLY B 961 -8.96 -34.16 16.72
C GLY B 961 -7.92 -33.08 16.89
N THR B 962 -7.19 -32.84 15.80
CA THR B 962 -6.12 -31.85 15.77
C THR B 962 -6.17 -31.08 14.46
N VAL B 963 -5.54 -29.91 14.47
CA VAL B 963 -5.45 -29.03 13.31
C VAL B 963 -3.99 -28.69 13.09
N SER B 964 -3.55 -28.70 11.84
CA SER B 964 -2.15 -28.50 11.48
C SER B 964 -1.95 -27.11 10.91
N LEU B 965 -0.97 -26.40 11.44
CA LEU B 965 -0.58 -25.07 10.95
C LEU B 965 0.83 -25.15 10.38
N GLU B 966 0.99 -24.69 9.15
CA GLU B 966 2.28 -24.71 8.47
C GLU B 966 2.82 -23.29 8.37
N VAL B 967 4.11 -23.13 8.70
CA VAL B 967 4.76 -21.82 8.72
C VAL B 967 5.92 -21.84 7.76
N ARG B 968 5.96 -20.85 6.87
CA ARG B 968 7.02 -20.68 5.89
C ARG B 968 7.76 -19.39 6.17
N LEU B 969 9.06 -19.37 5.86
CA LEU B 969 9.88 -18.19 6.04
C LEU B 969 10.62 -17.88 4.76
N LEU B 970 10.62 -16.60 4.39
CA LEU B 970 11.38 -16.08 3.25
C LEU B 970 12.45 -15.19 3.87
N GLU B 971 13.59 -15.78 4.22
CA GLU B 971 14.61 -15.05 4.95
C GLU B 971 15.13 -13.86 4.15
N ALA B 972 15.28 -14.01 2.83
CA ALA B 972 15.81 -12.92 2.03
C ALA B 972 14.97 -11.66 2.18
N SER B 973 13.65 -11.78 2.06
CA SER B 973 12.74 -10.66 2.19
C SER B 973 12.17 -10.54 3.60
N ARG B 974 12.63 -11.38 4.54
CA ARG B 974 12.19 -11.37 5.93
C ARG B 974 10.67 -11.23 6.03
N ALA B 975 9.99 -12.24 5.51
CA ALA B 975 8.54 -12.35 5.59
C ALA B 975 8.17 -13.78 5.91
N PHE B 976 7.15 -13.96 6.75
CA PHE B 976 6.66 -15.27 7.12
C PHE B 976 5.24 -15.46 6.61
N GLU B 977 4.71 -16.67 6.79
CA GLU B 977 3.33 -16.95 6.43
C GLU B 977 2.87 -18.26 7.08
N VAL B 978 1.78 -18.19 7.82
CA VAL B 978 1.19 -19.34 8.49
C VAL B 978 0.03 -19.81 7.63
N SER B 979 0.10 -21.04 7.14
CA SER B 979 -0.89 -21.60 6.23
C SER B 979 -1.54 -22.82 6.85
N GLU B 980 -2.88 -22.84 6.86
CA GLU B 980 -3.66 -23.98 7.33
C GLU B 980 -4.23 -24.69 6.11
N ASN B 981 -3.68 -25.87 5.79
CA ASN B 981 -4.14 -26.66 4.67
C ASN B 981 -4.15 -25.85 3.38
N GLY B 982 -3.05 -25.18 3.11
CA GLY B 982 -2.87 -24.47 1.86
C GLY B 982 -3.59 -23.14 1.77
N ASN B 983 -4.22 -22.73 2.87
CA ASN B 983 -4.97 -21.48 2.94
C ASN B 983 -4.34 -20.59 4.00
N LEU B 984 -4.04 -19.35 3.63
CA LEU B 984 -3.27 -18.49 4.52
C LEU B 984 -4.05 -18.14 5.78
N VAL B 985 -3.31 -17.94 6.87
CA VAL B 985 -3.90 -17.53 8.14
C VAL B 985 -3.27 -16.24 8.62
N VAL B 986 -1.94 -16.20 8.70
CA VAL B 986 -1.23 -15.02 9.19
C VAL B 986 -0.08 -14.69 8.26
N SER B 987 0.25 -13.41 8.17
CA SER B 987 1.32 -12.93 7.32
C SER B 987 1.93 -11.67 7.93
N GLY B 988 3.20 -11.44 7.65
CA GLY B 988 3.88 -10.28 8.20
C GLY B 988 5.37 -10.34 7.94
N LYS B 989 6.13 -9.67 8.81
CA LYS B 989 7.59 -9.62 8.72
C LYS B 989 8.19 -9.95 10.08
N VAL B 990 9.24 -10.76 10.07
CA VAL B 990 9.91 -11.19 11.30
C VAL B 990 11.41 -11.22 11.03
N TYR B 991 12.18 -10.70 11.99
CA TYR B 991 13.63 -10.72 11.86
C TYR B 991 14.27 -10.54 13.23
N GLN B 992 15.54 -10.91 13.32
CA GLN B 992 16.26 -10.82 14.58
C GLN B 992 16.57 -9.37 14.92
N TRP B 993 16.54 -9.07 16.21
CA TRP B 993 16.83 -7.73 16.71
C TRP B 993 18.34 -7.62 16.87
N ASP B 994 19.00 -6.95 15.92
CA ASP B 994 20.46 -6.95 15.89
C ASP B 994 21.06 -6.29 17.12
N ASP B 995 20.50 -5.16 17.54
CA ASP B 995 21.06 -4.36 18.63
C ASP B 995 19.96 -4.07 19.66
N PRO B 996 19.64 -5.04 20.52
CA PRO B 996 18.61 -4.81 21.53
C PRO B 996 18.98 -3.65 22.44
N ASP B 997 17.96 -2.89 22.85
CA ASP B 997 18.15 -1.75 23.75
C ASP B 997 17.14 -1.79 24.87
N PRO B 998 17.56 -1.97 26.13
CA PRO B 998 16.59 -2.03 27.23
C PRO B 998 15.76 -0.77 27.39
N ARG B 999 16.24 0.37 26.89
CA ARG B 999 15.52 1.63 27.09
C ARG B 999 14.09 1.55 26.54
N LEU B 1000 13.87 0.77 25.50
CA LEU B 1000 12.55 0.70 24.89
C LEU B 1000 11.50 0.22 25.88
N PHE B 1001 11.89 -0.60 26.86
CA PHE B 1001 10.96 -1.24 27.77
C PHE B 1001 10.73 -0.46 29.06
N ASP B 1002 11.32 0.73 29.19
CA ASP B 1002 11.00 1.59 30.32
C ASP B 1002 9.56 2.09 30.19
N HIS B 1003 8.86 2.11 31.32
CA HIS B 1003 7.43 2.38 31.31
C HIS B 1003 7.17 3.86 31.05
N PRO B 1004 6.39 4.22 30.02
CA PRO B 1004 6.07 5.62 29.81
C PRO B 1004 5.23 6.19 30.95
N GLU B 1005 5.40 7.49 31.19
CA GLU B 1005 4.68 8.14 32.27
C GLU B 1005 3.18 8.15 31.99
N SER B 1006 2.40 8.02 33.05
CA SER B 1006 0.94 8.02 32.92
C SER B 1006 0.45 9.44 32.63
N PRO B 1007 -0.38 9.64 31.61
CA PRO B 1007 -0.88 11.00 31.34
C PRO B 1007 -1.65 11.60 32.51
N THR B 1008 -2.42 10.78 33.23
CA THR B 1008 -3.13 11.23 34.42
C THR B 1008 -2.40 10.70 35.65
N PRO B 1009 -1.82 11.57 36.49
CA PRO B 1009 -1.01 11.07 37.60
C PRO B 1009 -1.78 10.16 38.54
N ASN B 1010 -2.84 10.69 39.16
CA ASN B 1010 -3.70 9.96 40.09
C ASN B 1010 -2.85 9.09 41.02
N PRO B 1011 -1.90 9.67 41.74
CA PRO B 1011 -0.99 8.85 42.55
C PRO B 1011 -1.69 8.07 43.66
N THR B 1012 -2.86 8.52 44.11
CA THR B 1012 -3.52 7.86 45.24
C THR B 1012 -3.88 6.41 44.89
N GLU B 1013 -4.74 6.22 43.89
CA GLU B 1013 -5.22 4.90 43.50
C GLU B 1013 -5.69 4.12 44.72
N PRO B 1014 -6.68 4.62 45.47
CA PRO B 1014 -7.13 3.89 46.65
C PRO B 1014 -7.64 2.50 46.35
N LEU B 1015 -8.32 2.32 45.23
CA LEU B 1015 -8.97 1.06 44.88
C LEU B 1015 -8.43 0.52 43.57
N PHE B 1016 -8.61 -0.77 43.35
CA PHE B 1016 -8.13 -1.42 42.14
C PHE B 1016 -9.02 -2.61 41.86
N LEU B 1017 -9.00 -3.07 40.62
CA LEU B 1017 -9.79 -4.22 40.20
C LEU B 1017 -8.99 -5.49 40.46
N ALA B 1018 -9.45 -6.30 41.41
CA ALA B 1018 -8.84 -7.61 41.61
C ALA B 1018 -9.10 -8.48 40.39
N GLN B 1019 -8.47 -9.67 40.41
CA GLN B 1019 -8.59 -10.59 39.29
C GLN B 1019 -10.05 -10.94 39.02
N ALA B 1020 -10.79 -11.29 40.07
CA ALA B 1020 -12.17 -11.72 39.90
C ALA B 1020 -13.01 -10.62 39.28
N GLU B 1021 -12.85 -9.39 39.76
CA GLU B 1021 -13.66 -8.29 39.23
C GLU B 1021 -13.34 -8.04 37.76
N VAL B 1022 -12.06 -8.04 37.39
CA VAL B 1022 -11.70 -7.74 36.02
C VAL B 1022 -12.23 -8.80 35.08
N TYR B 1023 -12.13 -10.08 35.46
CA TYR B 1023 -12.64 -11.11 34.56
C TYR B 1023 -14.16 -11.19 34.59
N LYS B 1024 -14.79 -10.77 35.68
CA LYS B 1024 -16.24 -10.59 35.65
C LYS B 1024 -16.63 -9.57 34.60
N GLU B 1025 -15.92 -8.45 34.56
CA GLU B 1025 -16.19 -7.45 33.54
C GLU B 1025 -15.98 -8.04 32.14
N LEU B 1026 -14.86 -8.74 31.95
CA LEU B 1026 -14.55 -9.28 30.64
C LEU B 1026 -15.62 -10.26 30.18
N ARG B 1027 -16.08 -11.14 31.08
CA ARG B 1027 -17.14 -12.08 30.71
C ARG B 1027 -18.44 -11.36 30.43
N LEU B 1028 -18.75 -10.31 31.20
CA LEU B 1028 -19.92 -9.50 30.91
C LEU B 1028 -19.83 -8.90 29.51
N ARG B 1029 -18.61 -8.64 29.03
CA ARG B 1029 -18.46 -8.09 27.69
C ARG B 1029 -18.48 -9.17 26.62
N GLY B 1030 -18.04 -10.38 26.94
CA GLY B 1030 -18.10 -11.47 25.99
C GLY B 1030 -16.87 -12.35 25.88
N TYR B 1031 -15.91 -12.16 26.78
CA TYR B 1031 -14.69 -12.95 26.79
C TYR B 1031 -14.76 -13.99 27.90
N ASP B 1032 -14.47 -15.25 27.56
CA ASP B 1032 -14.65 -16.36 28.49
C ASP B 1032 -13.34 -17.07 28.79
N TYR B 1033 -12.31 -16.31 29.18
CA TYR B 1033 -11.02 -16.90 29.47
C TYR B 1033 -11.10 -17.90 30.61
N GLY B 1034 -10.39 -19.02 30.46
CA GLY B 1034 -10.32 -20.02 31.48
C GLY B 1034 -9.15 -19.78 32.43
N PRO B 1035 -8.94 -20.70 33.38
CA PRO B 1035 -7.92 -20.46 34.40
C PRO B 1035 -6.51 -20.22 33.86
N HIS B 1036 -6.12 -20.92 32.80
CA HIS B 1036 -4.74 -20.80 32.32
C HIS B 1036 -4.47 -19.45 31.70
N PHE B 1037 -5.51 -18.73 31.28
CA PHE B 1037 -5.35 -17.44 30.62
C PHE B 1037 -5.76 -16.27 31.51
N GLN B 1038 -5.98 -16.50 32.81
CA GLN B 1038 -6.28 -15.43 33.74
C GLN B 1038 -4.98 -15.00 34.40
N GLY B 1039 -4.37 -13.95 33.87
CA GLY B 1039 -3.05 -13.53 34.29
C GLY B 1039 -2.99 -12.15 34.91
N ILE B 1040 -4.14 -11.49 35.05
CA ILE B 1040 -4.18 -10.14 35.60
C ILE B 1040 -4.46 -10.23 37.10
N LEU B 1041 -3.44 -10.03 37.93
CA LEU B 1041 -3.64 -10.00 39.37
C LEU B 1041 -4.33 -8.73 39.81
N GLU B 1042 -4.09 -7.61 39.13
CA GLU B 1042 -4.75 -6.37 39.45
C GLU B 1042 -4.70 -5.45 38.23
N ALA B 1043 -5.49 -4.39 38.30
CA ALA B 1043 -5.52 -3.40 37.22
C ALA B 1043 -6.23 -2.15 37.74
N SER B 1044 -5.65 -1.00 37.43
CA SER B 1044 -6.24 0.25 37.88
C SER B 1044 -7.63 0.42 37.27
N LEU B 1045 -8.47 1.18 37.97
CA LEU B 1045 -9.85 1.35 37.53
C LEU B 1045 -9.91 1.81 36.09
N GLU B 1046 -9.16 2.87 35.75
CA GLU B 1046 -9.14 3.34 34.38
C GLU B 1046 -8.61 2.30 33.41
N GLY B 1047 -7.81 1.35 33.89
CA GLY B 1047 -7.34 0.27 33.03
C GLY B 1047 -6.04 0.55 32.31
N ASP B 1048 -5.14 1.32 32.90
CA ASP B 1048 -3.90 1.71 32.25
C ASP B 1048 -2.66 1.08 32.86
N SER B 1049 -2.79 0.38 33.98
CA SER B 1049 -1.65 -0.31 34.58
C SER B 1049 -2.16 -1.52 35.35
N GLY B 1050 -1.26 -2.47 35.58
CA GLY B 1050 -1.62 -3.67 36.30
C GLY B 1050 -0.41 -4.56 36.48
N ARG B 1051 -0.64 -5.72 37.10
CA ARG B 1051 0.40 -6.71 37.31
C ARG B 1051 -0.02 -8.00 36.63
N LEU B 1052 0.90 -8.57 35.86
CA LEU B 1052 0.62 -9.75 35.05
C LEU B 1052 1.41 -10.94 35.59
N LEU B 1053 0.70 -12.04 35.81
CA LEU B 1053 1.33 -13.26 36.29
C LEU B 1053 2.18 -13.88 35.19
N TRP B 1054 3.27 -14.51 35.61
CA TRP B 1054 4.22 -15.15 34.69
C TRP B 1054 4.32 -16.62 35.04
N LYS B 1055 4.15 -17.48 34.02
CA LYS B 1055 4.18 -18.92 34.24
C LYS B 1055 4.95 -19.64 33.13
N ASP B 1056 5.96 -18.99 32.57
CA ASP B 1056 6.80 -19.59 31.53
C ASP B 1056 5.97 -20.02 30.33
N ASN B 1057 5.05 -19.16 29.91
CA ASN B 1057 4.19 -19.42 28.75
C ASN B 1057 3.99 -18.10 28.02
N TRP B 1058 4.70 -17.92 26.90
CA TRP B 1058 4.66 -16.64 26.21
C TRP B 1058 3.28 -16.36 25.64
N VAL B 1059 2.60 -17.38 25.14
CA VAL B 1059 1.27 -17.18 24.59
C VAL B 1059 0.36 -16.54 25.63
N SER B 1060 0.34 -17.11 26.83
CA SER B 1060 -0.52 -16.60 27.89
C SER B 1060 -0.13 -15.18 28.27
N PHE B 1061 1.17 -14.89 28.37
CA PHE B 1061 1.62 -13.56 28.77
C PHE B 1061 1.18 -12.51 27.75
N MET B 1062 1.42 -12.78 26.47
CA MET B 1062 1.04 -11.80 25.45
C MET B 1062 -0.45 -11.56 25.31
N ASP B 1063 -1.26 -12.61 25.42
CA ASP B 1063 -2.70 -12.41 25.41
C ASP B 1063 -3.20 -11.69 26.67
N THR B 1064 -2.48 -11.86 27.79
CA THR B 1064 -2.82 -11.12 29.00
C THR B 1064 -2.56 -9.67 28.72
N MET B 1065 -1.47 -9.36 28.03
CA MET B 1065 -1.22 -7.97 27.63
C MET B 1065 -2.34 -7.46 26.73
N LEU B 1066 -2.77 -8.27 25.77
CA LEU B 1066 -3.89 -7.87 24.92
C LEU B 1066 -5.17 -7.71 25.72
N GLN B 1067 -5.36 -8.54 26.74
CA GLN B 1067 -6.52 -8.40 27.61
C GLN B 1067 -6.50 -7.07 28.34
N MET B 1068 -5.34 -6.68 28.85
CA MET B 1068 -5.22 -5.37 29.48
C MET B 1068 -5.55 -4.26 28.49
N SER B 1069 -5.08 -4.41 27.26
CA SER B 1069 -5.39 -3.40 26.24
C SER B 1069 -6.90 -3.30 26.01
N ILE B 1070 -7.57 -4.44 25.93
CA ILE B 1070 -9.01 -4.44 25.62
C ILE B 1070 -9.86 -4.03 26.82
N LEU B 1071 -9.34 -4.19 28.04
CA LEU B 1071 -10.15 -3.92 29.23
C LEU B 1071 -10.56 -2.46 29.30
N GLY B 1072 -9.64 -1.54 29.00
CA GLY B 1072 -9.90 -0.13 29.20
C GLY B 1072 -10.72 0.55 28.13
N SER B 1073 -10.91 -0.10 26.98
CA SER B 1073 -11.69 0.51 25.91
C SER B 1073 -13.15 0.62 26.30
N ALA B 1074 -13.76 1.76 25.96
CA ALA B 1074 -15.17 1.97 26.26
C ALA B 1074 -16.09 1.21 25.30
N LYS B 1075 -15.59 0.80 24.14
CA LYS B 1075 -16.42 0.10 23.18
C LYS B 1075 -16.93 -1.21 23.79
N HIS B 1076 -18.20 -1.50 23.55
CA HIS B 1076 -18.81 -2.75 23.99
C HIS B 1076 -18.90 -3.72 22.81
N GLY B 1077 -19.13 -4.97 23.13
CA GLY B 1077 -19.16 -6.04 22.15
C GLY B 1077 -17.80 -6.68 21.97
N LEU B 1078 -17.84 -7.88 21.41
CA LEU B 1078 -16.64 -8.67 21.20
C LEU B 1078 -15.78 -8.00 20.14
N TYR B 1079 -14.50 -7.79 20.45
CA TYR B 1079 -13.51 -7.30 19.49
C TYR B 1079 -12.33 -8.24 19.46
N LEU B 1080 -11.87 -8.58 18.26
CA LEU B 1080 -10.76 -9.50 18.09
C LEU B 1080 -9.60 -8.85 17.35
N PRO B 1081 -8.36 -9.08 17.78
CA PRO B 1081 -7.22 -8.50 17.07
C PRO B 1081 -7.16 -8.95 15.61
N THR B 1082 -6.68 -8.06 14.74
CA THR B 1082 -6.57 -8.34 13.32
C THR B 1082 -5.21 -7.95 12.77
N ARG B 1083 -4.60 -6.90 13.32
CA ARG B 1083 -3.32 -6.41 12.84
C ARG B 1083 -2.52 -5.84 14.00
N VAL B 1084 -1.21 -6.00 13.93
CA VAL B 1084 -0.29 -5.46 14.92
C VAL B 1084 0.88 -4.81 14.17
N THR B 1085 1.15 -3.54 14.49
CA THR B 1085 2.16 -2.80 13.73
C THR B 1085 3.56 -3.31 14.01
N ALA B 1086 3.91 -3.49 15.29
CA ALA B 1086 5.27 -3.91 15.63
C ALA B 1086 5.30 -4.48 17.03
N ILE B 1087 6.06 -5.57 17.19
CA ILE B 1087 6.22 -6.24 18.47
C ILE B 1087 7.70 -6.51 18.66
N HIS B 1088 8.24 -6.12 19.83
CA HIS B 1088 9.64 -6.36 20.18
C HIS B 1088 9.70 -7.25 21.40
N ILE B 1089 10.54 -8.27 21.36
CA ILE B 1089 10.71 -9.21 22.46
C ILE B 1089 12.20 -9.34 22.76
N ASP B 1090 12.53 -9.34 24.06
CA ASP B 1090 13.92 -9.43 24.49
C ASP B 1090 13.95 -10.28 25.75
N PRO B 1091 14.16 -11.59 25.62
CA PRO B 1091 14.06 -12.47 26.80
C PRO B 1091 14.99 -12.09 27.94
N ALA B 1092 16.18 -11.56 27.64
CA ALA B 1092 17.10 -11.18 28.71
C ALA B 1092 16.50 -10.09 29.57
N THR B 1093 16.03 -9.00 28.95
CA THR B 1093 15.40 -7.94 29.72
C THR B 1093 14.15 -8.45 30.42
N HIS B 1094 13.47 -9.42 29.81
CA HIS B 1094 12.29 -10.00 30.46
C HIS B 1094 12.68 -10.66 31.76
N ARG B 1095 13.74 -11.47 31.75
CA ARG B 1095 14.20 -12.10 32.99
C ARG B 1095 14.65 -11.05 33.99
N GLN B 1096 15.24 -9.96 33.52
CA GLN B 1096 15.66 -8.90 34.42
C GLN B 1096 14.46 -8.27 35.12
N LYS B 1097 13.38 -8.04 34.38
CA LYS B 1097 12.26 -7.27 34.92
C LYS B 1097 11.45 -8.08 35.92
N LEU B 1098 11.27 -9.38 35.66
CA LEU B 1098 10.42 -10.20 36.52
C LEU B 1098 10.89 -10.14 37.97
N TYR B 1099 9.95 -9.92 38.88
CA TYR B 1099 10.25 -9.89 40.31
C TYR B 1099 9.25 -10.77 41.04
N THR B 1100 9.77 -11.65 41.90
CA THR B 1100 8.92 -12.59 42.62
C THR B 1100 8.12 -11.87 43.69
N LEU B 1101 6.85 -12.22 43.80
CA LEU B 1101 5.97 -11.62 44.79
C LEU B 1101 6.10 -12.34 46.12
N GLN B 1102 5.56 -11.71 47.17
CA GLN B 1102 5.64 -12.30 48.51
C GLN B 1102 5.06 -13.70 48.53
N ASP B 1103 4.04 -13.96 47.71
CA ASP B 1103 3.39 -15.26 47.63
C ASP B 1103 4.19 -16.26 46.81
N LYS B 1104 5.40 -15.90 46.36
CA LYS B 1104 6.29 -16.73 45.56
C LYS B 1104 5.80 -16.90 44.13
N ALA B 1105 4.93 -16.02 43.64
CA ALA B 1105 4.48 -16.08 42.26
C ALA B 1105 5.12 -14.93 41.48
N GLN B 1106 5.76 -15.26 40.35
CA GLN B 1106 6.43 -14.24 39.55
C GLN B 1106 5.42 -13.38 38.82
N VAL B 1107 5.63 -12.06 38.87
CA VAL B 1107 4.74 -11.10 38.25
C VAL B 1107 5.54 -10.07 37.49
N ALA B 1108 4.90 -9.47 36.49
CA ALA B 1108 5.51 -8.41 35.69
C ALA B 1108 4.52 -7.25 35.60
N ASP B 1109 5.00 -6.03 35.79
CA ASP B 1109 4.13 -4.87 35.72
C ASP B 1109 3.85 -4.52 34.26
N VAL B 1110 2.65 -4.01 34.02
CA VAL B 1110 2.21 -3.64 32.68
C VAL B 1110 1.70 -2.21 32.70
N VAL B 1111 1.89 -1.52 31.58
CA VAL B 1111 1.38 -0.17 31.40
C VAL B 1111 0.82 -0.04 29.99
N VAL B 1112 -0.34 0.58 29.88
CA VAL B 1112 -1.00 0.83 28.61
C VAL B 1112 -1.06 2.32 28.39
N SER B 1113 -0.56 2.78 27.23
CA SER B 1113 -0.56 4.19 26.87
C SER B 1113 -1.40 4.34 25.62
N ARG B 1114 -2.65 4.77 25.80
CA ARG B 1114 -3.53 4.98 24.65
C ARG B 1114 -3.08 6.16 23.80
N TRP B 1115 -2.46 7.17 24.43
CA TRP B 1115 -1.93 8.29 23.65
C TRP B 1115 -0.86 7.84 22.68
N LEU B 1116 0.09 7.03 23.18
CA LEU B 1116 1.19 6.57 22.34
C LEU B 1116 0.88 5.28 21.60
N ARG B 1117 -0.27 4.67 21.85
CA ARG B 1117 -0.65 3.41 21.21
C ARG B 1117 0.46 2.37 21.38
N VAL B 1118 0.69 1.98 22.64
CA VAL B 1118 1.76 1.07 22.98
C VAL B 1118 1.42 0.37 24.29
N THR B 1119 1.73 -0.92 24.36
CA THR B 1119 1.59 -1.71 25.57
C THR B 1119 2.95 -2.29 25.92
N VAL B 1120 3.40 -2.07 27.15
CA VAL B 1120 4.71 -2.52 27.60
C VAL B 1120 4.52 -3.36 28.85
N ALA B 1121 5.12 -4.55 28.86
CA ALA B 1121 5.01 -5.44 30.00
C ALA B 1121 6.24 -6.33 30.03
N GLY B 1122 7.17 -6.03 30.92
CA GLY B 1122 8.38 -6.82 31.00
C GLY B 1122 9.20 -6.66 29.74
N GLY B 1123 9.49 -7.77 29.08
CA GLY B 1123 10.37 -7.77 27.93
C GLY B 1123 9.65 -7.73 26.60
N VAL B 1124 8.36 -7.42 26.62
CA VAL B 1124 7.56 -7.30 25.40
C VAL B 1124 7.21 -5.84 25.18
N HIS B 1125 6.93 -5.50 23.92
CA HIS B 1125 6.59 -4.11 23.57
C HIS B 1125 5.68 -4.18 22.34
N ILE B 1126 4.37 -4.06 22.58
CA ILE B 1126 3.37 -4.15 21.52
C ILE B 1126 2.94 -2.74 21.15
N SER B 1127 2.93 -2.44 19.86
CA SER B 1127 2.55 -1.13 19.36
C SER B 1127 1.57 -1.30 18.21
N GLY B 1128 0.65 -0.35 18.09
CA GLY B 1128 -0.28 -0.36 16.98
C GLY B 1128 -1.22 -1.55 16.92
N LEU B 1129 -1.82 -1.92 18.04
CA LEU B 1129 -2.80 -3.00 18.02
C LEU B 1129 -4.11 -2.51 17.41
N HIS B 1130 -4.75 -3.38 16.62
CA HIS B 1130 -6.00 -3.06 15.96
C HIS B 1130 -6.96 -4.22 16.16
N THR B 1131 -8.24 -3.91 16.34
CA THR B 1131 -9.26 -4.92 16.60
C THR B 1131 -10.49 -4.63 15.74
N GLU B 1132 -11.29 -5.67 15.52
CA GLU B 1132 -12.55 -5.57 14.79
C GLU B 1132 -13.62 -6.35 15.51
N SER B 1133 -14.88 -5.94 15.29
CA SER B 1133 -16.01 -6.52 16.00
C SER B 1133 -16.47 -7.77 15.28
N ALA B 1134 -16.18 -8.93 15.87
CA ALA B 1134 -16.61 -10.18 15.28
C ALA B 1134 -18.09 -10.43 15.54
N PRO B 1135 -18.76 -11.15 14.64
CA PRO B 1135 -20.18 -11.45 14.86
C PRO B 1135 -20.38 -12.44 15.99
N ARG B 1136 -21.57 -12.38 16.59
CA ARG B 1136 -21.87 -13.25 17.72
C ARG B 1136 -22.07 -14.69 17.25
N ARG B 1137 -22.01 -15.61 18.22
CA ARG B 1137 -22.03 -17.03 17.89
C ARG B 1137 -23.36 -17.45 17.27
N GLN B 1138 -24.46 -16.92 17.78
CA GLN B 1138 -25.83 -17.26 17.39
C GLN B 1138 -26.26 -18.58 18.01
N GLN B 1139 -25.48 -19.15 18.94
CA GLN B 1139 -25.88 -20.40 19.56
C GLN B 1139 -27.16 -20.24 20.36
N GLU B 1140 -27.19 -19.26 21.27
CA GLU B 1140 -28.36 -19.02 22.13
C GLU B 1140 -28.89 -20.33 22.68
N GLN B 1141 -28.02 -21.11 23.33
CA GLN B 1141 -28.43 -22.43 23.80
C GLN B 1141 -29.54 -22.34 24.85
N GLN B 1142 -29.47 -21.36 25.75
CA GLN B 1142 -30.45 -21.19 26.80
C GLN B 1142 -31.55 -20.23 26.34
N VAL B 1143 -32.78 -20.71 26.34
CA VAL B 1143 -33.95 -19.93 25.93
C VAL B 1143 -34.78 -19.63 27.18
N PRO B 1144 -34.94 -18.37 27.56
CA PRO B 1144 -35.74 -18.07 28.76
C PRO B 1144 -37.19 -18.49 28.58
N ILE B 1145 -37.81 -18.89 29.68
CA ILE B 1145 -39.21 -19.29 29.70
C ILE B 1145 -39.92 -18.46 30.76
N LEU B 1146 -41.08 -17.92 30.41
CA LEU B 1146 -41.79 -16.97 31.26
C LEU B 1146 -43.13 -17.52 31.68
N GLU B 1147 -43.58 -17.09 32.87
CA GLU B 1147 -44.86 -17.52 33.41
C GLU B 1147 -45.38 -16.44 34.34
N LYS B 1148 -46.67 -16.50 34.62
CA LYS B 1148 -47.35 -15.52 35.46
C LYS B 1148 -47.92 -16.22 36.70
N PHE B 1149 -47.86 -15.54 37.83
CA PHE B 1149 -48.27 -16.10 39.12
C PHE B 1149 -49.60 -15.48 39.52
N CYS B 1150 -50.69 -16.02 38.98
CA CYS B 1150 -52.01 -15.48 39.20
C CYS B 1150 -52.79 -16.37 40.16
N PHE B 1151 -53.80 -15.80 40.81
CA PHE B 1151 -54.63 -16.50 41.78
C PHE B 1151 -55.82 -17.10 41.05
N THR B 1152 -56.03 -18.40 41.25
CA THR B 1152 -57.11 -19.13 40.57
C THR B 1152 -57.94 -19.89 41.60
N PRO B 1153 -59.24 -19.63 41.71
CA PRO B 1153 -60.05 -20.39 42.66
C PRO B 1153 -60.14 -21.85 42.27
N HIS B 1154 -60.33 -22.71 43.28
CA HIS B 1154 -60.39 -24.14 43.03
C HIS B 1154 -61.55 -24.49 42.10
N THR B 1155 -62.71 -23.90 42.33
CA THR B 1155 -63.91 -24.18 41.55
C THR B 1155 -64.20 -23.00 40.63
N GLU B 1156 -64.41 -23.29 39.34
CA GLU B 1156 -64.68 -22.27 38.35
C GLU B 1156 -65.76 -22.77 37.40
N GLU B 1157 -66.54 -21.81 36.87
CA GLU B 1157 -67.60 -22.11 35.94
C GLU B 1157 -67.60 -21.07 34.83
N GLY B 1158 -68.08 -21.47 33.66
CA GLY B 1158 -68.05 -20.58 32.50
C GLY B 1158 -66.63 -20.20 32.11
N CYS B 1159 -65.73 -21.17 32.07
CA CYS B 1159 -64.31 -20.88 31.90
C CYS B 1159 -63.99 -20.31 30.53
N LEU B 1160 -64.83 -20.56 29.52
CA LEU B 1160 -64.56 -20.16 28.15
C LEU B 1160 -65.64 -19.22 27.65
N SER B 1161 -66.04 -18.27 28.49
CA SER B 1161 -67.09 -17.31 28.16
C SER B 1161 -66.57 -16.10 27.39
N GLU B 1162 -65.44 -16.25 26.68
CA GLU B 1162 -64.88 -15.14 25.92
C GLU B 1162 -64.56 -15.56 24.50
N ARG B 1163 -64.06 -16.78 24.33
CA ARG B 1163 -63.62 -17.22 23.00
C ARG B 1163 -64.81 -17.21 22.04
N ALA B 1164 -64.66 -16.47 20.94
CA ALA B 1164 -65.75 -16.32 19.99
C ALA B 1164 -65.94 -17.54 19.11
N ALA B 1165 -64.86 -18.23 18.76
CA ALA B 1165 -64.99 -19.39 17.87
C ALA B 1165 -65.87 -20.45 18.50
N LEU B 1166 -65.68 -20.71 19.79
CA LEU B 1166 -66.52 -21.70 20.47
C LEU B 1166 -67.97 -21.26 20.48
N GLN B 1167 -68.22 -19.97 20.68
CA GLN B 1167 -69.59 -19.47 20.67
C GLN B 1167 -70.23 -19.66 19.31
N GLU B 1168 -69.51 -19.34 18.24
CA GLU B 1168 -70.04 -19.51 16.89
C GLU B 1168 -70.32 -20.97 16.60
N GLU B 1169 -69.40 -21.86 16.99
CA GLU B 1169 -69.62 -23.29 16.76
C GLU B 1169 -70.82 -23.78 17.55
N LEU B 1170 -71.00 -23.28 18.78
CA LEU B 1170 -72.15 -23.69 19.58
C LEU B 1170 -73.46 -23.24 18.93
N GLN B 1171 -73.50 -22.00 18.45
CA GLN B 1171 -74.70 -21.53 17.77
C GLN B 1171 -74.96 -22.32 16.49
N LEU B 1172 -73.90 -22.65 15.75
CA LEU B 1172 -74.08 -23.45 14.53
C LEU B 1172 -74.62 -24.83 14.85
N CYS B 1173 -74.10 -25.47 15.90
CA CYS B 1173 -74.61 -26.78 16.29
C CYS B 1173 -76.05 -26.68 16.75
N LYS B 1174 -76.40 -25.60 17.46
CA LYS B 1174 -77.79 -25.38 17.81
C LYS B 1174 -78.67 -25.29 16.57
N GLY B 1175 -78.21 -24.54 15.57
CA GLY B 1175 -78.98 -24.42 14.33
C GLY B 1175 -79.15 -25.76 13.63
N LEU B 1176 -78.08 -26.56 13.59
CA LEU B 1176 -78.17 -27.86 12.95
C LEU B 1176 -79.12 -28.78 13.73
N VAL B 1177 -79.11 -28.68 15.05
CA VAL B 1177 -80.07 -29.46 15.85
C VAL B 1177 -81.49 -29.03 15.53
N GLN B 1178 -81.71 -27.72 15.41
CA GLN B 1178 -83.04 -27.23 15.04
C GLN B 1178 -83.45 -27.75 13.67
N ALA B 1179 -82.50 -27.79 12.73
CA ALA B 1179 -82.80 -28.37 11.42
C ALA B 1179 -83.18 -29.84 11.54
N LEU B 1180 -82.46 -30.58 12.37
CA LEU B 1180 -82.84 -31.97 12.64
C LEU B 1180 -84.23 -32.05 13.25
N GLN B 1181 -84.65 -31.02 13.99
CA GLN B 1181 -86.00 -30.99 14.53
C GLN B 1181 -87.06 -30.79 13.45
N THR B 1182 -86.67 -30.47 12.22
CA THR B 1182 -87.61 -30.31 11.13
C THR B 1182 -88.50 -31.54 11.00
N PRO B 1205 -71.74 -25.57 6.70
CA PRO B 1205 -70.31 -25.53 6.34
C PRO B 1205 -69.62 -26.88 6.54
N SER B 1206 -69.95 -27.57 7.63
CA SER B 1206 -69.39 -28.88 7.94
C SER B 1206 -67.86 -28.83 7.95
N GLN B 1207 -67.32 -27.78 8.57
CA GLN B 1207 -65.88 -27.58 8.63
C GLN B 1207 -65.22 -28.34 9.78
N GLN B 1208 -66.00 -28.91 10.70
CA GLN B 1208 -65.45 -29.61 11.84
C GLN B 1208 -66.31 -30.84 12.14
N GLU B 1209 -65.83 -31.66 13.07
CA GLU B 1209 -66.45 -32.96 13.30
C GLU B 1209 -67.91 -32.82 13.73
N LEU B 1210 -68.18 -31.98 14.73
CA LEU B 1210 -69.56 -31.85 15.21
C LEU B 1210 -70.47 -31.27 14.14
N PRO B 1211 -70.18 -30.10 13.56
CA PRO B 1211 -71.06 -29.60 12.49
C PRO B 1211 -71.14 -30.53 11.30
N ARG B 1212 -70.03 -31.19 10.94
CA ARG B 1212 -70.04 -32.11 9.82
C ARG B 1212 -71.00 -33.28 10.08
N LEU B 1213 -70.92 -33.86 11.27
CA LEU B 1213 -71.78 -34.98 11.60
C LEU B 1213 -73.23 -34.54 11.74
N LEU B 1214 -73.46 -33.32 12.24
CA LEU B 1214 -74.83 -32.83 12.33
C LEU B 1214 -75.42 -32.63 10.93
N SER B 1215 -74.62 -32.09 10.00
CA SER B 1215 -75.10 -31.97 8.62
C SER B 1215 -75.36 -33.33 8.01
N ALA B 1216 -74.48 -34.30 8.26
CA ALA B 1216 -74.69 -35.65 7.73
C ALA B 1216 -75.98 -36.24 8.27
N ALA B 1217 -76.26 -36.05 9.56
CA ALA B 1217 -77.52 -36.50 10.14
C ALA B 1217 -78.70 -35.78 9.48
N CYS B 1218 -78.56 -34.49 9.22
CA CYS B 1218 -79.63 -33.75 8.54
C CYS B 1218 -79.92 -34.35 7.17
N ARG B 1219 -78.88 -34.72 6.42
CA ARG B 1219 -79.09 -35.37 5.15
C ARG B 1219 -79.81 -36.70 5.33
N LEU B 1220 -79.43 -37.47 6.33
CA LEU B 1220 -80.02 -38.77 6.60
C LEU B 1220 -81.23 -38.60 7.51
N GLN B 1221 -81.81 -39.72 7.95
CA GLN B 1221 -82.95 -39.72 8.86
C GLN B 1221 -82.58 -40.52 10.09
N LEU B 1222 -82.53 -39.85 11.25
CA LEU B 1222 -82.12 -40.53 12.48
C LEU B 1222 -83.10 -41.63 12.85
N ASN B 1223 -84.40 -41.35 12.77
CA ASN B 1223 -85.40 -42.35 13.17
C ASN B 1223 -85.31 -43.60 12.29
N GLY B 1224 -85.15 -43.40 10.98
CA GLY B 1224 -85.06 -44.52 10.07
C GLY B 1224 -83.88 -45.42 10.36
N ASN B 1225 -84.14 -46.71 10.56
CA ASN B 1225 -83.09 -47.68 10.85
C ASN B 1225 -82.27 -47.29 12.07
N LEU B 1226 -82.91 -46.64 13.05
CA LEU B 1226 -82.25 -46.15 14.26
C LEU B 1226 -80.88 -45.56 13.93
N GLN B 1227 -80.87 -44.70 12.90
CA GLN B 1227 -79.65 -44.04 12.42
C GLN B 1227 -78.51 -45.04 12.26
N LEU B 1228 -78.84 -46.27 11.84
CA LEU B 1228 -77.81 -47.28 11.62
C LEU B 1228 -76.86 -46.85 10.52
N GLU B 1229 -77.40 -46.30 9.42
CA GLU B 1229 -76.54 -45.78 8.38
C GLU B 1229 -75.66 -44.65 8.91
N LEU B 1230 -76.24 -43.73 9.68
CA LEU B 1230 -75.44 -42.68 10.30
C LEU B 1230 -74.55 -43.24 11.39
N ALA B 1231 -74.98 -44.30 12.06
CA ALA B 1231 -74.12 -44.95 13.04
C ALA B 1231 -72.84 -45.46 12.39
N GLN B 1232 -72.95 -46.09 11.23
CA GLN B 1232 -71.77 -46.49 10.47
C GLN B 1232 -70.99 -45.26 10.01
N VAL B 1233 -71.69 -44.23 9.52
CA VAL B 1233 -71.03 -43.02 9.06
C VAL B 1233 -70.32 -42.32 10.22
N LEU B 1234 -71.01 -42.19 11.35
CA LEU B 1234 -70.43 -41.48 12.48
C LEU B 1234 -69.32 -42.29 13.14
N ALA B 1235 -69.37 -43.62 13.03
CA ALA B 1235 -68.32 -44.45 13.62
C ALA B 1235 -66.97 -44.19 12.98
N GLN B 1236 -66.95 -43.66 11.76
CA GLN B 1236 -65.70 -43.34 11.08
C GLN B 1236 -65.04 -42.08 11.61
N GLU B 1237 -65.76 -41.29 12.41
CA GLU B 1237 -65.26 -40.00 12.87
C GLU B 1237 -64.88 -40.00 14.35
N ARG B 1238 -65.05 -41.12 15.05
CA ARG B 1238 -64.71 -41.14 16.48
C ARG B 1238 -63.24 -40.82 16.72
N PRO B 1239 -62.27 -41.39 15.99
CA PRO B 1239 -60.86 -41.03 16.25
C PRO B 1239 -60.58 -39.56 16.07
N LYS B 1240 -61.25 -38.89 15.13
CA LYS B 1240 -61.02 -37.48 14.85
C LYS B 1240 -61.89 -36.56 15.70
N LEU B 1241 -62.71 -37.10 16.59
CA LEU B 1241 -63.57 -36.27 17.43
C LEU B 1241 -62.80 -35.21 18.22
N PRO B 1242 -61.65 -35.50 18.85
CA PRO B 1242 -60.96 -34.45 19.61
C PRO B 1242 -60.55 -33.25 18.75
N GLU B 1243 -60.51 -33.40 17.43
CA GLU B 1243 -60.17 -32.27 16.58
C GLU B 1243 -61.11 -31.09 16.82
N ASP B 1244 -62.36 -31.36 17.16
CA ASP B 1244 -63.30 -30.28 17.40
C ASP B 1244 -62.84 -29.45 18.59
N PRO B 1245 -62.87 -28.12 18.49
CA PRO B 1245 -62.54 -27.31 19.68
C PRO B 1245 -63.46 -27.58 20.86
N LEU B 1246 -64.74 -27.87 20.60
CA LEU B 1246 -65.69 -28.01 21.70
C LEU B 1246 -65.33 -29.17 22.61
N LEU B 1247 -65.01 -30.33 22.03
CA LEU B 1247 -64.64 -31.47 22.86
C LEU B 1247 -63.30 -31.25 23.55
N SER B 1248 -62.38 -30.55 22.87
CA SER B 1248 -61.05 -30.29 23.41
C SER B 1248 -60.89 -28.87 23.91
N GLY B 1249 -61.98 -28.20 24.27
CA GLY B 1249 -61.91 -26.84 24.76
C GLY B 1249 -61.12 -26.71 26.05
N LEU B 1250 -61.64 -27.31 27.13
CA LEU B 1250 -60.99 -27.16 28.43
C LEU B 1250 -59.58 -27.76 28.41
N LEU B 1251 -59.41 -28.89 27.74
CA LEU B 1251 -58.10 -29.50 27.66
C LEU B 1251 -57.06 -28.57 27.04
N ASP B 1252 -57.50 -27.64 26.18
CA ASP B 1252 -56.62 -26.64 25.61
C ASP B 1252 -56.64 -25.32 26.38
N SER B 1253 -57.38 -25.26 27.48
CA SER B 1253 -57.54 -24.04 28.27
C SER B 1253 -56.68 -24.11 29.53
N PRO B 1254 -56.55 -23.01 30.26
CA PRO B 1254 -55.73 -23.01 31.48
C PRO B 1254 -56.24 -23.96 32.56
N ALA B 1255 -57.50 -24.39 32.50
CA ALA B 1255 -58.05 -25.22 33.58
C ALA B 1255 -57.31 -26.54 33.67
N LEU B 1256 -56.94 -27.12 32.53
CA LEU B 1256 -56.21 -28.39 32.54
C LEU B 1256 -54.88 -28.25 33.26
N LYS B 1257 -54.10 -27.23 32.89
CA LYS B 1257 -52.82 -27.01 33.56
C LYS B 1257 -53.02 -26.71 35.03
N ALA B 1258 -54.07 -25.94 35.36
CA ALA B 1258 -54.32 -25.60 36.76
C ALA B 1258 -54.59 -26.85 37.59
N CYS B 1259 -55.51 -27.70 37.14
CA CYS B 1259 -55.80 -28.92 37.87
C CYS B 1259 -54.58 -29.83 37.94
N LEU B 1260 -53.87 -29.98 36.82
CA LEU B 1260 -52.70 -30.84 36.81
C LEU B 1260 -51.65 -30.35 37.79
N ASP B 1261 -51.44 -29.04 37.87
CA ASP B 1261 -50.51 -28.49 38.84
C ASP B 1261 -51.01 -28.73 40.26
N THR B 1262 -52.31 -28.57 40.49
CA THR B 1262 -52.85 -28.85 41.82
C THR B 1262 -52.59 -30.30 42.22
N ALA B 1263 -52.59 -31.22 41.25
CA ALA B 1263 -52.30 -32.62 41.56
C ALA B 1263 -50.86 -32.79 42.04
N VAL B 1264 -49.90 -32.22 41.30
CA VAL B 1264 -48.50 -32.45 41.63
C VAL B 1264 -48.12 -31.75 42.93
N GLU B 1265 -48.70 -30.58 43.19
CA GLU B 1265 -48.28 -29.79 44.36
C GLU B 1265 -48.48 -30.56 45.66
N ASN B 1266 -49.38 -31.55 45.69
CA ASN B 1266 -49.61 -32.35 46.87
C ASN B 1266 -48.94 -33.72 46.78
N MET B 1267 -48.06 -33.94 45.81
CA MET B 1267 -47.26 -35.16 45.81
C MET B 1267 -46.11 -35.01 46.79
N PRO B 1268 -45.97 -35.89 47.78
CA PRO B 1268 -44.93 -35.69 48.79
C PRO B 1268 -43.55 -36.11 48.33
N SER B 1269 -43.47 -37.16 47.51
CA SER B 1269 -42.19 -37.72 47.11
C SER B 1269 -41.65 -37.13 45.80
N LEU B 1270 -42.40 -36.24 45.14
CA LEU B 1270 -41.97 -35.59 43.92
C LEU B 1270 -41.84 -36.55 42.75
N LYS B 1271 -42.17 -37.82 42.94
CA LYS B 1271 -42.08 -38.85 41.92
C LYS B 1271 -43.51 -39.20 41.52
N MET B 1272 -44.07 -38.42 40.59
CA MET B 1272 -45.47 -38.55 40.20
C MET B 1272 -45.63 -39.71 39.24
N LYS B 1273 -46.51 -40.65 39.61
CA LYS B 1273 -46.87 -41.78 38.75
C LYS B 1273 -48.31 -41.61 38.33
N VAL B 1274 -48.54 -41.50 37.02
CA VAL B 1274 -49.85 -41.21 36.46
C VAL B 1274 -50.22 -42.29 35.47
N VAL B 1275 -51.46 -42.77 35.56
CA VAL B 1275 -51.97 -43.85 34.71
C VAL B 1275 -53.17 -43.31 33.95
N GLU B 1276 -53.13 -43.42 32.63
CA GLU B 1276 -54.20 -42.94 31.76
C GLU B 1276 -55.02 -44.12 31.27
N VAL B 1277 -56.34 -43.97 31.31
CA VAL B 1277 -57.27 -45.01 30.92
C VAL B 1277 -57.85 -44.69 29.55
N LEU B 1278 -57.90 -45.70 28.68
CA LEU B 1278 -58.46 -45.56 27.34
C LEU B 1278 -57.68 -44.51 26.54
N ALA B 1279 -56.36 -44.73 26.44
CA ALA B 1279 -55.49 -43.78 25.75
C ALA B 1279 -55.84 -43.64 24.28
N GLY B 1280 -56.45 -44.66 23.67
CA GLY B 1280 -56.73 -44.60 22.25
C GLY B 1280 -57.58 -43.40 21.87
N HIS B 1281 -58.63 -43.14 22.65
CA HIS B 1281 -59.56 -42.07 22.35
C HIS B 1281 -59.23 -40.75 23.03
N GLY B 1282 -58.77 -40.78 24.27
CA GLY B 1282 -58.53 -39.54 24.99
C GLY B 1282 -57.43 -38.70 24.37
N HIS B 1283 -56.35 -39.36 23.94
CA HIS B 1283 -55.18 -38.69 23.39
C HIS B 1283 -54.49 -37.79 24.42
N LEU B 1284 -54.76 -38.01 25.72
CA LEU B 1284 -54.17 -37.17 26.74
C LEU B 1284 -52.67 -37.39 26.90
N TYR B 1285 -52.12 -38.45 26.30
CA TYR B 1285 -50.68 -38.65 26.34
C TYR B 1285 -49.92 -37.57 25.60
N SER B 1286 -50.61 -36.78 24.78
CA SER B 1286 -49.93 -35.71 24.04
C SER B 1286 -49.85 -34.44 24.87
N ARG B 1287 -50.79 -34.23 25.79
CA ARG B 1287 -50.90 -32.96 26.51
C ARG B 1287 -50.22 -32.98 27.87
N ILE B 1288 -50.59 -33.93 28.72
CA ILE B 1288 -50.12 -33.91 30.11
C ILE B 1288 -48.60 -33.95 30.20
N PRO B 1289 -47.90 -34.85 29.50
CA PRO B 1289 -46.43 -34.84 29.60
C PRO B 1289 -45.82 -33.50 29.22
N GLY B 1290 -46.37 -32.85 28.20
CA GLY B 1290 -45.85 -31.54 27.80
C GLY B 1290 -46.12 -30.46 28.84
N LEU B 1291 -47.32 -30.46 29.42
CA LEU B 1291 -47.69 -29.38 30.34
C LEU B 1291 -46.82 -29.37 31.58
N LEU B 1292 -46.15 -30.48 31.91
CA LEU B 1292 -45.35 -30.57 33.13
C LEU B 1292 -43.87 -30.32 32.89
N SER B 1293 -43.46 -30.01 31.66
CA SER B 1293 -42.06 -29.74 31.40
C SER B 1293 -41.51 -28.58 32.22
N PRO B 1294 -42.23 -27.48 32.44
CA PRO B 1294 -41.62 -26.34 33.14
C PRO B 1294 -41.04 -26.68 34.51
N HIS B 1295 -41.67 -27.58 35.26
CA HIS B 1295 -41.17 -27.92 36.59
C HIS B 1295 -39.79 -28.55 36.47
N PRO B 1296 -38.77 -28.04 37.16
CA PRO B 1296 -37.42 -28.58 36.95
C PRO B 1296 -37.18 -29.92 37.60
N LEU B 1297 -37.61 -30.10 38.85
CA LEU B 1297 -37.24 -31.28 39.63
C LEU B 1297 -38.26 -32.40 39.56
N LEU B 1298 -39.33 -32.25 38.79
CA LEU B 1298 -40.31 -33.31 38.70
C LEU B 1298 -39.76 -34.50 37.92
N GLN B 1299 -40.09 -35.71 38.38
CA GLN B 1299 -39.75 -36.94 37.69
C GLN B 1299 -41.07 -37.67 37.41
N LEU B 1300 -41.49 -37.65 36.15
CA LEU B 1300 -42.82 -38.11 35.77
C LEU B 1300 -42.73 -39.49 35.12
N SER B 1301 -43.61 -40.39 35.54
CA SER B 1301 -43.78 -41.71 34.93
C SER B 1301 -45.21 -41.78 34.42
N TYR B 1302 -45.37 -41.67 33.10
CA TYR B 1302 -46.68 -41.66 32.47
C TYR B 1302 -46.94 -42.99 31.78
N THR B 1303 -48.09 -43.59 32.09
CA THR B 1303 -48.47 -44.88 31.53
C THR B 1303 -49.82 -44.74 30.85
N ALA B 1304 -49.88 -45.11 29.58
CA ALA B 1304 -51.11 -45.08 28.79
C ALA B 1304 -51.69 -46.48 28.72
N THR B 1305 -53.01 -46.59 28.92
CA THR B 1305 -53.69 -47.87 28.92
C THR B 1305 -54.95 -47.78 28.09
N ASP B 1306 -55.38 -48.93 27.56
CA ASP B 1306 -56.60 -49.00 26.77
C ASP B 1306 -57.19 -50.40 26.92
N ARG B 1307 -58.49 -50.51 26.60
CA ARG B 1307 -59.15 -51.80 26.67
C ARG B 1307 -58.48 -52.82 25.75
N HIS B 1308 -58.01 -52.39 24.59
CA HIS B 1308 -57.45 -53.26 23.58
C HIS B 1308 -56.13 -52.71 23.08
N PRO B 1309 -55.17 -53.57 22.71
CA PRO B 1309 -53.89 -53.07 22.19
C PRO B 1309 -53.99 -52.43 20.82
N GLN B 1310 -55.16 -52.46 20.17
CA GLN B 1310 -55.26 -51.97 18.80
C GLN B 1310 -54.92 -50.48 18.72
N ALA B 1311 -55.48 -49.67 19.61
CA ALA B 1311 -55.26 -48.23 19.54
C ALA B 1311 -53.78 -47.89 19.73
N LEU B 1312 -53.04 -48.73 20.45
CA LEU B 1312 -51.62 -48.46 20.67
C LEU B 1312 -50.87 -48.34 19.35
N GLU B 1313 -51.21 -49.19 18.38
CA GLU B 1313 -50.50 -49.17 17.10
C GLU B 1313 -50.61 -47.80 16.43
N ALA B 1314 -51.80 -47.22 16.44
CA ALA B 1314 -52.00 -45.94 15.78
C ALA B 1314 -51.12 -44.86 16.39
N ALA B 1315 -51.04 -44.81 17.71
CA ALA B 1315 -50.29 -43.79 18.41
C ALA B 1315 -48.86 -44.21 18.76
N GLN B 1316 -48.46 -45.44 18.43
CA GLN B 1316 -47.16 -45.93 18.83
C GLN B 1316 -46.03 -45.03 18.34
N ALA B 1317 -46.26 -44.32 17.23
CA ALA B 1317 -45.23 -43.42 16.72
C ALA B 1317 -44.93 -42.29 17.70
N GLU B 1318 -45.91 -41.90 18.52
CA GLU B 1318 -45.73 -40.80 19.45
C GLU B 1318 -45.38 -41.26 20.86
N LEU B 1319 -45.92 -42.38 21.32
CA LEU B 1319 -45.59 -42.85 22.66
C LEU B 1319 -44.10 -43.14 22.78
N GLN B 1320 -43.50 -43.76 21.76
CA GLN B 1320 -42.08 -44.02 21.79
C GLN B 1320 -41.28 -42.73 21.75
N GLN B 1321 -41.82 -41.69 21.09
CA GLN B 1321 -41.16 -40.40 21.07
C GLN B 1321 -41.00 -39.85 22.48
N HIS B 1322 -42.04 -40.00 23.30
CA HIS B 1322 -41.99 -39.58 24.69
C HIS B 1322 -41.58 -40.77 25.56
N ASP B 1323 -41.60 -40.57 26.87
CA ASP B 1323 -41.26 -41.63 27.83
C ASP B 1323 -42.51 -42.35 28.34
N VAL B 1324 -43.67 -42.12 27.73
CA VAL B 1324 -44.91 -42.72 28.19
C VAL B 1324 -44.81 -44.24 28.07
N ALA B 1325 -45.30 -44.94 29.09
CA ALA B 1325 -45.31 -46.39 29.08
C ALA B 1325 -46.62 -46.89 28.47
N GLN B 1326 -46.82 -48.21 28.49
CA GLN B 1326 -47.98 -48.82 27.86
C GLN B 1326 -48.52 -49.92 28.77
N GLY B 1327 -49.83 -50.15 28.69
CA GLY B 1327 -50.46 -51.22 29.43
C GLY B 1327 -51.85 -51.49 28.88
N GLN B 1328 -52.44 -52.58 29.38
CA GLN B 1328 -53.79 -52.97 29.02
C GLN B 1328 -54.65 -53.04 30.27
N TRP B 1329 -55.85 -52.48 30.21
CA TRP B 1329 -56.74 -52.47 31.36
C TRP B 1329 -58.15 -52.18 30.91
N ASP B 1330 -59.14 -52.83 31.50
CA ASP B 1330 -60.58 -52.48 31.26
C ASP B 1330 -60.98 -51.54 32.40
N PRO B 1331 -61.53 -50.35 32.15
CA PRO B 1331 -61.84 -49.41 33.24
C PRO B 1331 -62.85 -50.05 34.18
N ALA B 1332 -63.83 -50.75 33.64
CA ALA B 1332 -64.87 -51.47 34.42
C ALA B 1332 -64.19 -52.55 35.25
N ASP B 1333 -63.16 -53.21 34.73
CA ASP B 1333 -62.36 -54.23 35.45
C ASP B 1333 -61.44 -53.58 36.51
N PRO B 1334 -61.01 -54.30 37.58
CA PRO B 1334 -60.00 -53.77 38.53
C PRO B 1334 -58.62 -53.67 37.86
N ALA B 1335 -57.75 -52.76 38.30
CA ALA B 1335 -56.50 -52.51 37.61
C ALA B 1335 -55.50 -53.63 37.94
N PRO B 1336 -54.65 -54.00 36.98
CA PRO B 1336 -53.65 -55.02 37.24
C PRO B 1336 -52.68 -54.57 38.33
N SER B 1337 -52.19 -55.55 39.10
CA SER B 1337 -51.27 -55.24 40.18
C SER B 1337 -49.95 -54.68 39.67
N ALA B 1338 -49.62 -54.89 38.39
CA ALA B 1338 -48.38 -54.37 37.84
C ALA B 1338 -48.34 -52.84 37.95
N LEU B 1339 -49.42 -52.18 37.52
CA LEU B 1339 -49.50 -50.73 37.67
C LEU B 1339 -49.55 -50.34 39.15
N GLY B 1340 -50.37 -51.03 39.93
CA GLY B 1340 -50.41 -50.77 41.36
C GLY B 1340 -50.94 -49.39 41.68
N SER B 1341 -50.58 -48.91 42.87
CA SER B 1341 -51.02 -47.59 43.30
C SER B 1341 -50.53 -46.52 42.33
N ALA B 1342 -51.43 -45.62 41.94
CA ALA B 1342 -51.14 -44.57 40.98
C ALA B 1342 -51.37 -43.22 41.63
N ASP B 1343 -50.44 -42.29 41.42
CA ASP B 1343 -50.58 -40.96 42.00
C ASP B 1343 -51.70 -40.18 41.33
N LEU B 1344 -51.74 -40.18 40.00
CA LEU B 1344 -52.74 -39.45 39.23
C LEU B 1344 -53.36 -40.37 38.19
N LEU B 1345 -54.58 -40.03 37.79
CA LEU B 1345 -55.29 -40.83 36.80
C LEU B 1345 -56.19 -39.93 35.97
N VAL B 1346 -55.94 -39.90 34.67
CA VAL B 1346 -56.66 -39.02 33.74
C VAL B 1346 -57.50 -39.88 32.82
N CYS B 1347 -58.74 -39.45 32.57
CA CYS B 1347 -59.74 -40.28 31.91
C CYS B 1347 -60.10 -39.79 30.51
N ASN B 1348 -60.50 -38.53 30.37
CA ASN B 1348 -61.04 -38.01 29.11
C ASN B 1348 -62.28 -38.80 28.70
N CYS B 1349 -63.24 -38.87 29.63
CA CYS B 1349 -64.48 -39.60 29.40
C CYS B 1349 -65.33 -38.97 28.31
N ALA B 1350 -65.11 -37.68 27.99
CA ALA B 1350 -65.94 -37.03 26.98
C ALA B 1350 -65.82 -37.73 25.63
N VAL B 1351 -64.60 -38.10 25.24
CA VAL B 1351 -64.36 -38.79 23.98
C VAL B 1351 -64.23 -40.28 24.23
N ALA B 1352 -63.89 -40.65 25.46
CA ALA B 1352 -63.76 -42.06 25.82
C ALA B 1352 -65.12 -42.61 26.22
N ALA B 1353 -65.19 -43.94 26.39
CA ALA B 1353 -66.40 -44.62 26.80
C ALA B 1353 -66.07 -45.49 28.01
N LEU B 1354 -66.63 -45.14 29.16
CA LEU B 1354 -66.31 -45.80 30.42
C LEU B 1354 -67.17 -47.01 30.72
N GLY B 1355 -68.17 -47.31 29.90
CA GLY B 1355 -69.05 -48.41 30.21
C GLY B 1355 -69.77 -48.15 31.52
N ASP B 1356 -69.62 -49.06 32.47
CA ASP B 1356 -70.26 -48.90 33.76
C ASP B 1356 -69.58 -47.76 34.52
N PRO B 1357 -70.29 -46.68 34.86
CA PRO B 1357 -69.64 -45.59 35.59
C PRO B 1357 -69.26 -45.99 37.00
N ALA B 1358 -70.19 -46.56 37.75
CA ALA B 1358 -69.92 -46.87 39.15
C ALA B 1358 -68.81 -47.88 39.30
N SER B 1359 -68.90 -49.00 38.57
CA SER B 1359 -67.89 -50.05 38.70
C SER B 1359 -66.53 -49.56 38.22
N ALA B 1360 -66.50 -48.84 37.10
CA ALA B 1360 -65.23 -48.32 36.61
C ALA B 1360 -64.61 -47.36 37.62
N LEU B 1361 -65.43 -46.48 38.22
CA LEU B 1361 -64.91 -45.56 39.23
C LEU B 1361 -64.39 -46.30 40.44
N SER B 1362 -65.10 -47.34 40.88
CA SER B 1362 -64.66 -48.13 42.03
C SER B 1362 -63.30 -48.77 41.76
N ASN B 1363 -63.14 -49.37 40.58
CA ASN B 1363 -61.86 -49.99 40.26
C ASN B 1363 -60.76 -48.94 40.14
N MET B 1364 -61.08 -47.77 39.60
CA MET B 1364 -60.07 -46.72 39.48
C MET B 1364 -59.62 -46.27 40.86
N VAL B 1365 -60.57 -46.01 41.77
CA VAL B 1365 -60.19 -45.56 43.11
C VAL B 1365 -59.41 -46.64 43.83
N ALA B 1366 -59.74 -47.91 43.58
CA ALA B 1366 -58.92 -48.99 44.12
C ALA B 1366 -57.51 -48.93 43.57
N ALA B 1367 -57.39 -48.66 42.26
CA ALA B 1367 -56.06 -48.57 41.65
C ALA B 1367 -55.31 -47.33 42.12
N LEU B 1368 -56.02 -46.33 42.64
CA LEU B 1368 -55.38 -45.11 43.06
C LEU B 1368 -54.70 -45.29 44.42
N ARG B 1369 -53.50 -44.70 44.53
CA ARG B 1369 -52.82 -44.65 45.81
C ARG B 1369 -53.69 -43.92 46.83
N GLU B 1370 -53.60 -44.34 48.08
CA GLU B 1370 -54.26 -43.61 49.14
C GLU B 1370 -53.80 -42.16 49.10
N GLY B 1371 -54.75 -41.23 49.12
CA GLY B 1371 -54.43 -39.82 49.00
C GLY B 1371 -54.13 -39.36 47.58
N GLY B 1372 -54.43 -40.17 46.57
CA GLY B 1372 -54.16 -39.81 45.20
C GLY B 1372 -55.18 -38.81 44.66
N PHE B 1373 -54.98 -38.45 43.39
CA PHE B 1373 -55.83 -37.48 42.71
C PHE B 1373 -56.37 -38.09 41.42
N LEU B 1374 -57.66 -37.82 41.16
CA LEU B 1374 -58.34 -38.32 39.98
C LEU B 1374 -58.83 -37.15 39.15
N LEU B 1375 -58.23 -36.96 37.97
CA LEU B 1375 -58.64 -35.93 37.03
C LEU B 1375 -59.53 -36.54 35.97
N LEU B 1376 -60.82 -36.20 36.01
CA LEU B 1376 -61.81 -36.79 35.11
C LEU B 1376 -62.38 -35.70 34.22
N HIS B 1377 -62.24 -35.88 32.92
CA HIS B 1377 -62.83 -34.99 31.93
C HIS B 1377 -64.00 -35.70 31.26
N THR B 1378 -65.16 -35.06 31.27
CA THR B 1378 -66.38 -35.67 30.76
C THR B 1378 -67.34 -34.58 30.33
N LEU B 1379 -68.43 -35.01 29.69
CA LEU B 1379 -69.51 -34.11 29.34
C LEU B 1379 -70.62 -34.20 30.37
N LEU B 1380 -71.38 -33.12 30.53
CA LEU B 1380 -72.41 -33.01 31.55
C LEU B 1380 -73.78 -33.14 30.91
N ARG B 1381 -74.59 -34.03 31.48
CA ARG B 1381 -75.97 -34.17 31.02
C ARG B 1381 -76.81 -33.01 31.54
N GLY B 1382 -77.92 -32.75 30.84
CA GLY B 1382 -78.75 -31.61 31.18
C GLY B 1382 -78.23 -30.28 30.69
N HIS B 1383 -77.34 -30.30 29.71
CA HIS B 1383 -76.74 -29.11 29.12
C HIS B 1383 -77.01 -29.11 27.62
N PRO B 1384 -77.00 -27.93 26.99
CA PRO B 1384 -77.38 -27.88 25.57
C PRO B 1384 -76.52 -28.76 24.68
N LEU B 1385 -75.22 -28.90 24.96
CA LEU B 1385 -74.37 -29.76 24.14
C LEU B 1385 -74.62 -31.24 24.42
N GLY B 1386 -74.81 -31.60 25.69
CA GLY B 1386 -74.92 -33.02 26.03
C GLY B 1386 -76.09 -33.70 25.34
N ASP B 1387 -77.27 -33.08 25.38
CA ASP B 1387 -78.40 -33.69 24.72
C ASP B 1387 -78.18 -33.80 23.22
N ILE B 1388 -77.40 -32.88 22.65
CA ILE B 1388 -77.12 -32.94 21.21
C ILE B 1388 -76.37 -34.22 20.88
N VAL B 1389 -75.28 -34.50 21.60
CA VAL B 1389 -74.51 -35.70 21.33
C VAL B 1389 -75.30 -36.94 21.71
N ALA B 1390 -76.11 -36.85 22.78
CA ALA B 1390 -76.94 -37.97 23.19
C ALA B 1390 -77.90 -38.37 22.07
N PHE B 1391 -78.63 -37.41 21.51
CA PHE B 1391 -79.45 -37.69 20.35
C PHE B 1391 -78.60 -38.23 19.20
N LEU B 1392 -77.44 -37.60 18.97
CA LEU B 1392 -76.56 -37.99 17.88
C LEU B 1392 -75.96 -39.38 18.10
N THR B 1393 -75.91 -39.86 19.33
CA THR B 1393 -75.25 -41.11 19.67
C THR B 1393 -76.30 -42.16 19.98
N SER B 1394 -76.10 -43.37 19.44
CA SER B 1394 -76.97 -44.50 19.69
C SER B 1394 -76.20 -45.70 20.26
N THR B 1395 -74.96 -45.50 20.71
CA THR B 1395 -74.13 -46.57 21.24
C THR B 1395 -74.52 -46.81 22.70
N GLU B 1396 -75.40 -47.78 22.92
CA GLU B 1396 -75.83 -48.13 24.28
C GLU B 1396 -74.67 -48.53 25.19
N PRO B 1397 -73.74 -49.40 24.78
CA PRO B 1397 -72.68 -49.80 25.71
C PRO B 1397 -71.80 -48.64 26.17
N GLN B 1398 -71.74 -47.56 25.39
CA GLN B 1398 -70.97 -46.39 25.79
C GLN B 1398 -71.70 -45.53 26.81
N TYR B 1399 -72.95 -45.82 27.12
CA TYR B 1399 -73.74 -45.01 28.05
C TYR B 1399 -73.76 -43.56 27.58
N GLY B 1400 -73.93 -43.36 26.29
CA GLY B 1400 -73.85 -42.03 25.70
C GLY B 1400 -72.49 -41.41 25.98
N GLN B 1401 -71.43 -42.21 25.81
CA GLN B 1401 -70.07 -41.80 26.15
C GLN B 1401 -69.90 -41.54 27.65
N GLY B 1402 -70.67 -42.23 28.48
CA GLY B 1402 -70.59 -42.06 29.91
C GLY B 1402 -71.22 -40.78 30.44
N ILE B 1403 -71.98 -40.06 29.61
CA ILE B 1403 -72.58 -38.82 30.05
C ILE B 1403 -73.49 -39.06 31.25
N LEU B 1404 -73.47 -38.12 32.18
CA LEU B 1404 -74.29 -38.22 33.39
C LEU B 1404 -74.44 -36.84 34.00
N SER B 1405 -75.44 -36.70 34.86
CA SER B 1405 -75.69 -35.43 35.52
C SER B 1405 -74.54 -35.08 36.46
N GLN B 1406 -74.17 -33.81 36.50
CA GLN B 1406 -73.09 -33.37 37.37
C GLN B 1406 -73.42 -33.65 38.82
N ASP B 1407 -74.67 -33.41 39.22
CA ASP B 1407 -75.09 -33.77 40.57
C ASP B 1407 -74.99 -35.28 40.76
N ALA B 1408 -75.36 -36.06 39.74
CA ALA B 1408 -75.15 -37.50 39.79
C ALA B 1408 -73.67 -37.84 39.87
N TRP B 1409 -72.82 -37.05 39.20
CA TRP B 1409 -71.39 -37.28 39.32
C TRP B 1409 -70.93 -37.10 40.76
N GLU B 1410 -71.42 -36.05 41.43
CA GLU B 1410 -71.09 -35.85 42.84
C GLU B 1410 -71.60 -37.00 43.69
N SER B 1411 -72.81 -37.47 43.42
CA SER B 1411 -73.35 -38.59 44.18
C SER B 1411 -72.49 -39.84 44.01
N LEU B 1412 -72.07 -40.14 42.78
CA LEU B 1412 -71.20 -41.28 42.56
C LEU B 1412 -69.86 -41.10 43.25
N PHE B 1413 -69.29 -39.90 43.17
CA PHE B 1413 -68.03 -39.63 43.86
C PHE B 1413 -68.17 -39.94 45.34
N SER B 1414 -69.30 -39.56 45.94
CA SER B 1414 -69.57 -39.96 47.32
C SER B 1414 -69.66 -41.47 47.43
N ARG B 1415 -70.25 -42.13 46.43
CA ARG B 1415 -70.43 -43.57 46.49
C ARG B 1415 -69.09 -44.29 46.49
N VAL B 1416 -68.14 -43.84 45.68
CA VAL B 1416 -66.83 -44.46 45.62
C VAL B 1416 -65.88 -43.74 46.57
N SER B 1417 -66.43 -42.93 47.47
CA SER B 1417 -65.73 -42.30 48.58
C SER B 1417 -64.72 -41.25 48.14
N LEU B 1418 -64.85 -40.69 46.95
CA LEU B 1418 -63.94 -39.63 46.52
C LEU B 1418 -64.47 -38.31 47.11
N ARG B 1419 -63.57 -37.34 47.20
CA ARG B 1419 -63.89 -36.03 47.76
C ARG B 1419 -63.51 -35.01 46.70
N LEU B 1420 -64.51 -34.28 46.20
CA LEU B 1420 -64.29 -33.29 45.16
C LEU B 1420 -63.52 -32.10 45.72
N VAL B 1421 -62.40 -31.77 45.09
CA VAL B 1421 -61.56 -30.67 45.55
C VAL B 1421 -61.30 -29.73 44.39
N GLY B 1422 -62.02 -29.91 43.29
CA GLY B 1422 -61.85 -29.07 42.12
C GLY B 1422 -62.90 -29.34 41.07
N LEU B 1423 -63.50 -28.27 40.54
CA LEU B 1423 -64.54 -28.40 39.52
C LEU B 1423 -64.43 -27.20 38.59
N LYS B 1424 -63.83 -27.42 37.43
CA LYS B 1424 -63.70 -26.39 36.40
C LYS B 1424 -64.54 -26.85 35.21
N LYS B 1425 -65.63 -26.12 34.94
CA LYS B 1425 -66.60 -26.47 33.93
C LYS B 1425 -66.80 -25.30 32.98
N SER B 1426 -66.88 -25.59 31.69
CA SER B 1426 -67.09 -24.55 30.69
C SER B 1426 -68.55 -24.15 30.63
N PHE B 1427 -68.83 -23.10 29.83
CA PHE B 1427 -70.20 -22.63 29.67
C PHE B 1427 -71.04 -23.59 28.87
N TYR B 1428 -70.44 -24.30 27.91
CA TYR B 1428 -71.19 -25.16 27.01
C TYR B 1428 -71.27 -26.61 27.47
N GLY B 1429 -70.84 -26.90 28.70
CA GLY B 1429 -71.10 -28.21 29.27
C GLY B 1429 -69.86 -28.98 29.70
N SER B 1430 -68.75 -28.81 28.98
CA SER B 1430 -67.56 -29.59 29.27
C SER B 1430 -67.12 -29.37 30.71
N THR B 1431 -66.80 -30.46 31.40
CA THR B 1431 -66.41 -30.44 32.80
C THR B 1431 -65.07 -31.12 32.98
N LEU B 1432 -64.41 -30.80 34.09
CA LEU B 1432 -63.10 -31.36 34.42
C LEU B 1432 -63.08 -31.58 35.93
N PHE B 1433 -63.22 -32.84 36.35
CA PHE B 1433 -63.32 -33.19 37.76
C PHE B 1433 -61.96 -33.55 38.33
N LEU B 1434 -61.63 -32.98 39.48
CA LEU B 1434 -60.40 -33.30 40.21
C LEU B 1434 -60.80 -33.78 41.60
N CYS B 1435 -60.58 -35.06 41.87
CA CYS B 1435 -61.01 -35.69 43.10
C CYS B 1435 -59.83 -36.37 43.79
N ARG B 1436 -59.84 -36.34 45.13
CA ARG B 1436 -58.78 -36.93 45.94
C ARG B 1436 -59.32 -38.12 46.71
N ARG B 1437 -58.55 -39.21 46.71
CA ARG B 1437 -58.88 -40.38 47.52
C ARG B 1437 -58.57 -40.07 48.98
N PRO B 1438 -59.55 -40.12 49.89
CA PRO B 1438 -59.29 -39.65 51.26
C PRO B 1438 -58.23 -40.47 51.95
N THR B 1439 -57.75 -39.93 53.07
CA THR B 1439 -56.84 -40.63 53.95
C THR B 1439 -57.26 -40.40 55.40
N PRO B 1440 -56.97 -41.34 56.30
CA PRO B 1440 -57.33 -41.14 57.71
C PRO B 1440 -56.30 -40.25 58.40
N GLN B 1441 -56.78 -39.14 58.97
CA GLN B 1441 -55.93 -38.20 59.70
C GLN B 1441 -56.34 -38.20 61.16
N ASP B 1442 -55.40 -38.53 62.04
CA ASP B 1442 -55.72 -38.67 63.46
C ASP B 1442 -56.17 -37.34 64.06
N SER B 1443 -55.37 -36.29 63.88
CA SER B 1443 -55.71 -34.99 64.46
C SER B 1443 -54.80 -33.90 63.91
N PRO B 1444 -55.33 -32.74 63.55
CA PRO B 1444 -54.47 -31.65 63.08
C PRO B 1444 -53.89 -30.84 64.23
N ILE B 1445 -52.83 -30.13 63.92
CA ILE B 1445 -52.14 -29.25 64.87
C ILE B 1445 -52.26 -27.83 64.36
N PHE B 1446 -52.64 -26.90 65.24
CA PHE B 1446 -52.87 -25.52 64.87
C PHE B 1446 -51.78 -24.64 65.46
N LEU B 1447 -51.11 -23.86 64.61
CA LEU B 1447 -50.00 -23.01 65.00
C LEU B 1447 -50.16 -21.66 64.34
N PRO B 1448 -50.63 -20.64 65.06
CA PRO B 1448 -50.74 -19.31 64.45
C PRO B 1448 -49.39 -18.76 64.03
N VAL B 1449 -49.41 -17.96 62.95
CA VAL B 1449 -48.21 -17.40 62.36
C VAL B 1449 -48.24 -15.87 62.33
N ASP B 1450 -49.34 -15.25 62.75
CA ASP B 1450 -49.49 -13.81 62.56
C ASP B 1450 -48.56 -12.99 63.45
N ASP B 1451 -47.92 -13.61 64.44
CA ASP B 1451 -47.00 -12.88 65.28
C ASP B 1451 -45.85 -12.32 64.44
N THR B 1452 -45.56 -11.04 64.62
CA THR B 1452 -44.51 -10.37 63.86
C THR B 1452 -43.13 -10.54 64.47
N SER B 1453 -43.03 -11.11 65.67
CA SER B 1453 -41.75 -11.35 66.31
C SER B 1453 -41.14 -12.67 65.90
N PHE B 1454 -41.77 -13.42 65.02
CA PHE B 1454 -41.31 -14.72 64.55
C PHE B 1454 -41.03 -15.68 65.71
N ARG B 1455 -41.62 -15.43 66.88
CA ARG B 1455 -41.44 -16.33 68.00
C ARG B 1455 -42.14 -17.66 67.79
N TRP B 1456 -42.98 -17.77 66.76
CA TRP B 1456 -43.59 -19.06 66.43
C TRP B 1456 -42.58 -20.01 65.80
N VAL B 1457 -41.41 -19.52 65.40
CA VAL B 1457 -40.43 -20.40 64.76
C VAL B 1457 -40.01 -21.51 65.71
N GLU B 1458 -39.78 -21.17 66.98
CA GLU B 1458 -39.38 -22.20 67.94
C GLU B 1458 -40.47 -23.26 68.09
N SER B 1459 -41.74 -22.84 68.17
CA SER B 1459 -42.80 -23.81 68.33
C SER B 1459 -42.85 -24.75 67.14
N LEU B 1460 -42.71 -24.22 65.93
CA LEU B 1460 -42.65 -25.08 64.75
C LEU B 1460 -41.44 -26.00 64.79
N LYS B 1461 -40.29 -25.49 65.23
CA LYS B 1461 -39.12 -26.34 65.40
C LYS B 1461 -39.43 -27.52 66.30
N GLY B 1462 -40.06 -27.25 67.45
CA GLY B 1462 -40.41 -28.31 68.36
C GLY B 1462 -41.38 -29.30 67.76
N ILE B 1463 -42.40 -28.79 67.07
CA ILE B 1463 -43.43 -29.66 66.51
C ILE B 1463 -42.83 -30.58 65.47
N LEU B 1464 -42.02 -30.04 64.56
CA LEU B 1464 -41.42 -30.86 63.52
C LEU B 1464 -40.24 -31.69 64.03
N ALA B 1465 -39.75 -31.42 65.24
CA ALA B 1465 -38.65 -32.21 65.77
C ALA B 1465 -39.06 -33.67 65.93
N ASP B 1466 -40.28 -33.93 66.39
CA ASP B 1466 -40.77 -35.29 66.59
C ASP B 1466 -40.49 -36.11 65.34
N GLU B 1467 -39.66 -37.15 65.48
CA GLU B 1467 -39.32 -37.97 64.32
C GLU B 1467 -40.49 -38.86 63.90
N ASP B 1468 -41.25 -39.36 64.87
CA ASP B 1468 -42.31 -40.32 64.62
C ASP B 1468 -43.64 -39.70 65.07
N SER B 1469 -44.19 -38.84 64.21
CA SER B 1469 -45.54 -38.31 64.43
C SER B 1469 -46.11 -37.96 63.06
N SER B 1470 -47.10 -38.72 62.62
CA SER B 1470 -47.69 -38.55 61.30
C SER B 1470 -48.83 -37.55 61.28
N ARG B 1471 -49.28 -37.08 62.45
CA ARG B 1471 -50.41 -36.15 62.47
C ARG B 1471 -50.03 -34.86 61.76
N PRO B 1472 -50.89 -34.30 60.91
CA PRO B 1472 -50.52 -33.11 60.15
C PRO B 1472 -50.46 -31.87 61.02
N VAL B 1473 -49.67 -30.91 60.54
CA VAL B 1473 -49.51 -29.61 61.20
C VAL B 1473 -50.10 -28.54 60.29
N TRP B 1474 -51.04 -27.76 60.81
CA TRP B 1474 -51.79 -26.78 60.03
C TRP B 1474 -51.39 -25.38 60.45
N LEU B 1475 -50.50 -24.75 59.69
CA LEU B 1475 -50.13 -23.37 59.94
C LEU B 1475 -51.32 -22.44 59.70
N LYS B 1476 -51.39 -21.38 60.49
CA LYS B 1476 -52.48 -20.43 60.40
C LYS B 1476 -51.95 -19.01 60.47
N ALA B 1477 -52.49 -18.14 59.61
CA ALA B 1477 -52.09 -16.74 59.54
C ALA B 1477 -53.34 -15.95 59.18
N ILE B 1478 -53.99 -15.36 60.18
CA ILE B 1478 -55.32 -14.76 60.04
C ILE B 1478 -55.24 -13.24 60.02
N ASN B 1479 -54.75 -12.65 61.11
CA ASN B 1479 -54.80 -11.20 61.24
C ASN B 1479 -54.14 -10.50 60.05
N CYS B 1480 -52.95 -10.94 59.67
CA CYS B 1480 -52.20 -10.29 58.60
C CYS B 1480 -52.66 -10.81 57.25
N ALA B 1481 -52.95 -9.90 56.33
CA ALA B 1481 -53.25 -10.25 54.95
C ALA B 1481 -52.01 -10.30 54.08
N THR B 1482 -50.85 -9.91 54.62
CA THR B 1482 -49.59 -9.91 53.87
C THR B 1482 -48.61 -10.93 54.41
N SER B 1483 -49.06 -11.85 55.24
CA SER B 1483 -48.19 -12.93 55.72
C SER B 1483 -47.76 -13.80 54.56
N GLY B 1484 -46.51 -14.26 54.62
CA GLY B 1484 -45.95 -15.06 53.55
C GLY B 1484 -45.91 -16.54 53.83
N VAL B 1485 -47.02 -17.07 54.38
CA VAL B 1485 -47.05 -18.48 54.71
C VAL B 1485 -46.90 -19.34 53.46
N VAL B 1486 -47.28 -18.81 52.29
CA VAL B 1486 -47.22 -19.61 51.08
C VAL B 1486 -45.78 -19.99 50.76
N GLY B 1487 -44.88 -19.00 50.73
CA GLY B 1487 -43.49 -19.30 50.45
C GLY B 1487 -42.85 -20.15 51.54
N LEU B 1488 -43.24 -19.88 52.79
CA LEU B 1488 -42.72 -20.68 53.90
C LEU B 1488 -43.08 -22.15 53.73
N VAL B 1489 -44.32 -22.42 53.35
CA VAL B 1489 -44.75 -23.81 53.15
C VAL B 1489 -44.04 -24.40 51.94
N ASN B 1490 -43.87 -23.62 50.88
CA ASN B 1490 -43.18 -24.13 49.70
C ASN B 1490 -41.76 -24.54 50.04
N CYS B 1491 -41.05 -23.73 50.81
CA CYS B 1491 -39.67 -24.04 51.14
C CYS B 1491 -39.58 -25.13 52.21
N LEU B 1492 -40.49 -25.09 53.19
CA LEU B 1492 -40.42 -26.05 54.29
C LEU B 1492 -40.65 -27.48 53.80
N ARG B 1493 -41.58 -27.67 52.86
CA ARG B 1493 -41.95 -29.01 52.45
C ARG B 1493 -40.77 -29.75 51.82
N ARG B 1494 -39.80 -29.03 51.28
CA ARG B 1494 -38.62 -29.71 50.74
C ARG B 1494 -37.72 -30.26 51.84
N GLU B 1495 -37.81 -29.70 53.04
CA GLU B 1495 -36.99 -30.18 54.13
C GLU B 1495 -37.58 -31.47 54.70
N PRO B 1496 -36.75 -32.33 55.29
CA PRO B 1496 -37.25 -33.59 55.84
C PRO B 1496 -38.32 -33.35 56.90
N GLY B 1497 -39.34 -34.20 56.90
CA GLY B 1497 -40.44 -34.04 57.83
C GLY B 1497 -41.40 -32.94 57.47
N GLY B 1498 -41.27 -32.33 56.29
CA GLY B 1498 -42.15 -31.26 55.88
C GLY B 1498 -43.44 -31.72 55.22
N ASN B 1499 -43.62 -33.02 55.03
CA ASN B 1499 -44.81 -33.52 54.36
C ASN B 1499 -46.07 -33.29 55.17
N ARG B 1500 -45.94 -32.92 56.45
CA ARG B 1500 -47.10 -32.69 57.29
C ARG B 1500 -47.59 -31.25 57.26
N LEU B 1501 -46.88 -30.36 56.58
CA LEU B 1501 -47.22 -28.95 56.60
C LEU B 1501 -48.47 -28.67 55.78
N ARG B 1502 -49.37 -27.86 56.36
CA ARG B 1502 -50.57 -27.42 55.66
C ARG B 1502 -50.90 -26.02 56.17
N CYS B 1503 -51.38 -25.17 55.26
CA CYS B 1503 -51.48 -23.74 55.52
C CYS B 1503 -52.88 -23.24 55.26
N VAL B 1504 -53.22 -22.15 55.92
CA VAL B 1504 -54.50 -21.48 55.75
C VAL B 1504 -54.26 -19.98 55.81
N LEU B 1505 -54.34 -19.32 54.66
CA LEU B 1505 -54.00 -17.91 54.51
C LEU B 1505 -55.23 -17.12 54.12
N LEU B 1506 -55.48 -16.01 54.80
CA LEU B 1506 -56.52 -15.07 54.45
C LEU B 1506 -55.84 -13.85 53.83
N SER B 1507 -56.06 -13.64 52.54
CA SER B 1507 -55.41 -12.58 51.77
C SER B 1507 -56.43 -11.81 50.93
N ASN B 1508 -57.51 -11.37 51.58
CA ASN B 1508 -58.50 -10.56 50.90
C ASN B 1508 -57.90 -9.22 50.50
N LEU B 1509 -57.74 -9.01 49.19
CA LEU B 1509 -57.13 -7.77 48.69
C LEU B 1509 -58.04 -6.56 48.88
N SER B 1510 -59.35 -6.75 48.80
CA SER B 1510 -60.31 -5.65 48.93
C SER B 1510 -60.69 -5.49 50.39
N SER B 1511 -60.67 -4.24 50.86
CA SER B 1511 -61.03 -3.98 52.26
C SER B 1511 -62.48 -4.36 52.54
N THR B 1512 -63.38 -4.07 51.61
CA THR B 1512 -64.80 -4.32 51.85
C THR B 1512 -65.08 -5.80 52.03
N SER B 1513 -64.43 -6.65 51.25
CA SER B 1513 -64.77 -8.07 51.24
C SER B 1513 -64.64 -8.68 52.63
N HIS B 1514 -65.58 -9.54 52.97
CA HIS B 1514 -65.64 -10.14 54.30
C HIS B 1514 -64.45 -11.06 54.54
N VAL B 1515 -64.03 -11.13 55.80
CA VAL B 1515 -62.95 -12.01 56.23
C VAL B 1515 -63.59 -13.19 56.97
N PRO B 1516 -63.62 -14.39 56.40
CA PRO B 1516 -64.32 -15.50 57.06
C PRO B 1516 -63.70 -15.85 58.40
N GLU B 1517 -64.54 -16.33 59.30
CA GLU B 1517 -64.05 -16.87 60.56
C GLU B 1517 -63.50 -18.27 60.34
N VAL B 1518 -62.35 -18.55 60.94
CA VAL B 1518 -61.70 -19.86 60.85
C VAL B 1518 -61.39 -20.31 62.27
N ASP B 1519 -61.90 -21.49 62.64
CA ASP B 1519 -61.75 -22.02 63.99
C ASP B 1519 -61.92 -23.53 63.91
N PRO B 1520 -61.58 -24.25 64.97
CA PRO B 1520 -61.77 -25.71 64.95
C PRO B 1520 -63.20 -26.12 64.64
N GLY B 1521 -64.19 -25.36 65.13
CA GLY B 1521 -65.58 -25.66 64.85
C GLY B 1521 -66.16 -24.93 63.66
N SER B 1522 -65.50 -23.90 63.15
CA SER B 1522 -66.02 -23.17 62.00
C SER B 1522 -66.13 -24.10 60.80
N ALA B 1523 -67.28 -24.07 60.14
CA ALA B 1523 -67.51 -24.94 59.00
C ALA B 1523 -66.44 -24.73 57.95
N GLU B 1524 -65.89 -23.52 57.84
CA GLU B 1524 -64.88 -23.25 56.83
C GLU B 1524 -63.66 -24.12 57.05
N LEU B 1525 -63.18 -24.20 58.29
CA LEU B 1525 -62.01 -25.03 58.56
C LEU B 1525 -62.32 -26.50 58.33
N GLN B 1526 -63.52 -26.95 58.70
CA GLN B 1526 -63.89 -28.35 58.47
C GLN B 1526 -63.82 -28.76 57.01
N LYS B 1527 -64.45 -27.99 56.13
CA LYS B 1527 -64.47 -28.35 54.71
C LYS B 1527 -63.11 -28.16 54.04
N VAL B 1528 -62.29 -27.24 54.54
CA VAL B 1528 -60.92 -27.04 53.99
C VAL B 1528 -60.14 -28.20 54.61
N LEU B 1529 -60.34 -28.46 55.89
CA LEU B 1529 -59.58 -29.49 56.64
C LEU B 1529 -59.83 -30.84 55.96
N GLN B 1530 -61.08 -31.10 55.58
CA GLN B 1530 -61.45 -32.38 54.93
C GLN B 1530 -60.69 -32.51 53.60
N GLY B 1531 -60.51 -31.41 52.88
CA GLY B 1531 -59.83 -31.44 51.58
C GLY B 1531 -58.45 -32.07 51.60
N ASP B 1532 -57.67 -31.81 52.64
CA ASP B 1532 -56.26 -32.30 52.71
C ASP B 1532 -55.27 -31.59 51.71
N LEU B 1533 -55.76 -30.46 51.20
CA LEU B 1533 -55.02 -29.64 50.20
C LEU B 1533 -53.88 -28.85 50.84
N VAL B 1534 -52.65 -29.01 50.37
CA VAL B 1534 -51.51 -28.35 50.99
C VAL B 1534 -51.70 -26.83 50.99
N MET B 1535 -52.13 -26.27 49.87
CA MET B 1535 -52.26 -24.83 49.70
C MET B 1535 -53.73 -24.43 49.82
N ASN B 1536 -54.03 -23.48 50.70
CA ASN B 1536 -55.39 -23.06 50.99
C ASN B 1536 -55.37 -21.57 51.31
N VAL B 1537 -55.58 -20.74 50.28
CA VAL B 1537 -55.55 -19.30 50.41
C VAL B 1537 -56.94 -18.77 50.06
N TYR B 1538 -57.49 -17.92 50.93
CA TYR B 1538 -58.80 -17.34 50.73
C TYR B 1538 -58.66 -15.92 50.21
N ARG B 1539 -59.40 -15.59 49.14
CA ARG B 1539 -59.33 -14.27 48.54
C ARG B 1539 -60.73 -13.88 48.04
N ASP B 1540 -61.43 -13.06 48.82
CA ASP B 1540 -62.65 -12.40 48.39
C ASP B 1540 -63.70 -13.39 47.89
N GLY B 1541 -64.15 -14.24 48.80
CA GLY B 1541 -65.26 -15.13 48.55
C GLY B 1541 -64.90 -16.48 47.95
N ALA B 1542 -63.62 -16.77 47.76
CA ALA B 1542 -63.20 -18.02 47.14
C ALA B 1542 -62.04 -18.63 47.90
N TRP B 1543 -61.90 -19.95 47.77
CA TRP B 1543 -60.80 -20.69 48.37
C TRP B 1543 -59.99 -21.32 47.26
N GLY B 1544 -58.79 -20.79 47.04
CA GLY B 1544 -57.99 -21.22 45.92
C GLY B 1544 -56.52 -20.96 46.13
N ALA B 1545 -55.72 -21.39 45.16
CA ALA B 1545 -54.27 -21.32 45.23
C ALA B 1545 -53.75 -20.57 44.01
N PHE B 1546 -52.53 -20.08 44.11
CA PHE B 1546 -51.86 -19.37 43.04
C PHE B 1546 -51.16 -20.39 42.15
N ARG B 1547 -51.28 -20.23 40.84
CA ARG B 1547 -50.75 -21.19 39.89
C ARG B 1547 -49.96 -20.48 38.81
N HIS B 1548 -48.88 -21.10 38.37
CA HIS B 1548 -48.10 -20.56 37.26
C HIS B 1548 -48.78 -20.87 35.93
N PHE B 1549 -48.82 -19.88 35.06
CA PHE B 1549 -49.41 -20.01 33.73
C PHE B 1549 -48.44 -19.46 32.69
N LEU B 1550 -48.21 -20.24 31.64
CA LEU B 1550 -47.28 -19.79 30.61
C LEU B 1550 -47.73 -18.45 30.05
N LEU B 1551 -46.77 -17.57 29.82
CA LEU B 1551 -47.08 -16.22 29.35
C LEU B 1551 -47.20 -16.21 27.82
N GLU B 1552 -47.83 -15.16 27.32
CA GLU B 1552 -48.04 -15.01 25.88
C GLU B 1552 -46.74 -14.59 25.22
N GLU B 1553 -46.28 -15.38 24.24
CA GLU B 1553 -45.07 -15.02 23.51
C GLU B 1553 -45.25 -13.74 22.71
N ASP B 1554 -46.49 -13.29 22.50
CA ASP B 1554 -46.73 -12.08 21.76
C ASP B 1554 -46.13 -10.87 22.48
N LYS B 1555 -45.42 -10.04 21.72
CA LYS B 1555 -44.87 -8.81 22.27
C LYS B 1555 -45.98 -7.77 22.38
N PRO B 1556 -46.24 -7.21 23.57
CA PRO B 1556 -47.41 -6.33 23.72
C PRO B 1556 -47.32 -5.11 22.83
N GLU B 1557 -48.48 -4.65 22.36
CA GLU B 1557 -48.58 -3.53 21.45
C GLU B 1557 -49.15 -2.32 22.19
N GLU B 1558 -49.02 -1.15 21.57
CA GLU B 1558 -49.39 0.11 22.20
C GLU B 1558 -49.60 1.19 21.13
N PRO B 1559 -50.75 1.88 21.11
CA PRO B 1559 -50.95 2.98 20.16
C PRO B 1559 -50.19 4.23 20.58
N THR B 1560 -49.23 4.63 19.74
CA THR B 1560 -48.33 5.74 20.07
C THR B 1560 -48.12 6.58 18.82
N ALA B 1561 -47.64 7.81 19.05
CA ALA B 1561 -47.35 8.74 17.96
C ALA B 1561 -45.88 8.76 17.58
N HIS B 1562 -45.00 8.22 18.42
CA HIS B 1562 -43.56 8.17 18.18
C HIS B 1562 -43.12 6.71 18.15
N ALA B 1563 -42.42 6.33 17.09
CA ALA B 1563 -41.98 4.96 16.93
C ALA B 1563 -40.83 4.92 15.94
N PHE B 1564 -40.12 3.79 15.92
CA PHE B 1564 -39.02 3.61 14.98
C PHE B 1564 -38.94 2.14 14.59
N VAL B 1565 -38.33 1.91 13.44
CA VAL B 1565 -38.13 0.55 12.93
C VAL B 1565 -36.89 -0.04 13.58
N SER B 1566 -36.99 -1.31 13.96
CA SER B 1566 -35.86 -1.97 14.61
C SER B 1566 -35.86 -3.45 14.26
N THR B 1567 -34.67 -4.01 14.11
CA THR B 1567 -34.49 -5.44 13.89
C THR B 1567 -34.46 -6.14 15.24
N LEU B 1568 -35.46 -6.98 15.49
CA LEU B 1568 -35.54 -7.66 16.79
C LEU B 1568 -34.50 -8.76 16.93
N THR B 1569 -33.94 -9.25 15.82
CA THR B 1569 -32.89 -10.25 15.86
C THR B 1569 -31.87 -9.91 14.78
N ARG B 1570 -30.63 -9.66 15.19
CA ARG B 1570 -29.60 -9.27 14.25
C ARG B 1570 -29.44 -10.35 13.17
N GLY B 1571 -29.27 -9.91 11.93
CA GLY B 1571 -29.07 -10.82 10.83
C GLY B 1571 -30.35 -11.41 10.25
N ASP B 1572 -31.50 -11.09 10.80
CA ASP B 1572 -32.78 -11.62 10.34
C ASP B 1572 -33.60 -10.46 9.77
N LEU B 1573 -33.58 -10.32 8.44
CA LEU B 1573 -34.32 -9.24 7.80
C LEU B 1573 -35.81 -9.34 8.02
N SER B 1574 -36.32 -10.50 8.42
CA SER B 1574 -37.75 -10.71 8.63
C SER B 1574 -38.21 -10.30 10.02
N SER B 1575 -37.29 -9.96 10.92
CA SER B 1575 -37.64 -9.56 12.28
C SER B 1575 -38.02 -8.09 12.39
N ILE B 1576 -37.95 -7.34 11.28
CA ILE B 1576 -38.26 -5.91 11.32
C ILE B 1576 -39.63 -5.70 11.95
N ARG B 1577 -39.72 -4.71 12.83
CA ARG B 1577 -40.98 -4.41 13.51
C ARG B 1577 -40.93 -2.97 13.99
N TRP B 1578 -42.11 -2.38 14.14
CA TRP B 1578 -42.26 -1.03 14.66
C TRP B 1578 -42.29 -1.07 16.18
N VAL B 1579 -41.51 -0.20 16.82
CA VAL B 1579 -41.37 -0.16 18.27
C VAL B 1579 -41.52 1.27 18.74
N CYS B 1580 -41.97 1.44 19.98
CA CYS B 1580 -42.13 2.79 20.53
C CYS B 1580 -40.76 3.43 20.72
N SER B 1581 -40.72 4.75 20.55
CA SER B 1581 -39.49 5.51 20.56
C SER B 1581 -39.40 6.37 21.82
N SER B 1582 -38.17 6.71 22.19
CA SER B 1582 -37.95 7.52 23.39
C SER B 1582 -38.42 8.95 23.23
N LEU B 1583 -38.74 9.39 22.01
CA LEU B 1583 -39.13 10.77 21.78
C LEU B 1583 -40.45 11.13 22.43
N ARG B 1584 -41.17 10.16 23.01
CA ARG B 1584 -42.36 10.51 23.78
C ARG B 1584 -42.00 11.49 24.89
N HIS B 1585 -40.92 11.21 25.60
CA HIS B 1585 -40.42 12.08 26.64
C HIS B 1585 -39.48 13.11 26.03
N ALA B 1586 -38.72 13.80 26.87
CA ALA B 1586 -37.81 14.84 26.39
C ALA B 1586 -38.55 15.86 25.53
N GLN B 1587 -39.77 16.18 25.95
CA GLN B 1587 -40.58 17.17 25.22
C GLN B 1587 -39.85 18.50 25.04
N PRO B 1588 -39.27 19.11 26.07
CA PRO B 1588 -38.50 20.33 25.84
C PRO B 1588 -37.32 20.07 24.92
N THR B 1589 -37.07 21.01 24.03
CA THR B 1589 -35.99 20.91 23.06
C THR B 1589 -35.17 22.19 23.11
N CYS B 1590 -33.84 22.04 23.13
CA CYS B 1590 -32.97 23.19 23.13
C CYS B 1590 -33.05 23.91 21.78
N PRO B 1591 -32.64 25.17 21.73
CA PRO B 1591 -32.71 25.89 20.44
C PRO B 1591 -31.97 25.19 19.32
N GLY B 1592 -30.92 24.43 19.65
CA GLY B 1592 -30.18 23.68 18.65
C GLY B 1592 -30.80 22.33 18.35
N ALA B 1593 -32.04 22.13 18.78
CA ALA B 1593 -32.77 20.89 18.50
C ALA B 1593 -34.20 21.23 18.14
N GLN B 1594 -34.81 20.37 17.32
CA GLN B 1594 -36.20 20.54 16.91
C GLN B 1594 -36.81 19.18 16.64
N LEU B 1595 -38.13 19.11 16.76
CA LEU B 1595 -38.89 17.89 16.53
C LEU B 1595 -39.65 18.03 15.23
N CYS B 1596 -39.40 17.14 14.28
CA CYS B 1596 -40.01 17.16 12.95
C CYS B 1596 -40.75 15.86 12.72
N THR B 1597 -41.88 15.94 12.01
CA THR B 1597 -42.71 14.77 11.72
C THR B 1597 -42.29 14.19 10.38
N VAL B 1598 -41.76 12.96 10.40
CA VAL B 1598 -41.25 12.34 9.19
C VAL B 1598 -42.39 11.83 8.34
N TYR B 1599 -42.42 12.23 7.07
CA TYR B 1599 -43.38 11.75 6.10
C TYR B 1599 -42.80 10.71 5.15
N TYR B 1600 -41.55 10.88 4.73
CA TYR B 1600 -40.87 9.91 3.90
C TYR B 1600 -39.45 9.73 4.40
N ALA B 1601 -39.03 8.47 4.48
CA ALA B 1601 -37.69 8.12 4.91
C ALA B 1601 -37.05 7.21 3.86
N SER B 1602 -35.79 7.45 3.57
CA SER B 1602 -35.08 6.77 2.50
C SER B 1602 -34.13 5.74 3.08
N LEU B 1603 -34.07 4.57 2.47
CA LEU B 1603 -33.15 3.54 2.88
C LEU B 1603 -31.84 3.69 2.12
N ASN B 1604 -30.74 3.36 2.81
CA ASN B 1604 -29.41 3.42 2.22
C ASN B 1604 -28.69 2.09 2.44
N PHE B 1605 -27.52 1.97 1.81
CA PHE B 1605 -26.75 0.75 1.92
C PHE B 1605 -26.44 0.41 3.37
N ARG B 1606 -26.17 1.43 4.19
CA ARG B 1606 -25.85 1.20 5.60
C ARG B 1606 -27.01 0.51 6.30
N ASP B 1607 -28.25 0.94 6.01
CA ASP B 1607 -29.40 0.32 6.65
C ASP B 1607 -29.51 -1.15 6.28
N ILE B 1608 -29.30 -1.48 5.00
CA ILE B 1608 -29.36 -2.87 4.57
C ILE B 1608 -28.29 -3.69 5.27
N MET B 1609 -27.07 -3.15 5.34
CA MET B 1609 -26.00 -3.87 6.02
C MET B 1609 -26.32 -4.10 7.48
N LEU B 1610 -26.83 -3.09 8.18
CA LEU B 1610 -27.15 -3.24 9.60
C LEU B 1610 -28.26 -4.26 9.79
N ALA B 1611 -29.29 -4.21 8.95
CA ALA B 1611 -30.39 -5.16 9.08
C ALA B 1611 -29.91 -6.58 8.84
N THR B 1612 -29.11 -6.78 7.78
CA THR B 1612 -28.59 -8.11 7.47
C THR B 1612 -27.50 -8.55 8.44
N GLY B 1613 -27.03 -7.65 9.30
CA GLY B 1613 -26.00 -7.99 10.27
C GLY B 1613 -24.59 -7.94 9.75
N LYS B 1614 -24.37 -7.60 8.47
CA LYS B 1614 -23.02 -7.53 7.95
C LYS B 1614 -22.21 -6.45 8.66
N LEU B 1615 -22.83 -5.31 8.94
CA LEU B 1615 -22.16 -4.20 9.62
C LEU B 1615 -22.63 -4.13 11.06
N SER B 1616 -21.69 -4.19 11.99
CA SER B 1616 -22.03 -4.11 13.39
C SER B 1616 -22.46 -2.69 13.76
N PRO B 1617 -23.30 -2.53 14.78
CA PRO B 1617 -23.77 -1.18 15.15
C PRO B 1617 -22.65 -0.24 15.54
N ASP B 1618 -21.56 -0.75 16.11
CA ASP B 1618 -20.49 0.13 16.59
C ASP B 1618 -19.85 0.92 15.47
N ALA B 1619 -19.83 0.37 14.25
CA ALA B 1619 -19.13 1.04 13.16
C ALA B 1619 -19.64 2.45 12.94
N ILE B 1620 -20.93 2.69 13.18
CA ILE B 1620 -21.48 4.02 12.95
C ILE B 1620 -20.85 5.00 13.95
N PRO B 1621 -20.29 6.12 13.50
CA PRO B 1621 -19.67 7.05 14.44
C PRO B 1621 -20.68 7.69 15.38
N GLY B 1622 -20.20 8.07 16.55
CA GLY B 1622 -21.03 8.69 17.56
C GLY B 1622 -21.32 7.75 18.71
N LYS B 1623 -21.32 8.31 19.93
CA LYS B 1623 -21.58 7.53 21.14
C LYS B 1623 -23.09 7.34 21.29
N TRP B 1624 -23.64 6.52 20.38
CA TRP B 1624 -25.07 6.27 20.38
C TRP B 1624 -25.50 5.47 21.61
N THR B 1625 -24.71 4.46 21.98
CA THR B 1625 -25.02 3.57 23.10
C THR B 1625 -26.49 3.16 23.10
N SER B 1626 -27.08 3.02 21.91
CA SER B 1626 -28.49 2.67 21.78
C SER B 1626 -28.71 1.19 21.52
N GLN B 1627 -27.77 0.55 20.82
CA GLN B 1627 -27.83 -0.87 20.48
C GLN B 1627 -28.90 -1.18 19.46
N ASP B 1628 -29.62 -0.17 18.96
CA ASP B 1628 -30.67 -0.35 17.97
C ASP B 1628 -31.16 1.04 17.58
N SER B 1629 -31.99 1.09 16.53
CA SER B 1629 -32.57 2.30 15.97
C SER B 1629 -31.56 3.07 15.12
N LEU B 1630 -30.47 2.44 14.69
CA LEU B 1630 -29.50 3.12 13.85
C LEU B 1630 -29.98 3.29 12.41
N LEU B 1631 -31.11 2.68 12.05
CA LEU B 1631 -31.54 2.70 10.66
C LEU B 1631 -32.07 4.08 10.27
N GLY B 1632 -31.67 4.53 9.08
CA GLY B 1632 -32.18 5.78 8.54
C GLY B 1632 -31.21 6.94 8.66
N MET B 1633 -30.98 7.65 7.56
CA MET B 1633 -30.11 8.82 7.57
C MET B 1633 -30.74 10.08 6.98
N GLU B 1634 -31.89 9.98 6.33
CA GLU B 1634 -32.55 11.15 5.77
C GLU B 1634 -34.05 10.96 5.83
N PHE B 1635 -34.77 12.07 5.71
CA PHE B 1635 -36.22 12.05 5.85
C PHE B 1635 -36.80 13.22 5.08
N SER B 1636 -38.09 13.47 5.29
CA SER B 1636 -38.78 14.60 4.66
C SER B 1636 -40.13 14.73 5.35
N GLY B 1637 -40.48 15.94 5.75
CA GLY B 1637 -41.71 16.13 6.50
C GLY B 1637 -41.90 17.56 6.91
N ARG B 1638 -42.84 17.76 7.83
CA ARG B 1638 -43.18 19.10 8.30
C ARG B 1638 -42.36 19.44 9.53
N ASP B 1639 -41.89 20.68 9.57
CA ASP B 1639 -41.19 21.18 10.74
C ASP B 1639 -42.20 21.40 11.88
N ALA B 1640 -41.69 21.80 13.04
CA ALA B 1640 -42.58 22.06 14.17
C ALA B 1640 -43.56 23.17 13.86
N SER B 1641 -43.26 24.01 12.86
CA SER B 1641 -44.12 25.11 12.46
C SER B 1641 -44.94 24.80 11.21
N GLY B 1642 -44.93 23.55 10.74
CA GLY B 1642 -45.67 23.18 9.56
C GLY B 1642 -44.95 23.42 8.24
N LYS B 1643 -43.69 23.82 8.28
CA LYS B 1643 -42.94 24.05 7.06
C LYS B 1643 -42.39 22.75 6.51
N ARG B 1644 -42.43 22.62 5.18
CA ARG B 1644 -41.93 21.42 4.52
C ARG B 1644 -40.41 21.43 4.53
N VAL B 1645 -39.81 20.36 5.04
CA VAL B 1645 -38.36 20.29 5.20
C VAL B 1645 -37.85 18.92 4.79
N MET B 1646 -36.60 18.89 4.38
CA MET B 1646 -35.85 17.65 4.17
C MET B 1646 -34.54 17.76 4.94
N GLY B 1647 -34.19 16.70 5.66
CA GLY B 1647 -33.08 16.74 6.59
C GLY B 1647 -32.06 15.65 6.33
N LEU B 1648 -31.01 15.68 7.14
CA LEU B 1648 -29.94 14.69 7.12
C LEU B 1648 -29.54 14.41 8.56
N VAL B 1649 -29.72 13.18 9.00
CA VAL B 1649 -29.53 12.81 10.40
C VAL B 1649 -28.55 11.64 10.44
N PRO B 1650 -27.63 11.58 11.42
CA PRO B 1650 -26.69 10.46 11.45
C PRO B 1650 -27.35 9.10 11.59
N ALA B 1651 -28.45 9.01 12.34
CA ALA B 1651 -29.14 7.75 12.54
C ALA B 1651 -30.54 8.03 13.04
N LYS B 1652 -31.35 6.98 13.07
CA LYS B 1652 -32.75 7.07 13.51
C LYS B 1652 -33.63 7.82 12.52
N GLY B 1653 -33.28 7.76 11.23
CA GLY B 1653 -34.10 8.39 10.22
C GLY B 1653 -35.45 7.72 10.06
N LEU B 1654 -35.49 6.39 10.10
CA LEU B 1654 -36.73 5.64 9.99
C LEU B 1654 -37.50 5.77 11.30
N ALA B 1655 -38.44 6.70 11.35
CA ALA B 1655 -39.24 6.92 12.54
C ALA B 1655 -40.36 7.88 12.18
N THR B 1656 -41.36 7.94 13.06
CA THR B 1656 -42.46 8.88 12.85
C THR B 1656 -42.11 10.29 13.29
N SER B 1657 -40.94 10.49 13.89
CA SER B 1657 -40.47 11.82 14.24
C SER B 1657 -38.98 11.75 14.51
N VAL B 1658 -38.26 12.79 14.10
CA VAL B 1658 -36.81 12.83 14.20
C VAL B 1658 -36.39 14.14 14.86
N LEU B 1659 -35.47 14.05 15.80
CA LEU B 1659 -34.95 15.20 16.54
C LEU B 1659 -33.56 15.52 16.03
N LEU B 1660 -33.36 16.76 15.57
CA LEU B 1660 -32.08 17.16 15.00
C LEU B 1660 -31.96 18.67 15.03
N SER B 1661 -30.73 19.14 14.81
CA SER B 1661 -30.46 20.56 14.86
C SER B 1661 -30.88 21.24 13.56
N PRO B 1662 -31.22 22.53 13.61
CA PRO B 1662 -31.68 23.22 12.40
C PRO B 1662 -30.60 23.43 11.35
N ASP B 1663 -29.34 23.19 11.68
CA ASP B 1663 -28.27 23.31 10.69
C ASP B 1663 -28.30 22.19 9.66
N PHE B 1664 -29.09 21.15 9.89
CA PHE B 1664 -29.22 20.02 8.98
C PHE B 1664 -30.60 19.95 8.35
N LEU B 1665 -31.14 21.08 7.94
CA LEU B 1665 -32.45 21.14 7.32
C LEU B 1665 -32.42 22.05 6.10
N TRP B 1666 -33.15 21.65 5.06
CA TRP B 1666 -33.34 22.46 3.86
C TRP B 1666 -34.84 22.62 3.62
N ASP B 1667 -35.23 23.79 3.11
CA ASP B 1667 -36.62 24.00 2.74
C ASP B 1667 -36.89 23.34 1.39
N VAL B 1668 -37.94 22.53 1.32
CA VAL B 1668 -38.30 21.85 0.09
C VAL B 1668 -38.91 22.88 -0.86
N PRO B 1669 -38.38 23.05 -2.07
CA PRO B 1669 -38.93 24.07 -2.96
C PRO B 1669 -40.37 23.76 -3.35
N SER B 1670 -41.06 24.81 -3.80
CA SER B 1670 -42.50 24.70 -4.04
C SER B 1670 -42.83 23.68 -5.12
N ASN B 1671 -42.02 23.60 -6.17
CA ASN B 1671 -42.35 22.77 -7.32
C ASN B 1671 -42.06 21.29 -7.09
N TRP B 1672 -41.45 20.92 -5.97
CA TRP B 1672 -41.20 19.52 -5.67
C TRP B 1672 -42.35 18.93 -4.86
N THR B 1673 -42.18 17.68 -4.46
CA THR B 1673 -43.08 17.01 -3.54
C THR B 1673 -42.26 16.27 -2.49
N LEU B 1674 -42.84 16.11 -1.30
CA LEU B 1674 -42.09 15.51 -0.19
C LEU B 1674 -41.56 14.14 -0.57
N GLU B 1675 -42.25 13.42 -1.47
CA GLU B 1675 -41.75 12.13 -1.89
C GLU B 1675 -40.41 12.25 -2.60
N GLU B 1676 -40.29 13.22 -3.52
CA GLU B 1676 -39.04 13.38 -4.26
C GLU B 1676 -37.91 13.85 -3.35
N ALA B 1677 -38.22 14.74 -2.40
CA ALA B 1677 -37.19 15.35 -1.58
C ALA B 1677 -36.46 14.35 -0.69
N ALA B 1678 -37.01 13.16 -0.48
CA ALA B 1678 -36.38 12.19 0.39
C ALA B 1678 -35.11 11.59 -0.21
N SER B 1679 -34.82 11.86 -1.47
CA SER B 1679 -33.68 11.25 -2.15
C SER B 1679 -32.47 12.17 -2.29
N VAL B 1680 -32.66 13.48 -2.11
CA VAL B 1680 -31.61 14.45 -2.40
C VAL B 1680 -30.54 14.48 -1.33
N PRO B 1681 -30.90 14.68 -0.05
CA PRO B 1681 -29.90 15.12 0.94
C PRO B 1681 -28.60 14.34 0.96
N VAL B 1682 -28.66 13.03 1.25
CA VAL B 1682 -27.42 12.27 1.47
C VAL B 1682 -26.57 12.27 0.22
N VAL B 1683 -27.16 11.89 -0.92
CA VAL B 1683 -26.37 11.68 -2.13
C VAL B 1683 -25.79 13.00 -2.62
N TYR B 1684 -26.60 14.06 -2.65
CA TYR B 1684 -26.08 15.31 -3.17
C TYR B 1684 -25.09 15.96 -2.21
N SER B 1685 -25.29 15.80 -0.90
CA SER B 1685 -24.31 16.31 0.05
C SER B 1685 -22.97 15.61 -0.13
N THR B 1686 -22.98 14.29 -0.23
CA THR B 1686 -21.71 13.58 -0.40
C THR B 1686 -21.06 13.92 -1.74
N ALA B 1687 -21.86 14.07 -2.80
CA ALA B 1687 -21.29 14.42 -4.09
C ALA B 1687 -20.66 15.80 -4.07
N TYR B 1688 -21.40 16.80 -3.55
CA TYR B 1688 -20.86 18.15 -3.50
C TYR B 1688 -19.61 18.20 -2.65
N TYR B 1689 -19.62 17.57 -1.48
CA TYR B 1689 -18.43 17.52 -0.66
C TYR B 1689 -17.29 16.95 -1.50
N ALA B 1690 -17.41 15.69 -1.89
CA ALA B 1690 -16.30 14.98 -2.54
C ALA B 1690 -15.73 15.78 -3.70
N LEU B 1691 -16.58 16.34 -4.55
CA LEU B 1691 -16.07 17.04 -5.72
C LEU B 1691 -15.58 18.44 -5.35
N VAL B 1692 -16.47 19.33 -4.93
CA VAL B 1692 -16.11 20.73 -4.78
C VAL B 1692 -15.16 20.92 -3.60
N VAL B 1693 -15.57 20.46 -2.41
CA VAL B 1693 -14.82 20.84 -1.21
C VAL B 1693 -13.46 20.16 -1.19
N ARG B 1694 -13.40 18.88 -1.55
CA ARG B 1694 -12.14 18.13 -1.53
C ARG B 1694 -11.45 18.15 -2.88
N GLY B 1695 -12.11 17.62 -3.92
CA GLY B 1695 -11.48 17.55 -5.22
C GLY B 1695 -11.24 18.92 -5.83
N ARG B 1696 -12.15 19.86 -5.59
CA ARG B 1696 -12.04 21.22 -6.13
C ARG B 1696 -12.10 21.19 -7.65
N VAL B 1697 -13.15 20.55 -8.17
CA VAL B 1697 -13.31 20.43 -9.61
C VAL B 1697 -13.49 21.82 -10.22
N ARG B 1698 -12.90 22.01 -11.39
CA ARG B 1698 -12.94 23.26 -12.13
C ARG B 1698 -13.53 23.00 -13.52
N PRO B 1699 -14.11 24.01 -14.14
CA PRO B 1699 -14.74 23.79 -15.44
C PRO B 1699 -13.74 23.26 -16.47
N GLY B 1700 -14.22 22.34 -17.31
CA GLY B 1700 -13.41 21.80 -18.38
C GLY B 1700 -12.62 20.57 -18.04
N GLU B 1701 -12.56 20.17 -16.76
CA GLU B 1701 -11.78 19.02 -16.39
C GLU B 1701 -12.53 17.73 -16.70
N THR B 1702 -11.75 16.67 -16.96
CA THR B 1702 -12.29 15.35 -17.26
C THR B 1702 -12.21 14.48 -16.02
N LEU B 1703 -13.29 13.77 -15.74
CA LEU B 1703 -13.36 12.98 -14.51
C LEU B 1703 -14.12 11.69 -14.75
N LEU B 1704 -13.80 10.69 -13.94
CA LEU B 1704 -14.38 9.35 -14.04
C LEU B 1704 -15.23 9.08 -12.81
N ILE B 1705 -16.49 8.73 -13.03
CA ILE B 1705 -17.46 8.52 -11.96
C ILE B 1705 -17.91 7.07 -12.06
N HIS B 1706 -17.49 6.25 -11.10
CA HIS B 1706 -17.87 4.85 -11.10
C HIS B 1706 -19.32 4.69 -10.65
N SER B 1707 -19.94 3.60 -11.09
CA SER B 1707 -21.31 3.24 -10.69
C SER B 1707 -22.27 4.39 -10.96
N GLY B 1708 -22.44 4.67 -12.25
CA GLY B 1708 -23.24 5.81 -12.66
C GLY B 1708 -24.66 5.76 -12.13
N SER B 1709 -25.30 4.60 -12.18
CA SER B 1709 -26.71 4.50 -11.82
C SER B 1709 -26.98 4.71 -10.34
N GLY B 1710 -25.99 4.51 -9.49
CA GLY B 1710 -26.20 4.73 -8.06
C GLY B 1710 -26.47 6.19 -7.77
N GLY B 1711 -27.03 6.43 -6.59
CA GLY B 1711 -27.41 7.79 -6.23
C GLY B 1711 -26.23 8.75 -6.27
N VAL B 1712 -25.11 8.34 -5.66
CA VAL B 1712 -23.95 9.21 -5.63
C VAL B 1712 -23.42 9.44 -7.03
N GLY B 1713 -23.46 8.40 -7.87
CA GLY B 1713 -23.02 8.57 -9.25
C GLY B 1713 -23.86 9.57 -10.00
N GLN B 1714 -25.19 9.48 -9.86
CA GLN B 1714 -26.06 10.42 -10.54
C GLN B 1714 -25.84 11.85 -10.03
N ALA B 1715 -25.68 11.99 -8.72
CA ALA B 1715 -25.40 13.33 -8.16
C ALA B 1715 -24.09 13.88 -8.71
N ALA B 1716 -23.05 13.04 -8.78
CA ALA B 1716 -21.76 13.51 -9.26
C ALA B 1716 -21.83 13.89 -10.74
N ILE B 1717 -22.55 13.10 -11.54
CA ILE B 1717 -22.70 13.43 -12.94
C ILE B 1717 -23.44 14.75 -13.10
N ALA B 1718 -24.48 14.97 -12.29
CA ALA B 1718 -25.22 16.23 -12.37
C ALA B 1718 -24.34 17.41 -12.01
N ILE B 1719 -23.53 17.26 -10.96
CA ILE B 1719 -22.66 18.36 -10.55
C ILE B 1719 -21.57 18.61 -11.59
N ALA B 1720 -21.06 17.55 -12.20
CA ALA B 1720 -19.97 17.71 -13.16
C ALA B 1720 -20.43 18.37 -14.44
N LEU B 1721 -21.55 17.91 -15.00
CA LEU B 1721 -22.00 18.45 -16.28
C LEU B 1721 -22.35 19.93 -16.16
N SER B 1722 -22.95 20.33 -15.04
CA SER B 1722 -23.31 21.73 -14.86
C SER B 1722 -22.10 22.64 -14.97
N LEU B 1723 -20.90 22.14 -14.69
CA LEU B 1723 -19.67 22.89 -14.81
C LEU B 1723 -19.02 22.76 -16.19
N GLY B 1724 -19.62 21.99 -17.08
CA GLY B 1724 -19.05 21.78 -18.39
C GLY B 1724 -18.02 20.68 -18.47
N CYS B 1725 -17.91 19.84 -17.45
CA CYS B 1725 -16.90 18.78 -17.44
C CYS B 1725 -17.24 17.70 -18.46
N ARG B 1726 -16.22 16.96 -18.87
CA ARG B 1726 -16.37 15.77 -19.70
C ARG B 1726 -16.25 14.56 -18.79
N VAL B 1727 -17.30 13.76 -18.72
CA VAL B 1727 -17.48 12.76 -17.68
C VAL B 1727 -17.48 11.38 -18.30
N PHE B 1728 -16.71 10.47 -17.72
CA PHE B 1728 -16.77 9.04 -18.01
C PHE B 1728 -17.45 8.32 -16.85
N THR B 1729 -18.31 7.37 -17.17
CA THR B 1729 -19.04 6.61 -16.17
C THR B 1729 -18.94 5.13 -16.48
N THR B 1730 -19.00 4.32 -15.43
CA THR B 1730 -18.99 2.87 -15.54
C THR B 1730 -20.33 2.32 -15.08
N VAL B 1731 -20.96 1.53 -15.94
CA VAL B 1731 -22.26 0.94 -15.65
C VAL B 1731 -22.20 -0.56 -15.92
N GLY B 1732 -23.05 -1.30 -15.22
CA GLY B 1732 -23.00 -2.74 -15.26
C GLY B 1732 -24.21 -3.40 -15.89
N SER B 1733 -24.83 -2.74 -16.87
CA SER B 1733 -25.95 -3.33 -17.58
C SER B 1733 -26.33 -2.42 -18.73
N ALA B 1734 -27.11 -2.97 -19.67
CA ALA B 1734 -27.59 -2.19 -20.81
C ALA B 1734 -28.71 -1.25 -20.41
N GLU B 1735 -29.65 -1.71 -19.59
CA GLU B 1735 -30.78 -0.86 -19.22
C GLU B 1735 -30.30 0.35 -18.41
N LYS B 1736 -29.29 0.16 -17.56
CA LYS B 1736 -28.75 1.30 -16.82
C LYS B 1736 -28.10 2.30 -17.75
N ARG B 1737 -27.40 1.83 -18.77
CA ARG B 1737 -26.83 2.73 -19.76
C ARG B 1737 -27.92 3.52 -20.47
N ALA B 1738 -29.01 2.83 -20.84
CA ALA B 1738 -30.11 3.53 -21.49
C ALA B 1738 -30.74 4.56 -20.57
N TYR B 1739 -30.90 4.23 -19.29
CA TYR B 1739 -31.49 5.17 -18.34
C TYR B 1739 -30.61 6.40 -18.18
N LEU B 1740 -29.29 6.20 -18.04
CA LEU B 1740 -28.40 7.35 -17.90
C LEU B 1740 -28.39 8.19 -19.18
N GLN B 1741 -28.45 7.53 -20.33
CA GLN B 1741 -28.49 8.27 -21.59
C GLN B 1741 -29.76 9.10 -21.71
N ALA B 1742 -30.89 8.58 -21.26
CA ALA B 1742 -32.14 9.31 -21.36
C ALA B 1742 -32.23 10.42 -20.31
N ARG B 1743 -31.65 10.19 -19.13
CA ARG B 1743 -31.71 11.20 -18.07
C ARG B 1743 -30.77 12.37 -18.36
N PHE B 1744 -29.57 12.07 -18.85
CA PHE B 1744 -28.56 13.09 -19.18
C PHE B 1744 -28.33 13.08 -20.68
N PRO B 1745 -29.01 13.93 -21.46
CA PRO B 1745 -28.76 13.94 -22.90
C PRO B 1745 -27.33 14.29 -23.27
N GLN B 1746 -26.64 15.07 -22.44
CA GLN B 1746 -25.29 15.51 -22.78
C GLN B 1746 -24.30 14.36 -22.84
N LEU B 1747 -24.64 13.20 -22.29
CA LEU B 1747 -23.71 12.07 -22.34
C LEU B 1747 -23.71 11.42 -23.71
N ASP B 1748 -22.51 11.08 -24.18
CA ASP B 1748 -22.30 10.49 -25.49
C ASP B 1748 -22.04 8.99 -25.35
N SER B 1749 -21.98 8.33 -26.51
CA SER B 1749 -21.74 6.89 -26.51
C SER B 1749 -20.34 6.52 -26.07
N THR B 1750 -19.40 7.48 -26.08
CA THR B 1750 -18.03 7.22 -25.67
C THR B 1750 -17.79 7.50 -24.20
N SER B 1751 -18.82 7.88 -23.44
CA SER B 1751 -18.67 8.24 -22.04
C SER B 1751 -19.11 7.16 -21.08
N PHE B 1752 -19.38 5.95 -21.57
CA PHE B 1752 -19.80 4.83 -20.73
C PHE B 1752 -18.80 3.69 -20.83
N ALA B 1753 -18.74 2.88 -19.78
CA ALA B 1753 -17.86 1.72 -19.77
C ALA B 1753 -18.48 0.60 -18.94
N ASN B 1754 -17.74 -0.47 -18.71
CA ASN B 1754 -18.25 -1.63 -17.97
C ASN B 1754 -17.64 -1.64 -16.57
N SER B 1755 -18.51 -1.64 -15.56
CA SER B 1755 -18.08 -1.64 -14.17
C SER B 1755 -17.85 -3.03 -13.60
N ARG B 1756 -18.26 -4.07 -14.33
CA ARG B 1756 -18.10 -5.44 -13.88
C ARG B 1756 -16.81 -6.07 -14.41
N ASP B 1757 -15.79 -5.27 -14.68
CA ASP B 1757 -14.48 -5.76 -15.09
C ASP B 1757 -13.53 -4.58 -15.10
N THR B 1758 -12.28 -4.83 -15.53
CA THR B 1758 -11.26 -3.79 -15.60
C THR B 1758 -11.06 -3.25 -17.01
N SER B 1759 -12.04 -3.43 -17.90
CA SER B 1759 -11.90 -2.95 -19.26
C SER B 1759 -11.93 -1.43 -19.35
N PHE B 1760 -12.51 -0.75 -18.36
CA PHE B 1760 -12.66 0.70 -18.45
C PHE B 1760 -11.32 1.41 -18.52
N GLU B 1761 -10.24 0.79 -18.01
CA GLU B 1761 -8.93 1.43 -18.06
C GLU B 1761 -8.51 1.69 -19.50
N GLN B 1762 -8.65 0.69 -20.37
CA GLN B 1762 -8.27 0.87 -21.76
C GLN B 1762 -9.16 1.89 -22.44
N HIS B 1763 -10.46 1.86 -22.15
CA HIS B 1763 -11.39 2.82 -22.74
C HIS B 1763 -11.01 4.25 -22.38
N VAL B 1764 -10.74 4.48 -21.09
CA VAL B 1764 -10.36 5.81 -20.64
C VAL B 1764 -9.03 6.23 -21.25
N LEU B 1765 -8.02 5.35 -21.18
CA LEU B 1765 -6.70 5.70 -21.69
C LEU B 1765 -6.68 5.81 -23.21
N TRP B 1766 -7.72 5.33 -23.89
CA TRP B 1766 -7.81 5.50 -25.34
C TRP B 1766 -8.52 6.80 -25.69
N HIS B 1767 -9.69 7.03 -25.12
CA HIS B 1767 -10.45 8.23 -25.48
C HIS B 1767 -9.87 9.50 -24.86
N THR B 1768 -9.03 9.38 -23.83
CA THR B 1768 -8.39 10.54 -23.22
C THR B 1768 -7.02 10.83 -23.83
N GLY B 1769 -6.62 10.09 -24.86
CA GLY B 1769 -5.33 10.32 -25.48
C GLY B 1769 -4.15 9.85 -24.66
N GLY B 1770 -4.37 8.94 -23.71
CA GLY B 1770 -3.31 8.43 -22.88
C GLY B 1770 -2.94 9.32 -21.72
N LYS B 1771 -3.59 10.48 -21.57
CA LYS B 1771 -3.29 11.36 -20.45
C LYS B 1771 -3.98 10.90 -19.17
N GLY B 1772 -5.21 10.39 -19.30
CA GLY B 1772 -5.96 9.97 -18.14
C GLY B 1772 -7.05 10.95 -17.76
N VAL B 1773 -7.40 11.00 -16.49
CA VAL B 1773 -8.48 11.84 -16.00
C VAL B 1773 -7.98 12.64 -14.80
N ASP B 1774 -8.65 13.75 -14.53
CA ASP B 1774 -8.26 14.62 -13.42
C ASP B 1774 -8.80 14.11 -12.09
N LEU B 1775 -10.11 13.88 -12.02
CA LEU B 1775 -10.77 13.40 -10.81
C LEU B 1775 -11.29 11.99 -11.04
N VAL B 1776 -11.16 11.14 -10.03
CA VAL B 1776 -11.71 9.79 -10.05
C VAL B 1776 -12.54 9.61 -8.78
N LEU B 1777 -13.85 9.45 -8.95
CA LEU B 1777 -14.75 9.20 -7.83
C LEU B 1777 -14.98 7.69 -7.77
N ASN B 1778 -14.23 7.04 -6.89
CA ASN B 1778 -14.14 5.58 -6.88
C ASN B 1778 -14.92 4.99 -5.72
N SER B 1779 -15.78 4.02 -6.03
CA SER B 1779 -16.48 3.25 -5.02
C SER B 1779 -16.23 1.75 -5.14
N LEU B 1780 -15.49 1.31 -6.16
CA LEU B 1780 -15.17 -0.10 -6.34
C LEU B 1780 -14.01 -0.46 -5.40
N ALA B 1781 -13.67 -1.74 -5.35
CA ALA B 1781 -12.66 -2.22 -4.41
C ALA B 1781 -11.78 -3.25 -5.11
N GLU B 1782 -10.95 -3.93 -4.33
CA GLU B 1782 -10.05 -4.97 -4.84
C GLU B 1782 -9.33 -4.51 -6.10
N GLU B 1783 -9.24 -5.39 -7.10
CA GLU B 1783 -8.44 -5.08 -8.29
C GLU B 1783 -8.93 -3.83 -9.00
N LYS B 1784 -10.26 -3.66 -9.09
CA LYS B 1784 -10.80 -2.53 -9.84
C LYS B 1784 -10.27 -1.20 -9.30
N LEU B 1785 -10.00 -1.13 -8.00
CA LEU B 1785 -9.46 0.09 -7.41
C LEU B 1785 -8.09 0.41 -8.01
N GLN B 1786 -7.24 -0.60 -8.16
CA GLN B 1786 -5.92 -0.37 -8.72
C GLN B 1786 -6.02 0.14 -10.15
N ALA B 1787 -6.97 -0.38 -10.93
CA ALA B 1787 -7.15 0.07 -12.30
C ALA B 1787 -7.49 1.55 -12.34
N SER B 1788 -8.32 2.01 -11.42
CA SER B 1788 -8.70 3.42 -11.40
C SER B 1788 -7.49 4.31 -11.15
N VAL B 1789 -6.59 3.87 -10.27
CA VAL B 1789 -5.39 4.67 -9.99
C VAL B 1789 -4.56 4.84 -11.26
N ARG B 1790 -4.43 3.78 -12.06
CA ARG B 1790 -3.68 3.89 -13.30
C ARG B 1790 -4.32 4.84 -14.30
N CYS B 1791 -5.60 5.17 -14.13
CA CYS B 1791 -6.28 6.08 -15.05
C CYS B 1791 -6.04 7.54 -14.71
N LEU B 1792 -5.38 7.83 -13.59
CA LEU B 1792 -5.15 9.22 -13.20
C LEU B 1792 -4.17 9.88 -14.15
N ALA B 1793 -4.38 11.18 -14.37
CA ALA B 1793 -3.47 12.01 -15.12
C ALA B 1793 -2.59 12.81 -14.17
N THR B 1794 -1.60 13.50 -14.74
CA THR B 1794 -0.75 14.35 -13.91
C THR B 1794 -1.59 15.44 -13.26
N HIS B 1795 -1.27 15.74 -12.01
CA HIS B 1795 -2.07 16.65 -11.19
C HIS B 1795 -3.47 16.09 -10.93
N GLY B 1796 -3.62 14.77 -10.91
CA GLY B 1796 -4.91 14.18 -10.69
C GLY B 1796 -5.27 14.09 -9.22
N ARG B 1797 -6.57 13.92 -8.97
CA ARG B 1797 -7.12 13.80 -7.63
C ARG B 1797 -7.96 12.53 -7.55
N PHE B 1798 -7.73 11.74 -6.50
CA PHE B 1798 -8.41 10.46 -6.34
C PHE B 1798 -9.30 10.52 -5.11
N LEU B 1799 -10.61 10.61 -5.34
CA LEU B 1799 -11.58 10.66 -4.26
C LEU B 1799 -12.07 9.24 -3.97
N GLU B 1800 -11.72 8.73 -2.80
CA GLU B 1800 -11.99 7.34 -2.42
C GLU B 1800 -13.17 7.35 -1.43
N ILE B 1801 -14.38 7.22 -1.97
CA ILE B 1801 -15.57 7.13 -1.13
C ILE B 1801 -15.85 5.70 -0.68
N GLY B 1802 -15.12 4.72 -1.19
CA GLY B 1802 -15.29 3.35 -0.75
C GLY B 1802 -14.72 3.13 0.63
N LYS B 1803 -15.03 1.96 1.19
CA LYS B 1803 -14.65 1.66 2.56
C LYS B 1803 -14.21 0.22 2.79
N PHE B 1804 -14.02 -0.59 1.75
CA PHE B 1804 -13.61 -1.98 1.94
C PHE B 1804 -12.10 -2.09 2.06
N ASP B 1805 -11.37 -1.67 1.03
CA ASP B 1805 -9.92 -1.77 1.05
C ASP B 1805 -9.32 -0.93 2.16
N LEU B 1806 -9.96 0.20 2.48
CA LEU B 1806 -9.48 1.00 3.61
C LEU B 1806 -9.56 0.21 4.91
N SER B 1807 -10.68 -0.49 5.14
CA SER B 1807 -10.81 -1.28 6.36
C SER B 1807 -9.83 -2.44 6.37
N GLN B 1808 -9.67 -3.13 5.25
CA GLN B 1808 -8.75 -4.25 5.18
C GLN B 1808 -7.29 -3.80 5.10
N ASN B 1809 -7.03 -2.51 4.90
CA ASN B 1809 -5.67 -1.98 4.82
C ASN B 1809 -4.87 -2.67 3.72
N HIS B 1810 -5.34 -2.54 2.49
CA HIS B 1810 -4.63 -3.11 1.36
C HIS B 1810 -3.48 -2.20 0.93
N PRO B 1811 -2.44 -2.77 0.32
CA PRO B 1811 -1.28 -1.95 -0.08
C PRO B 1811 -1.63 -0.96 -1.18
N LEU B 1812 -0.99 0.19 -1.14
CA LEU B 1812 -1.11 1.22 -2.16
C LEU B 1812 0.29 1.66 -2.57
N GLY B 1813 0.62 1.50 -3.85
CA GLY B 1813 1.92 1.91 -4.33
C GLY B 1813 2.05 3.42 -4.34
N MET B 1814 3.18 3.90 -3.82
CA MET B 1814 3.42 5.33 -3.72
C MET B 1814 4.05 5.93 -4.97
N ALA B 1815 4.33 5.11 -5.99
CA ALA B 1815 4.92 5.64 -7.22
C ALA B 1815 3.95 6.59 -7.93
N ILE B 1816 2.66 6.48 -7.62
CA ILE B 1816 1.67 7.35 -8.25
C ILE B 1816 1.92 8.80 -7.87
N PHE B 1817 2.55 9.03 -6.72
CA PHE B 1817 2.74 10.40 -6.24
C PHE B 1817 3.82 11.13 -7.04
N LEU B 1818 4.67 10.38 -7.76
CA LEU B 1818 5.65 11.02 -8.63
C LEU B 1818 4.95 12.00 -9.57
N LYS B 1819 3.94 11.50 -10.26
CA LYS B 1819 2.96 12.38 -10.89
C LYS B 1819 2.24 13.13 -9.79
N ASN B 1820 2.14 14.45 -9.90
CA ASN B 1820 1.45 15.21 -8.86
C ASN B 1820 0.06 14.63 -8.67
N VAL B 1821 -0.21 14.04 -7.52
CA VAL B 1821 -1.47 13.36 -7.27
C VAL B 1821 -1.82 13.52 -5.81
N THR B 1822 -3.10 13.82 -5.56
CA THR B 1822 -3.65 13.93 -4.21
C THR B 1822 -4.63 12.80 -4.00
N PHE B 1823 -4.42 12.02 -2.95
CA PHE B 1823 -5.26 10.87 -2.64
C PHE B 1823 -6.18 11.26 -1.49
N HIS B 1824 -7.47 11.36 -1.77
CA HIS B 1824 -8.45 11.81 -0.80
C HIS B 1824 -9.21 10.62 -0.23
N GLY B 1825 -9.33 10.60 1.10
CA GLY B 1825 -10.24 9.68 1.76
C GLY B 1825 -11.44 10.43 2.27
N VAL B 1826 -12.61 10.21 1.66
CA VAL B 1826 -13.80 11.02 1.92
C VAL B 1826 -14.76 10.22 2.78
N LEU B 1827 -15.21 10.81 3.88
CA LEU B 1827 -16.21 10.23 4.77
C LEU B 1827 -17.11 11.37 5.24
N LEU B 1828 -18.39 11.30 4.85
CA LEU B 1828 -19.32 12.37 5.20
C LEU B 1828 -19.74 12.28 6.67
N ASP B 1829 -19.78 11.07 7.23
CA ASP B 1829 -20.29 10.89 8.59
C ASP B 1829 -19.45 11.59 9.65
N ALA B 1830 -18.21 11.99 9.32
CA ALA B 1830 -17.37 12.64 10.32
C ALA B 1830 -17.97 13.94 10.83
N PHE B 1831 -18.83 14.60 10.05
CA PHE B 1831 -19.39 15.89 10.47
C PHE B 1831 -20.38 15.72 11.61
N PHE B 1832 -21.12 14.60 11.62
CA PHE B 1832 -22.17 14.41 12.60
C PHE B 1832 -21.61 14.30 14.01
N ASN B 1833 -20.56 13.49 14.19
CA ASN B 1833 -20.03 13.26 15.52
C ASN B 1833 -19.49 14.53 16.15
N GLU B 1834 -18.76 15.33 15.36
CA GLU B 1834 -18.16 16.57 15.84
C GLU B 1834 -18.76 17.74 15.09
N SER B 1835 -19.33 18.69 15.83
CA SER B 1835 -19.93 19.87 15.22
C SER B 1835 -18.83 20.82 14.75
N SER B 1836 -18.96 21.32 13.52
CA SER B 1836 -17.96 22.22 12.96
C SER B 1836 -18.62 23.09 11.90
N ALA B 1837 -17.92 24.18 11.56
CA ALA B 1837 -18.40 25.09 10.52
C ALA B 1837 -18.04 24.60 9.11
N ASP B 1838 -17.30 23.51 8.99
CA ASP B 1838 -17.01 22.97 7.67
C ASP B 1838 -18.26 22.44 6.99
N TRP B 1839 -19.27 22.07 7.78
CA TRP B 1839 -20.53 21.58 7.21
C TRP B 1839 -21.36 22.70 6.60
N ARG B 1840 -21.19 23.94 7.09
CA ARG B 1840 -21.94 25.05 6.53
C ARG B 1840 -21.58 25.26 5.06
N GLU B 1841 -20.35 24.94 4.67
CA GLU B 1841 -19.96 25.09 3.28
C GLU B 1841 -20.76 24.14 2.39
N VAL B 1842 -20.86 22.87 2.78
CA VAL B 1842 -21.62 21.91 1.99
C VAL B 1842 -23.11 22.25 2.03
N TRP B 1843 -23.61 22.73 3.17
CA TRP B 1843 -25.01 23.12 3.24
C TRP B 1843 -25.29 24.27 2.28
N ALA B 1844 -24.42 25.28 2.24
CA ALA B 1844 -24.62 26.39 1.33
C ALA B 1844 -24.53 25.92 -0.12
N LEU B 1845 -23.59 25.03 -0.41
CA LEU B 1845 -23.48 24.52 -1.78
C LEU B 1845 -24.76 23.80 -2.19
N VAL B 1846 -25.31 22.96 -1.31
CA VAL B 1846 -26.51 22.21 -1.66
C VAL B 1846 -27.70 23.15 -1.82
N GLN B 1847 -27.82 24.15 -0.95
CA GLN B 1847 -28.91 25.10 -1.07
C GLN B 1847 -28.80 25.89 -2.38
N ALA B 1848 -27.58 26.30 -2.74
CA ALA B 1848 -27.40 27.02 -4.00
C ALA B 1848 -27.75 26.12 -5.18
N GLY B 1849 -27.36 24.85 -5.12
CA GLY B 1849 -27.74 23.93 -6.17
C GLY B 1849 -29.24 23.77 -6.29
N ILE B 1850 -29.94 23.70 -5.15
CA ILE B 1850 -31.39 23.57 -5.17
C ILE B 1850 -32.01 24.79 -5.84
N ARG B 1851 -31.54 25.98 -5.48
CA ARG B 1851 -32.14 27.19 -6.05
C ARG B 1851 -31.75 27.39 -7.51
N ASP B 1852 -30.60 26.87 -7.94
CA ASP B 1852 -30.09 27.11 -9.27
C ASP B 1852 -30.54 26.05 -10.28
N GLY B 1853 -31.23 25.01 -9.84
CA GLY B 1853 -31.73 24.00 -10.75
C GLY B 1853 -30.79 22.84 -11.01
N VAL B 1854 -29.57 22.89 -10.49
CA VAL B 1854 -28.63 21.79 -10.73
C VAL B 1854 -29.08 20.53 -10.02
N VAL B 1855 -29.55 20.66 -8.79
CA VAL B 1855 -29.93 19.51 -7.97
C VAL B 1855 -31.38 19.15 -8.28
N ARG B 1856 -31.58 17.97 -8.86
CA ARG B 1856 -32.92 17.48 -9.14
C ARG B 1856 -33.11 16.09 -8.55
N PRO B 1857 -34.34 15.74 -8.17
CA PRO B 1857 -34.54 14.47 -7.46
C PRO B 1857 -34.28 13.26 -8.34
N LEU B 1858 -33.95 12.16 -7.68
CA LEU B 1858 -33.73 10.89 -8.35
C LEU B 1858 -35.04 10.11 -8.44
N LYS B 1859 -35.01 9.04 -9.22
CA LYS B 1859 -36.16 8.15 -9.29
C LYS B 1859 -36.34 7.44 -7.95
N CYS B 1860 -37.59 7.36 -7.48
CA CYS B 1860 -37.89 6.83 -6.17
C CYS B 1860 -39.00 5.80 -6.28
N THR B 1861 -38.86 4.71 -5.52
CA THR B 1861 -39.90 3.68 -5.41
C THR B 1861 -40.39 3.69 -3.97
N VAL B 1862 -41.68 3.93 -3.79
CA VAL B 1862 -42.24 4.14 -2.45
C VAL B 1862 -42.92 2.88 -1.95
N PHE B 1863 -42.58 2.50 -0.72
CA PHE B 1863 -43.25 1.42 -0.01
C PHE B 1863 -43.96 2.02 1.21
N HIS B 1864 -45.10 1.44 1.57
CA HIS B 1864 -45.88 1.98 2.66
C HIS B 1864 -45.26 1.62 4.00
N GLY B 1865 -45.82 2.20 5.06
CA GLY B 1865 -45.24 2.01 6.39
C GLY B 1865 -45.33 0.57 6.86
N ALA B 1866 -46.48 -0.08 6.61
CA ALA B 1866 -46.67 -1.44 7.09
C ALA B 1866 -45.84 -2.45 6.30
N GLN B 1867 -45.40 -2.08 5.10
CA GLN B 1867 -44.58 -2.94 4.26
C GLN B 1867 -43.10 -2.58 4.31
N VAL B 1868 -42.59 -2.21 5.48
CA VAL B 1868 -41.17 -1.84 5.57
C VAL B 1868 -40.29 -3.03 5.22
N GLU B 1869 -40.68 -4.23 5.63
CA GLU B 1869 -39.90 -5.41 5.32
C GLU B 1869 -39.78 -5.60 3.82
N ASP B 1870 -40.85 -5.34 3.09
CA ASP B 1870 -40.81 -5.44 1.64
C ASP B 1870 -39.78 -4.46 1.06
N ALA B 1871 -39.75 -3.24 1.58
CA ALA B 1871 -38.77 -2.27 1.11
C ALA B 1871 -37.35 -2.74 1.39
N PHE B 1872 -37.12 -3.31 2.57
CA PHE B 1872 -35.78 -3.81 2.88
C PHE B 1872 -35.38 -4.93 1.94
N ARG B 1873 -36.29 -5.86 1.66
CA ARG B 1873 -35.97 -6.94 0.73
C ARG B 1873 -35.70 -6.40 -0.67
N TYR B 1874 -36.51 -5.45 -1.12
CA TYR B 1874 -36.31 -4.87 -2.45
C TYR B 1874 -34.94 -4.19 -2.54
N MET B 1875 -34.54 -3.49 -1.48
CA MET B 1875 -33.19 -2.93 -1.46
C MET B 1875 -32.14 -4.04 -1.49
N ALA B 1876 -32.39 -5.14 -0.77
CA ALA B 1876 -31.42 -6.21 -0.71
C ALA B 1876 -31.16 -6.80 -2.09
N GLN B 1877 -32.21 -7.01 -2.88
CA GLN B 1877 -32.03 -7.62 -4.19
C GLN B 1877 -31.10 -6.80 -5.09
N GLY B 1878 -31.06 -5.49 -4.90
CA GLY B 1878 -30.14 -4.64 -5.65
C GLY B 1878 -30.42 -4.54 -7.14
N LYS B 1879 -31.68 -4.47 -7.53
CA LYS B 1879 -32.07 -4.22 -8.91
C LYS B 1879 -32.66 -2.84 -9.14
N HIS B 1880 -32.87 -2.07 -8.06
CA HIS B 1880 -33.49 -0.77 -8.19
C HIS B 1880 -32.57 0.19 -8.94
N ILE B 1881 -33.17 1.17 -9.61
CA ILE B 1881 -32.47 2.30 -10.20
C ILE B 1881 -33.00 3.54 -9.52
N GLY B 1882 -32.17 4.17 -8.69
CA GLY B 1882 -32.60 5.34 -7.94
C GLY B 1882 -32.55 5.14 -6.45
N LYS B 1883 -33.67 5.38 -5.77
CA LYS B 1883 -33.72 5.32 -4.32
C LYS B 1883 -35.00 4.62 -3.88
N VAL B 1884 -34.95 4.01 -2.70
CA VAL B 1884 -36.08 3.33 -2.10
C VAL B 1884 -36.53 4.14 -0.89
N VAL B 1885 -37.82 4.49 -0.86
CA VAL B 1885 -38.37 5.40 0.12
C VAL B 1885 -39.52 4.69 0.83
N VAL B 1886 -39.62 4.93 2.14
CA VAL B 1886 -40.70 4.36 2.95
C VAL B 1886 -41.64 5.49 3.32
N GLN B 1887 -42.92 5.33 2.99
CA GLN B 1887 -43.93 6.37 3.22
C GLN B 1887 -44.51 6.20 4.62
N VAL B 1888 -43.88 6.84 5.59
CA VAL B 1888 -44.37 6.78 6.96
C VAL B 1888 -45.73 7.45 7.06
N LEU B 1889 -45.90 8.57 6.36
CA LEU B 1889 -47.16 9.30 6.36
C LEU B 1889 -47.38 9.90 4.98
N ALA B 1890 -48.65 10.15 4.66
CA ALA B 1890 -49.04 10.60 3.33
C ALA B 1890 -49.09 12.11 3.28
N GLU B 1891 -48.59 12.69 2.18
CA GLU B 1891 -48.59 14.13 2.03
C GLU B 1891 -50.00 14.65 1.81
N GLU B 1892 -50.21 15.91 2.16
CA GLU B 1892 -51.50 16.58 2.03
C GLU B 1892 -51.33 17.86 1.22
N PRO B 1893 -52.40 18.31 0.57
CA PRO B 1893 -52.26 19.48 -0.33
C PRO B 1893 -51.76 20.73 0.35
N GLU B 1894 -52.13 20.97 1.61
CA GLU B 1894 -51.80 22.23 2.26
C GLU B 1894 -50.29 22.44 2.31
N ALA B 1895 -49.86 23.64 1.94
CA ALA B 1895 -48.43 23.97 2.05
C ALA B 1895 -47.97 23.99 3.50
N VAL B 1896 -48.81 24.54 4.39
CA VAL B 1896 -48.53 24.60 5.82
C VAL B 1896 -49.75 24.05 6.55
N LEU B 1897 -49.52 23.06 7.42
CA LEU B 1897 -50.60 22.41 8.15
C LEU B 1897 -50.50 22.55 9.66
N LYS B 1898 -49.32 22.90 10.19
CA LYS B 1898 -49.09 22.97 11.64
C LYS B 1898 -49.72 21.79 12.35
N GLY B 1899 -49.49 20.58 11.83
CA GLY B 1899 -50.03 19.39 12.43
C GLY B 1899 -49.55 19.17 13.85
N ALA B 1900 -50.49 19.05 14.79
CA ALA B 1900 -50.12 18.87 16.19
C ALA B 1900 -49.37 17.56 16.41
N LYS B 1901 -49.85 16.49 15.79
CA LYS B 1901 -49.28 15.16 15.98
C LYS B 1901 -49.31 14.39 14.67
N PRO B 1902 -48.44 13.40 14.50
CA PRO B 1902 -48.56 12.51 13.35
C PRO B 1902 -49.63 11.45 13.56
N LYS B 1903 -49.92 10.66 12.53
CA LYS B 1903 -50.92 9.61 12.66
C LYS B 1903 -50.45 8.59 13.68
N LEU B 1904 -51.28 8.32 14.68
CA LEU B 1904 -50.96 7.32 15.67
C LEU B 1904 -50.90 5.93 15.04
N MET B 1905 -49.99 5.10 15.55
CA MET B 1905 -49.85 3.73 15.08
C MET B 1905 -49.53 2.84 16.26
N SER B 1906 -49.80 1.55 16.08
CA SER B 1906 -49.53 0.55 17.11
C SER B 1906 -48.09 0.08 16.97
N ALA B 1907 -47.33 0.17 18.05
CA ALA B 1907 -45.93 -0.24 18.06
C ALA B 1907 -45.64 -1.03 19.32
N ILE B 1908 -44.71 -1.99 19.20
CA ILE B 1908 -44.28 -2.76 20.36
C ILE B 1908 -43.86 -1.81 21.46
N SER B 1909 -44.44 -1.98 22.64
CA SER B 1909 -44.17 -1.10 23.77
C SER B 1909 -42.86 -1.47 24.42
N LYS B 1910 -41.94 -0.52 24.50
CA LYS B 1910 -40.65 -0.73 25.15
C LYS B 1910 -40.42 0.41 26.13
N THR B 1911 -39.83 0.08 27.27
CA THR B 1911 -39.76 1.00 28.39
C THR B 1911 -38.74 2.10 28.17
N PHE B 1912 -39.10 3.31 28.59
CA PHE B 1912 -38.20 4.45 28.59
C PHE B 1912 -38.52 5.33 29.79
N CYS B 1913 -37.56 6.17 30.17
CA CYS B 1913 -37.72 6.99 31.35
C CYS B 1913 -37.47 8.46 31.03
N PRO B 1914 -38.21 9.38 31.65
CA PRO B 1914 -37.94 10.80 31.42
C PRO B 1914 -36.58 11.20 31.96
N ALA B 1915 -36.14 12.39 31.57
CA ALA B 1915 -34.82 12.89 31.96
C ALA B 1915 -34.84 13.75 33.21
N HIS B 1916 -36.01 14.01 33.80
CA HIS B 1916 -36.11 14.81 35.00
C HIS B 1916 -36.58 14.03 36.22
N LYS B 1917 -37.02 12.79 36.04
CA LYS B 1917 -37.42 11.96 37.16
C LYS B 1917 -36.20 11.45 37.92
N SER B 1918 -36.42 11.08 39.17
CA SER B 1918 -35.39 10.49 40.02
C SER B 1918 -35.77 9.05 40.36
N TYR B 1919 -34.76 8.19 40.46
CA TYR B 1919 -34.99 6.76 40.64
C TYR B 1919 -34.14 6.22 41.78
N ILE B 1920 -34.72 5.28 42.52
CA ILE B 1920 -34.12 4.70 43.71
C ILE B 1920 -33.97 3.21 43.50
N ILE B 1921 -32.76 2.70 43.73
CA ILE B 1921 -32.47 1.27 43.66
C ILE B 1921 -31.93 0.87 45.02
N ALA B 1922 -32.80 0.37 45.88
CA ALA B 1922 -32.35 -0.14 47.17
C ALA B 1922 -31.39 -1.30 46.96
N GLY B 1923 -30.26 -1.27 47.67
CA GLY B 1923 -29.24 -2.28 47.46
C GLY B 1923 -28.72 -2.29 46.04
N GLY B 1924 -28.57 -1.11 45.42
CA GLY B 1924 -28.22 -1.06 44.02
C GLY B 1924 -26.77 -1.39 43.74
N LEU B 1925 -25.90 -1.24 44.74
CA LEU B 1925 -24.48 -1.49 44.53
C LEU B 1925 -24.15 -2.98 44.52
N GLY B 1926 -25.12 -3.84 44.82
CA GLY B 1926 -24.90 -5.27 44.70
C GLY B 1926 -24.63 -5.69 43.28
N GLY B 1927 -24.49 -7.00 43.04
CA GLY B 1927 -24.16 -7.46 41.71
C GLY B 1927 -25.24 -7.15 40.68
N PHE B 1928 -26.49 -7.45 41.02
CA PHE B 1928 -27.58 -7.24 40.07
C PHE B 1928 -28.02 -5.80 40.00
N GLY B 1929 -27.91 -5.07 41.10
CA GLY B 1929 -28.31 -3.67 41.09
C GLY B 1929 -27.50 -2.85 40.11
N LEU B 1930 -26.20 -3.11 40.02
CA LEU B 1930 -25.37 -2.36 39.09
C LEU B 1930 -25.81 -2.59 37.65
N GLU B 1931 -26.10 -3.83 37.29
CA GLU B 1931 -26.54 -4.11 35.93
C GLU B 1931 -27.90 -3.50 35.65
N LEU B 1932 -28.81 -3.53 36.64
CA LEU B 1932 -30.10 -2.87 36.45
C LEU B 1932 -29.92 -1.37 36.26
N ALA B 1933 -29.02 -0.76 37.03
CA ALA B 1933 -28.76 0.66 36.87
C ALA B 1933 -28.20 0.95 35.48
N GLN B 1934 -27.27 0.14 35.01
CA GLN B 1934 -26.76 0.31 33.66
C GLN B 1934 -27.90 0.23 32.65
N TRP B 1935 -28.83 -0.69 32.86
CA TRP B 1935 -29.99 -0.79 31.98
C TRP B 1935 -30.80 0.50 31.99
N LEU B 1936 -31.03 1.06 33.17
CA LEU B 1936 -31.83 2.27 33.26
C LEU B 1936 -31.14 3.45 32.57
N ILE B 1937 -29.82 3.60 32.78
CA ILE B 1937 -29.11 4.73 32.18
C ILE B 1937 -29.19 4.66 30.67
N GLN B 1938 -29.09 3.45 30.11
CA GLN B 1938 -29.22 3.29 28.67
C GLN B 1938 -30.59 3.69 28.16
N ARG B 1939 -31.60 3.65 29.03
CA ARG B 1939 -32.97 3.97 28.63
C ARG B 1939 -33.37 5.40 28.97
N GLY B 1940 -32.43 6.24 29.37
CA GLY B 1940 -32.69 7.67 29.47
C GLY B 1940 -32.94 8.20 30.86
N VAL B 1941 -32.13 7.79 31.82
CA VAL B 1941 -32.23 8.29 33.19
C VAL B 1941 -31.03 9.18 33.48
N GLN B 1942 -31.26 10.25 34.24
CA GLN B 1942 -30.17 11.15 34.61
C GLN B 1942 -30.23 11.59 36.06
N LYS B 1943 -30.95 10.87 36.92
CA LYS B 1943 -30.99 11.18 38.36
C LYS B 1943 -31.21 9.85 39.07
N LEU B 1944 -30.12 9.27 39.58
CA LEU B 1944 -30.12 7.93 40.14
C LEU B 1944 -29.61 7.96 41.57
N VAL B 1945 -30.33 7.28 42.46
CA VAL B 1945 -29.96 7.18 43.87
C VAL B 1945 -29.80 5.70 44.19
N LEU B 1946 -28.63 5.33 44.69
CA LEU B 1946 -28.32 3.95 45.05
C LEU B 1946 -28.10 3.87 46.56
N THR B 1947 -28.52 2.74 47.15
CA THR B 1947 -28.53 2.57 48.59
C THR B 1947 -27.72 1.35 48.98
N SER B 1948 -26.88 1.51 50.00
CA SER B 1948 -26.12 0.40 50.57
C SER B 1948 -25.77 0.75 52.00
N ARG B 1949 -25.52 -0.29 52.80
CA ARG B 1949 -25.18 -0.13 54.20
C ARG B 1949 -23.68 -0.14 54.43
N SER B 1950 -22.89 -0.10 53.36
CA SER B 1950 -21.44 -0.05 53.49
C SER B 1950 -20.79 0.95 52.55
N GLY B 1951 -21.50 1.48 51.57
CA GLY B 1951 -20.91 2.39 50.61
C GLY B 1951 -20.10 1.66 49.57
N ILE B 1952 -19.33 2.41 48.79
CA ILE B 1952 -18.44 1.85 47.78
C ILE B 1952 -17.27 1.19 48.49
N ARG B 1953 -17.08 -0.10 48.24
CA ARG B 1953 -16.01 -0.85 48.89
C ARG B 1953 -15.23 -1.75 47.95
N THR B 1954 -15.59 -1.83 46.66
CA THR B 1954 -14.86 -2.64 45.71
C THR B 1954 -14.55 -1.80 44.48
N GLY B 1955 -13.49 -2.21 43.77
CA GLY B 1955 -13.06 -1.42 42.62
C GLY B 1955 -14.10 -1.36 41.52
N TYR B 1956 -14.86 -2.45 41.33
CA TYR B 1956 -15.83 -2.49 40.25
C TYR B 1956 -16.92 -1.45 40.47
N GLN B 1957 -17.41 -1.34 41.70
CA GLN B 1957 -18.44 -0.34 42.00
C GLN B 1957 -17.92 1.06 41.76
N ALA B 1958 -16.70 1.34 42.22
CA ALA B 1958 -16.11 2.66 42.00
C ALA B 1958 -15.97 2.96 40.52
N LYS B 1959 -15.52 1.98 39.75
CA LYS B 1959 -15.38 2.18 38.31
C LYS B 1959 -16.71 2.50 37.67
N GLN B 1960 -17.75 1.72 38.00
CA GLN B 1960 -19.06 1.94 37.39
C GLN B 1960 -19.61 3.32 37.74
N VAL B 1961 -19.52 3.70 39.02
CA VAL B 1961 -20.08 4.99 39.43
C VAL B 1961 -19.29 6.12 38.79
N ARG B 1962 -17.97 5.99 38.72
CA ARG B 1962 -17.16 7.03 38.09
C ARG B 1962 -17.53 7.19 36.62
N ARG B 1963 -17.71 6.07 35.92
CA ARG B 1963 -18.07 6.15 34.50
C ARG B 1963 -19.44 6.79 34.33
N TRP B 1964 -20.40 6.44 35.17
CA TRP B 1964 -21.72 7.05 35.07
C TRP B 1964 -21.63 8.56 35.33
N ARG B 1965 -20.85 8.96 36.32
CA ARG B 1965 -20.70 10.40 36.58
C ARG B 1965 -20.05 11.11 35.40
N ARG B 1966 -19.06 10.47 34.79
CA ARG B 1966 -18.42 11.08 33.62
C ARG B 1966 -19.41 11.24 32.48
N GLN B 1967 -20.25 10.23 32.25
CA GLN B 1967 -21.21 10.33 31.15
C GLN B 1967 -22.27 11.40 31.40
N GLY B 1968 -22.38 11.91 32.62
CA GLY B 1968 -23.32 12.96 32.93
C GLY B 1968 -24.41 12.58 33.90
N VAL B 1969 -24.58 11.28 34.16
CA VAL B 1969 -25.61 10.86 35.11
C VAL B 1969 -25.32 11.47 36.48
N GLN B 1970 -26.38 11.81 37.19
CA GLN B 1970 -26.25 12.38 38.53
C GLN B 1970 -26.41 11.28 39.59
N VAL B 1971 -25.49 10.32 39.55
CA VAL B 1971 -25.54 9.21 40.48
C VAL B 1971 -25.22 9.71 41.89
N GLN B 1972 -25.77 9.01 42.89
CA GLN B 1972 -25.60 9.40 44.29
C GLN B 1972 -25.79 8.16 45.15
N VAL B 1973 -24.69 7.67 45.74
CA VAL B 1973 -24.78 6.54 46.64
C VAL B 1973 -25.12 7.03 48.03
N SER B 1974 -26.22 6.52 48.59
CA SER B 1974 -26.71 6.93 49.89
C SER B 1974 -26.45 5.83 50.91
N THR B 1975 -26.94 6.04 52.12
CA THR B 1975 -26.81 5.05 53.17
C THR B 1975 -28.08 4.91 54.00
N SER B 1976 -29.14 5.64 53.68
CA SER B 1976 -30.39 5.48 54.39
C SER B 1976 -30.89 4.05 54.26
N ASN B 1977 -31.21 3.44 55.38
CA ASN B 1977 -31.65 2.05 55.41
C ASN B 1977 -33.17 2.02 55.43
N ILE B 1978 -33.77 1.37 54.44
CA ILE B 1978 -35.23 1.34 54.32
C ILE B 1978 -35.81 0.41 55.37
N SER B 1979 -34.95 -0.18 56.20
CA SER B 1979 -35.44 -1.03 57.28
C SER B 1979 -36.35 -0.27 58.23
N SER B 1980 -36.20 1.05 58.30
CA SER B 1980 -37.01 1.89 59.17
C SER B 1980 -37.89 2.80 58.34
N LEU B 1981 -39.11 3.07 58.83
CA LEU B 1981 -40.00 3.98 58.14
C LEU B 1981 -39.38 5.37 58.03
N GLU B 1982 -38.74 5.83 59.10
CA GLU B 1982 -38.07 7.11 59.07
C GLU B 1982 -36.93 7.11 58.06
N GLY B 1983 -36.17 6.01 57.99
CA GLY B 1983 -35.09 5.93 57.02
C GLY B 1983 -35.60 5.97 55.59
N ALA B 1984 -36.67 5.22 55.31
CA ALA B 1984 -37.24 5.26 53.97
C ALA B 1984 -37.77 6.65 53.64
N ARG B 1985 -38.39 7.31 54.62
CA ARG B 1985 -38.86 8.67 54.40
C ARG B 1985 -37.70 9.60 54.05
N GLY B 1986 -36.59 9.46 54.77
CA GLY B 1986 -35.42 10.28 54.47
C GLY B 1986 -34.84 9.98 53.11
N LEU B 1987 -34.82 8.71 52.73
CA LEU B 1987 -34.32 8.34 51.40
C LEU B 1987 -35.18 8.95 50.31
N ILE B 1988 -36.51 8.85 50.44
CA ILE B 1988 -37.39 9.42 49.43
C ILE B 1988 -37.27 10.92 49.40
N ALA B 1989 -37.13 11.55 50.57
CA ALA B 1989 -36.95 13.00 50.61
C ALA B 1989 -35.66 13.42 49.91
N GLU B 1990 -34.58 12.67 50.13
CA GLU B 1990 -33.34 12.95 49.43
C GLU B 1990 -33.51 12.79 47.94
N ALA B 1991 -34.21 11.74 47.52
CA ALA B 1991 -34.44 11.52 46.10
C ALA B 1991 -35.22 12.69 45.49
N ALA B 1992 -36.18 13.23 46.23
CA ALA B 1992 -36.96 14.36 45.72
C ALA B 1992 -36.07 15.54 45.38
N GLN B 1993 -34.91 15.65 46.01
CA GLN B 1993 -34.01 16.77 45.72
C GLN B 1993 -33.61 16.78 44.26
N LEU B 1994 -33.23 15.61 43.73
CA LEU B 1994 -32.85 15.54 42.32
C LEU B 1994 -34.04 15.84 41.42
N GLY B 1995 -35.22 15.37 41.79
CA GLY B 1995 -36.42 15.60 41.03
C GLY B 1995 -37.56 14.76 41.54
N PRO B 1996 -38.73 14.87 40.91
CA PRO B 1996 -39.86 14.04 41.31
C PRO B 1996 -39.50 12.56 41.20
N VAL B 1997 -40.00 11.77 42.15
CA VAL B 1997 -39.62 10.36 42.25
C VAL B 1997 -40.27 9.61 41.09
N GLY B 1998 -39.45 9.11 40.18
CA GLY B 1998 -39.95 8.35 39.05
C GLY B 1998 -40.32 6.93 39.42
N GLY B 1999 -39.34 6.18 39.94
CA GLY B 1999 -39.58 4.79 40.28
C GLY B 1999 -38.81 4.41 41.54
N VAL B 2000 -39.09 3.20 42.01
CA VAL B 2000 -38.41 2.64 43.17
C VAL B 2000 -38.24 1.14 42.95
N PHE B 2001 -37.01 0.67 43.15
CA PHE B 2001 -36.69 -0.75 43.01
C PHE B 2001 -36.09 -1.23 44.32
N ASN B 2002 -36.51 -2.41 44.76
CA ASN B 2002 -36.04 -2.99 46.02
C ASN B 2002 -35.34 -4.31 45.71
N LEU B 2003 -34.03 -4.23 45.49
CA LEU B 2003 -33.20 -5.40 45.21
C LEU B 2003 -32.45 -5.89 46.45
N ALA B 2004 -32.77 -5.36 47.63
CA ALA B 2004 -32.05 -5.74 48.83
C ALA B 2004 -32.26 -7.22 49.15
N VAL B 2005 -31.24 -7.85 49.71
CA VAL B 2005 -31.34 -9.23 50.15
C VAL B 2005 -30.30 -9.48 51.24
N VAL B 2006 -30.74 -10.08 52.34
CA VAL B 2006 -29.86 -10.56 53.40
C VAL B 2006 -30.21 -12.01 53.65
N LEU B 2007 -29.23 -12.90 53.49
CA LEU B 2007 -29.46 -14.33 53.49
C LEU B 2007 -28.91 -14.95 54.76
N ARG B 2008 -29.74 -15.76 55.43
CA ARG B 2008 -29.30 -16.62 56.54
C ARG B 2008 -29.89 -18.00 56.23
N ASP B 2009 -29.12 -18.80 55.51
CA ASP B 2009 -29.58 -20.10 55.03
C ASP B 2009 -29.51 -21.12 56.16
N GLY B 2010 -30.01 -22.32 55.90
CA GLY B 2010 -30.00 -23.39 56.88
C GLY B 2010 -31.37 -24.01 57.10
N LEU B 2011 -31.38 -25.34 57.28
CA LEU B 2011 -32.63 -26.05 57.47
C LEU B 2011 -33.33 -25.54 58.73
N LEU B 2012 -34.64 -25.79 58.79
CA LEU B 2012 -35.43 -25.24 59.89
C LEU B 2012 -34.93 -25.69 61.25
N GLU B 2013 -34.31 -26.86 61.32
CA GLU B 2013 -33.84 -27.37 62.61
C GLU B 2013 -32.87 -26.41 63.28
N ASN B 2014 -32.01 -25.75 62.49
CA ASN B 2014 -30.99 -24.85 63.02
C ASN B 2014 -31.34 -23.41 62.70
N GLN B 2015 -32.62 -23.08 62.73
CA GLN B 2015 -33.09 -21.71 62.54
C GLN B 2015 -33.40 -21.08 63.89
N THR B 2016 -33.50 -19.76 63.88
CA THR B 2016 -33.80 -18.99 65.09
C THR B 2016 -34.64 -17.79 64.69
N PRO B 2017 -35.34 -17.18 65.64
CA PRO B 2017 -36.08 -15.94 65.34
C PRO B 2017 -35.19 -14.85 64.76
N GLU B 2018 -33.97 -14.70 65.27
CA GLU B 2018 -33.10 -13.63 64.80
C GLU B 2018 -32.77 -13.79 63.32
N PHE B 2019 -32.58 -15.03 62.87
CA PHE B 2019 -32.28 -15.25 61.45
C PHE B 2019 -33.45 -14.80 60.59
N PHE B 2020 -34.67 -15.16 60.98
CA PHE B 2020 -35.84 -14.74 60.23
C PHE B 2020 -35.95 -13.22 60.21
N GLN B 2021 -35.71 -12.58 61.36
CA GLN B 2021 -35.78 -11.12 61.39
C GLN B 2021 -34.76 -10.49 60.45
N ASP B 2022 -33.52 -10.99 60.48
CA ASP B 2022 -32.49 -10.42 59.62
C ASP B 2022 -32.84 -10.60 58.15
N VAL B 2023 -33.38 -11.77 57.79
CA VAL B 2023 -33.72 -12.02 56.40
C VAL B 2023 -34.87 -11.11 55.97
N CYS B 2024 -35.87 -10.94 56.83
CA CYS B 2024 -37.07 -10.20 56.42
C CYS B 2024 -36.87 -8.69 56.43
N LYS B 2025 -36.04 -8.16 57.32
CA LYS B 2025 -35.96 -6.70 57.47
C LYS B 2025 -35.68 -5.97 56.17
N PRO B 2026 -34.67 -6.33 55.39
CA PRO B 2026 -34.45 -5.61 54.12
C PRO B 2026 -35.59 -5.73 53.15
N LYS B 2027 -36.27 -6.88 53.11
CA LYS B 2027 -37.29 -7.12 52.10
C LYS B 2027 -38.70 -6.81 52.59
N TYR B 2028 -39.15 -7.51 53.62
CA TYR B 2028 -40.55 -7.37 54.05
C TYR B 2028 -40.79 -6.02 54.72
N SER B 2029 -39.92 -5.64 55.64
CA SER B 2029 -40.09 -4.35 56.30
C SER B 2029 -39.72 -3.20 55.39
N GLY B 2030 -38.64 -3.35 54.61
CA GLY B 2030 -38.26 -2.31 53.68
C GLY B 2030 -39.33 -2.04 52.64
N THR B 2031 -39.92 -3.10 52.09
CA THR B 2031 -40.97 -2.92 51.11
C THR B 2031 -42.19 -2.24 51.72
N LEU B 2032 -42.54 -2.60 52.96
CA LEU B 2032 -43.67 -1.96 53.62
C LEU B 2032 -43.41 -0.49 53.83
N ASN B 2033 -42.20 -0.14 54.28
CA ASN B 2033 -41.88 1.26 54.48
C ASN B 2033 -41.90 2.02 53.17
N LEU B 2034 -41.35 1.44 52.10
CA LEU B 2034 -41.38 2.10 50.81
C LEU B 2034 -42.81 2.30 50.33
N ASP B 2035 -43.66 1.29 50.49
CA ASP B 2035 -45.04 1.41 50.08
C ASP B 2035 -45.76 2.51 50.85
N ARG B 2036 -45.54 2.56 52.16
CA ARG B 2036 -46.20 3.57 52.98
C ARG B 2036 -45.72 4.97 52.59
N VAL B 2037 -44.43 5.14 52.36
CA VAL B 2037 -43.91 6.45 52.01
C VAL B 2037 -44.36 6.87 50.61
N THR B 2038 -44.43 5.91 49.69
CA THR B 2038 -44.74 6.25 48.30
C THR B 2038 -46.25 6.38 48.08
N ARG B 2039 -47.07 5.89 49.01
CA ARG B 2039 -48.48 6.22 48.98
C ARG B 2039 -48.76 7.59 49.58
N GLU B 2040 -47.73 8.36 49.95
CA GLU B 2040 -47.91 9.64 50.59
C GLU B 2040 -47.06 10.76 50.00
N ALA B 2041 -45.93 10.45 49.38
CA ALA B 2041 -45.02 11.47 48.89
C ALA B 2041 -44.47 11.18 47.50
N CYS B 2042 -45.12 10.33 46.71
CA CYS B 2042 -44.71 10.02 45.35
C CYS B 2042 -45.92 10.09 44.43
N PRO B 2043 -46.46 11.29 44.21
CA PRO B 2043 -47.64 11.41 43.34
C PRO B 2043 -47.37 11.00 41.90
N GLU B 2044 -46.14 11.18 41.41
CA GLU B 2044 -45.81 10.92 40.02
C GLU B 2044 -45.13 9.57 39.81
N LEU B 2045 -45.07 8.72 40.83
CA LEU B 2045 -44.42 7.43 40.68
C LEU B 2045 -45.08 6.64 39.56
N ASP B 2046 -44.25 6.05 38.69
CA ASP B 2046 -44.75 5.17 37.65
C ASP B 2046 -44.14 3.78 37.69
N TYR B 2047 -43.26 3.48 38.65
CA TYR B 2047 -42.65 2.17 38.75
C TYR B 2047 -42.41 1.84 40.21
N PHE B 2048 -42.71 0.62 40.60
CA PHE B 2048 -42.50 0.12 41.97
C PHE B 2048 -42.28 -1.38 41.85
N VAL B 2049 -41.01 -1.79 41.78
CA VAL B 2049 -40.62 -3.17 41.49
C VAL B 2049 -39.94 -3.76 42.71
N VAL B 2050 -40.24 -5.02 42.99
CA VAL B 2050 -39.56 -5.79 44.03
C VAL B 2050 -39.11 -7.11 43.43
N PHE B 2051 -37.87 -7.48 43.68
CA PHE B 2051 -37.28 -8.67 43.09
C PHE B 2051 -37.38 -9.83 44.08
N SER B 2052 -38.14 -10.86 43.69
CA SER B 2052 -38.31 -12.08 44.46
C SER B 2052 -37.51 -13.20 43.81
N SER B 2053 -37.69 -14.42 44.29
CA SER B 2053 -36.95 -15.56 43.78
C SER B 2053 -37.88 -16.75 43.61
N VAL B 2054 -37.54 -17.61 42.65
CA VAL B 2054 -38.34 -18.80 42.40
C VAL B 2054 -38.42 -19.68 43.64
N SER B 2055 -37.47 -19.53 44.57
CA SER B 2055 -37.53 -20.29 45.80
C SER B 2055 -38.83 -20.03 46.54
N CYS B 2056 -39.45 -18.87 46.30
CA CYS B 2056 -40.74 -18.61 46.90
C CYS B 2056 -41.81 -19.53 46.34
N GLY B 2057 -41.90 -19.63 45.01
CA GLY B 2057 -42.95 -20.41 44.38
C GLY B 2057 -42.66 -21.90 44.32
N ARG B 2058 -41.64 -22.29 43.56
CA ARG B 2058 -41.29 -23.71 43.46
C ARG B 2058 -40.87 -24.28 44.80
N GLY B 2059 -40.07 -23.53 45.55
CA GLY B 2059 -39.58 -23.99 46.84
C GLY B 2059 -38.15 -24.49 46.77
N ASN B 2060 -37.44 -24.32 47.89
CA ASN B 2060 -36.06 -24.78 48.00
C ASN B 2060 -35.71 -25.00 49.46
N ALA B 2061 -35.21 -26.18 49.79
CA ALA B 2061 -34.95 -26.53 51.17
C ALA B 2061 -33.86 -25.63 51.76
N GLY B 2062 -34.05 -25.26 53.02
CA GLY B 2062 -33.07 -24.46 53.73
C GLY B 2062 -33.22 -22.97 53.57
N GLN B 2063 -34.18 -22.51 52.78
CA GLN B 2063 -34.42 -21.09 52.58
C GLN B 2063 -35.83 -20.70 53.00
N SER B 2064 -36.30 -21.27 54.11
CA SER B 2064 -37.64 -20.97 54.59
C SER B 2064 -37.80 -19.49 54.91
N ASN B 2065 -36.81 -18.91 55.61
CA ASN B 2065 -36.89 -17.50 55.97
C ASN B 2065 -36.87 -16.62 54.73
N TYR B 2066 -35.98 -16.92 53.78
CA TYR B 2066 -35.93 -16.15 52.54
C TYR B 2066 -37.24 -16.26 51.78
N GLY B 2067 -37.80 -17.46 51.69
CA GLY B 2067 -39.07 -17.63 51.02
C GLY B 2067 -40.18 -16.82 51.67
N PHE B 2068 -40.22 -16.82 53.00
CA PHE B 2068 -41.23 -16.04 53.70
C PHE B 2068 -41.04 -14.56 53.45
N ALA B 2069 -39.78 -14.10 53.42
CA ALA B 2069 -39.53 -12.69 53.14
C ALA B 2069 -40.00 -12.31 51.75
N ASN B 2070 -39.72 -13.16 50.77
CA ASN B 2070 -40.15 -12.87 49.40
C ASN B 2070 -41.65 -12.97 49.25
N SER B 2071 -42.25 -14.04 49.79
CA SER B 2071 -43.67 -14.27 49.56
C SER B 2071 -44.51 -13.13 50.10
N ALA B 2072 -44.22 -12.67 51.31
CA ALA B 2072 -44.99 -11.57 51.88
C ALA B 2072 -44.84 -10.30 51.05
N MET B 2073 -43.70 -10.15 50.38
CA MET B 2073 -43.48 -8.98 49.54
C MET B 2073 -44.46 -8.95 48.37
N GLU B 2074 -44.72 -10.12 47.78
CA GLU B 2074 -45.62 -10.18 46.63
C GLU B 2074 -47.02 -9.73 47.00
N ARG B 2075 -47.47 -10.04 48.22
CA ARG B 2075 -48.81 -9.64 48.62
C ARG B 2075 -48.97 -8.13 48.62
N ILE B 2076 -47.93 -7.40 49.01
CA ILE B 2076 -48.02 -5.94 49.01
C ILE B 2076 -48.24 -5.42 47.60
N CYS B 2077 -47.46 -5.92 46.64
CA CYS B 2077 -47.64 -5.50 45.25
C CYS B 2077 -49.02 -5.86 44.74
N GLU B 2078 -49.48 -7.08 45.04
CA GLU B 2078 -50.83 -7.48 44.62
C GLU B 2078 -51.87 -6.54 45.19
N LYS B 2079 -51.67 -6.08 46.41
CA LYS B 2079 -52.59 -5.10 46.99
C LYS B 2079 -52.53 -3.78 46.25
N ARG B 2080 -51.33 -3.28 45.98
CA ARG B 2080 -51.21 -1.97 45.34
C ARG B 2080 -51.93 -1.95 44.00
N ARG B 2081 -51.64 -2.91 43.12
CA ARG B 2081 -52.25 -2.90 41.80
C ARG B 2081 -53.77 -2.95 41.89
N HIS B 2082 -54.30 -3.63 42.91
CA HIS B 2082 -55.75 -3.71 43.04
C HIS B 2082 -56.37 -2.36 43.35
N GLU B 2083 -55.57 -1.40 43.81
CA GLU B 2083 -56.04 -0.03 44.02
C GLU B 2083 -55.64 0.91 42.89
N GLY B 2084 -55.07 0.38 41.81
CA GLY B 2084 -54.69 1.17 40.67
C GLY B 2084 -53.28 1.71 40.68
N LEU B 2085 -52.58 1.62 41.81
CA LEU B 2085 -51.22 2.11 41.89
C LEU B 2085 -50.26 1.15 41.20
N PRO B 2086 -49.06 1.61 40.84
CA PRO B 2086 -48.08 0.72 40.22
C PRO B 2086 -47.58 -0.32 41.20
N GLY B 2087 -47.14 -1.45 40.66
CA GLY B 2087 -46.62 -2.54 41.46
C GLY B 2087 -46.25 -3.75 40.63
N LEU B 2088 -45.18 -4.44 41.01
CA LEU B 2088 -44.75 -5.62 40.27
C LEU B 2088 -43.69 -6.35 41.08
N ALA B 2089 -43.82 -7.66 41.16
CA ALA B 2089 -42.87 -8.51 41.88
C ALA B 2089 -42.37 -9.57 40.91
N VAL B 2090 -41.10 -9.47 40.54
CA VAL B 2090 -40.48 -10.37 39.56
C VAL B 2090 -39.78 -11.49 40.32
N GLN B 2091 -40.01 -12.72 39.89
CA GLN B 2091 -39.38 -13.89 40.48
C GLN B 2091 -38.30 -14.39 39.54
N TRP B 2092 -37.10 -14.57 40.05
CA TRP B 2092 -35.95 -14.97 39.24
C TRP B 2092 -35.39 -16.31 39.72
N GLY B 2093 -34.59 -16.91 38.86
CA GLY B 2093 -33.91 -18.15 39.18
C GLY B 2093 -32.51 -17.88 39.65
N ALA B 2094 -31.53 -18.06 38.77
CA ALA B 2094 -30.15 -17.75 39.06
C ALA B 2094 -29.61 -16.82 37.99
N ILE B 2095 -28.72 -15.91 38.40
CA ILE B 2095 -28.11 -14.94 37.49
C ILE B 2095 -26.66 -15.35 37.27
N GLY B 2096 -26.24 -15.43 36.02
CA GLY B 2096 -24.97 -16.03 35.68
C GLY B 2096 -23.77 -15.11 35.76
N ASP B 2097 -23.81 -14.00 35.03
CA ASP B 2097 -22.62 -13.16 34.88
C ASP B 2097 -22.14 -12.63 36.23
N VAL B 2098 -23.06 -12.13 37.05
CA VAL B 2098 -22.68 -11.55 38.33
C VAL B 2098 -22.49 -12.66 39.36
N SER B 2113 -32.55 -26.52 43.21
CA SER B 2113 -33.19 -25.69 42.19
C SER B 2113 -33.24 -26.41 40.85
N GLY B 2114 -32.08 -26.84 40.37
CA GLY B 2114 -32.01 -27.54 39.11
C GLY B 2114 -32.38 -26.70 37.91
N THR B 2115 -31.97 -25.44 37.90
CA THR B 2115 -32.23 -24.52 36.80
C THR B 2115 -30.96 -23.77 36.46
N LEU B 2116 -30.58 -23.79 35.19
CA LEU B 2116 -29.34 -23.17 34.77
C LEU B 2116 -29.38 -21.66 34.99
N PRO B 2117 -28.25 -21.03 35.27
CA PRO B 2117 -28.24 -19.57 35.41
C PRO B 2117 -28.64 -18.88 34.12
N GLN B 2118 -29.40 -17.79 34.25
CA GLN B 2118 -29.72 -16.94 33.13
C GLN B 2118 -28.61 -15.96 32.87
N ARG B 2119 -28.34 -15.68 31.60
CA ARG B 2119 -27.37 -14.65 31.27
C ARG B 2119 -27.97 -13.28 31.54
N MET B 2120 -27.10 -12.30 31.79
CA MET B 2120 -27.57 -10.98 32.17
C MET B 2120 -28.43 -10.35 31.08
N ALA B 2121 -28.03 -10.51 29.82
CA ALA B 2121 -28.78 -9.92 28.72
C ALA B 2121 -30.20 -10.47 28.66
N SER B 2122 -30.34 -11.80 28.79
CA SER B 2122 -31.67 -12.39 28.75
C SER B 2122 -32.51 -11.89 29.93
N CYS B 2123 -31.91 -11.80 31.11
CA CYS B 2123 -32.64 -11.29 32.26
C CYS B 2123 -33.14 -9.88 32.01
N LEU B 2124 -32.29 -9.01 31.47
CA LEU B 2124 -32.69 -7.63 31.25
C LEU B 2124 -33.78 -7.54 30.17
N GLU B 2125 -33.67 -8.34 29.11
CA GLU B 2125 -34.72 -8.35 28.10
C GLU B 2125 -36.05 -8.80 28.69
N VAL B 2126 -36.02 -9.86 29.50
CA VAL B 2126 -37.24 -10.34 30.14
C VAL B 2126 -37.81 -9.27 31.05
N LEU B 2127 -36.94 -8.58 31.79
CA LEU B 2127 -37.41 -7.50 32.67
C LEU B 2127 -38.07 -6.39 31.87
N ASP B 2128 -37.47 -6.03 30.73
CA ASP B 2128 -38.09 -5.03 29.85
C ASP B 2128 -39.48 -5.50 29.42
N LEU B 2129 -39.61 -6.78 29.11
CA LEU B 2129 -40.91 -7.32 28.72
C LEU B 2129 -41.91 -7.19 29.86
N PHE B 2130 -41.51 -7.54 31.08
CA PHE B 2130 -42.46 -7.66 32.18
C PHE B 2130 -43.10 -6.33 32.53
N LEU B 2131 -42.31 -5.25 32.57
CA LEU B 2131 -42.83 -3.98 33.07
C LEU B 2131 -44.09 -3.56 32.33
N ASN B 2132 -44.12 -3.74 31.01
CA ASN B 2132 -45.23 -3.28 30.19
C ASN B 2132 -46.46 -4.18 30.30
N GLN B 2133 -46.32 -5.40 30.82
CA GLN B 2133 -47.45 -6.29 30.93
C GLN B 2133 -48.44 -5.77 31.97
N PRO B 2134 -49.68 -6.23 31.92
CA PRO B 2134 -50.69 -5.75 32.87
C PRO B 2134 -50.81 -6.57 34.15
N HIS B 2135 -49.97 -7.57 34.35
CA HIS B 2135 -50.07 -8.47 35.49
C HIS B 2135 -49.46 -7.84 36.74
N MET B 2136 -49.27 -8.66 37.77
CA MET B 2136 -48.78 -8.21 39.07
C MET B 2136 -47.57 -8.98 39.57
N VAL B 2137 -47.50 -10.28 39.30
CA VAL B 2137 -46.36 -11.12 39.68
C VAL B 2137 -46.02 -12.02 38.51
N LEU B 2138 -44.73 -12.25 38.30
CA LEU B 2138 -44.25 -13.01 37.15
C LEU B 2138 -43.07 -13.87 37.55
N SER B 2139 -42.58 -14.66 36.59
CA SER B 2139 -41.44 -15.55 36.84
C SER B 2139 -40.56 -15.65 35.60
N SER B 2140 -39.40 -16.27 35.78
CA SER B 2140 -38.45 -16.55 34.72
C SER B 2140 -37.37 -17.50 35.26
N PHE B 2141 -36.91 -18.41 34.40
CA PHE B 2141 -35.84 -19.32 34.76
C PHE B 2141 -35.51 -20.19 33.55
N VAL B 2142 -34.34 -20.82 33.59
CA VAL B 2142 -33.87 -21.67 32.50
C VAL B 2142 -33.69 -23.08 33.04
N LEU B 2143 -34.26 -24.06 32.34
CA LEU B 2143 -34.18 -25.45 32.76
C LEU B 2143 -32.88 -26.08 32.30
N ALA B 2144 -32.26 -26.86 33.18
CA ALA B 2144 -31.04 -27.58 32.82
C ALA B 2144 -31.35 -28.68 31.81
N GLU B 2145 -30.40 -28.90 30.91
CA GLU B 2145 -30.55 -29.93 29.88
C GLU B 2145 -31.81 -29.67 29.06
N ARG B 2157 -25.77 -34.86 13.23
CA ARG B 2157 -25.44 -36.20 12.77
C ARG B 2157 -25.26 -36.19 11.25
N ASP B 2158 -26.15 -35.48 10.54
CA ASP B 2158 -26.04 -35.35 9.10
C ASP B 2158 -25.16 -34.14 8.75
N LEU B 2159 -24.64 -34.16 7.52
CA LEU B 2159 -23.94 -32.99 7.01
C LEU B 2159 -24.86 -31.78 6.97
N VAL B 2160 -26.08 -31.99 6.46
CA VAL B 2160 -27.07 -30.92 6.47
C VAL B 2160 -27.39 -30.51 7.90
N GLU B 2161 -27.55 -31.49 8.80
CA GLU B 2161 -27.78 -31.17 10.20
C GLU B 2161 -26.58 -30.46 10.81
N ALA B 2162 -25.37 -30.88 10.43
CA ALA B 2162 -24.18 -30.22 10.96
C ALA B 2162 -24.16 -28.75 10.60
N VAL B 2163 -24.34 -28.45 9.30
CA VAL B 2163 -24.33 -27.05 8.89
C VAL B 2163 -25.53 -26.30 9.43
N ALA B 2164 -26.64 -27.00 9.70
CA ALA B 2164 -27.78 -26.36 10.34
C ALA B 2164 -27.43 -25.89 11.74
N HIS B 2165 -26.75 -26.74 12.51
CA HIS B 2165 -26.36 -26.32 13.86
C HIS B 2165 -25.33 -25.21 13.80
N ILE B 2166 -24.40 -25.28 12.83
CA ILE B 2166 -23.40 -24.23 12.71
C ILE B 2166 -24.04 -22.89 12.34
N LEU B 2167 -24.99 -22.92 11.40
CA LEU B 2167 -25.58 -21.69 10.90
C LEU B 2167 -26.59 -21.11 11.87
N GLY B 2168 -26.96 -21.86 12.90
CA GLY B 2168 -27.96 -21.38 13.83
C GLY B 2168 -29.37 -21.42 13.30
N ILE B 2169 -29.61 -22.12 12.19
CA ILE B 2169 -30.95 -22.20 11.63
C ILE B 2169 -31.87 -22.88 12.64
N ARG B 2170 -33.00 -22.24 12.91
CA ARG B 2170 -33.94 -22.80 13.88
C ARG B 2170 -34.45 -24.16 13.42
N ASP B 2171 -34.76 -24.31 12.14
CA ASP B 2171 -35.16 -25.58 11.56
C ASP B 2171 -34.68 -25.65 10.13
N LEU B 2172 -33.69 -26.51 9.87
CA LEU B 2172 -33.15 -26.63 8.52
C LEU B 2172 -34.25 -26.98 7.52
N ALA B 2173 -35.28 -27.69 7.96
CA ALA B 2173 -36.41 -27.97 7.11
C ALA B 2173 -37.18 -26.70 6.78
N ALA B 2174 -37.23 -25.76 7.74
CA ALA B 2174 -37.96 -24.53 7.51
C ALA B 2174 -37.36 -23.74 6.35
N VAL B 2175 -36.02 -23.65 6.30
CA VAL B 2175 -35.37 -22.91 5.23
C VAL B 2175 -35.40 -23.72 3.94
N ASN B 2176 -35.68 -23.04 2.82
CA ASN B 2176 -35.68 -23.71 1.53
C ASN B 2176 -34.35 -24.40 1.25
N LEU B 2177 -34.42 -25.62 0.73
CA LEU B 2177 -33.21 -26.37 0.43
C LEU B 2177 -32.38 -25.67 -0.64
N ASP B 2178 -33.05 -24.88 -1.47
CA ASP B 2178 -32.39 -24.22 -2.63
C ASP B 2178 -31.45 -23.10 -2.17
N SER B 2179 -31.71 -22.48 -1.02
CA SER B 2179 -30.89 -21.32 -0.59
C SER B 2179 -29.46 -21.79 -0.34
N SER B 2180 -28.49 -21.00 -0.78
CA SER B 2180 -27.04 -21.29 -0.55
C SER B 2180 -26.77 -21.04 0.93
N LEU B 2181 -25.70 -21.61 1.47
CA LEU B 2181 -25.35 -21.39 2.89
C LEU B 2181 -25.11 -19.89 2.99
N ALA B 2182 -24.47 -19.29 1.99
CA ALA B 2182 -24.25 -17.83 1.94
C ALA B 2182 -25.61 -17.12 1.88
N ASP B 2183 -26.57 -17.66 1.11
CA ASP B 2183 -27.96 -17.09 1.02
C ASP B 2183 -28.59 -17.18 2.41
N LEU B 2184 -28.38 -18.29 3.12
CA LEU B 2184 -28.83 -18.45 4.52
C LEU B 2184 -28.04 -17.39 5.27
N GLY B 2185 -26.79 -17.19 4.87
CA GLY B 2185 -25.85 -16.26 5.50
C GLY B 2185 -24.80 -17.07 6.24
N LEU B 2186 -23.55 -16.60 6.28
CA LEU B 2186 -22.44 -17.31 6.96
C LEU B 2186 -21.46 -16.24 7.42
N ASP B 2187 -21.36 -15.99 8.73
CA ASP B 2187 -20.35 -15.05 9.27
C ASP B 2187 -18.98 -15.51 8.78
O 4HH B 2188 -15.57 -17.27 8.87
C 4HH B 2188 -16.13 -16.31 9.43
CA 4HH B 2188 -16.59 -15.14 8.58
N 4HH B 2188 -17.95 -14.68 8.93
CB 4HH B 2188 -15.67 -13.95 8.71
OG 4HH B 2188 -16.05 -13.24 9.90
CJ 4HH B 2188 -14.24 -12.79 11.84
CK 4HH B 2188 -12.98 -12.47 12.62
CL1 4HH B 2188 -13.18 -11.18 13.41
CL2 4HH B 2188 -12.69 -13.61 13.60
CL3 4HH B 2188 -10.53 -12.95 12.20
CM 4HH B 2188 -11.80 -12.31 11.65
OM 4HH B 2188 -11.58 -10.95 11.39
NN 4HH B 2188 -9.86 -12.27 13.12
ON 4HH B 2188 -10.17 -14.05 11.79
P 4HH B 2188 -15.75 -11.67 9.99
O1P 4HH B 2188 -17.04 -10.99 10.36
O2P 4HH B 2188 -15.02 -11.28 8.73
O3P 4HH B 2188 -14.72 -11.57 11.22
CO 4HH B 2188 -8.42 -12.44 13.34
CP 4HH B 2188 -8.10 -13.79 13.97
CQ 4HH B 2188 -8.05 -13.71 15.48
CS 4HH B 2188 -6.75 -14.85 17.22
CT 4HH B 2188 -7.41 -15.08 18.55
NR 4HH B 2188 -7.71 -14.83 16.14
OR 4HH B 2188 -8.31 -12.67 16.08
SU 4HH B 2188 -7.68 -13.55 19.47
N LEU B 2189 -16.37 -16.25 10.74
CA LEU B 2189 -15.97 -17.33 11.69
C LEU B 2189 -16.88 -18.54 11.46
N MET B 2190 -18.10 -18.32 11.00
CA MET B 2190 -19.04 -19.43 10.72
C MET B 2190 -18.51 -20.20 9.52
N SER B 2191 -17.91 -19.52 8.55
CA SER B 2191 -17.41 -20.14 7.32
C SER B 2191 -16.30 -21.15 7.63
N VAL B 2192 -15.37 -20.77 8.50
CA VAL B 2192 -14.26 -21.67 8.80
C VAL B 2192 -14.77 -22.92 9.50
N GLU B 2193 -15.69 -22.75 10.45
CA GLU B 2193 -16.25 -23.91 11.15
C GLU B 2193 -16.97 -24.81 10.16
N VAL B 2194 -17.75 -24.22 9.25
CA VAL B 2194 -18.52 -25.00 8.29
C VAL B 2194 -17.58 -25.80 7.39
N ARG B 2195 -16.53 -25.15 6.88
CA ARG B 2195 -15.64 -25.87 5.97
C ARG B 2195 -14.85 -26.94 6.69
N GLN B 2196 -14.42 -26.69 7.93
CA GLN B 2196 -13.72 -27.71 8.69
C GLN B 2196 -14.63 -28.89 8.98
N THR B 2197 -15.89 -28.64 9.36
CA THR B 2197 -16.81 -29.72 9.62
C THR B 2197 -17.09 -30.52 8.35
N LEU B 2198 -17.25 -29.84 7.23
CA LEU B 2198 -17.47 -30.55 5.97
C LEU B 2198 -16.27 -31.42 5.62
N GLU B 2199 -15.06 -30.87 5.74
CA GLU B 2199 -13.86 -31.62 5.44
C GLU B 2199 -13.79 -32.85 6.33
N ARG B 2200 -14.06 -32.70 7.62
CA ARG B 2200 -13.92 -33.82 8.53
C ARG B 2200 -14.98 -34.88 8.28
N GLU B 2201 -16.24 -34.47 8.10
CA GLU B 2201 -17.33 -35.43 7.96
C GLU B 2201 -17.28 -36.17 6.64
N LEU B 2202 -17.06 -35.44 5.53
CA LEU B 2202 -17.03 -36.06 4.22
C LEU B 2202 -15.62 -36.22 3.68
N ASN B 2203 -14.58 -35.93 4.47
CA ASN B 2203 -13.20 -36.09 4.01
C ASN B 2203 -12.96 -35.33 2.70
N LEU B 2204 -13.75 -34.28 2.48
CA LEU B 2204 -13.69 -33.51 1.24
C LEU B 2204 -13.64 -32.03 1.61
N VAL B 2205 -12.50 -31.39 1.35
CA VAL B 2205 -12.35 -29.97 1.66
C VAL B 2205 -13.20 -29.17 0.68
N LEU B 2206 -13.67 -28.00 1.14
CA LEU B 2206 -14.46 -27.10 0.33
C LEU B 2206 -13.91 -25.70 0.48
N SER B 2207 -13.42 -25.13 -0.62
CA SER B 2207 -12.78 -23.83 -0.59
C SER B 2207 -13.75 -22.77 -0.06
N VAL B 2208 -13.18 -21.63 0.35
CA VAL B 2208 -13.99 -20.58 0.96
C VAL B 2208 -15.08 -20.12 -0.02
N ARG B 2209 -14.68 -19.81 -1.25
CA ARG B 2209 -15.67 -19.45 -2.25
C ARG B 2209 -16.62 -20.61 -2.51
N GLU B 2210 -16.11 -21.84 -2.50
CA GLU B 2210 -16.96 -23.00 -2.69
C GLU B 2210 -17.99 -23.14 -1.57
N VAL B 2211 -17.58 -22.93 -0.32
CA VAL B 2211 -18.57 -22.99 0.76
C VAL B 2211 -19.58 -21.86 0.60
N ARG B 2212 -19.15 -20.70 0.08
CA ARG B 2212 -20.09 -19.62 -0.19
C ARG B 2212 -21.12 -20.04 -1.23
N GLN B 2213 -20.67 -20.75 -2.27
CA GLN B 2213 -21.60 -21.21 -3.31
C GLN B 2213 -22.34 -22.48 -2.87
N LEU B 2214 -21.93 -23.09 -1.77
CA LEU B 2214 -22.55 -24.32 -1.31
C LEU B 2214 -24.03 -24.09 -0.99
N THR B 2215 -24.84 -25.12 -1.21
CA THR B 2215 -26.28 -25.05 -1.01
C THR B 2215 -26.75 -26.20 -0.11
N LEU B 2216 -27.86 -25.98 0.58
CA LEU B 2216 -28.41 -27.00 1.46
C LEU B 2216 -28.76 -28.27 0.70
N ARG B 2217 -29.42 -28.14 -0.46
CA ARG B 2217 -29.74 -29.33 -1.24
C ARG B 2217 -28.47 -30.02 -1.71
N LYS B 2218 -27.47 -29.25 -2.12
CA LYS B 2218 -26.18 -29.85 -2.45
C LYS B 2218 -25.61 -30.58 -1.25
N LEU B 2219 -25.83 -30.04 -0.05
CA LEU B 2219 -25.38 -30.70 1.17
C LEU B 2219 -26.11 -32.02 1.39
N GLN B 2220 -27.41 -32.06 1.11
CA GLN B 2220 -28.14 -33.32 1.20
C GLN B 2220 -27.58 -34.34 0.21
N GLU B 2221 -27.27 -33.89 -1.02
CA GLU B 2221 -26.65 -34.79 -1.98
C GLU B 2221 -25.31 -35.31 -1.48
N LEU B 2222 -24.50 -34.42 -0.90
CA LEU B 2222 -23.22 -34.84 -0.34
C LEU B 2222 -23.43 -35.90 0.75
N SER B 2223 -24.43 -35.69 1.60
CA SER B 2223 -24.73 -36.68 2.63
C SER B 2223 -25.10 -38.02 1.99
N SER B 2224 -25.88 -37.98 0.91
CA SER B 2224 -26.21 -39.20 0.20
C SER B 2224 -24.94 -39.89 -0.30
N LYS B 2225 -24.00 -39.12 -0.84
CA LYS B 2225 -22.72 -39.68 -1.23
C LYS B 2225 -21.94 -40.11 0.00
N ALA B 2226 -21.30 -41.28 -0.09
CA ALA B 2226 -20.51 -41.81 1.01
C ALA B 2226 -19.72 -43.02 0.55
PA NAP C . 28.93 7.41 -45.43
O1A NAP C . 28.74 8.60 -44.57
O2A NAP C . 27.72 6.68 -45.93
O5B NAP C . 29.87 7.81 -46.68
C5B NAP C . 29.31 7.74 -48.03
C4B NAP C . 28.18 8.73 -48.16
O4B NAP C . 28.57 9.78 -49.06
C3B NAP C . 26.86 8.15 -48.71
O3B NAP C . 25.75 8.46 -47.87
C2B NAP C . 26.69 8.84 -50.06
O2B NAP C . 25.30 9.10 -50.28
C1B NAP C . 27.46 10.13 -49.87
N9A NAP C . 27.94 10.71 -51.11
C8A NAP C . 28.91 10.19 -51.94
N7A NAP C . 29.13 10.92 -53.01
C5A NAP C . 28.25 11.97 -52.88
C6A NAP C . 27.99 13.10 -53.69
N6A NAP C . 28.63 13.34 -54.83
N1A NAP C . 27.04 13.96 -53.28
C2A NAP C . 26.41 13.72 -52.13
N3A NAP C . 26.56 12.71 -51.29
C4A NAP C . 27.52 11.86 -51.72
O3 NAP C . 29.87 6.37 -44.65
PN NAP C . 29.96 6.01 -43.09
O1N NAP C . 28.58 5.94 -42.52
O2N NAP C . 30.95 6.92 -42.44
O5D NAP C . 30.57 4.53 -43.14
P2B NAP C . 24.90 8.80 -51.81
O1X NAP C . 25.30 7.37 -52.14
O2X NAP C . 23.42 9.01 -51.94
O3X NAP C . 25.70 9.81 -52.61
H51A NAP C . 28.98 6.84 -48.21
H52A NAP C . 30.01 7.97 -48.69
H4B NAP C . 28.00 9.13 -47.28
H3B NAP C . 26.94 7.18 -48.84
HO3A NAP C . 25.60 9.29 -47.93
H2B NAP C . 27.07 8.31 -50.79
H1B NAP C . 26.90 10.79 -49.39
H8A NAP C . 29.37 9.39 -51.75
H61A NAP C . 28.18 13.31 -55.59
H62A NAP C . 29.49 13.50 -54.83
H2A NAP C . 25.76 14.36 -51.88
PA NAP D . -26.52 -8.81 46.19
O1A NAP D . -27.48 -9.88 46.57
O2A NAP D . -26.77 -8.03 44.95
O5B NAP D . -26.33 -7.81 47.43
C5B NAP D . -27.16 -6.63 47.52
C4B NAP D . -26.35 -5.49 48.08
O4B NAP D . -27.23 -4.36 48.34
C3B NAP D . -25.65 -5.76 49.41
O3B NAP D . -24.37 -6.36 49.19
C2B NAP D . -25.55 -4.36 50.00
O2B NAP D . -24.48 -3.62 49.45
C1B NAP D . -26.89 -3.77 49.57
N9A NAP D . -27.96 -4.03 50.52
C8A NAP D . -28.76 -5.15 50.59
N7A NAP D . -29.64 -5.09 51.56
C5A NAP D . -29.40 -3.87 52.17
C6A NAP D . -30.00 -3.21 53.26
N6A NAP D . -31.01 -3.74 53.97
N1A NAP D . -29.52 -2.00 53.61
C2A NAP D . -28.52 -1.49 52.90
N3A NAP D . -27.87 -2.01 51.86
C4A NAP D . -28.37 -3.21 51.53
O3 NAP D . -25.06 -9.46 46.09
PN NAP D . -23.59 -8.87 46.33
O1N NAP D . -22.86 -9.76 47.29
O2N NAP D . -23.71 -7.42 46.67
O5D NAP D . -22.95 -9.02 44.87
P2B NAP D . -23.31 -3.40 50.55
O1X NAP D . -22.82 -4.78 50.92
O2X NAP D . -22.23 -2.58 49.85
O3X NAP D . -23.90 -2.67 51.73
H51A NAP D . -27.94 -6.81 48.12
H52A NAP D . -27.51 -6.39 46.63
H4B NAP D . -25.69 -5.22 47.40
H3B NAP D . -26.21 -6.34 49.98
HO3A NAP D . -24.36 -6.68 48.40
H2B NAP D . -25.49 -4.41 50.98
H1B NAP D . -26.79 -2.80 49.45
H8A NAP D . -28.68 -5.87 50.00
H61A NAP D . -31.83 -3.54 53.75
H62A NAP D . -30.84 -4.26 54.64
H2A NAP D . -28.21 -0.63 53.17
#